data_9MGB
#
_entry.id   9MGB
#
_cell.length_a   1.00
_cell.length_b   1.00
_cell.length_c   1.00
_cell.angle_alpha   90.00
_cell.angle_beta   90.00
_cell.angle_gamma   90.00
#
_symmetry.space_group_name_H-M   'P 1'
#
loop_
_entity.id
_entity.type
_entity.pdbx_description
1 polymer 'R-phycoerythrin alpha chain'
2 polymer 'R-phycoerythrin beta chain'
3 polymer 'CL33 scFv'
4 non-polymer PHYCOERYTHROBILIN
5 non-polymer PHYCOUROBILIN
#
loop_
_entity_poly.entity_id
_entity_poly.type
_entity_poly.pdbx_seq_one_letter_code
_entity_poly.pdbx_strand_id
1 'polypeptide(L)'
;MKSVITTTISAADAAGRFPSSSDLESVQGNIQRAASRLEAAEKLAGNHEAVVKEAGDACFAKYPYLKNPGEAGDSQEKIN
KCYRDIDHYMRLINYSLVVGGTGPLDEWGIAGAREVYRALNLPGSSYIAAFVFTRDRLCVPRDMSAQAAVEFSGALDYVI
NSLC
;
A,C,F,I,L,O
2 'polypeptide(L)'
;MLDAFSRVVVNSDSKAAYVSGSDLQALKTFIADGNKRLDAVNSIVSNASCIVSDAVSGMICENPGLIAPGGNCYTNRRMA
ACLRDGEIILRYTSYALLAGDSSVLEDRCLNGLKETYIALGVPTNSTVRAVSIMKSSAVAFISNTASQRKMATADGDCSA
LSSEVASYCDKVSAAI
;
B,D,G,J,M,Q
3 'polypeptide(L)'
;MVHSEVQLQQSGAELARPGASVKLSCKASGYTFTSYGISWVKQRTGQGLEWIGEIYPRSGNTYYNEKFKGKATLTADKSS
STAYMELRSLTSEDSAVYFCARQGYYANSQFTYWGQGTLVTVSAAAGGGGSGGGGSGGGGSVHSDIQMTQTTSSLSASLG
DRVTISCSASQGISNYLNWYQQKPDGTVKLLIYYTSSLHSGVPSRFSGSGSGTDYSLTISNLEPEDIATYYCQQYSKLPW
TFGGGTNLEIKHHHHHH
;
a,c,e,g,i,k
#
# COMPACT_ATOMS: atom_id res chain seq x y z
N MET A 1 -23.29 3.39 -12.28
CA MET A 1 -24.25 3.48 -13.36
C MET A 1 -23.95 2.44 -14.44
N LYS A 2 -24.02 1.18 -14.05
CA LYS A 2 -23.68 0.09 -14.95
C LYS A 2 -24.59 0.08 -16.17
N SER A 3 -23.97 -0.07 -17.33
CA SER A 3 -24.64 -0.26 -18.61
C SER A 3 -23.62 -0.86 -19.55
N VAL A 4 -24.08 -1.29 -20.73
CA VAL A 4 -23.15 -1.79 -21.73
C VAL A 4 -22.11 -0.73 -22.06
N ILE A 5 -22.58 0.50 -22.33
CA ILE A 5 -21.68 1.58 -22.73
C ILE A 5 -20.75 1.94 -21.58
N THR A 6 -21.30 2.13 -20.38
CA THR A 6 -20.48 2.56 -19.25
C THR A 6 -19.48 1.47 -18.86
N THR A 7 -19.90 0.21 -18.86
CA THR A 7 -18.97 -0.88 -18.57
C THR A 7 -17.86 -0.95 -19.60
N THR A 8 -18.24 -0.85 -20.88
CA THR A 8 -17.26 -0.89 -21.96
C THR A 8 -16.24 0.23 -21.85
N ILE A 9 -16.72 1.46 -21.65
CA ILE A 9 -15.82 2.60 -21.58
C ILE A 9 -14.99 2.53 -20.30
N SER A 10 -15.54 2.04 -19.20
CA SER A 10 -14.76 1.89 -17.98
C SER A 10 -13.62 0.91 -18.17
N ALA A 11 -13.89 -0.22 -18.84
CA ALA A 11 -12.83 -1.18 -19.10
C ALA A 11 -11.78 -0.59 -20.04
N ALA A 12 -12.22 0.17 -21.05
CA ALA A 12 -11.26 0.82 -21.95
C ALA A 12 -10.41 1.84 -21.20
N ASP A 13 -11.03 2.62 -20.34
CA ASP A 13 -10.32 3.67 -19.61
C ASP A 13 -9.34 3.10 -18.60
N ALA A 14 -9.72 1.99 -17.96
CA ALA A 14 -8.83 1.38 -16.98
C ALA A 14 -7.52 0.96 -17.61
N ALA A 15 -7.55 0.52 -18.86
CA ALA A 15 -6.35 0.15 -19.59
C ALA A 15 -5.78 1.29 -20.42
N GLY A 16 -6.39 2.47 -20.38
CA GLY A 16 -5.94 3.57 -21.20
C GLY A 16 -6.06 3.30 -22.69
N ARG A 17 -7.16 2.68 -23.10
CA ARG A 17 -7.33 2.23 -24.47
C ARG A 17 -8.40 3.05 -25.18
N PHE A 18 -8.14 3.37 -26.45
CA PHE A 18 -9.18 3.90 -27.30
C PHE A 18 -10.27 2.83 -27.48
N PRO A 19 -11.51 3.24 -27.75
CA PRO A 19 -12.55 2.26 -28.07
C PRO A 19 -12.13 1.39 -29.25
N SER A 20 -12.10 0.08 -29.01
CA SER A 20 -11.65 -0.89 -29.98
C SER A 20 -12.86 -1.65 -30.53
N SER A 21 -12.59 -2.70 -31.32
CA SER A 21 -13.66 -3.42 -32.01
C SER A 21 -14.66 -4.02 -31.03
N SER A 22 -14.18 -4.61 -29.92
CA SER A 22 -15.09 -5.21 -28.96
C SER A 22 -15.98 -4.15 -28.30
N ASP A 23 -15.45 -2.94 -28.12
CA ASP A 23 -16.25 -1.86 -27.55
C ASP A 23 -17.43 -1.51 -28.46
N LEU A 24 -17.16 -1.30 -29.74
CA LEU A 24 -18.22 -1.03 -30.69
C LEU A 24 -19.18 -2.21 -30.81
N GLU A 25 -18.67 -3.43 -30.68
CA GLU A 25 -19.52 -4.60 -30.69
C GLU A 25 -20.51 -4.60 -29.52
N SER A 26 -20.01 -4.25 -28.32
CA SER A 26 -20.90 -4.15 -27.16
C SER A 26 -21.97 -3.08 -27.39
N VAL A 27 -21.57 -1.93 -27.94
CA VAL A 27 -22.56 -0.89 -28.21
C VAL A 27 -23.57 -1.36 -29.25
N GLN A 28 -23.13 -2.17 -30.22
CA GLN A 28 -24.06 -2.77 -31.16
C GLN A 28 -25.06 -3.67 -30.45
N GLY A 29 -24.60 -4.38 -29.42
CA GLY A 29 -25.53 -5.15 -28.59
C GLY A 29 -26.55 -4.27 -27.91
N ASN A 30 -26.11 -3.13 -27.39
CA ASN A 30 -27.03 -2.13 -26.87
C ASN A 30 -28.09 -1.78 -27.91
N ILE A 31 -27.64 -1.51 -29.14
CA ILE A 31 -28.56 -1.17 -30.23
C ILE A 31 -29.55 -2.28 -30.48
N GLN A 32 -29.09 -3.54 -30.41
CA GLN A 32 -29.95 -4.66 -30.77
C GLN A 32 -30.99 -4.94 -29.70
N ARG A 33 -30.62 -4.88 -28.42
CA ARG A 33 -31.57 -5.16 -27.35
C ARG A 33 -32.36 -3.94 -26.89
N ALA A 34 -32.03 -2.75 -27.42
CA ALA A 34 -32.72 -1.54 -27.02
C ALA A 34 -34.21 -1.61 -27.34
N ALA A 35 -34.57 -2.20 -28.48
CA ALA A 35 -35.98 -2.26 -28.85
C ALA A 35 -36.81 -2.95 -27.77
N SER A 36 -36.36 -4.12 -27.34
CA SER A 36 -37.10 -4.87 -26.33
C SER A 36 -37.08 -4.15 -24.98
N ARG A 37 -35.91 -3.68 -24.53
CA ARG A 37 -35.89 -3.10 -23.19
C ARG A 37 -36.62 -1.76 -23.15
N LEU A 38 -36.60 -0.99 -24.25
CA LEU A 38 -37.34 0.25 -24.30
C LEU A 38 -38.83 0.02 -24.45
N GLU A 39 -39.24 -1.05 -25.13
CA GLU A 39 -40.66 -1.41 -25.10
C GLU A 39 -41.11 -1.74 -23.68
N ALA A 40 -40.29 -2.50 -22.95
CA ALA A 40 -40.62 -2.81 -21.57
C ALA A 40 -40.69 -1.55 -20.71
N ALA A 41 -39.73 -0.63 -20.91
CA ALA A 41 -39.74 0.61 -20.14
C ALA A 41 -40.95 1.47 -20.47
N GLU A 42 -41.31 1.57 -21.75
CA GLU A 42 -42.47 2.37 -22.14
C GLU A 42 -43.76 1.79 -21.58
N LYS A 43 -43.91 0.46 -21.64
CA LYS A 43 -45.10 -0.16 -21.05
C LYS A 43 -45.13 0.06 -19.55
N LEU A 44 -43.99 -0.09 -18.87
CA LEU A 44 -43.94 0.14 -17.44
C LEU A 44 -44.20 1.60 -17.10
N ALA A 45 -43.61 2.52 -17.88
CA ALA A 45 -43.78 3.94 -17.60
C ALA A 45 -45.22 4.38 -17.80
N GLY A 46 -45.89 3.84 -18.81
CA GLY A 46 -47.27 4.21 -19.09
C GLY A 46 -48.31 3.49 -18.26
N ASN A 47 -47.88 2.52 -17.46
CA ASN A 47 -48.83 1.75 -16.66
C ASN A 47 -48.36 1.57 -15.22
N HIS A 48 -47.47 2.45 -14.73
CA HIS A 48 -46.83 2.19 -13.44
C HIS A 48 -47.78 2.39 -12.27
N GLU A 49 -48.77 3.27 -12.40
CA GLU A 49 -49.71 3.46 -11.29
C GLU A 49 -50.43 2.17 -10.96
N ALA A 50 -51.01 1.52 -11.98
CA ALA A 50 -51.73 0.28 -11.75
C ALA A 50 -50.80 -0.84 -11.31
N VAL A 51 -49.61 -0.94 -11.92
CA VAL A 51 -48.68 -1.99 -11.57
C VAL A 51 -48.24 -1.85 -10.12
N VAL A 52 -47.91 -0.63 -9.70
CA VAL A 52 -47.48 -0.40 -8.33
C VAL A 52 -48.61 -0.66 -7.35
N LYS A 53 -49.83 -0.23 -7.69
CA LYS A 53 -50.96 -0.51 -6.83
C LYS A 53 -51.17 -2.01 -6.66
N GLU A 54 -51.09 -2.77 -7.75
CA GLU A 54 -51.27 -4.22 -7.68
C GLU A 54 -50.14 -4.87 -6.86
N ALA A 55 -48.91 -4.41 -7.06
CA ALA A 55 -47.79 -4.98 -6.32
C ALA A 55 -47.91 -4.72 -4.83
N GLY A 56 -48.29 -3.49 -4.46
CA GLY A 56 -48.48 -3.19 -3.04
C GLY A 56 -49.65 -3.94 -2.44
N ASP A 57 -50.74 -4.08 -3.19
CA ASP A 57 -51.88 -4.86 -2.73
C ASP A 57 -51.47 -6.30 -2.50
N ALA A 58 -50.68 -6.87 -3.40
CA ALA A 58 -50.21 -8.24 -3.22
C ALA A 58 -49.28 -8.35 -2.02
N CYS A 59 -48.42 -7.35 -1.82
CA CYS A 59 -47.53 -7.36 -0.67
C CYS A 59 -48.31 -7.37 0.64
N PHE A 60 -49.33 -6.53 0.73
CA PHE A 60 -50.11 -6.46 1.96
C PHE A 60 -51.06 -7.64 2.12
N ALA A 61 -51.52 -8.23 1.02
CA ALA A 61 -52.33 -9.43 1.10
C ALA A 61 -51.51 -10.62 1.58
N LYS A 62 -50.28 -10.76 1.08
CA LYS A 62 -49.41 -11.85 1.51
C LYS A 62 -49.01 -11.69 2.98
N TYR A 63 -48.82 -10.45 3.44
CA TYR A 63 -48.35 -10.19 4.80
C TYR A 63 -49.31 -9.21 5.48
N PRO A 64 -50.49 -9.68 5.88
CA PRO A 64 -51.40 -8.80 6.65
C PRO A 64 -50.85 -8.39 8.00
N TYR A 65 -49.88 -9.12 8.54
CA TYR A 65 -49.30 -8.74 9.83
C TYR A 65 -48.65 -7.37 9.79
N LEU A 66 -48.26 -6.89 8.61
CA LEU A 66 -47.69 -5.56 8.49
C LEU A 66 -48.66 -4.48 8.98
N LYS A 67 -49.96 -4.76 8.98
CA LYS A 67 -50.94 -3.81 9.48
C LYS A 67 -50.93 -3.71 11.00
N ASN A 68 -50.37 -4.70 11.69
CA ASN A 68 -50.41 -4.72 13.14
C ASN A 68 -49.58 -3.58 13.73
N PRO A 69 -49.97 -3.06 14.89
CA PRO A 69 -49.21 -1.94 15.49
C PRO A 69 -47.76 -2.32 15.73
N GLY A 70 -46.87 -1.36 15.46
CA GLY A 70 -45.44 -1.58 15.58
C GLY A 70 -44.79 -2.17 14.36
N GLU A 71 -45.57 -2.60 13.37
CA GLU A 71 -45.06 -3.14 12.13
C GLU A 71 -45.03 -2.06 11.05
N ALA A 72 -44.28 -2.33 9.99
CA ALA A 72 -44.26 -1.44 8.84
C ALA A 72 -45.63 -1.44 8.17
N GLY A 73 -46.19 -0.25 7.95
CA GLY A 73 -47.54 -0.18 7.43
C GLY A 73 -48.64 -0.29 8.46
N ASP A 74 -48.35 0.01 9.72
CA ASP A 74 -49.39 0.04 10.75
C ASP A 74 -50.16 1.37 10.76
N SER A 75 -49.75 2.33 9.95
CA SER A 75 -50.49 3.57 9.76
C SER A 75 -50.77 3.75 8.27
N GLN A 76 -51.74 4.61 7.96
CA GLN A 76 -52.06 4.88 6.57
C GLN A 76 -50.87 5.52 5.84
N GLU A 77 -50.17 6.44 6.51
CA GLU A 77 -49.03 7.09 5.86
C GLU A 77 -47.88 6.11 5.65
N LYS A 78 -47.74 5.11 6.53
CA LYS A 78 -46.70 4.10 6.31
C LYS A 78 -47.06 3.17 5.16
N ILE A 79 -48.35 2.86 5.00
CA ILE A 79 -48.80 2.11 3.82
C ILE A 79 -48.55 2.92 2.56
N ASN A 80 -48.81 4.22 2.63
CA ASN A 80 -48.57 5.10 1.45
C ASN A 80 -47.08 5.05 1.12
N LYS A 81 -46.23 5.13 2.16
CA LYS A 81 -44.75 5.06 1.94
C LYS A 81 -44.40 3.71 1.31
N CYS A 82 -45.08 2.63 1.74
CA CYS A 82 -44.83 1.30 1.14
C CYS A 82 -45.11 1.37 -0.37
N TYR A 83 -46.29 1.83 -0.74
CA TYR A 83 -46.64 1.92 -2.16
C TYR A 83 -45.69 2.88 -2.88
N ARG A 84 -45.28 3.96 -2.20
CA ARG A 84 -44.32 4.88 -2.78
C ARG A 84 -42.96 4.21 -3.00
N ASP A 85 -42.56 3.31 -2.08
CA ASP A 85 -41.33 2.56 -2.25
C ASP A 85 -41.42 1.62 -3.44
N ILE A 86 -42.57 0.94 -3.60
CA ILE A 86 -42.75 0.08 -4.76
C ILE A 86 -42.73 0.91 -6.05
N ASP A 87 -43.31 2.12 -5.99
CA ASP A 87 -43.22 3.04 -7.11
C ASP A 87 -41.77 3.44 -7.40
N HIS A 88 -41.00 3.70 -6.34
CA HIS A 88 -39.58 4.02 -6.50
C HIS A 88 -38.86 2.87 -7.22
N TYR A 89 -39.12 1.65 -6.78
CA TYR A 89 -38.47 0.49 -7.37
C TYR A 89 -38.90 0.28 -8.82
N MET A 90 -40.18 0.48 -9.11
CA MET A 90 -40.63 0.35 -10.50
C MET A 90 -40.05 1.45 -11.38
N ARG A 91 -39.88 2.66 -10.84
CA ARG A 91 -39.22 3.72 -11.58
C ARG A 91 -37.75 3.39 -11.83
N LEU A 92 -37.07 2.83 -10.83
CA LEU A 92 -35.68 2.41 -11.02
C LEU A 92 -35.58 1.27 -12.02
N ILE A 93 -36.57 0.39 -12.06
CA ILE A 93 -36.59 -0.67 -13.06
C ILE A 93 -36.82 -0.08 -14.45
N ASN A 94 -37.70 0.91 -14.56
CA ASN A 94 -37.87 1.64 -15.81
C ASN A 94 -36.56 2.30 -16.25
N TYR A 95 -35.84 2.87 -15.30
CA TYR A 95 -34.54 3.47 -15.58
C TYR A 95 -33.54 2.41 -16.02
N SER A 96 -33.58 1.23 -15.41
CA SER A 96 -32.68 0.15 -15.79
C SER A 96 -32.98 -0.34 -17.20
N LEU A 97 -34.27 -0.46 -17.54
CA LEU A 97 -34.66 -0.87 -18.89
C LEU A 97 -34.23 0.17 -19.92
N VAL A 98 -34.36 1.44 -19.58
CA VAL A 98 -33.93 2.50 -20.50
C VAL A 98 -32.42 2.50 -20.66
N VAL A 99 -31.71 2.40 -19.53
CA VAL A 99 -30.25 2.42 -19.54
C VAL A 99 -29.69 1.17 -20.20
N GLY A 100 -30.34 0.02 -19.98
CA GLY A 100 -29.84 -1.24 -20.45
C GLY A 100 -28.98 -1.98 -19.46
N GLY A 101 -28.87 -1.49 -18.23
CA GLY A 101 -28.12 -2.17 -17.19
C GLY A 101 -28.75 -1.88 -15.85
N THR A 102 -28.21 -2.54 -14.82
CA THR A 102 -28.75 -2.44 -13.47
C THR A 102 -28.26 -1.21 -12.73
N GLY A 103 -27.47 -0.35 -13.38
CA GLY A 103 -26.92 0.83 -12.78
C GLY A 103 -27.86 1.65 -11.92
N PRO A 104 -28.98 2.11 -12.49
CA PRO A 104 -29.92 2.89 -11.68
C PRO A 104 -30.41 2.16 -10.45
N LEU A 105 -30.73 0.87 -10.59
CA LEU A 105 -31.15 0.08 -9.43
C LEU A 105 -30.03 0.00 -8.40
N ASP A 106 -28.84 -0.40 -8.84
CA ASP A 106 -27.71 -0.55 -7.92
C ASP A 106 -27.44 0.72 -7.14
N GLU A 107 -27.40 1.86 -7.85
CA GLU A 107 -27.01 3.11 -7.20
C GLU A 107 -28.14 3.71 -6.35
N TRP A 108 -29.40 3.53 -6.75
CA TRP A 108 -30.46 4.33 -6.15
C TRP A 108 -31.48 3.54 -5.34
N GLY A 109 -31.51 2.21 -5.41
CA GLY A 109 -32.45 1.49 -4.59
C GLY A 109 -31.90 0.25 -3.91
N ILE A 110 -30.68 -0.13 -4.27
CA ILE A 110 -30.10 -1.37 -3.74
C ILE A 110 -28.96 -1.05 -2.79
N ALA A 111 -28.10 -0.10 -3.19
CA ALA A 111 -26.82 0.18 -2.54
C ALA A 111 -26.89 0.13 -1.02
N GLY A 112 -27.76 0.95 -0.42
CA GLY A 112 -27.93 0.94 1.01
C GLY A 112 -29.25 0.38 1.51
N ALA A 113 -30.00 -0.33 0.68
CA ALA A 113 -31.36 -0.75 1.05
C ALA A 113 -31.35 -1.69 2.24
N ARG A 114 -30.33 -2.54 2.34
CA ARG A 114 -30.26 -3.48 3.45
C ARG A 114 -30.23 -2.76 4.79
N GLU A 115 -29.31 -1.79 4.93
CA GLU A 115 -29.19 -1.06 6.18
C GLU A 115 -30.43 -0.22 6.45
N VAL A 116 -30.99 0.40 5.42
CA VAL A 116 -32.19 1.23 5.59
C VAL A 116 -33.34 0.37 6.11
N TYR A 117 -33.56 -0.78 5.47
CA TYR A 117 -34.71 -1.61 5.83
C TYR A 117 -34.51 -2.28 7.18
N ARG A 118 -33.26 -2.62 7.53
CA ARG A 118 -33.00 -3.12 8.88
C ARG A 118 -33.26 -2.05 9.92
N ALA A 119 -32.82 -0.81 9.66
CA ALA A 119 -32.99 0.27 10.63
C ALA A 119 -34.46 0.62 10.81
N LEU A 120 -35.23 0.59 9.73
CA LEU A 120 -36.63 0.97 9.77
C LEU A 120 -37.57 -0.22 9.90
N ASN A 121 -37.03 -1.41 10.15
CA ASN A 121 -37.84 -2.62 10.34
C ASN A 121 -38.74 -2.87 9.14
N LEU A 122 -38.16 -2.77 7.94
CA LEU A 122 -38.90 -3.03 6.71
C LEU A 122 -38.48 -4.39 6.20
N PRO A 123 -39.29 -5.44 6.38
CA PRO A 123 -38.87 -6.78 5.96
C PRO A 123 -38.75 -6.85 4.43
N GLY A 124 -37.61 -7.34 3.96
CA GLY A 124 -37.39 -7.48 2.53
C GLY A 124 -38.35 -8.41 1.85
N SER A 125 -38.98 -9.33 2.59
CA SER A 125 -39.95 -10.26 2.04
C SER A 125 -41.19 -9.57 1.49
N SER A 126 -41.54 -8.41 2.04
CA SER A 126 -42.66 -7.61 1.52
C SER A 126 -42.36 -7.01 0.15
N TYR A 127 -41.18 -6.40 0.00
CA TYR A 127 -40.75 -5.93 -1.31
C TYR A 127 -40.65 -7.10 -2.29
N ILE A 128 -40.10 -8.22 -1.83
CA ILE A 128 -39.98 -9.39 -2.69
C ILE A 128 -41.36 -9.89 -3.12
N ALA A 129 -42.33 -9.84 -2.21
CA ALA A 129 -43.68 -10.23 -2.57
C ALA A 129 -44.26 -9.33 -3.65
N ALA A 130 -44.08 -8.02 -3.49
CA ALA A 130 -44.56 -7.09 -4.52
C ALA A 130 -43.91 -7.36 -5.86
N PHE A 131 -42.59 -7.58 -5.88
CA PHE A 131 -41.88 -7.75 -7.15
C PHE A 131 -42.13 -9.11 -7.77
N VAL A 132 -42.25 -10.16 -6.96
CA VAL A 132 -42.60 -11.48 -7.48
C VAL A 132 -44.01 -11.46 -8.06
N PHE A 133 -44.93 -10.79 -7.38
CA PHE A 133 -46.28 -10.66 -7.95
C PHE A 133 -46.24 -9.91 -9.27
N THR A 134 -45.45 -8.83 -9.34
CA THR A 134 -45.35 -8.09 -10.60
C THR A 134 -44.75 -8.95 -11.71
N ARG A 135 -43.73 -9.73 -11.38
CA ARG A 135 -43.08 -10.59 -12.38
C ARG A 135 -44.02 -11.68 -12.87
N ASP A 136 -44.76 -12.31 -11.96
CA ASP A 136 -45.67 -13.38 -12.35
C ASP A 136 -46.93 -12.86 -13.01
N ARG A 137 -47.32 -11.62 -12.71
CA ARG A 137 -48.54 -11.05 -13.26
C ARG A 137 -48.38 -10.73 -14.74
N LEU A 138 -47.16 -10.39 -15.15
CA LEU A 138 -46.88 -10.10 -16.55
C LEU A 138 -47.10 -11.33 -17.40
N CYS A 139 -47.80 -11.16 -18.51
CA CYS A 139 -48.03 -12.23 -19.46
C CYS A 139 -47.81 -11.73 -20.88
N VAL A 140 -47.38 -12.63 -21.75
CA VAL A 140 -47.01 -12.30 -23.12
C VAL A 140 -48.06 -12.88 -24.06
N PRO A 141 -48.49 -12.16 -25.12
CA PRO A 141 -48.11 -10.79 -25.49
C PRO A 141 -49.12 -9.75 -25.04
N ARG A 142 -49.92 -10.07 -24.02
CA ARG A 142 -50.96 -9.15 -23.56
C ARG A 142 -50.38 -7.84 -23.05
N ASP A 143 -49.30 -7.90 -22.27
CA ASP A 143 -48.71 -6.71 -21.68
C ASP A 143 -47.49 -6.21 -22.44
N MET A 144 -46.61 -7.09 -22.87
CA MET A 144 -45.50 -6.71 -23.74
C MET A 144 -45.06 -7.91 -24.56
N SER A 145 -44.15 -7.65 -25.50
CA SER A 145 -43.59 -8.70 -26.32
C SER A 145 -42.75 -9.65 -25.46
N ALA A 146 -42.35 -10.76 -26.08
CA ALA A 146 -41.61 -11.79 -25.35
C ALA A 146 -40.30 -11.25 -24.80
N GLN A 147 -39.53 -10.54 -25.62
CA GLN A 147 -38.22 -10.06 -25.18
C GLN A 147 -38.34 -8.85 -24.26
N ALA A 148 -39.33 -8.00 -24.47
CA ALA A 148 -39.61 -6.95 -23.50
C ALA A 148 -39.93 -7.55 -22.14
N ALA A 149 -40.73 -8.63 -22.14
CA ALA A 149 -41.00 -9.34 -20.91
C ALA A 149 -39.74 -9.94 -20.32
N VAL A 150 -38.84 -10.45 -21.16
CA VAL A 150 -37.58 -11.00 -20.67
C VAL A 150 -36.80 -9.92 -19.94
N GLU A 151 -36.71 -8.73 -20.53
CA GLU A 151 -35.97 -7.63 -19.90
C GLU A 151 -36.64 -7.18 -18.60
N PHE A 152 -37.96 -7.03 -18.62
CA PHE A 152 -38.68 -6.57 -17.43
C PHE A 152 -38.56 -7.58 -16.30
N SER A 153 -38.74 -8.87 -16.61
CA SER A 153 -38.60 -9.91 -15.60
C SER A 153 -37.16 -10.04 -15.14
N GLY A 154 -36.19 -9.76 -16.01
CA GLY A 154 -34.80 -9.76 -15.57
C GLY A 154 -34.52 -8.66 -14.56
N ALA A 155 -35.06 -7.47 -14.81
CA ALA A 155 -34.91 -6.39 -13.83
C ALA A 155 -35.61 -6.72 -12.52
N LEU A 156 -36.81 -7.30 -12.60
CA LEU A 156 -37.54 -7.68 -11.39
C LEU A 156 -36.80 -8.78 -10.62
N ASP A 157 -36.25 -9.76 -11.33
CA ASP A 157 -35.48 -10.81 -10.68
C ASP A 157 -34.21 -10.25 -10.07
N TYR A 158 -33.61 -9.25 -10.73
CA TYR A 158 -32.42 -8.61 -10.18
C TYR A 158 -32.74 -7.92 -8.85
N VAL A 159 -33.85 -7.19 -8.79
CA VAL A 159 -34.18 -6.52 -7.52
C VAL A 159 -34.58 -7.54 -6.47
N ILE A 160 -35.29 -8.61 -6.86
CA ILE A 160 -35.65 -9.65 -5.90
C ILE A 160 -34.40 -10.30 -5.32
N ASN A 161 -33.42 -10.61 -6.18
CA ASN A 161 -32.19 -11.23 -5.71
C ASN A 161 -31.34 -10.26 -4.92
N SER A 162 -31.48 -8.95 -5.17
CA SER A 162 -30.83 -7.97 -4.32
C SER A 162 -31.45 -7.95 -2.93
N LEU A 163 -32.74 -8.26 -2.82
CA LEU A 163 -33.40 -8.28 -1.53
C LEU A 163 -33.28 -9.62 -0.81
N CYS A 164 -32.84 -10.68 -1.48
CA CYS A 164 -32.74 -12.00 -0.85
C CYS A 164 -31.33 -12.58 -0.97
N MET B 1 -8.82 -14.19 -19.11
CA MET B 1 -9.65 -15.37 -19.33
C MET B 1 -9.91 -15.59 -20.81
N LEU B 2 -10.43 -16.76 -21.15
CA LEU B 2 -10.77 -17.11 -22.53
C LEU B 2 -12.26 -17.38 -22.64
N ASP B 3 -12.83 -17.03 -23.78
CA ASP B 3 -14.16 -17.47 -24.17
C ASP B 3 -14.01 -18.58 -25.20
N ALA B 4 -15.14 -19.00 -25.79
CA ALA B 4 -15.10 -20.05 -26.79
C ALA B 4 -14.28 -19.63 -28.01
N PHE B 5 -14.46 -18.38 -28.46
CA PHE B 5 -13.71 -17.87 -29.60
C PHE B 5 -12.22 -17.78 -29.29
N SER B 6 -11.88 -17.25 -28.11
CA SER B 6 -10.47 -17.18 -27.72
C SER B 6 -9.89 -18.57 -27.50
N ARG B 7 -10.71 -19.53 -27.04
CA ARG B 7 -10.25 -20.91 -26.95
C ARG B 7 -9.92 -21.46 -28.33
N VAL B 8 -10.76 -21.17 -29.32
CA VAL B 8 -10.50 -21.63 -30.69
C VAL B 8 -9.22 -21.01 -31.21
N VAL B 9 -9.02 -19.71 -30.99
CA VAL B 9 -7.80 -19.10 -31.52
C VAL B 9 -6.56 -19.59 -30.76
N VAL B 10 -6.69 -19.88 -29.48
CA VAL B 10 -5.56 -20.43 -28.72
C VAL B 10 -5.19 -21.80 -29.25
N ASN B 11 -6.19 -22.64 -29.54
CA ASN B 11 -5.90 -23.93 -30.16
C ASN B 11 -5.28 -23.75 -31.54
N SER B 12 -5.76 -22.78 -32.31
CA SER B 12 -5.20 -22.49 -33.63
C SER B 12 -3.78 -21.96 -33.51
N ASP B 13 -3.51 -21.14 -32.49
CA ASP B 13 -2.19 -20.54 -32.34
C ASP B 13 -1.12 -21.58 -32.01
N SER B 14 -1.53 -22.61 -31.25
CA SER B 14 -0.57 -23.67 -30.83
C SER B 14 0.12 -24.26 -32.05
N LYS B 15 -0.43 -24.01 -33.24
CA LYS B 15 0.15 -24.55 -34.49
C LYS B 15 0.33 -23.41 -35.50
N ALA B 16 0.43 -22.17 -35.00
CA ALA B 16 0.53 -20.99 -35.90
C ALA B 16 -0.38 -21.20 -37.11
N ALA B 17 -1.66 -21.47 -36.86
CA ALA B 17 -2.59 -21.76 -37.98
C ALA B 17 -3.78 -20.81 -37.94
N TYR B 18 -4.14 -20.24 -39.08
CA TYR B 18 -5.32 -19.38 -39.15
C TYR B 18 -6.54 -20.20 -38.78
N VAL B 19 -7.52 -19.54 -38.16
CA VAL B 19 -8.71 -20.25 -37.70
C VAL B 19 -9.36 -20.97 -38.86
N SER B 20 -9.41 -22.29 -38.80
CA SER B 20 -9.82 -23.12 -39.92
C SER B 20 -11.33 -23.02 -40.14
N GLY B 21 -11.77 -23.54 -41.29
CA GLY B 21 -13.18 -23.52 -41.63
C GLY B 21 -14.04 -24.32 -40.67
N SER B 22 -13.51 -25.44 -40.17
CA SER B 22 -14.26 -26.24 -39.22
C SER B 22 -14.42 -25.52 -37.88
N ASP B 23 -13.33 -24.91 -37.38
CA ASP B 23 -13.42 -24.13 -36.16
C ASP B 23 -14.32 -22.92 -36.35
N LEU B 24 -14.25 -22.30 -37.53
CA LEU B 24 -15.14 -21.19 -37.83
C LEU B 24 -16.60 -21.63 -37.83
N GLN B 25 -16.88 -22.83 -38.37
CA GLN B 25 -18.24 -23.35 -38.35
C GLN B 25 -18.70 -23.64 -36.93
N ALA B 26 -17.81 -24.18 -36.10
CA ALA B 26 -18.18 -24.43 -34.70
C ALA B 26 -18.50 -23.13 -33.98
N LEU B 27 -17.71 -22.08 -34.21
CA LEU B 27 -17.99 -20.79 -33.59
C LEU B 27 -19.25 -20.15 -34.18
N LYS B 28 -19.52 -20.38 -35.46
CA LYS B 28 -20.76 -19.89 -36.05
C LYS B 28 -21.97 -20.58 -35.43
N THR B 29 -21.85 -21.88 -35.13
CA THR B 29 -22.89 -22.58 -34.38
C THR B 29 -23.05 -22.00 -32.98
N PHE B 30 -21.92 -21.71 -32.33
CA PHE B 30 -21.96 -21.05 -31.03
C PHE B 30 -22.75 -19.74 -31.10
N ILE B 31 -22.49 -18.95 -32.14
CA ILE B 31 -23.22 -17.70 -32.33
C ILE B 31 -24.69 -17.96 -32.59
N ALA B 32 -25.00 -18.95 -33.43
CA ALA B 32 -26.39 -19.24 -33.77
C ALA B 32 -27.18 -19.68 -32.55
N ASP B 33 -26.53 -20.37 -31.62
CA ASP B 33 -27.13 -20.70 -30.34
C ASP B 33 -26.87 -19.62 -29.29
N GLY B 34 -26.41 -18.44 -29.71
CA GLY B 34 -26.06 -17.40 -28.75
C GLY B 34 -27.25 -16.92 -27.95
N ASN B 35 -28.41 -16.78 -28.60
CA ASN B 35 -29.60 -16.35 -27.88
C ASN B 35 -30.03 -17.39 -26.85
N LYS B 36 -29.94 -18.68 -27.20
CA LYS B 36 -30.25 -19.72 -26.23
C LYS B 36 -29.26 -19.70 -25.08
N ARG B 37 -27.98 -19.45 -25.36
CA ARG B 37 -26.98 -19.34 -24.30
C ARG B 37 -27.29 -18.17 -23.38
N LEU B 38 -27.71 -17.04 -23.95
CA LEU B 38 -28.08 -15.89 -23.14
C LEU B 38 -29.29 -16.20 -22.28
N ASP B 39 -30.27 -16.93 -22.84
CA ASP B 39 -31.43 -17.33 -22.05
C ASP B 39 -31.04 -18.27 -20.91
N ALA B 40 -30.11 -19.19 -21.17
CA ALA B 40 -29.65 -20.09 -20.13
C ALA B 40 -28.95 -19.33 -19.01
N VAL B 41 -28.06 -18.40 -19.38
CA VAL B 41 -27.39 -17.59 -18.37
C VAL B 41 -28.39 -16.78 -17.58
N ASN B 42 -29.38 -16.20 -18.26
CA ASN B 42 -30.41 -15.41 -17.60
C ASN B 42 -31.22 -16.26 -16.65
N SER B 43 -31.54 -17.50 -17.04
CA SER B 43 -32.29 -18.39 -16.16
C SER B 43 -31.50 -18.73 -14.92
N ILE B 44 -30.19 -18.94 -15.07
CA ILE B 44 -29.36 -19.24 -13.90
C ILE B 44 -29.28 -18.03 -12.98
N VAL B 45 -28.97 -16.85 -13.53
CA VAL B 45 -28.72 -15.69 -12.68
C VAL B 45 -30.00 -15.15 -12.07
N SER B 46 -31.14 -15.33 -12.76
CA SER B 46 -32.42 -14.89 -12.22
C SER B 46 -32.91 -15.75 -11.07
N ASN B 47 -32.28 -16.91 -10.85
CA ASN B 47 -32.63 -17.80 -9.75
C ASN B 47 -31.39 -18.13 -8.91
N ALA B 48 -30.35 -17.30 -8.99
CA ALA B 48 -29.07 -17.65 -8.37
C ALA B 48 -29.20 -17.78 -6.86
N SER B 49 -29.91 -16.84 -6.21
CA SER B 49 -30.09 -16.92 -4.77
C SER B 49 -30.85 -18.19 -4.39
N CYS B 50 -31.91 -18.51 -5.13
CA CYS B 50 -32.64 -19.74 -4.89
C CYS B 50 -31.75 -20.96 -5.09
N ILE B 51 -30.97 -20.98 -6.17
CA ILE B 51 -30.11 -22.12 -6.45
C ILE B 51 -29.13 -22.34 -5.30
N VAL B 52 -28.45 -21.27 -4.89
CA VAL B 52 -27.39 -21.40 -3.89
C VAL B 52 -27.99 -21.77 -2.54
N SER B 53 -29.06 -21.08 -2.13
CA SER B 53 -29.67 -21.37 -0.84
C SER B 53 -30.21 -22.79 -0.81
N ASP B 54 -30.87 -23.23 -1.88
CA ASP B 54 -31.38 -24.59 -1.92
C ASP B 54 -30.26 -25.62 -1.88
N ALA B 55 -29.15 -25.34 -2.57
CA ALA B 55 -28.03 -26.28 -2.58
C ALA B 55 -27.42 -26.41 -1.19
N VAL B 56 -27.19 -25.28 -0.53
CA VAL B 56 -26.59 -25.33 0.81
C VAL B 56 -27.56 -25.99 1.79
N SER B 57 -28.84 -25.67 1.70
CA SER B 57 -29.83 -26.26 2.59
C SER B 57 -29.92 -27.77 2.37
N GLY B 58 -29.88 -28.22 1.11
CA GLY B 58 -29.93 -29.65 0.84
C GLY B 58 -28.68 -30.36 1.31
N MET B 59 -27.52 -29.74 1.12
CA MET B 59 -26.28 -30.32 1.63
C MET B 59 -26.33 -30.46 3.14
N ILE B 60 -26.86 -29.46 3.83
CA ILE B 60 -26.96 -29.53 5.28
C ILE B 60 -28.00 -30.55 5.71
N CYS B 61 -29.14 -30.62 5.03
CA CYS B 61 -30.18 -31.56 5.41
C CYS B 61 -29.72 -33.00 5.21
N GLU B 62 -28.98 -33.26 4.13
CA GLU B 62 -28.46 -34.61 3.92
C GLU B 62 -27.30 -34.92 4.85
N ASN B 63 -26.58 -33.90 5.32
CA ASN B 63 -25.44 -34.07 6.22
C ASN B 63 -25.63 -33.15 7.42
N PRO B 64 -26.46 -33.55 8.38
CA PRO B 64 -26.71 -32.68 9.55
C PRO B 64 -25.48 -32.41 10.39
N GLY B 65 -24.40 -33.19 10.25
CA GLY B 65 -23.19 -32.93 11.01
C GLY B 65 -22.53 -31.61 10.68
N LEU B 66 -22.85 -31.02 9.52
CA LEU B 66 -22.26 -29.74 9.15
C LEU B 66 -22.66 -28.63 10.11
N ILE B 67 -23.92 -28.63 10.56
CA ILE B 67 -24.40 -27.59 11.45
C ILE B 67 -24.23 -27.96 12.92
N ALA B 68 -23.68 -29.15 13.21
CA ALA B 68 -23.31 -29.51 14.57
C ALA B 68 -22.03 -28.79 14.98
N PRO B 69 -21.79 -28.65 16.28
CA PRO B 69 -20.53 -28.04 16.73
C PRO B 69 -19.34 -28.79 16.17
N GLY B 70 -18.37 -28.03 15.65
CA GLY B 70 -17.26 -28.60 14.93
C GLY B 70 -17.52 -28.82 13.45
N GLY B 71 -18.79 -28.86 13.05
CA GLY B 71 -19.10 -28.91 11.63
C GLY B 71 -18.74 -27.62 10.94
N ASN B 72 -18.50 -27.71 9.64
CA ASN B 72 -17.97 -26.56 8.92
C ASN B 72 -19.03 -25.54 8.54
N CYS B 73 -20.30 -25.83 8.78
CA CYS B 73 -21.37 -24.85 8.60
C CYS B 73 -22.00 -24.48 9.94
N TYR B 74 -21.28 -24.69 11.04
CA TYR B 74 -21.85 -24.56 12.37
C TYR B 74 -22.34 -23.15 12.66
N THR B 75 -21.44 -22.17 12.77
CA THR B 75 -21.87 -20.84 13.19
C THR B 75 -22.51 -20.08 12.04
N ASN B 76 -23.09 -18.91 12.36
CA ASN B 76 -23.65 -18.05 11.34
C ASN B 76 -22.57 -17.54 10.40
N ARG B 77 -21.36 -17.31 10.93
CA ARG B 77 -20.25 -16.88 10.09
C ARG B 77 -19.86 -17.97 9.10
N ARG B 78 -19.75 -19.21 9.59
CA ARG B 78 -19.41 -20.32 8.70
C ARG B 78 -20.51 -20.57 7.68
N MET B 79 -21.77 -20.49 8.10
CA MET B 79 -22.89 -20.64 7.18
C MET B 79 -22.88 -19.55 6.12
N ALA B 80 -22.62 -18.30 6.51
CA ALA B 80 -22.55 -17.22 5.55
C ALA B 80 -21.40 -17.41 4.58
N ALA B 81 -20.26 -17.89 5.08
CA ALA B 81 -19.14 -18.17 4.19
C ALA B 81 -19.46 -19.29 3.21
N CYS B 82 -20.18 -20.31 3.68
CA CYS B 82 -20.58 -21.40 2.79
C CYS B 82 -21.56 -20.92 1.73
N LEU B 83 -22.54 -20.10 2.12
CA LEU B 83 -23.47 -19.53 1.14
C LEU B 83 -22.75 -18.63 0.16
N ARG B 84 -21.77 -17.86 0.65
CA ARG B 84 -20.98 -17.01 -0.23
C ARG B 84 -20.16 -17.84 -1.20
N ASP B 85 -19.58 -18.95 -0.75
CA ASP B 85 -18.82 -19.82 -1.64
C ASP B 85 -19.73 -20.46 -2.68
N GLY B 86 -20.92 -20.89 -2.27
CA GLY B 86 -21.88 -21.40 -3.24
C GLY B 86 -22.25 -20.37 -4.28
N GLU B 87 -22.50 -19.13 -3.84
CA GLU B 87 -22.82 -18.06 -4.78
C GLU B 87 -21.64 -17.75 -5.69
N ILE B 88 -20.43 -17.78 -5.16
CA ILE B 88 -19.24 -17.50 -5.97
C ILE B 88 -19.06 -18.58 -7.03
N ILE B 89 -19.21 -19.85 -6.64
CA ILE B 89 -19.06 -20.95 -7.59
C ILE B 89 -20.14 -20.87 -8.65
N LEU B 90 -21.38 -20.59 -8.26
CA LEU B 90 -22.44 -20.42 -9.24
C LEU B 90 -22.17 -19.24 -10.16
N ARG B 91 -21.60 -18.16 -9.62
CA ARG B 91 -21.29 -16.99 -10.44
C ARG B 91 -20.22 -17.32 -11.47
N TYR B 92 -19.19 -18.06 -11.08
CA TYR B 92 -18.16 -18.43 -12.04
C TYR B 92 -18.65 -19.48 -13.03
N THR B 93 -19.56 -20.36 -12.60
CA THR B 93 -20.20 -21.28 -13.53
C THR B 93 -21.03 -20.51 -14.56
N SER B 94 -21.75 -19.48 -14.12
CA SER B 94 -22.49 -18.62 -15.04
C SER B 94 -21.54 -17.86 -15.97
N TYR B 95 -20.37 -17.45 -15.45
CA TYR B 95 -19.36 -16.84 -16.30
C TYR B 95 -18.91 -17.80 -17.39
N ALA B 96 -18.66 -19.06 -17.02
CA ALA B 96 -18.26 -20.05 -18.00
C ALA B 96 -19.36 -20.30 -19.03
N LEU B 97 -20.61 -20.36 -18.57
CA LEU B 97 -21.73 -20.55 -19.48
C LEU B 97 -21.87 -19.40 -20.45
N LEU B 98 -21.71 -18.17 -19.96
CA LEU B 98 -21.76 -17.00 -20.83
C LEU B 98 -20.59 -17.00 -21.82
N ALA B 99 -19.40 -17.33 -21.34
CA ALA B 99 -18.21 -17.34 -22.19
C ALA B 99 -18.18 -18.54 -23.12
N GLY B 100 -18.80 -19.64 -22.73
CA GLY B 100 -18.66 -20.88 -23.46
C GLY B 100 -17.36 -21.60 -23.21
N ASP B 101 -16.58 -21.17 -22.23
CA ASP B 101 -15.29 -21.77 -21.93
C ASP B 101 -15.11 -21.83 -20.42
N SER B 102 -14.36 -22.83 -19.97
CA SER B 102 -14.12 -23.04 -18.55
C SER B 102 -12.95 -22.23 -18.00
N SER B 103 -12.23 -21.49 -18.85
CA SER B 103 -11.01 -20.83 -18.41
C SER B 103 -11.27 -19.86 -17.27
N VAL B 104 -12.34 -19.06 -17.38
CA VAL B 104 -12.65 -18.11 -16.32
C VAL B 104 -12.90 -18.86 -15.01
N LEU B 105 -13.71 -19.91 -15.06
CA LEU B 105 -14.04 -20.65 -13.85
C LEU B 105 -12.78 -21.27 -13.25
N GLU B 106 -12.03 -22.03 -14.05
CA GLU B 106 -10.82 -22.68 -13.55
C GLU B 106 -9.86 -21.66 -12.94
N ASP B 107 -9.44 -20.68 -13.75
CA ASP B 107 -8.38 -19.76 -13.35
C ASP B 107 -8.80 -18.89 -12.16
N ARG B 108 -10.03 -18.39 -12.14
CA ARG B 108 -10.40 -17.39 -11.15
C ARG B 108 -11.15 -17.96 -9.95
N CYS B 109 -11.63 -19.20 -10.00
CA CYS B 109 -12.29 -19.81 -8.86
C CYS B 109 -11.63 -21.11 -8.43
N LEU B 110 -11.32 -22.00 -9.38
CA LEU B 110 -10.88 -23.33 -9.02
C LEU B 110 -9.38 -23.41 -8.76
N ASN B 111 -8.62 -22.39 -9.17
CA ASN B 111 -7.18 -22.38 -8.95
C ASN B 111 -6.87 -22.23 -7.47
N GLY B 112 -6.36 -23.30 -6.86
CA GLY B 112 -6.06 -23.30 -5.44
C GLY B 112 -7.26 -23.50 -4.54
N LEU B 113 -8.44 -23.73 -5.09
CA LEU B 113 -9.63 -23.92 -4.27
C LEU B 113 -9.54 -25.18 -3.43
N LYS B 114 -9.02 -26.27 -4.01
CA LYS B 114 -8.87 -27.52 -3.25
C LYS B 114 -7.92 -27.33 -2.08
N GLU B 115 -6.76 -26.74 -2.34
CA GLU B 115 -5.78 -26.53 -1.28
C GLU B 115 -6.31 -25.57 -0.22
N THR B 116 -7.02 -24.52 -0.66
CA THR B 116 -7.60 -23.58 0.28
C THR B 116 -8.63 -24.26 1.18
N TYR B 117 -9.49 -25.09 0.60
CA TYR B 117 -10.49 -25.79 1.39
C TYR B 117 -9.84 -26.80 2.34
N ILE B 118 -8.77 -27.44 1.90
CA ILE B 118 -8.04 -28.36 2.78
C ILE B 118 -7.44 -27.60 3.96
N ALA B 119 -6.83 -26.45 3.69
CA ALA B 119 -6.25 -25.64 4.76
C ALA B 119 -7.31 -25.14 5.72
N LEU B 120 -8.50 -24.80 5.20
CA LEU B 120 -9.58 -24.32 6.04
C LEU B 120 -10.37 -25.43 6.72
N GLY B 121 -10.18 -26.68 6.31
CA GLY B 121 -10.97 -27.76 6.83
C GLY B 121 -12.35 -27.88 6.23
N VAL B 122 -12.62 -27.21 5.12
CA VAL B 122 -13.89 -27.32 4.42
C VAL B 122 -14.02 -28.74 3.87
N PRO B 123 -15.10 -29.46 4.18
CA PRO B 123 -15.21 -30.85 3.71
C PRO B 123 -15.44 -30.90 2.21
N THR B 124 -14.53 -31.58 1.51
CA THR B 124 -14.62 -31.66 0.05
C THR B 124 -15.86 -32.41 -0.40
N ASN B 125 -16.25 -33.45 0.35
CA ASN B 125 -17.45 -34.21 -0.01
C ASN B 125 -18.70 -33.35 0.10
N SER B 126 -18.82 -32.57 1.18
CA SER B 126 -19.99 -31.72 1.35
C SER B 126 -20.01 -30.59 0.33
N THR B 127 -18.85 -30.01 0.03
CA THR B 127 -18.76 -28.99 -1.01
C THR B 127 -19.15 -29.58 -2.36
N VAL B 128 -18.72 -30.81 -2.64
CA VAL B 128 -19.07 -31.49 -3.88
C VAL B 128 -20.57 -31.72 -3.95
N ARG B 129 -21.18 -32.13 -2.82
CA ARG B 129 -22.62 -32.33 -2.80
C ARG B 129 -23.37 -31.03 -3.04
N ALA B 130 -22.91 -29.93 -2.43
CA ALA B 130 -23.54 -28.64 -2.67
C ALA B 130 -23.41 -28.22 -4.12
N VAL B 131 -22.23 -28.43 -4.71
CA VAL B 131 -22.01 -28.08 -6.11
C VAL B 131 -22.87 -28.95 -7.01
N SER B 132 -23.07 -30.22 -6.65
CA SER B 132 -23.90 -31.10 -7.46
C SER B 132 -25.38 -30.72 -7.37
N ILE B 133 -25.83 -30.29 -6.18
CA ILE B 133 -27.20 -29.79 -6.06
C ILE B 133 -27.36 -28.50 -6.87
N MET B 134 -26.35 -27.62 -6.82
CA MET B 134 -26.38 -26.43 -7.68
C MET B 134 -26.43 -26.82 -9.15
N LYS B 135 -25.68 -27.85 -9.53
CA LYS B 135 -25.71 -28.33 -10.90
C LYS B 135 -27.09 -28.80 -11.29
N SER B 136 -27.73 -29.59 -10.42
CA SER B 136 -29.07 -30.09 -10.71
C SER B 136 -30.07 -28.96 -10.86
N SER B 137 -30.06 -28.01 -9.91
CA SER B 137 -31.00 -26.90 -9.97
C SER B 137 -30.73 -26.01 -11.18
N ALA B 138 -29.46 -25.71 -11.46
CA ALA B 138 -29.13 -24.85 -12.59
C ALA B 138 -29.49 -25.52 -13.91
N VAL B 139 -29.25 -26.82 -14.04
CA VAL B 139 -29.65 -27.56 -15.23
C VAL B 139 -31.15 -27.52 -15.40
N ALA B 140 -31.90 -27.72 -14.29
CA ALA B 140 -33.35 -27.63 -14.37
C ALA B 140 -33.79 -26.26 -14.83
N PHE B 141 -33.13 -25.20 -14.35
CA PHE B 141 -33.48 -23.85 -14.78
C PHE B 141 -33.12 -23.60 -16.23
N ILE B 142 -32.04 -24.20 -16.72
CA ILE B 142 -31.71 -24.11 -18.15
C ILE B 142 -32.81 -24.75 -18.97
N SER B 143 -33.24 -25.93 -18.57
CA SER B 143 -34.27 -26.69 -19.27
C SER B 143 -35.67 -26.21 -18.95
N ASN B 144 -35.82 -25.24 -18.06
CA ASN B 144 -37.11 -24.74 -17.62
C ASN B 144 -37.96 -25.87 -17.05
N THR B 145 -37.30 -26.75 -16.30
CA THR B 145 -37.96 -27.86 -15.64
C THR B 145 -38.06 -27.68 -14.13
N ALA B 146 -37.70 -26.52 -13.60
CA ALA B 146 -37.86 -26.25 -12.18
C ALA B 146 -39.33 -26.29 -11.79
N SER B 147 -39.63 -27.00 -10.70
CA SER B 147 -41.02 -27.25 -10.33
C SER B 147 -41.73 -25.95 -9.94
N GLN B 148 -41.07 -25.09 -9.17
CA GLN B 148 -41.74 -23.94 -8.60
C GLN B 148 -41.62 -22.67 -9.44
N ARG B 149 -40.59 -22.57 -10.28
CA ARG B 149 -40.36 -21.36 -11.07
C ARG B 149 -40.20 -21.73 -12.53
N LYS B 150 -40.92 -21.03 -13.39
CA LYS B 150 -40.82 -21.18 -14.84
C LYS B 150 -40.47 -19.84 -15.46
N MET B 151 -39.57 -19.85 -16.43
CA MET B 151 -39.20 -18.66 -17.18
C MET B 151 -39.58 -18.86 -18.63
N ALA B 152 -40.31 -17.90 -19.20
CA ALA B 152 -40.80 -18.02 -20.56
C ALA B 152 -39.66 -17.85 -21.55
N THR B 153 -39.48 -18.84 -22.41
CA THR B 153 -38.53 -18.79 -23.52
C THR B 153 -39.19 -19.37 -24.75
N ALA B 154 -38.66 -19.01 -25.92
CA ALA B 154 -39.10 -19.63 -27.16
C ALA B 154 -38.80 -21.13 -27.07
N ASP B 155 -39.77 -21.95 -27.44
CA ASP B 155 -39.66 -23.40 -27.29
C ASP B 155 -38.51 -23.93 -28.13
N GLY B 156 -37.75 -24.85 -27.54
CA GLY B 156 -36.61 -25.41 -28.23
C GLY B 156 -35.81 -26.30 -27.29
N ASP B 157 -34.67 -26.75 -27.79
CA ASP B 157 -33.82 -27.70 -27.07
C ASP B 157 -32.55 -26.98 -26.62
N CYS B 158 -32.36 -26.88 -25.30
CA CYS B 158 -31.16 -26.29 -24.72
C CYS B 158 -30.32 -27.32 -24.00
N SER B 159 -30.36 -28.57 -24.46
CA SER B 159 -29.64 -29.65 -23.79
C SER B 159 -28.13 -29.46 -23.88
N ALA B 160 -27.64 -28.84 -24.95
CA ALA B 160 -26.21 -28.54 -25.03
C ALA B 160 -25.79 -27.59 -23.92
N LEU B 161 -26.61 -26.58 -23.65
CA LEU B 161 -26.30 -25.64 -22.58
C LEU B 161 -26.44 -26.28 -21.21
N SER B 162 -27.43 -27.15 -21.03
CA SER B 162 -27.55 -27.89 -19.78
C SER B 162 -26.33 -28.78 -19.54
N SER B 163 -25.88 -29.47 -20.58
CA SER B 163 -24.69 -30.30 -20.47
C SER B 163 -23.45 -29.45 -20.20
N GLU B 164 -23.37 -28.26 -20.80
CA GLU B 164 -22.26 -27.36 -20.53
C GLU B 164 -22.25 -26.91 -19.07
N VAL B 165 -23.43 -26.57 -18.53
CA VAL B 165 -23.53 -26.20 -17.12
C VAL B 165 -23.11 -27.37 -16.23
N ALA B 166 -23.60 -28.56 -16.56
CA ALA B 166 -23.25 -29.75 -15.79
C ALA B 166 -21.74 -30.01 -15.85
N SER B 167 -21.12 -29.78 -17.01
CA SER B 167 -19.68 -30.00 -17.14
C SER B 167 -18.89 -28.97 -16.37
N TYR B 168 -19.36 -27.72 -16.32
CA TYR B 168 -18.70 -26.71 -15.49
C TYR B 168 -18.78 -27.09 -14.01
N CYS B 169 -19.95 -27.53 -13.56
CA CYS B 169 -20.09 -27.96 -12.18
C CYS B 169 -19.27 -29.21 -11.89
N ASP B 170 -19.14 -30.09 -12.88
CA ASP B 170 -18.29 -31.27 -12.72
C ASP B 170 -16.82 -30.89 -12.63
N LYS B 171 -16.40 -29.88 -13.39
CA LYS B 171 -15.04 -29.35 -13.24
C LYS B 171 -14.84 -28.80 -11.84
N VAL B 172 -15.85 -28.11 -11.30
CA VAL B 172 -15.76 -27.62 -9.93
C VAL B 172 -15.59 -28.78 -8.95
N SER B 173 -16.43 -29.80 -9.08
CA SER B 173 -16.38 -30.93 -8.15
C SER B 173 -15.06 -31.69 -8.27
N ALA B 174 -14.58 -31.89 -9.49
CA ALA B 174 -13.34 -32.62 -9.69
C ALA B 174 -12.13 -31.81 -9.22
N ALA B 175 -12.22 -30.48 -9.28
CA ALA B 175 -11.13 -29.66 -8.80
C ALA B 175 -10.92 -29.80 -7.30
N ILE B 176 -12.01 -29.99 -6.55
CA ILE B 176 -11.94 -30.13 -5.10
C ILE B 176 -12.03 -31.60 -4.69
N MET C 1 -11.92 -13.33 20.35
CA MET C 1 -12.96 -13.29 21.37
C MET C 1 -12.90 -11.99 22.16
N LYS C 2 -13.70 -11.01 21.77
CA LYS C 2 -13.68 -9.72 22.46
C LYS C 2 -14.05 -9.89 23.92
N SER C 3 -13.19 -9.35 24.78
CA SER C 3 -13.38 -9.34 26.22
C SER C 3 -12.48 -8.25 26.78
N VAL C 4 -12.63 -7.96 28.07
CA VAL C 4 -11.75 -7.00 28.71
C VAL C 4 -10.30 -7.42 28.55
N ILE C 5 -10.01 -8.68 28.89
CA ILE C 5 -8.65 -9.18 28.82
C ILE C 5 -8.13 -9.17 27.40
N THR C 6 -8.90 -9.71 26.46
CA THR C 6 -8.43 -9.81 25.09
C THR C 6 -8.26 -8.44 24.44
N THR C 7 -9.22 -7.54 24.68
CA THR C 7 -9.08 -6.18 24.18
C THR C 7 -7.84 -5.51 24.73
N THR C 8 -7.64 -5.63 26.05
CA THR C 8 -6.48 -5.03 26.70
C THR C 8 -5.17 -5.57 26.15
N ILE C 9 -5.07 -6.90 26.05
CA ILE C 9 -3.82 -7.52 25.61
C ILE C 9 -3.58 -7.24 24.14
N SER C 10 -4.65 -7.19 23.33
CA SER C 10 -4.47 -6.88 21.92
C SER C 10 -4.01 -5.44 21.72
N ALA C 11 -4.53 -4.51 22.51
CA ALA C 11 -4.05 -3.14 22.45
C ALA C 11 -2.59 -3.05 22.89
N ALA C 12 -2.22 -3.80 23.93
CA ALA C 12 -0.83 -3.80 24.37
C ALA C 12 0.08 -4.40 23.30
N ASP C 13 -0.36 -5.48 22.65
CA ASP C 13 0.47 -6.15 21.65
C ASP C 13 0.61 -5.31 20.39
N ALA C 14 -0.46 -4.59 20.01
CA ALA C 14 -0.38 -3.73 18.84
C ALA C 14 0.69 -2.68 18.99
N ALA C 15 0.91 -2.20 20.21
CA ALA C 15 1.95 -1.23 20.51
C ALA C 15 3.24 -1.88 20.99
N GLY C 16 3.29 -3.22 21.01
CA GLY C 16 4.46 -3.93 21.48
C GLY C 16 4.79 -3.61 22.92
N ARG C 17 3.76 -3.55 23.76
CA ARG C 17 3.90 -3.09 25.13
C ARG C 17 3.65 -4.25 26.10
N PHE C 18 4.47 -4.30 27.15
CA PHE C 18 4.14 -5.17 28.27
C PHE C 18 2.84 -4.71 28.91
N PRO C 19 2.11 -5.60 29.57
CA PRO C 19 0.93 -5.16 30.33
C PRO C 19 1.31 -4.07 31.31
N SER C 20 0.53 -3.00 31.31
CA SER C 20 0.80 -1.82 32.10
C SER C 20 -0.23 -1.69 33.21
N SER C 21 -0.17 -0.57 33.93
CA SER C 21 -1.10 -0.34 35.04
C SER C 21 -2.55 -0.32 34.55
N SER C 22 -2.80 0.32 33.41
CA SER C 22 -4.16 0.36 32.88
C SER C 22 -4.63 -1.02 32.44
N ASP C 23 -3.72 -1.86 31.94
CA ASP C 23 -4.08 -3.22 31.59
C ASP C 23 -4.54 -4.02 32.81
N LEU C 24 -3.72 -4.02 33.86
CA LEU C 24 -4.10 -4.69 35.10
C LEU C 24 -5.37 -4.10 35.68
N GLU C 25 -5.60 -2.81 35.46
CA GLU C 25 -6.76 -2.14 36.02
C GLU C 25 -8.03 -2.59 35.30
N SER C 26 -7.95 -2.75 33.98
CA SER C 26 -9.06 -3.32 33.23
C SER C 26 -9.35 -4.74 33.68
N VAL C 27 -8.31 -5.53 33.93
CA VAL C 27 -8.54 -6.88 34.44
C VAL C 27 -9.17 -6.84 35.84
N GLN C 28 -8.82 -5.83 36.63
CA GLN C 28 -9.49 -5.65 37.91
C GLN C 28 -10.98 -5.38 37.72
N GLY C 29 -11.33 -4.64 36.67
CA GLY C 29 -12.74 -4.47 36.34
C GLY C 29 -13.41 -5.78 35.95
N ASN C 30 -12.69 -6.61 35.20
CA ASN C 30 -13.15 -7.97 34.94
C ASN C 30 -13.50 -8.68 36.25
N ILE C 31 -12.58 -8.59 37.21
CA ILE C 31 -12.78 -9.23 38.52
C ILE C 31 -14.02 -8.66 39.20
N GLN C 32 -14.21 -7.35 39.12
CA GLN C 32 -15.29 -6.70 39.86
C GLN C 32 -16.67 -7.06 39.28
N ARG C 33 -16.80 -7.06 37.96
CA ARG C 33 -18.08 -7.32 37.32
C ARG C 33 -18.35 -8.81 37.08
N ALA C 34 -17.34 -9.66 37.32
CA ALA C 34 -17.50 -11.08 37.09
C ALA C 34 -18.61 -11.67 37.94
N ALA C 35 -18.78 -11.19 39.18
CA ALA C 35 -19.82 -11.75 40.04
C ALA C 35 -21.19 -11.62 39.39
N SER C 36 -21.54 -10.41 38.95
CA SER C 36 -22.84 -10.19 38.34
C SER C 36 -22.98 -10.95 37.02
N ARG C 37 -21.98 -10.87 36.15
CA ARG C 37 -22.17 -11.50 34.84
C ARG C 37 -22.16 -13.02 34.93
N LEU C 38 -21.40 -13.59 35.88
CA LEU C 38 -21.42 -15.04 36.07
C LEU C 38 -22.69 -15.49 36.76
N GLU C 39 -23.27 -14.66 37.64
CA GLU C 39 -24.59 -14.99 38.17
C GLU C 39 -25.62 -15.04 37.05
N ALA C 40 -25.59 -14.07 36.15
CA ALA C 40 -26.50 -14.07 35.01
C ALA C 40 -26.27 -15.30 34.13
N ALA C 41 -25.00 -15.64 33.88
CA ALA C 41 -24.69 -16.81 33.06
C ALA C 41 -25.19 -18.09 33.72
N GLU C 42 -24.98 -18.23 35.03
CA GLU C 42 -25.44 -19.42 35.74
C GLU C 42 -26.95 -19.53 35.69
N LYS C 43 -27.66 -18.42 35.92
CA LYS C 43 -29.12 -18.46 35.86
C LYS C 43 -29.60 -18.84 34.46
N LEU C 44 -29.01 -18.24 33.42
CA LEU C 44 -29.39 -18.58 32.06
C LEU C 44 -29.05 -20.02 31.72
N ALA C 45 -27.85 -20.47 32.11
CA ALA C 45 -27.42 -21.83 31.78
C ALA C 45 -28.30 -22.86 32.47
N GLY C 46 -28.73 -22.58 33.70
CA GLY C 46 -29.58 -23.50 34.43
C GLY C 46 -31.04 -23.44 34.09
N ASN C 47 -31.46 -22.46 33.29
CA ASN C 47 -32.87 -22.28 32.95
C ASN C 47 -33.08 -22.03 31.46
N HIS C 48 -32.12 -22.43 30.62
CA HIS C 48 -32.19 -22.04 29.22
C HIS C 48 -33.30 -22.77 28.46
N GLU C 49 -33.65 -23.99 28.86
CA GLU C 49 -34.72 -24.69 28.17
C GLU C 49 -36.02 -23.91 28.24
N ALA C 50 -36.43 -23.51 29.45
CA ALA C 50 -37.66 -22.77 29.63
C ALA C 50 -37.59 -21.39 28.99
N VAL C 51 -36.44 -20.71 29.12
CA VAL C 51 -36.29 -19.36 28.56
C VAL C 51 -36.40 -19.41 27.05
N VAL C 52 -35.71 -20.37 26.42
CA VAL C 52 -35.76 -20.51 24.97
C VAL C 52 -37.15 -20.90 24.51
N LYS C 53 -37.81 -21.79 25.24
CA LYS C 53 -39.19 -22.15 24.89
C LYS C 53 -40.09 -20.93 24.92
N GLU C 54 -39.98 -20.12 25.97
CA GLU C 54 -40.80 -18.91 26.09
C GLU C 54 -40.50 -17.92 24.98
N ALA C 55 -39.21 -17.73 24.67
CA ALA C 55 -38.83 -16.79 23.62
C ALA C 55 -39.36 -17.22 22.26
N GLY C 56 -39.24 -18.51 21.94
CA GLY C 56 -39.77 -18.99 20.68
C GLY C 56 -41.29 -18.92 20.62
N ASP C 57 -41.95 -19.24 21.72
CA ASP C 57 -43.40 -19.11 21.77
C ASP C 57 -43.83 -17.67 21.54
N ALA C 58 -43.10 -16.72 22.13
CA ALA C 58 -43.43 -15.31 21.93
C ALA C 58 -43.16 -14.89 20.48
N CYS C 59 -42.08 -15.39 19.89
CA CYS C 59 -41.78 -15.08 18.50
C CYS C 59 -42.90 -15.56 17.57
N PHE C 60 -43.39 -16.78 17.79
CA PHE C 60 -44.44 -17.29 16.93
C PHE C 60 -45.80 -16.69 17.26
N ALA C 61 -46.04 -16.31 18.51
CA ALA C 61 -47.27 -15.61 18.85
C ALA C 61 -47.33 -14.25 18.20
N LYS C 62 -46.21 -13.52 18.19
CA LYS C 62 -46.19 -12.20 17.58
C LYS C 62 -46.28 -12.28 16.06
N TYR C 63 -45.74 -13.34 15.46
CA TYR C 63 -45.75 -13.52 14.01
C TYR C 63 -46.32 -14.88 13.65
N PRO C 64 -47.63 -15.06 13.79
CA PRO C 64 -48.24 -16.32 13.34
C PRO C 64 -48.12 -16.55 11.85
N TYR C 65 -47.85 -15.49 11.06
CA TYR C 65 -47.67 -15.66 9.62
C TYR C 65 -46.49 -16.55 9.29
N LEU C 66 -45.55 -16.73 10.23
CA LEU C 66 -44.42 -17.61 9.98
C LEU C 66 -44.86 -19.04 9.73
N LYS C 67 -46.02 -19.43 10.26
CA LYS C 67 -46.55 -20.78 10.03
C LYS C 67 -47.08 -20.98 8.62
N ASN C 68 -47.29 -19.90 7.87
CA ASN C 68 -47.84 -20.02 6.52
C ASN C 68 -46.84 -20.71 5.61
N PRO C 69 -47.31 -21.50 4.63
CA PRO C 69 -46.40 -22.18 3.71
C PRO C 69 -45.51 -21.18 2.98
N GLY C 70 -44.24 -21.58 2.80
CA GLY C 70 -43.25 -20.72 2.20
C GLY C 70 -42.56 -19.79 3.17
N GLU C 71 -43.09 -19.64 4.38
CA GLU C 71 -42.46 -18.83 5.41
C GLU C 71 -41.60 -19.70 6.32
N ALA C 72 -40.71 -19.05 7.06
CA ALA C 72 -39.90 -19.75 8.03
C ALA C 72 -40.79 -20.27 9.15
N GLY C 73 -40.70 -21.56 9.44
CA GLY C 73 -41.59 -22.17 10.41
C GLY C 73 -42.87 -22.72 9.84
N ASP C 74 -42.93 -22.97 8.54
CA ASP C 74 -44.10 -23.60 7.93
C ASP C 74 -44.13 -25.11 8.11
N SER C 75 -43.11 -25.68 8.73
CA SER C 75 -43.07 -27.10 9.06
C SER C 75 -42.57 -27.25 10.49
N GLN C 76 -42.84 -28.43 11.07
CA GLN C 76 -42.37 -28.69 12.42
C GLN C 76 -40.85 -28.67 12.50
N GLU C 77 -40.18 -29.17 11.46
CA GLU C 77 -38.72 -29.12 11.43
C GLU C 77 -38.23 -27.69 11.46
N LYS C 78 -38.89 -26.78 10.72
CA LYS C 78 -38.46 -25.40 10.70
C LYS C 78 -38.74 -24.69 12.02
N ILE C 79 -39.86 -25.02 12.67
CA ILE C 79 -40.15 -24.47 13.99
C ILE C 79 -39.11 -24.96 15.00
N ASN C 80 -38.74 -26.23 14.90
CA ASN C 80 -37.69 -26.77 15.81
C ASN C 80 -36.40 -25.99 15.53
N LYS C 81 -36.07 -25.76 14.25
CA LYS C 81 -34.88 -24.95 13.89
C LYS C 81 -34.97 -23.58 14.58
N CYS C 82 -36.14 -22.94 14.48
CA CYS C 82 -36.33 -21.62 15.13
C CYS C 82 -35.93 -21.71 16.60
N TYR C 83 -36.53 -22.67 17.32
CA TYR C 83 -36.25 -22.77 18.74
C TYR C 83 -34.79 -23.13 18.98
N ARG C 84 -34.21 -23.94 18.10
CA ARG C 84 -32.79 -24.27 18.20
C ARG C 84 -31.92 -23.03 17.97
N ASP C 85 -32.34 -22.16 17.06
CA ASP C 85 -31.61 -20.90 16.84
C ASP C 85 -31.68 -20.01 18.06
N ILE C 86 -32.85 -19.92 18.68
CA ILE C 86 -32.98 -19.13 19.90
C ILE C 86 -32.12 -19.73 21.00
N ASP C 87 -32.05 -21.07 21.06
CA ASP C 87 -31.15 -21.73 22.00
C ASP C 87 -29.69 -21.41 21.69
N HIS C 88 -29.33 -21.38 20.41
CA HIS C 88 -27.98 -20.99 20.02
C HIS C 88 -27.65 -19.59 20.51
N TYR C 89 -28.60 -18.66 20.31
CA TYR C 89 -28.37 -17.28 20.73
C TYR C 89 -28.29 -17.16 22.24
N MET C 90 -29.14 -17.90 22.97
CA MET C 90 -29.08 -17.85 24.43
C MET C 90 -27.79 -18.48 24.94
N ARG C 91 -27.31 -19.52 24.27
CA ARG C 91 -26.02 -20.11 24.63
C ARG C 91 -24.88 -19.14 24.36
N LEU C 92 -24.94 -18.43 23.24
CA LEU C 92 -23.94 -17.40 22.95
C LEU C 92 -24.02 -16.27 23.95
N ILE C 93 -25.22 -15.94 24.44
CA ILE C 93 -25.35 -14.91 25.47
C ILE C 93 -24.76 -15.41 26.79
N ASN C 94 -24.98 -16.68 27.11
CA ASN C 94 -24.33 -17.27 28.29
C ASN C 94 -22.82 -17.23 28.14
N TYR C 95 -22.31 -17.52 26.95
CA TYR C 95 -20.89 -17.40 26.67
C TYR C 95 -20.39 -15.98 26.81
N SER C 96 -21.19 -15.01 26.37
CA SER C 96 -20.79 -13.61 26.48
C SER C 96 -20.74 -13.16 27.93
N LEU C 97 -21.72 -13.60 28.73
CA LEU C 97 -21.71 -13.30 30.15
C LEU C 97 -20.51 -13.93 30.85
N VAL C 98 -20.18 -15.17 30.49
CA VAL C 98 -19.01 -15.82 31.07
C VAL C 98 -17.73 -15.10 30.65
N VAL C 99 -17.61 -14.80 29.36
CA VAL C 99 -16.42 -14.14 28.83
C VAL C 99 -16.31 -12.72 29.36
N GLY C 100 -17.44 -12.05 29.54
CA GLY C 100 -17.43 -10.64 29.87
C GLY C 100 -17.40 -9.71 28.69
N GLY C 101 -17.73 -10.20 27.50
CA GLY C 101 -17.73 -9.38 26.30
C GLY C 101 -18.54 -10.06 25.23
N THR C 102 -18.78 -9.31 24.15
CA THR C 102 -19.64 -9.78 23.07
C THR C 102 -18.93 -10.69 22.09
N GLY C 103 -17.66 -11.01 22.33
CA GLY C 103 -16.86 -11.84 21.45
C GLY C 103 -17.56 -13.08 20.94
N PRO C 104 -18.05 -13.95 21.83
CA PRO C 104 -18.76 -15.16 21.36
C PRO C 104 -19.95 -14.83 20.47
N LEU C 105 -20.73 -13.82 20.85
CA LEU C 105 -21.85 -13.40 20.00
C LEU C 105 -21.37 -12.92 18.65
N ASP C 106 -20.40 -11.98 18.65
CA ASP C 106 -19.91 -11.41 17.41
C ASP C 106 -19.42 -12.50 16.45
N GLU C 107 -18.66 -13.46 16.97
CA GLU C 107 -18.02 -14.41 16.08
C GLU C 107 -18.93 -15.58 15.71
N TRP C 108 -19.88 -15.95 16.55
CA TRP C 108 -20.63 -17.18 16.32
C TRP C 108 -22.10 -16.98 15.99
N GLY C 109 -22.70 -15.83 16.28
CA GLY C 109 -24.09 -15.63 15.94
C GLY C 109 -24.34 -14.42 15.07
N ILE C 110 -23.45 -13.43 15.14
CA ILE C 110 -23.72 -12.15 14.48
C ILE C 110 -22.97 -12.03 13.16
N ALA C 111 -21.74 -12.55 13.09
CA ALA C 111 -20.81 -12.18 12.02
C ALA C 111 -21.44 -12.33 10.63
N GLY C 112 -22.05 -13.48 10.36
CA GLY C 112 -22.73 -13.70 9.09
C GLY C 112 -24.23 -13.83 9.16
N ALA C 113 -24.86 -13.46 10.28
CA ALA C 113 -26.29 -13.71 10.45
C ALA C 113 -27.12 -12.96 9.41
N ARG C 114 -26.68 -11.76 9.02
CA ARG C 114 -27.42 -10.99 8.03
C ARG C 114 -27.54 -11.75 6.72
N GLU C 115 -26.42 -12.22 6.18
CA GLU C 115 -26.44 -12.95 4.93
C GLU C 115 -27.18 -14.27 5.06
N VAL C 116 -26.98 -14.99 6.17
CA VAL C 116 -27.65 -16.27 6.36
C VAL C 116 -29.16 -16.08 6.38
N TYR C 117 -29.63 -15.10 7.15
CA TYR C 117 -31.06 -14.91 7.31
C TYR C 117 -31.69 -14.33 6.04
N ARG C 118 -30.93 -13.55 5.27
CA ARG C 118 -31.43 -13.12 3.97
C ARG C 118 -31.55 -14.29 3.02
N ALA C 119 -30.56 -15.18 3.01
CA ALA C 119 -30.57 -16.30 2.07
C ALA C 119 -31.69 -17.29 2.39
N LEU C 120 -31.97 -17.50 3.67
CA LEU C 120 -32.96 -18.48 4.10
C LEU C 120 -34.32 -17.86 4.41
N ASN C 121 -34.52 -16.59 4.06
CA ASN C 121 -35.78 -15.89 4.31
C ASN C 121 -36.15 -15.94 5.79
N LEU C 122 -35.17 -15.66 6.65
CA LEU C 122 -35.39 -15.65 8.08
C LEU C 122 -35.50 -14.21 8.53
N PRO C 123 -36.70 -13.71 8.83
CA PRO C 123 -36.83 -12.30 9.25
C PRO C 123 -36.15 -12.09 10.60
N GLY C 124 -35.22 -11.14 10.64
CA GLY C 124 -34.55 -10.81 11.89
C GLY C 124 -35.50 -10.31 12.95
N SER C 125 -36.68 -9.84 12.54
CA SER C 125 -37.66 -9.33 13.49
C SER C 125 -38.22 -10.44 14.37
N SER C 126 -38.26 -11.68 13.89
CA SER C 126 -38.69 -12.78 14.73
C SER C 126 -37.68 -13.08 15.84
N TYR C 127 -36.39 -13.10 15.49
CA TYR C 127 -35.36 -13.20 16.51
C TYR C 127 -35.45 -12.04 17.49
N ILE C 128 -35.66 -10.84 16.97
CA ILE C 128 -35.79 -9.66 17.82
C ILE C 128 -36.98 -9.82 18.76
N ALA C 129 -38.08 -10.39 18.27
CA ALA C 129 -39.24 -10.61 19.13
C ALA C 129 -38.89 -11.57 20.26
N ALA C 130 -38.21 -12.66 19.94
CA ALA C 130 -37.81 -13.61 20.98
C ALA C 130 -36.92 -12.95 22.04
N PHE C 131 -35.94 -12.17 21.58
CA PHE C 131 -34.98 -11.58 22.52
C PHE C 131 -35.59 -10.43 23.32
N VAL C 132 -36.46 -9.63 22.68
CA VAL C 132 -37.17 -8.57 23.39
C VAL C 132 -38.07 -9.17 24.45
N PHE C 133 -38.78 -10.25 24.12
CA PHE C 133 -39.62 -10.91 25.11
C PHE C 133 -38.78 -11.44 26.27
N THR C 134 -37.63 -12.05 25.96
CA THR C 134 -36.77 -12.54 27.03
C THR C 134 -36.27 -11.40 27.92
N ARG C 135 -35.88 -10.27 27.30
CA ARG C 135 -35.38 -9.13 28.05
C ARG C 135 -36.46 -8.53 28.95
N ASP C 136 -37.69 -8.41 28.43
CA ASP C 136 -38.78 -7.84 29.21
C ASP C 136 -39.41 -8.85 30.17
N ARG C 137 -39.09 -10.13 30.02
CA ARG C 137 -39.62 -11.17 30.89
C ARG C 137 -38.83 -11.28 32.18
N LEU C 138 -37.57 -10.85 32.18
CA LEU C 138 -36.72 -10.95 33.35
C LEU C 138 -37.25 -10.07 34.48
N CYS C 139 -37.30 -10.64 35.69
CA CYS C 139 -37.78 -9.93 36.87
C CYS C 139 -36.69 -9.91 37.94
N VAL C 140 -36.47 -8.75 38.53
CA VAL C 140 -35.49 -8.55 39.59
C VAL C 140 -36.24 -8.34 40.89
N PRO C 141 -35.84 -9.00 41.98
CA PRO C 141 -34.77 -9.97 42.11
C PRO C 141 -35.25 -11.42 41.98
N ARG C 142 -36.43 -11.63 41.38
CA ARG C 142 -36.97 -12.98 41.28
C ARG C 142 -36.08 -13.88 40.43
N ASP C 143 -35.64 -13.39 39.28
CA ASP C 143 -34.88 -14.21 38.35
C ASP C 143 -33.38 -14.11 38.62
N MET C 144 -32.87 -12.89 38.77
CA MET C 144 -31.48 -12.68 39.15
C MET C 144 -31.34 -11.32 39.80
N SER C 145 -30.15 -11.05 40.33
CA SER C 145 -29.87 -9.79 40.98
C SER C 145 -29.89 -8.65 39.98
N ALA C 146 -29.90 -7.42 40.51
CA ALA C 146 -30.03 -6.24 39.67
C ALA C 146 -28.91 -6.15 38.65
N GLN C 147 -27.66 -6.34 39.08
CA GLN C 147 -26.53 -6.20 38.16
C GLN C 147 -26.41 -7.40 37.23
N ALA C 148 -26.75 -8.60 37.71
CA ALA C 148 -26.84 -9.74 36.79
C ALA C 148 -27.88 -9.49 35.72
N ALA C 149 -29.01 -8.91 36.11
CA ALA C 149 -30.03 -8.53 35.14
C ALA C 149 -29.51 -7.47 34.18
N VAL C 150 -28.70 -6.54 34.68
CA VAL C 150 -28.13 -5.52 33.80
C VAL C 150 -27.25 -6.17 32.74
N GLU C 151 -26.40 -7.11 33.16
CA GLU C 151 -25.53 -7.80 32.20
C GLU C 151 -26.32 -8.62 31.21
N PHE C 152 -27.33 -9.37 31.69
CA PHE C 152 -28.13 -10.21 30.80
C PHE C 152 -28.91 -9.37 29.81
N SER C 153 -29.54 -8.29 30.28
CA SER C 153 -30.27 -7.41 29.39
C SER C 153 -29.35 -6.68 28.43
N GLY C 154 -28.13 -6.37 28.86
CA GLY C 154 -27.17 -5.77 27.94
C GLY C 154 -26.78 -6.72 26.82
N ALA C 155 -26.56 -7.99 27.15
CA ALA C 155 -26.29 -8.98 26.11
C ALA C 155 -27.48 -9.12 25.16
N LEU C 156 -28.68 -9.19 25.71
CA LEU C 156 -29.87 -9.31 24.87
C LEU C 156 -30.05 -8.09 23.97
N ASP C 157 -29.83 -6.90 24.52
CA ASP C 157 -29.91 -5.67 23.75
C ASP C 157 -28.84 -5.64 22.67
N TYR C 158 -27.66 -6.16 22.97
CA TYR C 158 -26.62 -6.27 21.95
C TYR C 158 -27.06 -7.16 20.80
N VAL C 159 -27.69 -8.29 21.11
CA VAL C 159 -28.20 -9.16 20.04
C VAL C 159 -29.27 -8.43 19.22
N ILE C 160 -30.20 -7.77 19.91
CA ILE C 160 -31.30 -7.08 19.23
C ILE C 160 -30.75 -5.99 18.31
N ASN C 161 -29.78 -5.22 18.78
CA ASN C 161 -29.19 -4.17 17.97
C ASN C 161 -28.35 -4.74 16.84
N SER C 162 -27.79 -5.94 17.03
CA SER C 162 -27.12 -6.61 15.93
C SER C 162 -28.11 -7.02 14.84
N LEU C 163 -29.35 -7.34 15.22
CA LEU C 163 -30.36 -7.68 14.24
C LEU C 163 -31.09 -6.46 13.68
N CYS C 164 -30.87 -5.28 14.24
CA CYS C 164 -31.55 -4.08 13.79
C CYS C 164 -30.67 -3.28 12.83
N MET D 1 -6.81 10.19 22.21
CA MET D 1 -7.89 10.97 22.80
C MET D 1 -7.64 11.20 24.30
N LEU D 2 -8.43 12.10 24.88
CA LEU D 2 -8.37 12.38 26.30
C LEU D 2 -9.66 11.92 26.97
N ASP D 3 -9.54 11.41 28.19
CA ASP D 3 -10.68 11.20 29.06
C ASP D 3 -10.70 12.32 30.10
N ALA D 4 -11.62 12.23 31.06
CA ALA D 4 -11.73 13.27 32.08
C ALA D 4 -10.44 13.38 32.89
N PHE D 5 -9.87 12.24 33.29
CA PHE D 5 -8.63 12.25 34.06
C PHE D 5 -7.48 12.83 33.25
N SER D 6 -7.35 12.40 31.99
CA SER D 6 -6.31 12.96 31.14
C SER D 6 -6.57 14.43 30.82
N ARG D 7 -7.84 14.84 30.78
CA ARG D 7 -8.14 16.26 30.61
C ARG D 7 -7.62 17.07 31.81
N VAL D 8 -7.89 16.57 33.01
CA VAL D 8 -7.38 17.22 34.21
C VAL D 8 -5.86 17.26 34.19
N VAL D 9 -5.23 16.17 33.73
CA VAL D 9 -3.78 16.12 33.66
C VAL D 9 -3.24 17.14 32.67
N VAL D 10 -3.87 17.24 31.50
CA VAL D 10 -3.44 18.19 30.48
C VAL D 10 -3.56 19.62 31.02
N ASN D 11 -4.65 19.91 31.72
CA ASN D 11 -4.79 21.23 32.33
C ASN D 11 -3.70 21.48 33.37
N SER D 12 -3.37 20.46 34.17
CA SER D 12 -2.30 20.59 35.15
C SER D 12 -0.95 20.76 34.47
N ASP D 13 -0.76 20.10 33.32
CA ASP D 13 0.53 20.18 32.63
C ASP D 13 0.78 21.56 32.05
N SER D 14 -0.28 22.32 31.77
CA SER D 14 -0.10 23.67 31.23
C SER D 14 0.64 24.57 32.21
N LYS D 15 0.52 24.31 33.51
CA LYS D 15 1.20 25.09 34.53
C LYS D 15 2.34 24.34 35.18
N ALA D 16 2.75 23.19 34.62
CA ALA D 16 3.75 22.31 35.22
C ALA D 16 3.39 22.00 36.67
N ALA D 17 2.10 21.83 36.92
CA ALA D 17 1.58 21.60 38.26
C ALA D 17 1.21 20.14 38.43
N TYR D 18 1.51 19.60 39.61
CA TYR D 18 0.96 18.31 39.99
C TYR D 18 -0.56 18.46 40.13
N VAL D 19 -1.28 17.36 39.91
CA VAL D 19 -2.73 17.42 39.96
C VAL D 19 -3.15 17.83 41.36
N SER D 20 -3.78 19.00 41.46
CA SER D 20 -4.07 19.61 42.76
C SER D 20 -5.20 18.87 43.46
N GLY D 21 -5.39 19.22 44.74
CA GLY D 21 -6.44 18.60 45.53
C GLY D 21 -7.84 18.86 45.00
N SER D 22 -8.06 20.04 44.43
CA SER D 22 -9.38 20.34 43.86
C SER D 22 -9.66 19.48 42.64
N ASP D 23 -8.70 19.40 41.72
CA ASP D 23 -8.86 18.55 40.54
C ASP D 23 -8.95 17.09 40.94
N LEU D 24 -8.18 16.69 41.96
CA LEU D 24 -8.28 15.34 42.48
C LEU D 24 -9.67 15.06 43.01
N GLN D 25 -10.25 15.99 43.77
CA GLN D 25 -11.59 15.80 44.32
C GLN D 25 -12.63 15.72 43.21
N ALA D 26 -12.48 16.55 42.17
CA ALA D 26 -13.38 16.47 41.03
C ALA D 26 -13.29 15.10 40.35
N LEU D 27 -12.08 14.56 40.24
CA LEU D 27 -11.92 13.24 39.64
C LEU D 27 -12.48 12.13 40.53
N LYS D 28 -12.37 12.27 41.85
CA LYS D 28 -13.01 11.31 42.75
C LYS D 28 -14.53 11.37 42.62
N THR D 29 -15.08 12.57 42.45
CA THR D 29 -16.51 12.70 42.18
C THR D 29 -16.86 12.02 40.87
N PHE D 30 -16.03 12.18 39.85
CA PHE D 30 -16.20 11.43 38.61
C PHE D 30 -16.21 9.94 38.86
N ILE D 31 -15.31 9.46 39.73
CA ILE D 31 -15.26 8.04 40.06
C ILE D 31 -16.48 7.63 40.87
N ALA D 32 -16.87 8.45 41.85
CA ALA D 32 -18.02 8.13 42.69
C ALA D 32 -19.29 8.02 41.86
N ASP D 33 -19.40 8.81 40.80
CA ASP D 33 -20.51 8.70 39.85
C ASP D 33 -20.18 7.80 38.67
N GLY D 34 -19.14 6.98 38.78
CA GLY D 34 -18.75 6.13 37.67
C GLY D 34 -19.79 5.09 37.32
N ASN D 35 -20.43 4.50 38.33
CA ASN D 35 -21.48 3.51 38.07
C ASN D 35 -22.67 4.15 37.36
N LYS D 36 -23.04 5.36 37.76
CA LYS D 36 -24.10 6.07 37.05
C LYS D 36 -23.68 6.39 35.62
N ARG D 37 -22.42 6.77 35.42
CA ARG D 37 -21.92 7.02 34.07
C ARG D 37 -21.99 5.77 33.22
N LEU D 38 -21.61 4.62 33.78
CA LEU D 38 -21.70 3.36 33.06
C LEU D 38 -23.14 3.02 32.73
N ASP D 39 -24.05 3.28 33.68
CA ASP D 39 -25.47 3.05 33.41
C ASP D 39 -25.97 3.95 32.29
N ALA D 40 -25.53 5.21 32.26
CA ALA D 40 -25.93 6.14 31.21
C ALA D 40 -25.43 5.66 29.84
N VAL D 41 -24.16 5.26 29.78
CA VAL D 41 -23.61 4.74 28.53
C VAL D 41 -24.36 3.49 28.10
N ASN D 42 -24.68 2.61 29.05
CA ASN D 42 -25.43 1.39 28.75
C ASN D 42 -26.81 1.72 28.23
N SER D 43 -27.48 2.71 28.83
CA SER D 43 -28.79 3.12 28.34
C SER D 43 -28.72 3.64 26.92
N ILE D 44 -27.68 4.41 26.60
CA ILE D 44 -27.56 4.94 25.24
C ILE D 44 -27.27 3.82 24.24
N VAL D 45 -26.29 2.97 24.55
CA VAL D 45 -25.85 1.96 23.58
C VAL D 45 -26.91 0.86 23.43
N SER D 46 -27.64 0.53 24.49
CA SER D 46 -28.67 -0.49 24.42
C SER D 46 -29.87 -0.04 23.61
N ASN D 47 -29.98 1.26 23.31
CA ASN D 47 -31.06 1.81 22.50
C ASN D 47 -30.52 2.59 21.31
N ALA D 48 -29.26 2.35 20.94
CA ALA D 48 -28.61 3.15 19.90
C ALA D 48 -29.34 3.06 18.57
N SER D 49 -29.73 1.84 18.18
CA SER D 49 -30.43 1.66 16.92
C SER D 49 -31.74 2.45 16.91
N CYS D 50 -32.52 2.33 17.99
CA CYS D 50 -33.79 3.04 18.07
C CYS D 50 -33.57 4.55 18.09
N ILE D 51 -32.56 5.00 18.84
CA ILE D 51 -32.27 6.44 18.90
C ILE D 51 -31.97 6.98 17.51
N VAL D 52 -31.06 6.31 16.80
CA VAL D 52 -30.62 6.81 15.50
C VAL D 52 -31.75 6.74 14.49
N SER D 53 -32.47 5.62 14.44
CA SER D 53 -33.56 5.48 13.48
C SER D 53 -34.66 6.48 13.76
N ASP D 54 -35.03 6.66 15.04
CA ASP D 54 -36.06 7.62 15.38
C ASP D 54 -35.64 9.05 15.05
N ALA D 55 -34.36 9.38 15.28
CA ALA D 55 -33.90 10.73 14.99
C ALA D 55 -33.91 11.00 13.49
N VAL D 56 -33.42 10.06 12.69
CA VAL D 56 -33.42 10.27 11.25
C VAL D 56 -34.84 10.30 10.70
N SER D 57 -35.71 9.45 11.21
CA SER D 57 -37.11 9.44 10.78
C SER D 57 -37.81 10.74 11.16
N GLY D 58 -37.53 11.27 12.35
CA GLY D 58 -38.11 12.55 12.73
C GLY D 58 -37.59 13.70 11.91
N MET D 59 -36.29 13.68 11.61
CA MET D 59 -35.72 14.70 10.75
C MET D 59 -36.37 14.68 9.36
N ILE D 60 -36.62 13.47 8.84
CA ILE D 60 -37.27 13.35 7.54
C ILE D 60 -38.74 13.76 7.62
N CYS D 61 -39.42 13.37 8.69
CA CYS D 61 -40.84 13.69 8.82
C CYS D 61 -41.07 15.19 8.95
N GLU D 62 -40.20 15.88 9.69
CA GLU D 62 -40.31 17.32 9.82
C GLU D 62 -39.78 18.06 8.59
N ASN D 63 -38.95 17.41 7.78
CA ASN D 63 -38.43 17.99 6.54
C ASN D 63 -38.63 16.99 5.41
N PRO D 64 -39.85 16.90 4.88
CA PRO D 64 -40.11 15.91 3.82
C PRO D 64 -39.30 16.14 2.55
N GLY D 65 -38.74 17.32 2.35
CA GLY D 65 -37.90 17.56 1.19
C GLY D 65 -36.63 16.76 1.18
N LEU D 66 -36.24 16.18 2.32
CA LEU D 66 -35.04 15.36 2.38
C LEU D 66 -35.17 14.10 1.53
N ILE D 67 -36.37 13.50 1.48
CA ILE D 67 -36.58 12.29 0.71
C ILE D 67 -37.11 12.56 -0.69
N ALA D 68 -37.38 13.82 -1.02
CA ALA D 68 -37.73 14.18 -2.39
C ALA D 68 -36.50 14.09 -3.29
N PRO D 69 -36.69 13.96 -4.59
CA PRO D 69 -35.54 13.97 -5.51
C PRO D 69 -34.72 15.23 -5.33
N GLY D 70 -33.39 15.06 -5.31
CA GLY D 70 -32.48 16.13 -4.96
C GLY D 70 -32.28 16.32 -3.48
N GLY D 71 -33.17 15.77 -2.64
CA GLY D 71 -32.93 15.79 -1.21
C GLY D 71 -31.79 14.88 -0.82
N ASN D 72 -31.17 15.19 0.31
CA ASN D 72 -29.96 14.47 0.71
C ASN D 72 -30.24 13.13 1.34
N CYS D 73 -31.50 12.77 1.58
CA CYS D 73 -31.86 11.43 2.02
C CYS D 73 -32.68 10.71 0.96
N TYR D 74 -32.56 11.12 -0.29
CA TYR D 74 -33.45 10.65 -1.34
C TYR D 74 -33.34 9.15 -1.56
N THR D 75 -32.20 8.66 -2.04
CA THR D 75 -32.11 7.24 -2.39
C THR D 75 -31.82 6.40 -1.15
N ASN D 76 -31.89 5.08 -1.33
CA ASN D 76 -31.55 4.17 -0.24
C ASN D 76 -30.08 4.33 0.16
N ARG D 77 -29.22 4.66 -0.79
CA ARG D 77 -27.81 4.87 -0.46
C ARG D 77 -27.63 6.09 0.44
N ARG D 78 -28.29 7.20 0.11
CA ARG D 78 -28.20 8.40 0.92
C ARG D 78 -28.86 8.19 2.28
N MET D 79 -29.99 7.49 2.31
CA MET D 79 -30.62 7.11 3.57
C MET D 79 -29.69 6.27 4.42
N ALA D 80 -29.00 5.30 3.82
CA ALA D 80 -28.09 4.45 4.56
C ALA D 80 -26.91 5.25 5.10
N ALA D 81 -26.37 6.17 4.30
CA ALA D 81 -25.28 7.02 4.78
C ALA D 81 -25.74 7.92 5.92
N CYS D 82 -26.96 8.46 5.82
CA CYS D 82 -27.49 9.31 6.88
C CYS D 82 -27.67 8.52 8.17
N LEU D 83 -28.26 7.33 8.09
CA LEU D 83 -28.39 6.48 9.27
C LEU D 83 -27.03 6.07 9.81
N ARG D 84 -26.08 5.79 8.91
CA ARG D 84 -24.76 5.34 9.32
C ARG D 84 -24.05 6.42 10.11
N ASP D 85 -24.07 7.66 9.64
CA ASP D 85 -23.35 8.68 10.38
C ASP D 85 -24.15 9.27 11.53
N GLY D 86 -25.48 9.11 11.54
CA GLY D 86 -26.21 9.30 12.79
C GLY D 86 -25.76 8.32 13.84
N GLU D 87 -25.59 7.05 13.46
CA GLU D 87 -25.05 6.05 14.37
C GLU D 87 -23.61 6.40 14.77
N ILE D 88 -22.82 6.90 13.82
CA ILE D 88 -21.44 7.28 14.12
C ILE D 88 -21.40 8.42 15.13
N ILE D 89 -22.25 9.43 14.94
CA ILE D 89 -22.31 10.56 15.87
C ILE D 89 -22.76 10.09 17.24
N LEU D 90 -23.77 9.22 17.30
CA LEU D 90 -24.20 8.68 18.57
C LEU D 90 -23.11 7.85 19.23
N ARG D 91 -22.35 7.10 18.43
CA ARG D 91 -21.26 6.29 18.96
C ARG D 91 -20.16 7.15 19.55
N TYR D 92 -19.81 8.25 18.88
CA TYR D 92 -18.78 9.13 19.42
C TYR D 92 -19.31 9.93 20.61
N THR D 93 -20.59 10.27 20.62
CA THR D 93 -21.20 10.88 21.81
C THR D 93 -21.16 9.93 23.00
N SER D 94 -21.46 8.64 22.76
CA SER D 94 -21.33 7.65 23.81
C SER D 94 -19.88 7.46 24.25
N TYR D 95 -18.94 7.58 23.31
CA TYR D 95 -17.52 7.57 23.67
C TYR D 95 -17.19 8.73 24.59
N ALA D 96 -17.70 9.92 24.28
CA ALA D 96 -17.46 11.07 25.14
C ALA D 96 -18.10 10.89 26.51
N LEU D 97 -19.31 10.32 26.54
CA LEU D 97 -19.98 10.07 27.81
C LEU D 97 -19.21 9.07 28.65
N LEU D 98 -18.69 8.01 28.03
CA LEU D 98 -17.89 7.03 28.74
C LEU D 98 -16.59 7.64 29.24
N ALA D 99 -15.93 8.43 28.39
CA ALA D 99 -14.65 9.04 28.74
C ALA D 99 -14.82 10.20 29.71
N GLY D 100 -15.99 10.83 29.72
CA GLY D 100 -16.18 12.05 30.47
C GLY D 100 -15.58 13.28 29.84
N ASP D 101 -15.10 13.18 28.61
CA ASP D 101 -14.45 14.29 27.94
C ASP D 101 -14.84 14.29 26.46
N SER D 102 -14.87 15.48 25.88
CA SER D 102 -15.29 15.66 24.49
C SER D 102 -14.17 15.43 23.49
N SER D 103 -12.95 15.16 23.94
CA SER D 103 -11.81 15.12 23.03
C SER D 103 -11.99 14.06 21.96
N VAL D 104 -12.44 12.86 22.34
CA VAL D 104 -12.62 11.79 21.37
C VAL D 104 -13.63 12.22 20.31
N LEU D 105 -14.78 12.76 20.74
CA LEU D 105 -15.81 13.18 19.81
C LEU D 105 -15.28 14.25 18.85
N GLU D 106 -14.71 15.32 19.40
CA GLU D 106 -14.19 16.40 18.58
C GLU D 106 -13.18 15.88 17.57
N ASP D 107 -12.09 15.30 18.06
CA ASP D 107 -10.96 14.93 17.20
C ASP D 107 -11.36 13.87 16.17
N ARG D 108 -12.13 12.85 16.57
CA ARG D 108 -12.34 11.71 15.70
C ARG D 108 -13.65 11.76 14.93
N CYS D 109 -14.56 12.68 15.23
CA CYS D 109 -15.77 12.79 14.43
C CYS D 109 -16.05 14.20 13.95
N LEU D 110 -15.79 15.21 14.78
CA LEU D 110 -16.17 16.57 14.44
C LEU D 110 -15.10 17.32 13.68
N ASN D 111 -13.87 16.81 13.67
CA ASN D 111 -12.78 17.46 12.95
C ASN D 111 -13.01 17.29 11.45
N GLY D 112 -13.30 18.39 10.76
CA GLY D 112 -13.57 18.35 9.34
C GLY D 112 -14.95 17.88 8.96
N LEU D 113 -15.83 17.60 9.93
CA LEU D 113 -17.17 17.15 9.61
C LEU D 113 -17.98 18.23 8.92
N LYS D 114 -17.87 19.48 9.37
CA LYS D 114 -18.61 20.57 8.74
C LYS D 114 -18.17 20.76 7.30
N GLU D 115 -16.86 20.81 7.07
CA GLU D 115 -16.35 20.98 5.71
C GLU D 115 -16.72 19.78 4.83
N THR D 116 -16.66 18.57 5.40
CA THR D 116 -17.04 17.39 4.64
C THR D 116 -18.51 17.44 4.23
N TYR D 117 -19.38 17.83 5.17
CA TYR D 117 -20.81 17.91 4.86
C TYR D 117 -21.09 19.03 3.85
N ILE D 118 -20.34 20.13 3.92
CA ILE D 118 -20.49 21.19 2.94
C ILE D 118 -20.09 20.69 1.56
N ALA D 119 -18.96 19.97 1.49
CA ALA D 119 -18.51 19.46 0.21
C ALA D 119 -19.48 18.42 -0.36
N LEU D 120 -20.09 17.62 0.50
CA LEU D 120 -21.04 16.62 0.05
C LEU D 120 -22.43 17.18 -0.22
N GLY D 121 -22.72 18.39 0.22
CA GLY D 121 -24.06 18.93 0.11
C GLY D 121 -25.02 18.49 1.18
N VAL D 122 -24.52 17.88 2.26
CA VAL D 122 -25.36 17.46 3.37
C VAL D 122 -25.90 18.70 4.07
N PRO D 123 -27.21 18.86 4.19
CA PRO D 123 -27.77 20.08 4.79
C PRO D 123 -27.46 20.13 6.28
N THR D 124 -26.82 21.22 6.70
CA THR D 124 -26.42 21.36 8.10
C THR D 124 -27.64 21.47 9.01
N ASN D 125 -28.68 22.18 8.58
CA ASN D 125 -29.87 22.34 9.41
C ASN D 125 -30.52 20.99 9.72
N SER D 126 -30.66 20.14 8.70
CA SER D 126 -31.25 18.82 8.91
C SER D 126 -30.33 17.96 9.77
N THR D 127 -29.02 18.08 9.58
CA THR D 127 -28.07 17.32 10.40
C THR D 127 -28.20 17.69 11.87
N VAL D 128 -28.27 18.99 12.18
CA VAL D 128 -28.42 19.39 13.56
C VAL D 128 -29.80 19.02 14.09
N ARG D 129 -30.82 19.00 13.23
CA ARG D 129 -32.13 18.54 13.70
C ARG D 129 -32.08 17.07 14.10
N ALA D 130 -31.43 16.24 13.28
CA ALA D 130 -31.26 14.83 13.63
C ALA D 130 -30.43 14.67 14.90
N VAL D 131 -29.36 15.46 15.03
CA VAL D 131 -28.50 15.38 16.21
C VAL D 131 -29.27 15.82 17.45
N SER D 132 -30.15 16.81 17.31
CA SER D 132 -30.94 17.27 18.45
C SER D 132 -32.01 16.26 18.83
N ILE D 133 -32.60 15.56 17.86
CA ILE D 133 -33.53 14.49 18.20
C ILE D 133 -32.78 13.34 18.88
N MET D 134 -31.56 13.03 18.42
CA MET D 134 -30.74 12.06 19.14
C MET D 134 -30.43 12.55 20.54
N LYS D 135 -30.17 13.84 20.70
CA LYS D 135 -29.91 14.41 22.03
C LYS D 135 -31.11 14.20 22.93
N SER D 136 -32.30 14.52 22.43
CA SER D 136 -33.51 14.37 23.24
C SER D 136 -33.75 12.91 23.62
N SER D 137 -33.63 12.00 22.66
CA SER D 137 -33.88 10.58 22.95
C SER D 137 -32.82 10.02 23.88
N ALA D 138 -31.55 10.35 23.66
CA ALA D 138 -30.48 9.86 24.52
C ALA D 138 -30.60 10.43 25.92
N VAL D 139 -30.99 11.70 26.04
CA VAL D 139 -31.22 12.29 27.35
C VAL D 139 -32.36 11.59 28.06
N ALA D 140 -33.45 11.29 27.33
CA ALA D 140 -34.55 10.55 27.94
C ALA D 140 -34.10 9.18 28.41
N PHE D 141 -33.27 8.50 27.62
CA PHE D 141 -32.77 7.19 28.02
C PHE D 141 -31.83 7.28 29.22
N ILE D 142 -31.03 8.36 29.31
CA ILE D 142 -30.20 8.57 30.48
C ILE D 142 -31.07 8.72 31.73
N SER D 143 -32.12 9.51 31.61
CA SER D 143 -33.05 9.76 32.72
C SER D 143 -34.09 8.67 32.85
N ASN D 144 -34.07 7.66 31.98
CA ASN D 144 -35.06 6.59 31.97
C ASN D 144 -36.47 7.15 31.86
N THR D 145 -36.61 8.19 31.05
CA THR D 145 -37.90 8.81 30.77
C THR D 145 -38.42 8.46 29.39
N ALA D 146 -37.79 7.53 28.69
CA ALA D 146 -38.32 7.07 27.40
C ALA D 146 -39.67 6.39 27.61
N SER D 147 -40.64 6.76 26.79
CA SER D 147 -42.01 6.30 26.99
C SER D 147 -42.13 4.79 26.78
N GLN D 148 -41.51 4.26 25.74
CA GLN D 148 -41.74 2.89 25.33
C GLN D 148 -40.61 1.94 25.71
N ARG D 149 -39.66 2.38 26.53
CA ARG D 149 -38.57 1.52 26.96
C ARG D 149 -38.02 2.03 28.28
N LYS D 150 -38.11 1.21 29.32
CA LYS D 150 -37.57 1.53 30.63
C LYS D 150 -36.46 0.53 30.96
N MET D 151 -35.37 1.04 31.50
CA MET D 151 -34.24 0.21 31.93
C MET D 151 -34.09 0.33 33.45
N ALA D 152 -33.98 -0.81 34.11
CA ALA D 152 -33.92 -0.83 35.56
C ALA D 152 -32.57 -0.32 36.04
N THR D 153 -32.60 0.71 36.89
CA THR D 153 -31.41 1.23 37.54
C THR D 153 -31.77 1.57 38.98
N ALA D 154 -30.75 1.64 39.84
CA ALA D 154 -30.96 2.15 41.17
C ALA D 154 -31.48 3.58 41.10
N ASP D 155 -32.44 3.89 41.95
CA ASP D 155 -33.04 5.22 41.94
C ASP D 155 -32.00 6.29 42.28
N GLY D 156 -32.06 7.39 41.56
CA GLY D 156 -31.12 8.47 41.79
C GLY D 156 -31.21 9.51 40.70
N ASP D 157 -30.27 10.46 40.76
CA ASP D 157 -30.27 11.61 39.87
C ASP D 157 -29.08 11.49 38.91
N CYS D 158 -29.38 11.38 37.62
CA CYS D 158 -28.36 11.33 36.58
C CYS D 158 -28.39 12.59 35.71
N SER D 159 -28.83 13.71 36.29
CA SER D 159 -28.95 14.94 35.54
C SER D 159 -27.60 15.46 35.06
N ALA D 160 -26.52 15.19 35.82
CA ALA D 160 -25.20 15.60 35.35
C ALA D 160 -24.80 14.85 34.10
N LEU D 161 -25.06 13.54 34.05
CA LEU D 161 -24.75 12.77 32.85
C LEU D 161 -25.68 13.14 31.69
N SER D 162 -26.93 13.45 32.01
CA SER D 162 -27.86 13.92 30.98
C SER D 162 -27.39 15.24 30.38
N SER D 163 -26.92 16.16 31.22
CA SER D 163 -26.37 17.42 30.73
C SER D 163 -25.10 17.19 29.95
N GLU D 164 -24.29 16.21 30.35
CA GLU D 164 -23.10 15.87 29.56
C GLU D 164 -23.47 15.36 28.17
N VAL D 165 -24.49 14.50 28.09
CA VAL D 165 -24.95 14.01 26.79
C VAL D 165 -25.45 15.17 25.93
N ALA D 166 -26.25 16.04 26.55
CA ALA D 166 -26.77 17.20 25.83
C ALA D 166 -25.63 18.10 25.36
N SER D 167 -24.60 18.28 26.18
CA SER D 167 -23.49 19.14 25.80
C SER D 167 -22.66 18.51 24.67
N TYR D 168 -22.50 17.19 24.69
CA TYR D 168 -21.81 16.53 23.58
C TYR D 168 -22.58 16.69 22.27
N CYS D 169 -23.90 16.49 22.33
CA CYS D 169 -24.72 16.69 21.13
C CYS D 169 -24.71 18.15 20.69
N ASP D 170 -24.66 19.08 21.64
CA ASP D 170 -24.57 20.50 21.29
C ASP D 170 -23.23 20.82 20.64
N LYS D 171 -22.15 20.20 21.11
CA LYS D 171 -20.87 20.34 20.44
C LYS D 171 -20.94 19.83 19.01
N VAL D 172 -21.63 18.70 18.80
CA VAL D 172 -21.82 18.17 17.45
C VAL D 172 -22.57 19.19 16.59
N SER D 173 -23.68 19.70 17.11
CA SER D 173 -24.49 20.65 16.35
C SER D 173 -23.73 21.94 16.05
N ALA D 174 -22.95 22.42 17.01
CA ALA D 174 -22.19 23.66 16.82
C ALA D 174 -21.02 23.46 15.89
N ALA D 175 -20.46 22.25 15.83
CA ALA D 175 -19.36 21.99 14.90
C ALA D 175 -19.83 22.13 13.44
N ILE D 176 -21.04 21.67 13.15
CA ILE D 176 -21.57 21.72 11.80
C ILE D 176 -22.46 22.95 11.61
N MET E 1 -3.67 10.31 26.01
CA MET E 1 -2.89 9.52 26.95
C MET E 1 -3.45 8.11 27.06
N LYS E 2 -2.56 7.11 27.09
CA LYS E 2 -3.00 5.76 27.35
C LYS E 2 -3.59 5.64 28.74
N SER E 3 -4.77 5.02 28.82
CA SER E 3 -5.46 4.75 30.07
C SER E 3 -6.47 3.65 29.78
N VAL E 4 -7.13 3.19 30.83
CA VAL E 4 -8.18 2.19 30.65
C VAL E 4 -9.24 2.73 29.69
N ILE E 5 -9.76 3.92 29.99
CA ILE E 5 -10.84 4.49 29.18
C ILE E 5 -10.40 4.69 27.75
N THR E 6 -9.25 5.34 27.55
CA THR E 6 -8.80 5.63 26.20
C THR E 6 -8.48 4.36 25.44
N THR E 7 -7.91 3.36 26.11
CA THR E 7 -7.59 2.10 25.44
C THR E 7 -8.85 1.40 24.94
N THR E 8 -9.85 1.25 25.82
CA THR E 8 -11.05 0.53 25.38
C THR E 8 -11.88 1.35 24.39
N ILE E 9 -11.91 2.67 24.52
CA ILE E 9 -12.63 3.48 23.54
C ILE E 9 -11.91 3.43 22.19
N SER E 10 -10.58 3.42 22.20
CA SER E 10 -9.83 3.29 20.95
C SER E 10 -10.09 1.93 20.29
N ALA E 11 -10.15 0.87 21.10
CA ALA E 11 -10.45 -0.45 20.54
C ALA E 11 -11.86 -0.48 19.97
N ALA E 12 -12.83 0.14 20.66
CA ALA E 12 -14.19 0.20 20.15
C ALA E 12 -14.25 1.00 18.85
N ASP E 13 -13.55 2.13 18.80
CA ASP E 13 -13.60 2.99 17.62
C ASP E 13 -12.91 2.35 16.43
N ALA E 14 -11.81 1.62 16.67
CA ALA E 14 -11.13 0.94 15.58
C ALA E 14 -12.06 -0.06 14.91
N ALA E 15 -12.88 -0.75 15.70
CA ALA E 15 -13.87 -1.68 15.18
C ALA E 15 -15.21 -1.01 14.88
N GLY E 16 -15.31 0.29 15.08
CA GLY E 16 -16.56 0.99 14.84
C GLY E 16 -17.70 0.50 15.73
N ARG E 17 -17.40 0.24 16.99
CA ARG E 17 -18.35 -0.38 17.91
C ARG E 17 -18.80 0.61 18.96
N PHE E 18 -20.08 0.55 19.30
CA PHE E 18 -20.56 1.22 20.49
C PHE E 18 -19.90 0.60 21.72
N PRO E 19 -19.74 1.35 22.80
CA PRO E 19 -19.24 0.75 24.05
C PRO E 19 -20.13 -0.40 24.49
N SER E 20 -19.51 -1.56 24.66
CA SER E 20 -20.21 -2.79 25.04
C SER E 20 -19.85 -3.14 26.48
N SER E 21 -20.28 -4.32 26.92
CA SER E 21 -20.10 -4.71 28.31
C SER E 21 -18.63 -4.73 28.72
N SER E 22 -17.74 -5.11 27.80
CA SER E 22 -16.32 -5.17 28.13
C SER E 22 -15.75 -3.80 28.45
N ASP E 23 -16.12 -2.78 27.65
CA ASP E 23 -15.62 -1.44 27.90
C ASP E 23 -16.12 -0.89 29.23
N LEU E 24 -17.41 -1.10 29.53
CA LEU E 24 -17.95 -0.67 30.82
C LEU E 24 -17.26 -1.40 31.95
N GLU E 25 -16.93 -2.68 31.75
CA GLU E 25 -16.23 -3.46 32.76
C GLU E 25 -14.84 -2.90 33.02
N SER E 26 -14.12 -2.54 31.96
CA SER E 26 -12.80 -1.94 32.13
C SER E 26 -12.90 -0.61 32.87
N VAL E 27 -13.90 0.20 32.54
CA VAL E 27 -14.09 1.46 33.28
C VAL E 27 -14.44 1.18 34.74
N GLN E 28 -15.14 0.07 35.01
CA GLN E 28 -15.37 -0.32 36.39
C GLN E 28 -14.06 -0.62 37.10
N GLY E 29 -13.11 -1.22 36.38
CA GLY E 29 -11.78 -1.40 36.93
C GLY E 29 -11.08 -0.09 37.20
N ASN E 30 -11.27 0.89 36.31
CA ASN E 30 -10.84 2.26 36.57
C ASN E 30 -11.37 2.73 37.92
N ILE E 31 -12.68 2.54 38.14
CA ILE E 31 -13.32 2.95 39.38
C ILE E 31 -12.70 2.25 40.58
N GLN E 32 -12.45 0.95 40.46
CA GLN E 32 -11.94 0.16 41.57
C GLN E 32 -10.50 0.51 41.95
N ARG E 33 -9.62 0.71 40.97
CA ARG E 33 -8.22 0.96 41.27
C ARG E 33 -7.94 2.45 41.45
N ALA E 34 -8.92 3.30 41.16
CA ALA E 34 -8.77 4.74 41.29
C ALA E 34 -8.41 5.16 42.71
N ALA E 35 -8.99 4.50 43.72
CA ALA E 35 -8.70 4.87 45.09
C ALA E 35 -7.20 4.79 45.39
N SER E 36 -6.61 3.64 45.07
CA SER E 36 -5.17 3.44 45.34
C SER E 36 -4.32 4.38 44.50
N ARG E 37 -4.60 4.48 43.19
CA ARG E 37 -3.70 5.28 42.37
C ARG E 37 -3.84 6.77 42.68
N LEU E 38 -5.04 7.23 43.03
CA LEU E 38 -5.22 8.62 43.40
C LEU E 38 -4.64 8.92 44.78
N GLU E 39 -4.66 7.95 45.70
CA GLU E 39 -3.95 8.13 46.95
C GLU E 39 -2.46 8.30 46.71
N ALA E 40 -1.88 7.46 45.83
CA ALA E 40 -0.47 7.60 45.49
C ALA E 40 -0.20 8.95 44.84
N ALA E 41 -1.08 9.39 43.94
CA ALA E 41 -0.91 10.68 43.29
C ALA E 41 -0.97 11.82 44.30
N GLU E 42 -1.94 11.78 45.21
CA GLU E 42 -2.05 12.82 46.23
C GLU E 42 -0.81 12.87 47.12
N LYS E 43 -0.31 11.70 47.53
CA LYS E 43 0.89 11.70 48.37
C LYS E 43 2.08 12.24 47.61
N LEU E 44 2.26 11.82 46.36
CA LEU E 44 3.37 12.33 45.55
C LEU E 44 3.20 13.83 45.28
N ALA E 45 1.99 14.26 44.95
CA ALA E 45 1.77 15.67 44.63
C ALA E 45 1.99 16.56 45.84
N GLY E 46 1.62 16.08 47.04
CA GLY E 46 1.82 16.84 48.24
C GLY E 46 3.21 16.76 48.84
N ASN E 47 4.08 15.91 48.28
CA ASN E 47 5.41 15.71 48.83
C ASN E 47 6.48 15.66 47.76
N HIS E 48 6.22 16.23 46.58
CA HIS E 48 7.15 16.03 45.46
C HIS E 48 8.44 16.80 45.63
N GLU E 49 8.43 17.93 46.36
CA GLU E 49 9.67 18.67 46.56
C GLU E 49 10.71 17.81 47.29
N ALA E 50 10.31 17.23 48.42
CA ALA E 50 11.23 16.40 49.19
C ALA E 50 11.62 15.14 48.42
N VAL E 51 10.65 14.51 47.75
CA VAL E 51 10.94 13.28 47.01
C VAL E 51 11.94 13.55 45.89
N VAL E 52 11.72 14.64 45.14
CA VAL E 52 12.62 14.98 44.04
C VAL E 52 13.99 15.34 44.57
N LYS E 53 14.06 16.08 45.67
CA LYS E 53 15.35 16.42 46.26
C LYS E 53 16.12 15.16 46.66
N GLU E 54 15.43 14.23 47.32
CA GLU E 54 16.08 12.98 47.73
C GLU E 54 16.53 12.16 46.53
N ALA E 55 15.69 12.08 45.48
CA ALA E 55 16.06 11.33 44.29
C ALA E 55 17.29 11.93 43.62
N GLY E 56 17.32 13.25 43.48
CA GLY E 56 18.48 13.89 42.87
C GLY E 56 19.73 13.74 43.70
N ASP E 57 19.59 13.86 45.03
CA ASP E 57 20.74 13.64 45.91
C ASP E 57 21.28 12.23 45.76
N ALA E 58 20.38 11.24 45.68
CA ALA E 58 20.82 9.87 45.49
C ALA E 58 21.49 9.68 44.14
N CYS E 59 20.95 10.33 43.09
CA CYS E 59 21.55 10.25 41.77
C CYS E 59 22.97 10.79 41.77
N PHE E 60 23.19 11.94 42.40
CA PHE E 60 24.52 12.52 42.40
C PHE E 60 25.46 11.82 43.38
N ALA E 61 24.92 11.22 44.44
CA ALA E 61 25.75 10.43 45.34
C ALA E 61 26.21 9.14 44.68
N LYS E 62 25.33 8.48 43.93
CA LYS E 62 25.71 7.27 43.23
C LYS E 62 26.70 7.55 42.12
N TYR E 63 26.59 8.71 41.46
CA TYR E 63 27.43 9.06 40.32
C TYR E 63 28.07 10.42 40.54
N PRO E 64 29.05 10.50 41.47
CA PRO E 64 29.74 11.78 41.68
C PRO E 64 30.50 12.27 40.46
N TYR E 65 30.84 11.38 39.52
CA TYR E 65 31.54 11.80 38.31
C TYR E 65 30.73 12.79 37.49
N LEU E 66 29.41 12.85 37.69
CA LEU E 66 28.59 13.83 36.99
C LEU E 66 29.05 15.25 37.29
N LYS E 67 29.65 15.48 38.45
CA LYS E 67 30.14 16.82 38.80
C LYS E 67 31.40 17.19 38.04
N ASN E 68 32.11 16.21 37.46
CA ASN E 68 33.37 16.48 36.79
C ASN E 68 33.13 17.33 35.54
N PRO E 69 34.09 18.18 35.18
CA PRO E 69 33.93 19.04 34.00
C PRO E 69 33.65 18.22 32.73
N GLY E 70 32.76 18.75 31.90
CA GLY E 70 32.35 18.07 30.70
C GLY E 70 31.24 17.06 30.88
N GLU E 71 30.90 16.71 32.12
CA GLU E 71 29.82 15.79 32.41
C GLU E 71 28.55 16.54 32.72
N ALA E 72 27.43 15.82 32.69
CA ALA E 72 26.15 16.40 33.04
C ALA E 72 26.14 16.76 34.52
N GLY E 73 25.82 18.00 34.84
CA GLY E 73 25.90 18.46 36.21
C GLY E 73 27.24 18.97 36.64
N ASP E 74 28.09 19.40 35.70
CA ASP E 74 29.36 20.03 36.03
C ASP E 74 29.21 21.51 36.35
N SER E 75 28.00 22.05 36.26
CA SER E 75 27.69 23.39 36.68
C SER E 75 26.46 23.35 37.59
N GLN E 76 26.29 24.40 38.40
CA GLN E 76 25.16 24.45 39.30
C GLN E 76 23.84 24.49 38.53
N GLU E 77 23.82 25.21 37.40
CA GLU E 77 22.63 25.25 36.56
C GLU E 77 22.27 23.87 36.03
N LYS E 78 23.28 23.08 35.62
CA LYS E 78 23.00 21.74 35.12
C LYS E 78 22.52 20.82 36.23
N ILE E 79 23.02 20.98 37.45
CA ILE E 79 22.50 20.23 38.58
C ILE E 79 21.05 20.60 38.85
N ASN E 80 20.74 21.90 38.78
CA ASN E 80 19.35 22.33 38.92
C ASN E 80 18.47 21.75 37.82
N LYS E 81 19.01 21.66 36.60
CA LYS E 81 18.28 21.03 35.51
C LYS E 81 18.07 19.54 35.75
N CYS E 82 19.03 18.88 36.40
CA CYS E 82 18.86 17.46 36.76
C CYS E 82 17.72 17.29 37.75
N TYR E 83 17.70 18.13 38.79
CA TYR E 83 16.61 18.05 39.77
C TYR E 83 15.29 18.44 39.13
N ARG E 84 15.31 19.40 38.20
CA ARG E 84 14.11 19.77 37.46
C ARG E 84 13.62 18.62 36.58
N ASP E 85 14.54 17.85 36.00
CA ASP E 85 14.16 16.68 35.22
C ASP E 85 13.51 15.62 36.10
N ILE E 86 14.08 15.39 37.28
CA ILE E 86 13.46 14.46 38.22
C ILE E 86 12.08 14.97 38.64
N ASP E 87 11.94 16.29 38.80
CA ASP E 87 10.65 16.89 39.06
C ASP E 87 9.68 16.61 37.91
N HIS E 88 10.14 16.77 36.68
CA HIS E 88 9.30 16.50 35.51
C HIS E 88 8.83 15.05 35.51
N TYR E 89 9.74 14.13 35.77
CA TYR E 89 9.38 12.72 35.78
C TYR E 89 8.43 12.39 36.93
N MET E 90 8.66 12.99 38.10
CA MET E 90 7.77 12.75 39.24
C MET E 90 6.38 13.30 38.95
N ARG E 91 6.31 14.46 38.29
CA ARG E 91 5.02 15.03 37.90
C ARG E 91 4.34 14.17 36.85
N LEU E 92 5.10 13.63 35.91
CA LEU E 92 4.52 12.73 34.91
C LEU E 92 4.03 11.44 35.56
N ILE E 93 4.71 10.99 36.61
CA ILE E 93 4.24 9.82 37.37
C ILE E 93 2.96 10.15 38.12
N ASN E 94 2.89 11.35 38.69
CA ASN E 94 1.65 11.81 39.30
C ASN E 94 0.52 11.85 38.28
N TYR E 95 0.82 12.33 37.08
CA TYR E 95 -0.15 12.33 35.99
C TYR E 95 -0.57 10.91 35.61
N SER E 96 0.38 9.97 35.60
CA SER E 96 0.07 8.59 35.26
C SER E 96 -0.82 7.96 36.32
N LEU E 97 -0.55 8.25 37.59
CA LEU E 97 -1.39 7.74 38.67
C LEU E 97 -2.80 8.33 38.60
N VAL E 98 -2.89 9.62 38.27
CA VAL E 98 -4.21 10.24 38.13
C VAL E 98 -4.95 9.65 36.94
N VAL E 99 -4.27 9.56 35.80
CA VAL E 99 -4.85 9.02 34.58
C VAL E 99 -5.17 7.54 34.73
N GLY E 100 -4.34 6.81 35.47
CA GLY E 100 -4.45 5.38 35.55
C GLY E 100 -3.71 4.63 34.48
N GLY E 101 -2.92 5.31 33.66
CA GLY E 101 -2.15 4.66 32.61
C GLY E 101 -0.86 5.42 32.37
N THR E 102 0.02 4.78 31.62
CA THR E 102 1.35 5.32 31.36
C THR E 102 1.37 6.41 30.29
N GLY E 103 0.20 6.80 29.77
CA GLY E 103 0.11 7.74 28.69
C GLY E 103 0.84 9.05 28.88
N PRO E 104 0.65 9.72 30.03
CA PRO E 104 1.42 10.95 30.28
C PRO E 104 2.92 10.73 30.23
N LEU E 105 3.43 9.70 30.91
CA LEU E 105 4.84 9.36 30.83
C LEU E 105 5.23 9.07 29.39
N ASP E 106 4.50 8.18 28.73
CA ASP E 106 4.82 7.75 27.37
C ASP E 106 4.97 8.94 26.42
N GLU E 107 4.05 9.90 26.51
CA GLU E 107 4.03 10.98 25.54
C GLU E 107 4.86 12.19 25.94
N TRP E 108 5.15 12.38 27.23
CA TRP E 108 5.81 13.60 27.64
C TRP E 108 7.20 13.42 28.23
N GLY E 109 7.56 12.22 28.69
CA GLY E 109 8.90 12.03 29.21
C GLY E 109 9.68 10.95 28.52
N ILE E 110 8.99 9.96 27.96
CA ILE E 110 9.66 8.80 27.40
C ILE E 110 9.86 8.90 25.88
N ALA E 111 8.89 9.48 25.17
CA ALA E 111 8.81 9.32 23.72
C ALA E 111 10.13 9.64 23.03
N GLY E 112 10.76 10.75 23.38
CA GLY E 112 12.02 11.09 22.75
C GLY E 112 13.19 11.18 23.71
N ALA E 113 13.04 10.60 24.91
CA ALA E 113 14.07 10.75 25.94
C ALA E 113 15.39 10.14 25.51
N ARG E 114 15.35 9.02 24.79
CA ARG E 114 16.58 8.38 24.34
C ARG E 114 17.42 9.33 23.49
N GLU E 115 16.80 9.94 22.47
CA GLU E 115 17.54 10.83 21.59
C GLU E 115 17.99 12.09 22.32
N VAL E 116 17.13 12.63 23.19
CA VAL E 116 17.47 13.84 23.94
C VAL E 116 18.68 13.58 24.82
N TYR E 117 18.66 12.48 25.57
CA TYR E 117 19.73 12.19 26.52
C TYR E 117 21.01 11.80 25.80
N ARG E 118 20.91 11.15 24.64
CA ARG E 118 22.10 10.88 23.85
C ARG E 118 22.71 12.16 23.30
N ALA E 119 21.87 13.08 22.83
CA ALA E 119 22.35 14.34 22.27
C ALA E 119 23.02 15.20 23.33
N LEU E 120 22.47 15.20 24.55
CA LEU E 120 22.95 16.06 25.62
C LEU E 120 23.87 15.35 26.59
N ASN E 121 24.30 14.12 26.27
CA ASN E 121 25.22 13.36 27.11
C ASN E 121 24.66 13.19 28.53
N LEU E 122 23.38 12.83 28.60
CA LEU E 122 22.74 12.60 29.89
C LEU E 122 22.60 11.10 30.08
N PRO E 123 23.44 10.46 30.89
CA PRO E 123 23.37 9.01 31.04
C PRO E 123 22.05 8.61 31.71
N GLY E 124 21.36 7.66 31.09
CA GLY E 124 20.11 7.17 31.65
C GLY E 124 20.28 6.52 33.00
N SER E 125 21.50 6.09 33.34
CA SER E 125 21.76 5.47 34.63
C SER E 125 21.53 6.45 35.78
N SER E 126 21.73 7.75 35.56
CA SER E 126 21.49 8.72 36.62
C SER E 126 20.01 8.87 36.92
N TYR E 127 19.18 8.98 35.87
CA TYR E 127 17.74 8.98 36.08
C TYR E 127 17.29 7.68 36.74
N ILE E 128 17.85 6.55 36.29
CA ILE E 128 17.50 5.26 36.87
C ILE E 128 17.87 5.24 38.35
N ALA E 129 19.01 5.82 38.71
CA ALA E 129 19.40 5.86 40.11
C ALA E 129 18.41 6.67 40.93
N ALA E 130 17.99 7.82 40.40
CA ALA E 130 17.00 8.64 41.11
C ALA E 130 15.71 7.88 41.31
N PHE E 131 15.22 7.20 40.26
CA PHE E 131 13.92 6.53 40.34
C PHE E 131 14.00 5.25 41.17
N VAL E 132 15.11 4.52 41.09
CA VAL E 132 15.28 3.34 41.92
C VAL E 132 15.35 3.73 43.39
N PHE E 133 16.06 4.81 43.70
CA PHE E 133 16.08 5.30 45.07
C PHE E 133 14.69 5.70 45.53
N THR E 134 13.92 6.38 44.67
CA THR E 134 12.57 6.75 45.05
C THR E 134 11.71 5.53 45.31
N ARG E 135 11.83 4.51 44.46
CA ARG E 135 11.05 3.28 44.62
C ARG E 135 11.42 2.54 45.89
N ASP E 136 12.72 2.44 46.19
CA ASP E 136 13.15 1.70 47.37
C ASP E 136 12.91 2.49 48.65
N ARG E 137 12.86 3.82 48.54
CA ARG E 137 12.70 4.67 49.71
C ARG E 137 11.29 4.55 50.27
N LEU E 138 10.32 4.37 49.39
CA LEU E 138 8.92 4.23 49.80
C LEU E 138 8.72 3.01 50.68
N CYS E 139 8.03 3.19 51.80
CA CYS E 139 7.71 2.09 52.70
C CYS E 139 6.23 2.19 53.09
N VAL E 140 5.67 1.04 53.44
CA VAL E 140 4.24 0.89 53.69
C VAL E 140 4.05 0.51 55.15
N PRO E 141 3.05 1.06 55.86
CA PRO E 141 2.06 2.06 55.42
C PRO E 141 2.44 3.49 55.77
N ARG E 142 3.72 3.76 56.04
CA ARG E 142 4.12 5.09 56.47
C ARG E 142 3.88 6.13 55.38
N ASP E 143 4.29 5.82 54.15
CA ASP E 143 4.18 6.78 53.06
C ASP E 143 2.83 6.74 52.37
N MET E 144 2.38 5.55 51.99
CA MET E 144 1.02 5.36 51.46
C MET E 144 0.56 3.96 51.80
N SER E 145 -0.68 3.66 51.42
CA SER E 145 -1.22 2.32 51.58
C SER E 145 -0.53 1.35 50.64
N ALA E 146 -0.76 0.06 50.87
CA ALA E 146 -0.05 -0.98 50.12
C ALA E 146 -0.33 -0.87 48.62
N GLN E 147 -1.59 -0.68 48.25
CA GLN E 147 -1.93 -0.62 46.83
C GLN E 147 -1.54 0.71 46.20
N ALA E 148 -1.60 1.80 46.95
CA ALA E 148 -1.04 3.06 46.47
C ALA E 148 0.46 2.91 46.21
N ALA E 149 1.15 2.21 47.11
CA ALA E 149 2.56 1.90 46.89
C ALA E 149 2.75 1.03 45.66
N VAL E 150 1.83 0.09 45.43
CA VAL E 150 1.92 -0.78 44.26
C VAL E 150 1.85 0.06 42.99
N GLU E 151 0.88 0.97 42.92
CA GLU E 151 0.73 1.83 41.74
C GLU E 151 1.93 2.76 41.58
N PHE E 152 2.39 3.36 42.67
CA PHE E 152 3.53 4.29 42.61
C PHE E 152 4.79 3.57 42.14
N SER E 153 5.08 2.40 42.72
CA SER E 153 6.23 1.63 42.30
C SER E 153 6.06 1.08 40.89
N GLY E 154 4.83 0.81 40.46
CA GLY E 154 4.62 0.40 39.09
C GLY E 154 4.97 1.50 38.10
N ALA E 155 4.55 2.73 38.39
CA ALA E 155 4.93 3.85 37.54
C ALA E 155 6.44 4.07 37.55
N LEU E 156 7.05 3.98 38.73
CA LEU E 156 8.50 4.15 38.82
C LEU E 156 9.24 3.06 38.05
N ASP E 157 8.79 1.81 38.17
CA ASP E 157 9.39 0.72 37.42
C ASP E 157 9.16 0.90 35.93
N TYR E 158 8.01 1.45 35.54
CA TYR E 158 7.75 1.71 34.12
C TYR E 158 8.76 2.70 33.57
N VAL E 159 8.99 3.81 34.27
CA VAL E 159 9.95 4.79 33.77
C VAL E 159 11.38 4.22 33.81
N ILE E 160 11.70 3.44 34.85
CA ILE E 160 13.01 2.80 34.91
C ILE E 160 13.22 1.88 33.72
N ASN E 161 12.21 1.07 33.38
CA ASN E 161 12.32 0.16 32.24
C ASN E 161 12.35 0.91 30.92
N SER E 162 11.69 2.07 30.87
CA SER E 162 11.82 2.92 29.69
C SER E 162 13.24 3.45 29.55
N LEU E 163 13.95 3.64 30.65
CA LEU E 163 15.34 4.05 30.59
C LEU E 163 16.32 2.89 30.47
N CYS E 164 15.86 1.66 30.63
CA CYS E 164 16.73 0.49 30.55
C CYS E 164 16.68 -0.14 29.15
N MET F 1 -7.50 -13.87 19.95
CA MET F 1 -6.89 -14.55 21.08
C MET F 1 -7.95 -14.93 22.11
N LEU F 2 -7.62 -15.91 22.95
CA LEU F 2 -8.51 -16.36 24.01
C LEU F 2 -7.88 -16.09 25.37
N ASP F 3 -8.74 -15.77 26.35
CA ASP F 3 -8.35 -15.77 27.74
C ASP F 3 -8.88 -17.06 28.38
N ALA F 4 -8.76 -17.16 29.71
CA ALA F 4 -9.25 -18.34 30.39
C ALA F 4 -10.77 -18.50 30.23
N PHE F 5 -11.50 -17.39 30.34
CA PHE F 5 -12.96 -17.44 30.19
C PHE F 5 -13.35 -17.84 28.78
N SER F 6 -12.70 -17.23 27.78
CA SER F 6 -12.99 -17.60 26.39
C SER F 6 -12.54 -19.02 26.10
N ARG F 7 -11.47 -19.49 26.74
CA ARG F 7 -11.10 -20.90 26.62
C ARG F 7 -12.19 -21.81 27.14
N VAL F 8 -12.76 -21.45 28.29
CA VAL F 8 -13.86 -22.24 28.86
C VAL F 8 -15.05 -22.25 27.90
N VAL F 9 -15.41 -21.10 27.35
CA VAL F 9 -16.58 -21.07 26.47
C VAL F 9 -16.29 -21.83 25.17
N VAL F 10 -15.06 -21.78 24.67
CA VAL F 10 -14.71 -22.53 23.47
C VAL F 10 -14.83 -24.03 23.72
N ASN F 11 -14.35 -24.49 24.88
CA ASN F 11 -14.52 -25.89 25.24
C ASN F 11 -16.01 -26.24 25.37
N SER F 12 -16.79 -25.34 25.98
CA SER F 12 -18.23 -25.55 26.11
C SER F 12 -18.91 -25.57 24.75
N ASP F 13 -18.46 -24.72 23.82
CA ASP F 13 -19.07 -24.65 22.50
C ASP F 13 -18.85 -25.91 21.69
N SER F 14 -17.78 -26.67 21.98
CA SER F 14 -17.53 -27.89 21.22
C SER F 14 -18.64 -28.92 21.41
N LYS F 15 -19.38 -28.84 22.52
CA LYS F 15 -20.49 -29.75 22.78
C LYS F 15 -21.84 -29.02 22.76
N ALA F 16 -21.87 -27.79 22.24
CA ALA F 16 -23.06 -26.95 22.25
C ALA F 16 -23.65 -26.87 23.66
N ALA F 17 -22.78 -26.80 24.65
CA ALA F 17 -23.19 -26.79 26.05
C ALA F 17 -23.08 -25.39 26.61
N TYR F 18 -24.08 -25.01 27.40
CA TYR F 18 -23.94 -23.83 28.24
C TYR F 18 -22.82 -24.07 29.26
N VAL F 19 -22.16 -22.98 29.66
CA VAL F 19 -21.01 -23.11 30.54
C VAL F 19 -21.44 -23.80 31.82
N SER F 20 -20.84 -24.96 32.09
CA SER F 20 -21.28 -25.83 33.17
C SER F 20 -20.93 -25.22 34.53
N GLY F 21 -21.55 -25.77 35.57
CA GLY F 21 -21.30 -25.28 36.92
C GLY F 21 -19.86 -25.50 37.36
N SER F 22 -19.25 -26.61 36.93
CA SER F 22 -17.85 -26.86 37.28
C SER F 22 -16.92 -25.88 36.57
N ASP F 23 -17.15 -25.64 35.28
CA ASP F 23 -16.36 -24.65 34.57
C ASP F 23 -16.59 -23.25 35.14
N LEU F 24 -17.84 -22.95 35.51
CA LEU F 24 -18.13 -21.69 36.17
C LEU F 24 -17.36 -21.56 37.47
N GLN F 25 -17.30 -22.62 38.27
CA GLN F 25 -16.57 -22.58 39.53
C GLN F 25 -15.07 -22.39 39.30
N ALA F 26 -14.52 -23.05 38.27
CA ALA F 26 -13.12 -22.84 37.93
C ALA F 26 -12.86 -21.39 37.55
N LEU F 27 -13.80 -20.76 36.83
CA LEU F 27 -13.63 -19.36 36.48
C LEU F 27 -13.80 -18.44 37.68
N LYS F 28 -14.67 -18.79 38.62
CA LYS F 28 -14.74 -18.03 39.87
C LYS F 28 -13.45 -18.14 40.66
N THR F 29 -12.82 -19.32 40.62
CA THR F 29 -11.51 -19.47 41.24
C THR F 29 -10.47 -18.58 40.54
N PHE F 30 -10.52 -18.54 39.21
CA PHE F 30 -9.67 -17.63 38.46
C PHE F 30 -9.87 -16.19 38.90
N ILE F 31 -11.13 -15.78 39.07
CA ILE F 31 -11.44 -14.42 39.49
C ILE F 31 -10.94 -14.16 40.91
N ALA F 32 -11.16 -15.12 41.82
CA ALA F 32 -10.74 -14.94 43.21
C ALA F 32 -9.23 -14.83 43.32
N ASP F 33 -8.49 -15.53 42.46
CA ASP F 33 -7.05 -15.38 42.35
C ASP F 33 -6.64 -14.25 41.42
N GLY F 34 -7.61 -13.45 40.96
CA GLY F 34 -7.30 -12.42 39.97
C GLY F 34 -6.33 -11.38 40.48
N ASN F 35 -6.45 -11.00 41.76
CA ASN F 35 -5.51 -10.04 42.33
C ASN F 35 -4.09 -10.61 42.38
N LYS F 36 -3.97 -11.89 42.76
CA LYS F 36 -2.66 -12.53 42.74
C LYS F 36 -2.11 -12.61 41.32
N ARG F 37 -2.98 -12.88 40.34
CA ARG F 37 -2.53 -12.91 38.96
C ARG F 37 -2.03 -11.54 38.51
N LEU F 38 -2.74 -10.48 38.90
CA LEU F 38 -2.29 -9.13 38.56
C LEU F 38 -0.96 -8.81 39.22
N ASP F 39 -0.79 -9.24 40.48
CA ASP F 39 0.50 -9.05 41.15
C ASP F 39 1.60 -9.83 40.44
N ALA F 40 1.29 -11.03 39.96
CA ALA F 40 2.28 -11.84 39.23
C ALA F 40 2.71 -11.14 37.94
N VAL F 41 1.74 -10.66 37.17
CA VAL F 41 2.05 -9.94 35.93
C VAL F 41 2.86 -8.70 36.24
N ASN F 42 2.46 -7.95 37.29
CA ASN F 42 3.21 -6.77 37.69
C ASN F 42 4.64 -7.12 38.07
N SER F 43 4.83 -8.24 38.76
CA SER F 43 6.19 -8.68 39.09
C SER F 43 7.00 -8.95 37.83
N ILE F 44 6.40 -9.59 36.83
CA ILE F 44 7.13 -9.88 35.61
C ILE F 44 7.45 -8.57 34.87
N VAL F 45 6.45 -7.71 34.67
CA VAL F 45 6.64 -6.55 33.82
C VAL F 45 7.52 -5.50 34.49
N SER F 46 7.43 -5.36 35.81
CA SER F 46 8.27 -4.39 36.50
C SER F 46 9.74 -4.80 36.50
N ASN F 47 10.03 -6.06 36.18
CA ASN F 47 11.40 -6.55 36.12
C ASN F 47 11.73 -7.14 34.75
N ALA F 48 10.95 -6.79 33.73
CA ALA F 48 11.11 -7.40 32.41
C ALA F 48 12.49 -7.12 31.84
N SER F 49 12.99 -5.89 32.02
CA SER F 49 14.28 -5.52 31.47
C SER F 49 15.38 -6.41 32.03
N CYS F 50 15.44 -6.55 33.37
CA CYS F 50 16.54 -7.33 33.92
C CYS F 50 16.31 -8.81 33.69
N ILE F 51 15.06 -9.26 33.62
CA ILE F 51 14.80 -10.66 33.28
C ILE F 51 15.38 -10.99 31.92
N VAL F 52 15.05 -10.17 30.91
CA VAL F 52 15.50 -10.45 29.55
C VAL F 52 17.01 -10.30 29.44
N SER F 53 17.56 -9.21 29.99
CA SER F 53 18.99 -8.98 29.90
C SER F 53 19.77 -10.07 30.62
N ASP F 54 19.31 -10.47 31.82
CA ASP F 54 19.97 -11.52 32.57
C ASP F 54 19.87 -12.86 31.85
N ALA F 55 18.73 -13.16 31.22
CA ALA F 55 18.60 -14.41 30.50
C ALA F 55 19.55 -14.45 29.30
N VAL F 56 19.61 -13.37 28.53
CA VAL F 56 20.50 -13.36 27.38
C VAL F 56 21.96 -13.41 27.83
N SER F 57 22.30 -12.68 28.90
CA SER F 57 23.65 -12.70 29.42
C SER F 57 24.04 -14.07 29.94
N GLY F 58 23.12 -14.76 30.63
CA GLY F 58 23.41 -16.09 31.11
C GLY F 58 23.54 -17.09 29.98
N MET F 59 22.70 -16.97 28.96
CA MET F 59 22.81 -17.85 27.79
C MET F 59 24.16 -17.65 27.11
N ILE F 60 24.60 -16.41 26.98
CA ILE F 60 25.89 -16.14 26.34
C ILE F 60 27.05 -16.59 27.23
N CYS F 61 26.95 -16.37 28.54
CA CYS F 61 28.02 -16.77 29.45
C CYS F 61 28.18 -18.29 29.47
N GLU F 62 27.05 -19.02 29.45
CA GLU F 62 27.13 -20.47 29.40
C GLU F 62 27.56 -20.98 28.04
N ASN F 63 27.30 -20.21 26.98
CA ASN F 63 27.65 -20.59 25.62
C ASN F 63 28.41 -19.45 24.97
N PRO F 64 29.70 -19.30 25.27
CA PRO F 64 30.48 -18.18 24.71
C PRO F 64 30.57 -18.22 23.19
N GLY F 65 30.31 -19.35 22.54
CA GLY F 65 30.34 -19.40 21.09
C GLY F 65 29.32 -18.50 20.42
N LEU F 66 28.31 -18.05 21.16
CA LEU F 66 27.29 -17.19 20.58
C LEU F 66 27.86 -15.83 20.20
N ILE F 67 28.81 -15.31 20.98
CA ILE F 67 29.40 -14.01 20.72
C ILE F 67 30.69 -14.11 19.93
N ALA F 68 31.10 -15.31 19.56
CA ALA F 68 32.23 -15.50 18.65
C ALA F 68 31.79 -15.20 17.22
N PRO F 69 32.75 -14.89 16.34
CA PRO F 69 32.39 -14.71 14.93
C PRO F 69 31.69 -15.94 14.38
N GLY F 70 30.60 -15.71 13.66
CA GLY F 70 29.72 -16.77 13.22
C GLY F 70 28.66 -17.16 14.22
N GLY F 71 28.82 -16.78 15.49
CA GLY F 71 27.78 -16.99 16.47
C GLY F 71 26.59 -16.08 16.22
N ASN F 72 25.43 -16.53 16.71
CA ASN F 72 24.19 -15.82 16.41
C ASN F 72 23.98 -14.59 17.29
N CYS F 73 24.84 -14.35 18.27
CA CYS F 73 24.81 -13.12 19.05
C CYS F 73 26.07 -12.28 18.83
N TYR F 74 26.74 -12.48 17.70
CA TYR F 74 28.08 -11.92 17.53
C TYR F 74 28.04 -10.39 17.45
N THR F 75 27.41 -9.83 16.43
CA THR F 75 27.46 -8.39 16.28
C THR F 75 26.44 -7.71 17.20
N ASN F 76 26.54 -6.38 17.29
CA ASN F 76 25.58 -5.62 18.07
C ASN F 76 24.17 -5.73 17.50
N ARG F 77 24.04 -5.85 16.18
CA ARG F 77 22.72 -6.05 15.60
C ARG F 77 22.13 -7.38 16.01
N ARG F 78 22.93 -8.45 15.99
CA ARG F 78 22.43 -9.76 16.39
C ARG F 78 22.12 -9.80 17.88
N MET F 79 22.97 -9.17 18.70
CA MET F 79 22.68 -9.08 20.13
C MET F 79 21.40 -8.31 20.40
N ALA F 80 21.20 -7.19 19.70
CA ALA F 80 19.98 -6.42 19.87
C ALA F 80 18.76 -7.23 19.43
N ALA F 81 18.90 -7.99 18.35
CA ALA F 81 17.81 -8.85 17.91
C ALA F 81 17.52 -9.93 18.94
N CYS F 82 18.55 -10.51 19.55
CA CYS F 82 18.35 -11.52 20.57
C CYS F 82 17.68 -10.94 21.81
N LEU F 83 18.11 -9.75 22.25
CA LEU F 83 17.46 -9.09 23.38
C LEU F 83 16.02 -8.74 23.06
N ARG F 84 15.77 -8.29 21.83
CA ARG F 84 14.41 -7.98 21.40
C ARG F 84 13.54 -9.22 21.38
N ASP F 85 14.09 -10.35 20.93
CA ASP F 85 13.34 -11.59 20.93
C ASP F 85 13.05 -12.07 22.35
N GLY F 86 14.02 -11.94 23.25
CA GLY F 86 13.76 -12.26 24.64
C GLY F 86 12.68 -11.39 25.24
N GLU F 87 12.72 -10.09 24.94
CA GLU F 87 11.67 -9.18 25.40
C GLU F 87 10.31 -9.54 24.81
N ILE F 88 10.27 -9.91 23.52
CA ILE F 88 9.01 -10.26 22.89
C ILE F 88 8.44 -11.52 23.50
N ILE F 89 9.29 -12.53 23.70
CA ILE F 89 8.83 -13.79 24.28
C ILE F 89 8.33 -13.56 25.70
N LEU F 90 9.05 -12.76 26.49
CA LEU F 90 8.59 -12.45 27.84
C LEU F 90 7.28 -11.65 27.81
N ARG F 91 7.14 -10.75 26.83
CA ARG F 91 5.92 -9.97 26.71
C ARG F 91 4.73 -10.86 26.41
N TYR F 92 4.90 -11.83 25.52
CA TYR F 92 3.79 -12.73 25.21
C TYR F 92 3.53 -13.72 26.34
N THR F 93 4.58 -14.12 27.06
CA THR F 93 4.38 -14.93 28.27
C THR F 93 3.59 -14.16 29.31
N SER F 94 3.89 -12.87 29.48
CA SER F 94 3.12 -12.04 30.40
C SER F 94 1.69 -11.84 29.90
N TYR F 95 1.49 -11.77 28.58
CA TYR F 95 0.15 -11.73 28.04
C TYR F 95 -0.62 -13.00 28.41
N ALA F 96 0.03 -14.15 28.26
CA ALA F 96 -0.61 -15.42 28.64
C ALA F 96 -0.92 -15.46 30.12
N LEU F 97 0.02 -14.97 30.95
CA LEU F 97 -0.21 -14.95 32.40
C LEU F 97 -1.38 -14.05 32.76
N LEU F 98 -1.47 -12.87 32.13
CA LEU F 98 -2.58 -11.97 32.39
C LEU F 98 -3.90 -12.58 31.92
N ALA F 99 -3.89 -13.20 30.73
CA ALA F 99 -5.11 -13.79 30.19
C ALA F 99 -5.50 -15.07 30.90
N GLY F 100 -4.52 -15.78 31.46
CA GLY F 100 -4.76 -17.12 31.98
C GLY F 100 -4.80 -18.20 30.92
N ASP F 101 -4.51 -17.86 29.67
CA ASP F 101 -4.54 -18.81 28.57
C ASP F 101 -3.33 -18.54 27.67
N SER F 102 -2.79 -19.60 27.09
CA SER F 102 -1.61 -19.52 26.26
C SER F 102 -1.92 -19.27 24.79
N SER F 103 -3.20 -19.04 24.44
CA SER F 103 -3.56 -18.84 23.04
C SER F 103 -2.87 -17.63 22.45
N VAL F 104 -2.81 -16.53 23.20
CA VAL F 104 -2.13 -15.34 22.69
C VAL F 104 -0.66 -15.65 22.41
N LEU F 105 0.01 -16.30 23.36
CA LEU F 105 1.41 -16.64 23.19
C LEU F 105 1.61 -17.52 21.96
N GLU F 106 0.88 -18.64 21.90
CA GLU F 106 1.01 -19.56 20.77
C GLU F 106 0.78 -18.84 19.44
N ASP F 107 -0.42 -18.27 19.28
CA ASP F 107 -0.83 -17.72 18.00
C ASP F 107 0.05 -16.55 17.56
N ARG F 108 0.38 -15.64 18.47
CA ARG F 108 1.04 -14.40 18.07
C ARG F 108 2.54 -14.40 18.26
N CYS F 109 3.12 -15.43 18.88
CA CYS F 109 4.57 -15.47 19.01
C CYS F 109 5.17 -16.79 18.58
N LEU F 110 4.49 -17.92 18.86
CA LEU F 110 5.09 -19.23 18.63
C LEU F 110 4.73 -19.81 17.27
N ASN F 111 3.67 -19.30 16.63
CA ASN F 111 3.25 -19.81 15.33
C ASN F 111 4.30 -19.43 14.29
N GLY F 112 5.04 -20.42 13.83
CA GLY F 112 6.10 -20.19 12.86
C GLY F 112 7.41 -19.71 13.45
N LEU F 113 7.52 -19.61 14.77
CA LEU F 113 8.77 -19.18 15.38
C LEU F 113 9.89 -20.19 15.14
N LYS F 114 9.58 -21.48 15.25
CA LYS F 114 10.60 -22.50 15.02
C LYS F 114 11.12 -22.45 13.59
N GLU F 115 10.21 -22.39 12.60
CA GLU F 115 10.63 -22.33 11.21
C GLU F 115 11.40 -21.04 10.93
N THR F 116 10.94 -19.92 11.51
CA THR F 116 11.64 -18.65 11.32
C THR F 116 13.06 -18.72 11.88
N TYR F 117 13.22 -19.29 13.07
CA TYR F 117 14.55 -19.41 13.68
C TYR F 117 15.43 -20.35 12.89
N ILE F 118 14.85 -21.43 12.35
CA ILE F 118 15.62 -22.35 11.52
C ILE F 118 16.10 -21.65 10.26
N ALA F 119 15.23 -20.87 9.62
CA ALA F 119 15.61 -20.13 8.42
C ALA F 119 16.68 -19.09 8.74
N LEU F 120 16.58 -18.45 9.91
CA LEU F 120 17.56 -17.43 10.30
C LEU F 120 18.84 -18.03 10.83
N GLY F 121 18.85 -19.31 11.18
CA GLY F 121 19.99 -19.92 11.81
C GLY F 121 20.12 -19.66 13.29
N VAL F 122 19.06 -19.19 13.94
CA VAL F 122 19.05 -18.97 15.38
C VAL F 122 19.14 -20.31 16.07
N PRO F 123 20.14 -20.55 16.92
CA PRO F 123 20.30 -21.86 17.56
C PRO F 123 19.14 -22.13 18.52
N THR F 124 18.44 -23.24 18.30
CA THR F 124 17.31 -23.59 19.15
C THR F 124 17.76 -23.86 20.58
N ASN F 125 18.90 -24.54 20.75
CA ASN F 125 19.37 -24.87 22.09
C ASN F 125 19.61 -23.61 22.91
N SER F 126 20.31 -22.63 22.32
CA SER F 126 20.56 -21.39 23.05
C SER F 126 19.27 -20.61 23.29
N THR F 127 18.34 -20.64 22.33
CA THR F 127 17.07 -19.96 22.51
C THR F 127 16.30 -20.55 23.68
N VAL F 128 16.23 -21.88 23.77
CA VAL F 128 15.51 -22.48 24.89
C VAL F 128 16.27 -22.28 26.20
N ARG F 129 17.60 -22.19 26.15
CA ARG F 129 18.33 -21.88 27.37
C ARG F 129 17.99 -20.47 27.87
N ALA F 130 17.92 -19.50 26.97
CA ALA F 130 17.52 -18.15 27.35
C ALA F 130 16.09 -18.13 27.86
N VAL F 131 15.20 -18.87 27.20
CA VAL F 131 13.80 -18.92 27.63
C VAL F 131 13.70 -19.57 29.00
N SER F 132 14.54 -20.56 29.28
CA SER F 132 14.52 -21.23 30.58
C SER F 132 15.08 -20.33 31.67
N ILE F 133 16.10 -19.53 31.35
CA ILE F 133 16.58 -18.55 32.34
C ILE F 133 15.51 -17.50 32.60
N MET F 134 14.83 -17.04 31.55
CA MET F 134 13.68 -16.14 31.76
C MET F 134 12.61 -16.81 32.61
N LYS F 135 12.36 -18.09 32.38
CA LYS F 135 11.38 -18.82 33.18
C LYS F 135 11.78 -18.83 34.65
N SER F 136 13.04 -19.15 34.93
CA SER F 136 13.51 -19.18 36.32
C SER F 136 13.39 -17.80 36.97
N SER F 137 13.83 -16.76 36.25
CA SER F 137 13.78 -15.41 36.81
C SER F 137 12.34 -14.94 37.03
N ALA F 138 11.46 -15.18 36.05
CA ALA F 138 10.08 -14.76 36.18
C ALA F 138 9.38 -15.52 37.30
N VAL F 139 9.66 -16.82 37.44
CA VAL F 139 9.09 -17.60 38.52
C VAL F 139 9.56 -17.07 39.87
N ALA F 140 10.85 -16.72 39.97
CA ALA F 140 11.35 -16.14 41.21
C ALA F 140 10.69 -14.81 41.51
N PHE F 141 10.42 -14.01 40.47
CA PHE F 141 9.78 -12.72 40.68
C PHE F 141 8.32 -12.88 41.08
N ILE F 142 7.62 -13.86 40.52
CA ILE F 142 6.25 -14.15 40.95
C ILE F 142 6.24 -14.60 42.41
N SER F 143 7.16 -15.49 42.76
CA SER F 143 7.29 -15.97 44.13
C SER F 143 7.95 -14.97 45.06
N ASN F 144 8.42 -13.84 44.52
CA ASN F 144 9.13 -12.81 45.29
C ASN F 144 10.37 -13.40 45.96
N THR F 145 11.02 -14.32 45.26
CA THR F 145 12.25 -14.94 45.74
C THR F 145 13.48 -14.46 44.98
N ALA F 146 13.33 -13.41 44.17
CA ALA F 146 14.49 -12.82 43.50
C ALA F 146 15.46 -12.27 44.54
N SER F 147 16.74 -12.62 44.39
CA SER F 147 17.71 -12.31 45.43
C SER F 147 17.91 -10.80 45.58
N GLN F 148 17.95 -10.06 44.48
CA GLN F 148 18.35 -8.66 44.50
C GLN F 148 17.18 -7.69 44.50
N ARG F 149 15.95 -8.13 44.23
CA ARG F 149 14.82 -7.24 44.29
C ARG F 149 13.61 -7.96 44.84
N LYS F 150 12.87 -7.28 45.71
CA LYS F 150 11.64 -7.78 46.30
C LYS F 150 10.52 -6.79 46.03
N MET F 151 9.35 -7.31 45.69
CA MET F 151 8.16 -6.51 45.47
C MET F 151 7.15 -6.82 46.57
N ALA F 152 6.63 -5.78 47.22
CA ALA F 152 5.73 -5.96 48.34
C ALA F 152 4.38 -6.46 47.87
N THR F 153 3.95 -7.59 48.41
CA THR F 153 2.62 -8.13 48.16
C THR F 153 2.09 -8.69 49.47
N ALA F 154 0.77 -8.87 49.52
CA ALA F 154 0.17 -9.59 50.63
C ALA F 154 0.70 -11.02 50.64
N ASP F 155 1.00 -11.51 51.84
CA ASP F 155 1.55 -12.86 51.97
C ASP F 155 0.54 -13.89 51.48
N GLY F 156 1.04 -14.90 50.77
CA GLY F 156 0.18 -15.95 50.27
C GLY F 156 0.92 -16.84 49.30
N ASP F 157 0.15 -17.73 48.68
CA ASP F 157 0.70 -18.75 47.79
C ASP F 157 0.37 -18.38 46.36
N CYS F 158 1.40 -18.08 45.57
CA CYS F 158 1.26 -17.83 44.15
C CYS F 158 1.90 -18.94 43.32
N SER F 159 1.98 -20.15 43.89
CA SER F 159 2.60 -21.26 43.20
C SER F 159 1.84 -21.66 41.94
N ALA F 160 0.51 -21.48 41.93
CA ALA F 160 -0.25 -21.73 40.72
C ALA F 160 0.18 -20.79 39.60
N LEU F 161 0.40 -19.52 39.92
CA LEU F 161 0.87 -18.57 38.91
C LEU F 161 2.31 -18.84 38.51
N SER F 162 3.15 -19.27 39.46
CA SER F 162 4.51 -19.67 39.10
C SER F 162 4.49 -20.84 38.12
N SER F 163 3.65 -21.84 38.40
CA SER F 163 3.54 -22.98 37.50
C SER F 163 2.97 -22.56 36.15
N GLU F 164 2.04 -21.61 36.14
CA GLU F 164 1.51 -21.11 34.88
C GLU F 164 2.59 -20.42 34.05
N VAL F 165 3.40 -19.58 34.69
CA VAL F 165 4.50 -18.92 33.98
C VAL F 165 5.48 -19.96 33.45
N ALA F 166 5.82 -20.94 34.29
CA ALA F 166 6.74 -21.99 33.86
C ALA F 166 6.16 -22.79 32.69
N SER F 167 4.85 -23.05 32.71
CA SER F 167 4.24 -23.79 31.62
C SER F 167 4.20 -22.97 30.33
N TYR F 168 4.00 -21.66 30.44
CA TYR F 168 4.07 -20.81 29.25
C TYR F 168 5.46 -20.82 28.66
N CYS F 169 6.49 -20.69 29.50
CA CYS F 169 7.86 -20.75 29.02
C CYS F 169 8.20 -22.13 28.47
N ASP F 170 7.63 -23.19 29.04
CA ASP F 170 7.81 -24.52 28.51
C ASP F 170 7.15 -24.68 27.16
N LYS F 171 5.98 -24.07 26.96
CA LYS F 171 5.37 -24.05 25.64
C LYS F 171 6.27 -23.33 24.64
N VAL F 172 6.90 -22.23 25.07
CA VAL F 172 7.83 -21.54 24.20
C VAL F 172 9.00 -22.45 23.82
N SER F 173 9.60 -23.10 24.82
CA SER F 173 10.76 -23.95 24.57
C SER F 173 10.39 -25.14 23.67
N ALA F 174 9.22 -25.74 23.91
CA ALA F 174 8.80 -26.89 23.12
C ALA F 174 8.42 -26.49 21.70
N ALA F 175 7.90 -25.27 21.52
CA ALA F 175 7.55 -24.82 20.18
C ALA F 175 8.78 -24.71 19.29
N ILE F 176 9.93 -24.41 19.86
CA ILE F 176 11.15 -24.23 19.09
C ILE F 176 12.09 -25.41 19.26
N MET G 1 26.65 -3.67 2.48
CA MET G 1 27.88 -3.09 2.99
C MET G 1 28.15 -1.76 2.32
N LYS G 2 27.85 -0.67 3.02
CA LYS G 2 27.96 0.66 2.41
C LYS G 2 29.40 0.96 2.00
N SER G 3 29.57 1.35 0.75
CA SER G 3 30.85 1.75 0.18
C SER G 3 30.55 2.51 -1.10
N VAL G 4 31.58 3.07 -1.71
CA VAL G 4 31.38 3.75 -2.99
C VAL G 4 30.80 2.79 -4.02
N ILE G 5 31.45 1.64 -4.19
CA ILE G 5 31.01 0.69 -5.20
C ILE G 5 29.59 0.23 -4.94
N THR G 6 29.32 -0.20 -3.70
CA THR G 6 27.99 -0.72 -3.39
C THR G 6 26.93 0.38 -3.50
N THR G 7 27.27 1.60 -3.09
CA THR G 7 26.30 2.69 -3.20
C THR G 7 25.92 2.96 -4.64
N THR G 8 26.92 3.14 -5.53
CA THR G 8 26.59 3.45 -6.91
C THR G 8 25.97 2.27 -7.64
N ILE G 9 26.39 1.04 -7.33
CA ILE G 9 25.74 -0.12 -7.96
C ILE G 9 24.30 -0.25 -7.47
N SER G 10 24.05 0.03 -6.20
CA SER G 10 22.68 0.00 -5.69
C SER G 10 21.82 1.06 -6.36
N ALA G 11 22.37 2.26 -6.55
CA ALA G 11 21.63 3.30 -7.24
C ALA G 11 21.34 2.91 -8.68
N ALA G 12 22.32 2.30 -9.36
CA ALA G 12 22.10 1.84 -10.72
C ALA G 12 21.04 0.75 -10.77
N ASP G 13 21.09 -0.20 -9.83
CA ASP G 13 20.15 -1.31 -9.83
C ASP G 13 18.74 -0.86 -9.50
N ALA G 14 18.61 0.11 -8.59
CA ALA G 14 17.29 0.64 -8.26
C ALA G 14 16.61 1.23 -9.48
N ALA G 15 17.38 1.89 -10.34
CA ALA G 15 16.89 2.44 -11.58
C ALA G 15 17.00 1.46 -12.75
N GLY G 16 17.49 0.26 -12.50
CA GLY G 16 17.66 -0.74 -13.55
C GLY G 16 18.60 -0.26 -14.64
N ARG G 17 19.71 0.36 -14.24
CA ARG G 17 20.63 0.98 -15.17
C ARG G 17 21.94 0.20 -15.22
N PHE G 18 22.48 0.05 -16.43
CA PHE G 18 23.85 -0.38 -16.55
C PHE G 18 24.76 0.67 -15.90
N PRO G 19 25.93 0.25 -15.41
CA PRO G 19 26.89 1.24 -14.91
C PRO G 19 27.23 2.26 -16.00
N SER G 20 27.26 3.52 -15.59
CA SER G 20 27.47 4.62 -16.54
C SER G 20 28.66 5.45 -16.08
N SER G 21 28.84 6.63 -16.70
CA SER G 21 30.01 7.44 -16.41
C SER G 21 30.12 7.80 -14.93
N SER G 22 28.99 8.10 -14.29
CA SER G 22 29.02 8.49 -12.88
C SER G 22 29.52 7.35 -11.99
N ASP G 23 29.06 6.13 -12.25
CA ASP G 23 29.47 4.98 -11.42
C ASP G 23 30.96 4.70 -11.59
N LEU G 24 31.45 4.71 -12.82
CA LEU G 24 32.88 4.51 -13.05
C LEU G 24 33.68 5.62 -12.41
N GLU G 25 33.16 6.85 -12.43
CA GLU G 25 33.83 7.98 -11.81
C GLU G 25 33.94 7.81 -10.30
N SER G 26 32.85 7.35 -9.67
CA SER G 26 32.89 7.11 -8.23
C SER G 26 33.88 6.00 -7.89
N VAL G 27 33.94 4.95 -8.71
CA VAL G 27 34.93 3.90 -8.49
C VAL G 27 36.34 4.44 -8.69
N GLN G 28 36.51 5.42 -9.58
CA GLN G 28 37.80 6.09 -9.70
C GLN G 28 38.14 6.82 -8.42
N GLY G 29 37.14 7.40 -7.76
CA GLY G 29 37.37 7.98 -6.44
C GLY G 29 37.79 6.94 -5.42
N ASN G 30 37.18 5.76 -5.48
CA ASN G 30 37.66 4.61 -4.72
C ASN G 30 39.15 4.40 -4.94
N ILE G 31 39.56 4.36 -6.22
CA ILE G 31 40.96 4.13 -6.56
C ILE G 31 41.85 5.23 -5.98
N GLN G 32 41.38 6.48 -6.03
CA GLN G 32 42.21 7.60 -5.64
C GLN G 32 42.39 7.68 -4.12
N ARG G 33 41.31 7.47 -3.37
CA ARG G 33 41.36 7.57 -1.91
C ARG G 33 41.81 6.27 -1.24
N ALA G 34 41.90 5.18 -2.00
CA ALA G 34 42.26 3.89 -1.43
C ALA G 34 43.63 3.93 -0.79
N ALA G 35 44.58 4.67 -1.38
CA ALA G 35 45.93 4.71 -0.82
C ALA G 35 45.90 5.19 0.63
N SER G 36 45.24 6.32 0.89
CA SER G 36 45.18 6.86 2.24
C SER G 36 44.40 5.93 3.16
N ARG G 37 43.23 5.46 2.73
CA ARG G 37 42.43 4.68 3.68
C ARG G 37 43.06 3.32 3.96
N LEU G 38 43.73 2.72 2.97
CA LEU G 38 44.41 1.46 3.21
C LEU G 38 45.68 1.63 4.01
N GLU G 39 46.36 2.78 3.89
CA GLU G 39 47.46 3.05 4.80
C GLU G 39 46.96 3.15 6.23
N ALA G 40 45.85 3.84 6.45
CA ALA G 40 45.28 3.92 7.78
C ALA G 40 44.88 2.54 8.30
N ALA G 41 44.27 1.72 7.44
CA ALA G 41 43.89 0.38 7.84
C ALA G 41 45.10 -0.47 8.19
N GLU G 42 46.16 -0.39 7.39
CA GLU G 42 47.38 -1.15 7.68
C GLU G 42 48.00 -0.73 9.00
N LYS G 43 48.06 0.59 9.25
CA LYS G 43 48.62 1.07 10.51
C LYS G 43 47.79 0.60 11.69
N LEU G 44 46.46 0.71 11.59
CA LEU G 44 45.59 0.26 12.65
C LEU G 44 45.66 -1.26 12.83
N ALA G 45 45.67 -2.01 11.73
CA ALA G 45 45.70 -3.46 11.82
C ALA G 45 47.02 -3.95 12.42
N GLY G 46 48.13 -3.28 12.11
CA GLY G 46 49.41 -3.67 12.66
C GLY G 46 49.68 -3.17 14.06
N ASN G 47 48.82 -2.29 14.59
CA ASN G 47 49.05 -1.72 15.91
C ASN G 47 47.79 -1.71 16.76
N HIS G 48 46.84 -2.60 16.50
CA HIS G 48 45.54 -2.49 17.17
C HIS G 48 45.61 -2.90 18.63
N GLU G 49 46.55 -3.78 19.00
CA GLU G 49 46.66 -4.18 20.40
C GLU G 49 46.98 -2.98 21.29
N ALA G 50 48.02 -2.23 20.93
CA ALA G 50 48.40 -1.05 21.70
C ALA G 50 47.32 0.03 21.66
N VAL G 51 46.73 0.25 20.48
CA VAL G 51 45.71 1.29 20.35
C VAL G 51 44.49 0.96 21.21
N VAL G 52 44.06 -0.29 21.17
CA VAL G 52 42.90 -0.71 21.96
C VAL G 52 43.21 -0.64 23.45
N LYS G 53 44.42 -1.06 23.85
CA LYS G 53 44.80 -0.95 25.25
C LYS G 53 44.77 0.49 25.72
N GLU G 54 45.34 1.40 24.94
CA GLU G 54 45.35 2.82 25.31
C GLU G 54 43.94 3.39 25.37
N ALA G 55 43.10 3.03 24.41
CA ALA G 55 41.72 3.52 24.41
C ALA G 55 40.96 3.04 25.63
N GLY G 56 41.10 1.76 25.98
CA GLY G 56 40.42 1.25 27.15
C GLY G 56 40.93 1.85 28.44
N ASP G 57 42.25 2.04 28.52
CA ASP G 57 42.82 2.69 29.71
C ASP G 57 42.29 4.10 29.84
N ALA G 58 42.19 4.84 28.73
CA ALA G 58 41.63 6.18 28.77
C ALA G 58 40.17 6.17 29.18
N CYS G 59 39.41 5.19 28.68
CA CYS G 59 38.01 5.07 29.05
C CYS G 59 37.84 4.85 30.55
N PHE G 60 38.64 3.95 31.12
CA PHE G 60 38.50 3.66 32.55
C PHE G 60 39.12 4.76 33.40
N ALA G 61 40.11 5.48 32.89
CA ALA G 61 40.66 6.61 33.63
C ALA G 61 39.68 7.77 33.68
N LYS G 62 38.99 8.04 32.57
CA LYS G 62 38.01 9.12 32.56
C LYS G 62 36.77 8.76 33.36
N TYR G 63 36.44 7.47 33.45
CA TYR G 63 35.26 7.01 34.19
C TYR G 63 35.65 5.90 35.16
N PRO G 64 36.38 6.25 36.23
CA PRO G 64 36.71 5.23 37.23
C PRO G 64 35.49 4.66 37.94
N TYR G 65 34.35 5.35 37.91
CA TYR G 65 33.14 4.82 38.52
C TYR G 65 32.70 3.51 37.88
N LEU G 66 33.15 3.23 36.66
CA LEU G 66 32.82 1.96 36.02
C LEU G 66 33.31 0.77 36.85
N LYS G 67 34.35 0.97 37.65
CA LYS G 67 34.86 -0.12 38.49
C LYS G 67 33.96 -0.39 39.69
N ASN G 68 33.07 0.54 40.04
CA ASN G 68 32.24 0.38 41.21
C ASN G 68 31.26 -0.78 41.03
N PRO G 69 30.89 -1.47 42.11
CA PRO G 69 29.98 -2.61 41.99
C PRO G 69 28.65 -2.21 41.35
N GLY G 70 28.13 -3.11 40.52
CA GLY G 70 26.92 -2.84 39.77
C GLY G 70 27.11 -2.06 38.49
N GLU G 71 28.29 -1.51 38.25
CA GLU G 71 28.58 -0.78 37.03
C GLU G 71 29.28 -1.68 36.04
N ALA G 72 29.32 -1.23 34.78
CA ALA G 72 30.03 -1.96 33.75
C ALA G 72 31.53 -1.93 34.03
N GLY G 73 32.15 -3.09 34.09
CA GLY G 73 33.54 -3.17 34.47
C GLY G 73 33.79 -3.28 35.95
N ASP G 74 32.81 -3.75 36.73
CA ASP G 74 33.03 -4.00 38.15
C ASP G 74 33.67 -5.35 38.41
N SER G 75 33.93 -6.13 37.37
CA SER G 75 34.67 -7.37 37.46
C SER G 75 35.77 -7.35 36.40
N GLN G 76 36.78 -8.19 36.62
CA GLN G 76 37.89 -8.25 35.66
C GLN G 76 37.41 -8.75 34.30
N GLU G 77 36.48 -9.71 34.30
CA GLU G 77 35.92 -10.21 33.05
C GLU G 77 35.17 -9.10 32.30
N LYS G 78 34.45 -8.25 33.02
CA LYS G 78 33.74 -7.16 32.36
C LYS G 78 34.70 -6.12 31.80
N ILE G 79 35.81 -5.86 32.51
CA ILE G 79 36.84 -4.98 31.97
C ILE G 79 37.45 -5.57 30.70
N ASN G 80 37.71 -6.88 30.72
CA ASN G 80 38.21 -7.55 29.52
C ASN G 80 37.20 -7.44 28.39
N LYS G 81 35.91 -7.55 28.70
CA LYS G 81 34.89 -7.37 27.68
C LYS G 81 34.85 -5.94 27.15
N CYS G 82 35.14 -4.96 28.00
CA CYS G 82 35.23 -3.58 27.54
C CYS G 82 36.37 -3.41 26.54
N TYR G 83 37.54 -3.94 26.88
CA TYR G 83 38.66 -3.86 25.95
C TYR G 83 38.38 -4.66 24.68
N ARG G 84 37.68 -5.78 24.81
CA ARG G 84 37.28 -6.57 23.65
C ARG G 84 36.30 -5.79 22.78
N ASP G 85 35.41 -5.01 23.39
CA ASP G 85 34.49 -4.17 22.63
C ASP G 85 35.24 -3.09 21.87
N ILE G 86 36.22 -2.47 22.52
CA ILE G 86 37.05 -1.48 21.82
C ILE G 86 37.83 -2.15 20.69
N ASP G 87 38.29 -3.38 20.91
CA ASP G 87 38.89 -4.17 19.83
C ASP G 87 37.91 -4.37 18.69
N HIS G 88 36.67 -4.73 19.00
CA HIS G 88 35.66 -4.94 17.96
C HIS G 88 35.46 -3.67 17.15
N TYR G 89 35.34 -2.53 17.84
CA TYR G 89 35.13 -1.27 17.15
C TYR G 89 36.34 -0.88 16.31
N MET G 90 37.55 -1.09 16.83
CA MET G 90 38.74 -0.76 16.06
C MET G 90 38.87 -1.67 14.84
N ARG G 91 38.50 -2.94 14.98
CA ARG G 91 38.48 -3.85 13.84
C ARG G 91 37.43 -3.44 12.82
N LEU G 92 36.27 -3.00 13.28
CA LEU G 92 35.25 -2.51 12.36
C LEU G 92 35.70 -1.23 11.67
N ILE G 93 36.48 -0.40 12.35
CA ILE G 93 37.05 0.79 11.73
C ILE G 93 38.09 0.40 10.68
N ASN G 94 38.90 -0.61 10.99
CA ASN G 94 39.83 -1.16 9.99
C ASN G 94 39.08 -1.68 8.78
N TYR G 95 37.95 -2.36 9.03
CA TYR G 95 37.10 -2.83 7.94
C TYR G 95 36.52 -1.67 7.14
N SER G 96 36.13 -0.59 7.82
CA SER G 96 35.58 0.57 7.12
C SER G 96 36.64 1.24 6.26
N LEU G 97 37.87 1.34 6.77
CA LEU G 97 38.96 1.91 6.00
C LEU G 97 39.28 1.05 4.78
N VAL G 98 39.26 -0.28 4.96
CA VAL G 98 39.51 -1.17 3.83
C VAL G 98 38.39 -1.06 2.80
N VAL G 99 37.14 -1.12 3.28
CA VAL G 99 35.97 -1.02 2.42
C VAL G 99 35.87 0.35 1.78
N GLY G 100 36.27 1.39 2.50
CA GLY G 100 36.07 2.74 2.02
C GLY G 100 34.72 3.33 2.38
N GLY G 101 33.96 2.66 3.23
CA GLY G 101 32.66 3.16 3.64
C GLY G 101 32.32 2.66 5.03
N THR G 102 31.32 3.28 5.62
CA THR G 102 30.92 2.98 7.00
C THR G 102 30.11 1.69 7.11
N GLY G 103 29.96 0.95 6.03
CA GLY G 103 29.13 -0.24 6.00
C GLY G 103 29.44 -1.27 7.08
N PRO G 104 30.71 -1.64 7.24
CA PRO G 104 31.05 -2.59 8.33
C PRO G 104 30.64 -2.08 9.69
N LEU G 105 30.98 -0.83 10.01
CA LEU G 105 30.55 -0.24 11.28
C LEU G 105 29.04 -0.24 11.39
N ASP G 106 28.36 0.27 10.35
CA ASP G 106 26.91 0.39 10.38
C ASP G 106 26.24 -0.94 10.67
N GLU G 107 26.70 -2.00 10.01
CA GLU G 107 26.03 -3.28 10.10
C GLU G 107 26.47 -4.13 11.29
N TRP G 108 27.68 -3.93 11.81
CA TRP G 108 28.21 -4.85 12.80
C TRP G 108 28.45 -4.24 14.18
N GLY G 109 28.57 -2.92 14.30
CA GLY G 109 28.78 -2.34 15.61
C GLY G 109 27.74 -1.32 15.99
N ILE G 110 27.12 -0.67 15.00
CA ILE G 110 26.23 0.44 15.28
C ILE G 110 24.76 0.01 15.28
N ALA G 111 24.37 -0.92 14.39
CA ALA G 111 22.97 -1.14 14.07
C ALA G 111 22.12 -1.34 15.32
N GLY G 112 22.56 -2.22 16.22
CA GLY G 112 21.84 -2.45 17.46
C GLY G 112 22.53 -2.00 18.72
N ALA G 113 23.58 -1.19 18.62
CA ALA G 113 24.39 -0.86 19.80
C ALA G 113 23.59 -0.10 20.84
N ARG G 114 22.66 0.76 20.41
CA ARG G 114 21.84 1.50 21.37
C ARG G 114 21.08 0.56 22.29
N GLU G 115 20.35 -0.39 21.72
CA GLU G 115 19.55 -1.31 22.52
C GLU G 115 20.43 -2.23 23.36
N VAL G 116 21.54 -2.70 22.79
CA VAL G 116 22.44 -3.58 23.52
C VAL G 116 23.01 -2.86 24.75
N TYR G 117 23.49 -1.64 24.55
CA TYR G 117 24.13 -0.92 25.65
C TYR G 117 23.11 -0.45 26.67
N ARG G 118 21.88 -0.15 26.25
CA ARG G 118 20.83 0.15 27.21
C ARG G 118 20.47 -1.07 28.04
N ALA G 119 20.38 -2.24 27.40
CA ALA G 119 20.00 -3.45 28.11
C ALA G 119 21.08 -3.87 29.10
N LEU G 120 22.35 -3.69 28.74
CA LEU G 120 23.47 -4.14 29.56
C LEU G 120 24.08 -3.03 30.40
N ASN G 121 23.43 -1.86 30.46
CA ASN G 121 23.89 -0.74 31.27
C ASN G 121 25.32 -0.34 30.89
N LEU G 122 25.57 -0.25 29.59
CA LEU G 122 26.89 0.15 29.10
C LEU G 122 26.78 1.59 28.61
N PRO G 123 27.29 2.57 29.37
CA PRO G 123 27.17 3.97 28.94
C PRO G 123 27.95 4.21 27.66
N GLY G 124 27.28 4.82 26.67
CA GLY G 124 27.95 5.18 25.45
C GLY G 124 29.08 6.16 25.64
N SER G 125 29.07 6.88 26.76
CA SER G 125 30.13 7.85 27.05
C SER G 125 31.48 7.17 27.23
N SER G 126 31.50 5.93 27.72
CA SER G 126 32.77 5.22 27.89
C SER G 126 33.39 4.86 26.54
N TYR G 127 32.57 4.32 25.63
CA TYR G 127 33.04 4.07 24.27
C TYR G 127 33.49 5.37 23.62
N ILE G 128 32.72 6.44 23.82
CA ILE G 128 33.07 7.73 23.25
C ILE G 128 34.41 8.21 23.80
N ALA G 129 34.65 7.98 25.10
CA ALA G 129 35.93 8.37 25.68
C ALA G 129 37.08 7.61 25.04
N ALA G 130 36.90 6.29 24.86
CA ALA G 130 37.94 5.49 24.21
C ALA G 130 38.22 6.00 22.79
N PHE G 131 37.17 6.27 22.02
CA PHE G 131 37.37 6.66 20.63
C PHE G 131 37.87 8.09 20.49
N VAL G 132 37.42 9.00 21.36
CA VAL G 132 37.93 10.36 21.35
C VAL G 132 39.40 10.38 21.72
N PHE G 133 39.80 9.58 22.72
CA PHE G 133 41.21 9.47 23.04
C PHE G 133 41.99 8.95 21.84
N THR G 134 41.49 7.89 21.18
CA THR G 134 42.19 7.34 20.03
C THR G 134 42.33 8.38 18.92
N ARG G 135 41.27 9.14 18.66
CA ARG G 135 41.32 10.17 17.63
C ARG G 135 42.31 11.27 17.99
N ASP G 136 42.32 11.72 19.24
CA ASP G 136 43.25 12.74 19.68
C ASP G 136 44.66 12.21 19.86
N ARG G 137 44.82 10.90 20.05
CA ARG G 137 46.14 10.32 20.26
C ARG G 137 46.93 10.26 18.96
N LEU G 138 46.24 10.12 17.83
CA LEU G 138 46.90 9.97 16.54
C LEU G 138 47.66 11.23 16.17
N CYS G 139 48.92 11.05 15.76
CA CYS G 139 49.80 12.16 15.43
C CYS G 139 50.31 12.00 14.00
N VAL G 140 50.39 13.13 13.29
CA VAL G 140 50.83 13.16 11.90
C VAL G 140 52.16 13.91 11.83
N PRO G 141 53.16 13.40 11.08
CA PRO G 141 53.19 12.14 10.32
C PRO G 141 53.73 10.98 11.15
N ARG G 142 53.71 11.11 12.48
CA ARG G 142 54.32 10.11 13.36
C ARG G 142 53.68 8.75 13.19
N ASP G 143 52.35 8.69 13.20
CA ASP G 143 51.63 7.41 13.13
C ASP G 143 51.05 7.18 11.74
N MET G 144 50.62 8.22 11.05
CA MET G 144 49.96 8.10 9.76
C MET G 144 50.31 9.29 8.88
N SER G 145 50.14 9.10 7.57
CA SER G 145 50.14 10.24 6.67
C SER G 145 48.89 11.08 6.92
N ALA G 146 48.95 12.33 6.44
CA ALA G 146 47.88 13.28 6.73
C ALA G 146 46.52 12.75 6.27
N GLN G 147 46.46 12.20 5.06
CA GLN G 147 45.18 11.76 4.51
C GLN G 147 44.75 10.43 5.15
N ALA G 148 45.72 9.57 5.48
CA ALA G 148 45.40 8.38 6.26
C ALA G 148 44.82 8.76 7.61
N ALA G 149 45.41 9.79 8.23
CA ALA G 149 44.87 10.31 9.49
C ALA G 149 43.47 10.86 9.29
N VAL G 150 43.22 11.51 8.15
CA VAL G 150 41.90 12.06 7.86
C VAL G 150 40.88 10.93 7.82
N GLU G 151 41.21 9.85 7.10
CA GLU G 151 40.29 8.72 7.01
C GLU G 151 40.09 8.04 8.36
N PHE G 152 41.16 7.82 9.10
CA PHE G 152 41.06 7.17 10.41
C PHE G 152 40.22 8.00 11.38
N SER G 153 40.50 9.30 11.45
CA SER G 153 39.71 10.18 12.31
C SER G 153 38.27 10.31 11.82
N GLY G 154 38.05 10.21 10.51
CA GLY G 154 36.68 10.22 10.01
C GLY G 154 35.90 9.00 10.47
N ALA G 155 36.51 7.83 10.42
CA ALA G 155 35.85 6.63 10.93
C ALA G 155 35.62 6.72 12.44
N LEU G 156 36.61 7.25 13.17
CA LEU G 156 36.45 7.40 14.62
C LEU G 156 35.34 8.40 14.95
N ASP G 157 35.28 9.51 14.23
CA ASP G 157 34.22 10.47 14.43
C ASP G 157 32.87 9.90 14.04
N TYR G 158 32.83 9.05 13.02
CA TYR G 158 31.59 8.40 12.64
C TYR G 158 31.06 7.52 13.77
N VAL G 159 31.92 6.71 14.36
CA VAL G 159 31.45 5.85 15.46
C VAL G 159 31.10 6.69 16.68
N ILE G 160 31.86 7.75 16.94
CA ILE G 160 31.54 8.65 18.05
C ILE G 160 30.17 9.27 17.87
N ASN G 161 29.87 9.74 16.65
CA ASN G 161 28.57 10.35 16.38
C ASN G 161 27.46 9.31 16.39
N SER G 162 27.77 8.06 16.04
CA SER G 162 26.80 6.99 16.21
C SER G 162 26.48 6.76 17.69
N LEU G 163 27.46 7.00 18.57
CA LEU G 163 27.21 6.88 20.00
C LEU G 163 26.67 8.16 20.62
N CYS G 164 26.80 9.29 19.95
CA CYS G 164 26.31 10.56 20.47
C CYS G 164 24.86 10.82 20.06
N MET H 1 17.71 16.48 -7.77
CA MET H 1 18.54 17.55 -7.21
C MET H 1 19.63 17.96 -8.19
N LEU H 2 20.19 19.15 -7.99
CA LEU H 2 21.27 19.67 -8.82
C LEU H 2 22.51 19.86 -7.97
N ASP H 3 23.68 19.62 -8.57
CA ASP H 3 24.94 20.05 -8.00
C ASP H 3 25.40 21.31 -8.73
N ALA H 4 26.63 21.75 -8.46
CA ALA H 4 27.13 22.94 -9.13
C ALA H 4 27.24 22.73 -10.64
N PHE H 5 27.72 21.56 -11.06
CA PHE H 5 27.84 21.27 -12.49
C PHE H 5 26.47 21.21 -13.16
N SER H 6 25.53 20.53 -12.53
CA SER H 6 24.17 20.49 -13.09
C SER H 6 23.51 21.84 -13.05
N ARG H 7 23.82 22.67 -12.05
CA ARG H 7 23.35 24.04 -12.05
C ARG H 7 23.87 24.81 -13.25
N VAL H 8 25.16 24.64 -13.56
CA VAL H 8 25.75 25.30 -14.72
C VAL H 8 25.06 24.83 -16.01
N VAL H 9 24.84 23.52 -16.14
CA VAL H 9 24.22 23.04 -17.38
C VAL H 9 22.77 23.50 -17.47
N VAL H 10 22.05 23.58 -16.34
CA VAL H 10 20.68 24.07 -16.37
C VAL H 10 20.64 25.52 -16.82
N ASN H 11 21.55 26.34 -16.30
CA ASN H 11 21.65 27.72 -16.77
C ASN H 11 21.99 27.77 -18.26
N SER H 12 22.90 26.91 -18.71
CA SER H 12 23.25 26.85 -20.11
C SER H 12 22.09 26.37 -20.97
N ASP H 13 21.28 25.46 -20.43
CA ASP H 13 20.16 24.92 -21.20
C ASP H 13 19.06 25.96 -21.42
N SER H 14 18.98 26.96 -20.53
CA SER H 14 17.95 27.99 -20.68
C SER H 14 18.11 28.77 -21.98
N LYS H 15 19.33 28.85 -22.51
CA LYS H 15 19.59 29.54 -23.76
C LYS H 15 20.03 28.58 -24.87
N ALA H 16 19.80 27.28 -24.68
CA ALA H 16 20.22 26.25 -25.64
C ALA H 16 21.69 26.39 -25.99
N ALA H 17 22.50 26.74 -24.99
CA ALA H 17 23.91 26.99 -25.18
C ALA H 17 24.72 25.82 -24.65
N TYR H 18 25.75 25.44 -25.41
CA TYR H 18 26.77 24.56 -24.86
C TYR H 18 27.47 25.27 -23.71
N VAL H 19 27.96 24.47 -22.75
CA VAL H 19 28.56 25.05 -21.56
C VAL H 19 29.73 25.94 -21.96
N SER H 20 29.64 27.22 -21.65
CA SER H 20 30.58 28.22 -22.12
C SER H 20 31.94 28.05 -21.44
N GLY H 21 32.95 28.70 -22.03
CA GLY H 21 34.29 28.62 -21.47
C GLY H 21 34.38 29.23 -20.08
N SER H 22 33.63 30.31 -19.84
CA SER H 22 33.64 30.92 -18.51
C SER H 22 32.99 30.01 -17.48
N ASP H 23 31.84 29.41 -17.81
CA ASP H 23 31.20 28.46 -16.91
C ASP H 23 32.09 27.23 -16.71
N LEU H 24 32.75 26.79 -17.79
CA LEU H 24 33.70 25.69 -17.66
C LEU H 24 34.82 26.04 -16.70
N GLN H 25 35.36 27.26 -16.80
CA GLN H 25 36.43 27.68 -15.91
C GLN H 25 35.96 27.76 -14.46
N ALA H 26 34.73 28.25 -14.24
CA ALA H 26 34.18 28.25 -12.89
C ALA H 26 34.07 26.84 -12.33
N LEU H 27 33.68 25.88 -13.18
CA LEU H 27 33.60 24.49 -12.72
C LEU H 27 34.98 23.89 -12.49
N LYS H 28 35.98 24.27 -13.29
CA LYS H 28 37.35 23.83 -13.00
C LYS H 28 37.84 24.41 -11.67
N THR H 29 37.43 25.64 -11.36
CA THR H 29 37.75 26.20 -10.05
C THR H 29 37.06 25.41 -8.94
N PHE H 30 35.79 25.04 -9.16
CA PHE H 30 35.10 24.17 -8.22
C PHE H 30 35.86 22.86 -8.00
N ILE H 31 36.36 22.27 -9.09
CA ILE H 31 37.11 21.02 -8.98
C ILE H 31 38.42 21.22 -8.25
N ALA H 32 39.14 22.31 -8.56
CA ALA H 32 40.43 22.56 -7.92
C ALA H 32 40.27 22.82 -6.43
N ASP H 33 39.14 23.39 -6.03
CA ASP H 33 38.79 23.54 -4.62
C ASP H 33 38.06 22.31 -4.08
N GLY H 34 37.96 21.25 -4.87
CA GLY H 34 37.18 20.10 -4.46
C GLY H 34 37.69 19.44 -3.20
N ASN H 35 39.02 19.36 -3.04
CA ASN H 35 39.58 18.79 -1.83
C ASN H 35 39.24 19.64 -0.60
N LYS H 36 39.31 20.97 -0.74
CA LYS H 36 38.91 21.84 0.35
C LYS H 36 37.42 21.68 0.66
N ARG H 37 36.60 21.52 -0.38
CA ARG H 37 35.18 21.30 -0.15
C ARG H 37 34.94 20.01 0.61
N LEU H 38 35.66 18.94 0.24
CA LEU H 38 35.53 17.67 0.96
C LEU H 38 35.98 17.81 2.40
N ASP H 39 37.06 18.56 2.64
CA ASP H 39 37.49 18.81 4.01
C ASP H 39 36.45 19.59 4.79
N ALA H 40 35.80 20.56 4.15
CA ALA H 40 34.75 21.34 4.81
C ALA H 40 33.57 20.44 5.20
N VAL H 41 33.11 19.62 4.25
CA VAL H 41 32.01 18.71 4.54
C VAL H 41 32.40 17.76 5.67
N ASN H 42 33.63 17.22 5.61
CA ASN H 42 34.10 16.31 6.64
C ASN H 42 34.14 16.99 8.01
N SER H 43 34.59 18.25 8.05
CA SER H 43 34.62 18.98 9.31
C SER H 43 33.20 19.18 9.86
N ILE H 44 32.24 19.44 8.97
CA ILE H 44 30.85 19.60 9.44
C ILE H 44 30.30 18.27 9.94
N VAL H 45 30.44 17.20 9.15
CA VAL H 45 29.80 15.95 9.50
C VAL H 45 30.48 15.28 10.69
N SER H 46 31.80 15.44 10.82
CA SER H 46 32.49 14.85 11.96
C SER H 46 32.12 15.54 13.27
N ASN H 47 31.49 16.71 13.20
CA ASN H 47 31.05 17.44 14.38
C ASN H 47 29.56 17.71 14.34
N ALA H 48 28.79 16.94 13.56
CA ALA H 48 27.38 17.23 13.36
C ALA H 48 26.59 17.13 14.67
N SER H 49 26.87 16.10 15.47
CA SER H 49 26.15 15.92 16.72
C SER H 49 26.37 17.11 17.65
N CYS H 50 27.64 17.51 17.82
CA CYS H 50 27.93 18.64 18.69
C CYS H 50 27.37 19.94 18.12
N ILE H 51 27.42 20.12 16.81
CA ILE H 51 26.86 21.33 16.20
C ILE H 51 25.37 21.43 16.50
N VAL H 52 24.63 20.34 16.25
CA VAL H 52 23.18 20.38 16.43
C VAL H 52 22.82 20.53 17.89
N SER H 53 23.46 19.75 18.76
CA SER H 53 23.16 19.82 20.18
C SER H 53 23.49 21.20 20.74
N ASP H 54 24.64 21.77 20.35
CA ASP H 54 25.02 23.09 20.80
C ASP H 54 24.04 24.14 20.31
N ALA H 55 23.59 24.03 19.06
CA ALA H 55 22.65 25.02 18.54
C ALA H 55 21.31 24.97 19.27
N VAL H 56 20.80 23.75 19.49
CA VAL H 56 19.52 23.63 20.19
C VAL H 56 19.65 24.10 21.63
N SER H 57 20.76 23.73 22.29
CA SER H 57 20.98 24.16 23.68
C SER H 57 21.13 25.66 23.78
N GLY H 58 21.83 26.29 22.83
CA GLY H 58 21.96 27.73 22.84
C GLY H 58 20.65 28.44 22.56
N MET H 59 19.86 27.91 21.64
CA MET H 59 18.54 28.47 21.38
C MET H 59 17.66 28.40 22.61
N ILE H 60 17.71 27.27 23.34
CA ILE H 60 16.90 27.12 24.54
C ILE H 60 17.42 28.01 25.66
N CYS H 61 18.75 28.09 25.83
CA CYS H 61 19.30 28.89 26.91
C CYS H 61 19.03 30.38 26.69
N GLU H 62 19.10 30.84 25.44
CA GLU H 62 18.76 32.21 25.14
C GLU H 62 17.25 32.46 25.17
N ASN H 63 16.44 31.43 24.99
CA ASN H 63 14.98 31.54 25.02
C ASN H 63 14.43 30.47 25.94
N PRO H 64 14.49 30.68 27.26
CA PRO H 64 14.04 29.64 28.20
C PRO H 64 12.56 29.31 28.08
N GLY H 65 11.75 30.17 27.45
CA GLY H 65 10.34 29.86 27.27
C GLY H 65 10.08 28.64 26.42
N LEU H 66 11.06 28.18 25.66
CA LEU H 66 10.88 27.00 24.82
C LEU H 66 10.69 25.74 25.66
N ILE H 67 11.38 25.65 26.79
CA ILE H 67 11.28 24.46 27.64
C ILE H 67 10.25 24.63 28.74
N ALA H 68 9.56 25.76 28.80
CA ALA H 68 8.44 25.94 29.70
C ALA H 68 7.21 25.22 29.17
N PRO H 69 6.24 24.91 30.02
CA PRO H 69 5.00 24.32 29.53
C PRO H 69 4.35 25.20 28.49
N GLY H 70 3.92 24.58 27.38
CA GLY H 70 3.45 25.29 26.23
C GLY H 70 4.54 25.69 25.25
N GLY H 71 5.79 25.69 25.68
CA GLY H 71 6.89 25.91 24.77
C GLY H 71 7.07 24.74 23.80
N ASN H 72 7.67 25.04 22.65
CA ASN H 72 7.77 24.04 21.60
C ASN H 72 8.91 23.05 21.83
N CYS H 73 9.73 23.26 22.85
CA CYS H 73 10.74 22.27 23.22
C CYS H 73 10.46 21.69 24.61
N TYR H 74 9.20 21.73 25.05
CA TYR H 74 8.90 21.43 26.45
C TYR H 74 9.16 19.96 26.77
N THR H 75 8.41 19.06 26.17
CA THR H 75 8.56 17.65 26.55
C THR H 75 9.78 17.03 25.87
N ASN H 76 10.11 15.81 26.31
CA ASN H 76 11.21 15.08 25.68
C ASN H 76 10.91 14.76 24.23
N ARG H 77 9.64 14.52 23.88
CA ARG H 77 9.29 14.28 22.49
C ARG H 77 9.54 15.53 21.65
N ARG H 78 9.14 16.70 22.15
CA ARG H 78 9.36 17.94 21.40
C ARG H 78 10.83 18.28 21.31
N MET H 79 11.59 18.05 22.39
CA MET H 79 13.03 18.26 22.35
C MET H 79 13.70 17.32 21.35
N ALA H 80 13.29 16.05 21.33
CA ALA H 80 13.85 15.12 20.37
C ALA H 80 13.51 15.52 18.95
N ALA H 81 12.29 15.99 18.72
CA ALA H 81 11.90 16.48 17.41
C ALA H 81 12.72 17.69 17.00
N CYS H 82 12.98 18.60 17.95
CA CYS H 82 13.79 19.77 17.65
C CYS H 82 15.23 19.39 17.32
N LEU H 83 15.81 18.47 18.09
CA LEU H 83 17.17 18.00 17.79
C LEU H 83 17.21 17.28 16.45
N ARG H 84 16.18 16.50 16.15
CA ARG H 84 16.11 15.81 14.86
C ARG H 84 15.98 16.80 13.72
N ASP H 85 15.20 17.88 13.91
CA ASP H 85 15.09 18.89 12.87
C ASP H 85 16.40 19.64 12.67
N GLY H 86 17.10 19.94 13.77
CA GLY H 86 18.43 20.53 13.63
C GLY H 86 19.39 19.63 12.89
N GLU H 87 19.36 18.33 13.21
CA GLU H 87 20.20 17.37 12.50
C GLU H 87 19.82 17.29 11.02
N ILE H 88 18.52 17.31 10.72
CA ILE H 88 18.07 17.22 9.33
C ILE H 88 18.51 18.45 8.55
N ILE H 89 18.34 19.63 9.14
CA ILE H 89 18.72 20.87 8.48
C ILE H 89 20.22 20.89 8.25
N LEU H 90 21.01 20.48 9.25
CA LEU H 90 22.46 20.42 9.07
C LEU H 90 22.84 19.39 8.02
N ARG H 91 22.12 18.27 7.96
CA ARG H 91 22.40 17.24 6.97
C ARG H 91 22.16 17.77 5.56
N TYR H 92 21.07 18.52 5.36
CA TYR H 92 20.81 19.05 4.04
C TYR H 92 21.73 20.21 3.70
N THR H 93 22.14 20.99 4.71
CA THR H 93 23.16 22.01 4.49
C THR H 93 24.48 21.37 4.06
N SER H 94 24.85 20.26 4.69
CA SER H 94 26.05 19.54 4.29
C SER H 94 25.89 18.93 2.90
N TYR H 95 24.69 18.50 2.55
CA TYR H 95 24.42 18.06 1.18
C TYR H 95 24.67 19.18 0.20
N ALA H 96 24.16 20.38 0.50
CA ALA H 96 24.38 21.53 -0.37
C ALA H 96 25.86 21.87 -0.47
N LEU H 97 26.58 21.81 0.67
CA LEU H 97 28.01 22.10 0.66
C LEU H 97 28.77 21.09 -0.19
N LEU H 98 28.43 19.81 -0.07
CA LEU H 98 29.07 18.79 -0.89
C LEU H 98 28.74 18.98 -2.37
N ALA H 99 27.49 19.28 -2.68
CA ALA H 99 27.07 19.44 -4.07
C ALA H 99 27.56 20.76 -4.64
N GLY H 100 27.78 21.76 -3.81
CA GLY H 100 28.06 23.10 -4.29
C GLY H 100 26.84 23.85 -4.76
N ASP H 101 25.64 23.31 -4.52
CA ASP H 101 24.40 23.94 -4.94
C ASP H 101 23.34 23.71 -3.87
N SER H 102 22.51 24.71 -3.65
CA SER H 102 21.45 24.64 -2.64
C SER H 102 20.19 23.94 -3.14
N SER H 103 20.24 23.34 -4.33
CA SER H 103 19.05 22.69 -4.87
C SER H 103 18.55 21.59 -3.95
N VAL H 104 19.45 20.73 -3.48
CA VAL H 104 19.04 19.63 -2.60
C VAL H 104 18.41 20.19 -1.33
N LEU H 105 19.06 21.18 -0.72
CA LEU H 105 18.54 21.76 0.52
C LEU H 105 17.15 22.34 0.31
N GLU H 106 17.01 23.22 -0.68
CA GLU H 106 15.71 23.83 -0.95
C GLU H 106 14.65 22.77 -1.20
N ASP H 107 14.85 21.95 -2.23
CA ASP H 107 13.81 21.03 -2.68
C ASP H 107 13.44 20.01 -1.61
N ARG H 108 14.42 19.43 -0.91
CA ARG H 108 14.15 18.31 -0.05
C ARG H 108 14.03 18.68 1.43
N CYS H 109 14.32 19.91 1.81
CA CYS H 109 14.14 20.28 3.22
C CYS H 109 13.34 21.56 3.39
N LEU H 110 13.51 22.54 2.52
CA LEU H 110 12.90 23.85 2.73
C LEU H 110 11.56 23.99 2.06
N ASN H 111 11.24 23.14 1.09
CA ASN H 111 9.97 23.21 0.39
C ASN H 111 8.84 22.81 1.34
N GLY H 112 8.04 23.79 1.75
CA GLY H 112 6.97 23.54 2.68
C GLY H 112 7.38 23.50 4.13
N LEU H 113 8.65 23.76 4.45
CA LEU H 113 9.08 23.74 5.84
C LEU H 113 8.43 24.88 6.63
N LYS H 114 8.32 26.07 6.03
CA LYS H 114 7.70 27.20 6.73
C LYS H 114 6.24 26.91 7.04
N GLU H 115 5.48 26.43 6.05
CA GLU H 115 4.08 26.11 6.26
C GLU H 115 3.93 24.98 7.28
N THR H 116 4.79 23.97 7.20
CA THR H 116 4.74 22.87 8.16
C THR H 116 4.99 23.36 9.58
N TYR H 117 5.98 24.23 9.76
CA TYR H 117 6.28 24.76 11.08
C TYR H 117 5.15 25.64 11.59
N ILE H 118 4.53 26.41 10.69
CA ILE H 118 3.39 27.24 11.09
C ILE H 118 2.24 26.36 11.56
N ALA H 119 1.95 25.29 10.81
CA ALA H 119 0.89 24.37 11.20
C ALA H 119 1.20 23.69 12.52
N LEU H 120 2.46 23.34 12.75
CA LEU H 120 2.86 22.68 13.99
C LEU H 120 3.01 23.64 15.15
N GLY H 121 3.06 24.94 14.88
CA GLY H 121 3.32 25.91 15.93
C GLY H 121 4.78 26.04 16.31
N VAL H 122 5.69 25.54 15.50
CA VAL H 122 7.12 25.68 15.77
C VAL H 122 7.50 27.16 15.64
N PRO H 123 8.13 27.77 16.65
CA PRO H 123 8.44 29.21 16.57
C PRO H 123 9.50 29.47 15.52
N THR H 124 9.16 30.31 14.54
CA THR H 124 10.11 30.62 13.48
C THR H 124 11.33 31.35 14.02
N ASN H 125 11.14 32.26 14.97
CA ASN H 125 12.27 33.00 15.53
C ASN H 125 13.27 32.07 16.20
N SER H 126 12.78 31.15 17.02
CA SER H 126 13.67 30.19 17.68
C SER H 126 14.31 29.25 16.67
N THR H 127 13.57 28.86 15.64
CA THR H 127 14.13 27.99 14.61
C THR H 127 15.28 28.67 13.89
N VAL H 128 15.10 29.94 13.50
CA VAL H 128 16.19 30.64 12.83
C VAL H 128 17.34 30.91 13.79
N ARG H 129 17.06 31.10 15.08
CA ARG H 129 18.15 31.25 16.04
C ARG H 129 19.00 29.98 16.12
N ALA H 130 18.33 28.82 16.17
CA ALA H 130 19.06 27.55 16.17
C ALA H 130 19.83 27.36 14.88
N VAL H 131 19.21 27.71 13.74
CA VAL H 131 19.88 27.59 12.45
C VAL H 131 21.08 28.52 12.39
N SER H 132 20.99 29.70 13.00
CA SER H 132 22.11 30.64 12.98
C SER H 132 23.23 30.18 13.90
N ILE H 133 22.90 29.56 15.03
CA ILE H 133 23.95 28.98 15.87
C ILE H 133 24.62 27.82 15.15
N MET H 134 23.84 26.99 14.45
CA MET H 134 24.44 25.95 13.61
C MET H 134 25.32 26.56 12.54
N LYS H 135 24.88 27.67 11.94
CA LYS H 135 25.69 28.34 10.93
C LYS H 135 27.02 28.79 11.51
N SER H 136 26.99 29.42 12.69
CA SER H 136 28.22 29.90 13.31
C SER H 136 29.15 28.75 13.65
N SER H 137 28.61 27.67 14.24
CA SER H 137 29.43 26.53 14.61
C SER H 137 30.00 25.83 13.38
N ALA H 138 29.16 25.62 12.37
CA ALA H 138 29.62 24.97 11.14
C ALA H 138 30.69 25.80 10.45
N VAL H 139 30.50 27.12 10.40
CA VAL H 139 31.49 28.00 9.79
C VAL H 139 32.81 27.92 10.55
N ALA H 140 32.73 27.92 11.89
CA ALA H 140 33.95 27.78 12.69
C ALA H 140 34.64 26.45 12.40
N PHE H 141 33.86 25.39 12.18
CA PHE H 141 34.45 24.09 11.88
C PHE H 141 35.06 24.06 10.49
N ILE H 142 34.46 24.77 9.53
CA ILE H 142 35.06 24.90 8.21
C ILE H 142 36.41 25.61 8.32
N SER H 143 36.43 26.72 9.07
CA SER H 143 37.63 27.52 9.24
C SER H 143 38.59 26.92 10.27
N ASN H 144 38.20 25.81 10.90
CA ASN H 144 39.01 25.17 11.95
C ASN H 144 39.30 26.15 13.08
N THR H 145 38.30 26.99 13.40
CA THR H 145 38.39 27.94 14.49
C THR H 145 37.51 27.54 15.67
N ALA H 146 36.97 26.33 15.68
CA ALA H 146 36.22 25.86 16.82
C ALA H 146 37.12 25.75 18.05
N SER H 147 36.66 26.30 19.16
CA SER H 147 37.49 26.45 20.35
C SER H 147 37.95 25.12 20.92
N GLN H 148 37.05 24.14 21.01
CA GLN H 148 37.34 22.88 21.71
C GLN H 148 37.59 21.71 20.77
N ARG H 149 37.68 21.95 19.47
CA ARG H 149 38.04 20.87 18.55
C ARG H 149 38.71 21.39 17.30
N LYS H 150 39.87 20.84 16.97
CA LYS H 150 40.61 21.18 15.76
C LYS H 150 40.75 19.94 14.89
N MET H 151 40.51 20.11 13.59
CA MET H 151 40.69 19.05 12.61
C MET H 151 41.86 19.41 11.70
N ALA H 152 42.80 18.49 11.57
CA ALA H 152 44.03 18.75 10.81
C ALA H 152 43.72 18.81 9.32
N THR H 153 44.08 19.93 8.70
CA THR H 153 43.99 20.10 7.26
C THR H 153 45.23 20.84 6.79
N ALA H 154 45.50 20.76 5.49
CA ALA H 154 46.53 21.61 4.90
C ALA H 154 46.15 23.07 5.07
N ASP H 155 47.14 23.90 5.40
CA ASP H 155 46.89 25.31 5.61
C ASP H 155 46.39 25.96 4.32
N GLY H 156 45.41 26.84 4.45
CA GLY H 156 44.88 27.54 3.30
C GLY H 156 43.62 28.28 3.65
N ASP H 157 42.98 28.83 2.62
CA ASP H 157 41.81 29.69 2.77
C ASP H 157 40.58 28.91 2.34
N CYS H 158 39.68 28.65 3.29
CA CYS H 158 38.39 28.02 3.02
C CYS H 158 37.24 29.00 3.23
N SER H 159 37.53 30.30 3.09
CA SER H 159 36.50 31.32 3.32
C SER H 159 35.37 31.23 2.31
N ALA H 160 35.65 30.78 1.08
CA ALA H 160 34.58 30.57 0.12
C ALA H 160 33.62 29.48 0.59
N LEU H 161 34.16 28.39 1.15
CA LEU H 161 33.29 27.33 1.65
C LEU H 161 32.56 27.75 2.92
N SER H 162 33.21 28.54 3.78
CA SER H 162 32.52 29.08 4.94
C SER H 162 31.37 29.99 4.53
N SER H 163 31.60 30.84 3.53
CA SER H 163 30.54 31.70 3.03
C SER H 163 29.43 30.88 2.38
N GLU H 164 29.79 29.79 1.71
CA GLU H 164 28.78 28.91 1.14
C GLU H 164 27.92 28.28 2.22
N VAL H 165 28.54 27.80 3.30
CA VAL H 165 27.78 27.22 4.40
C VAL H 165 26.88 28.27 5.03
N ALA H 166 27.41 29.48 5.24
CA ALA H 166 26.61 30.56 5.79
C ALA H 166 25.44 30.90 4.89
N SER H 167 25.66 30.89 3.57
CA SER H 167 24.58 31.20 2.63
C SER H 167 23.52 30.11 2.62
N TYR H 168 23.93 28.85 2.76
CA TYR H 168 22.95 27.77 2.86
C TYR H 168 22.10 27.91 4.12
N CYS H 169 22.75 28.20 5.26
CA CYS H 169 22.00 28.42 6.49
C CYS H 169 21.13 29.66 6.40
N ASP H 170 21.57 30.68 5.67
CA ASP H 170 20.76 31.87 5.45
C ASP H 170 19.54 31.56 4.60
N LYS H 171 19.71 30.69 3.59
CA LYS H 171 18.55 30.23 2.83
C LYS H 171 17.58 29.48 3.71
N VAL H 172 18.10 28.68 4.65
CA VAL H 172 17.23 27.97 5.60
C VAL H 172 16.45 28.99 6.44
N SER H 173 17.16 29.97 6.99
CA SER H 173 16.51 30.96 7.85
C SER H 173 15.48 31.79 7.09
N ALA H 174 15.81 32.19 5.85
CA ALA H 174 14.90 32.99 5.06
C ALA H 174 13.69 32.17 4.59
N ALA H 175 13.86 30.88 4.37
CA ALA H 175 12.74 30.04 3.95
C ALA H 175 11.67 29.96 5.03
N ILE H 176 12.06 30.07 6.30
CA ILE H 176 11.12 29.95 7.41
C ILE H 176 10.86 31.31 8.03
N MET I 1 19.17 15.24 -11.76
CA MET I 1 20.32 15.17 -12.65
C MET I 1 21.31 14.10 -12.19
N LYS I 2 21.26 12.93 -12.82
CA LYS I 2 22.18 11.86 -12.46
C LYS I 2 23.62 12.31 -12.61
N SER I 3 24.38 12.19 -11.52
CA SER I 3 25.79 12.52 -11.47
C SER I 3 26.37 11.82 -10.26
N VAL I 4 27.70 11.84 -10.15
CA VAL I 4 28.35 11.26 -8.98
C VAL I 4 27.83 11.93 -7.71
N ILE I 5 27.84 13.26 -7.70
CA ILE I 5 27.41 14.01 -6.52
C ILE I 5 25.95 13.75 -6.21
N THR I 6 25.08 13.87 -7.22
CA THR I 6 23.65 13.74 -6.97
C THR I 6 23.28 12.31 -6.57
N THR I 7 23.88 11.32 -7.23
CA THR I 7 23.65 9.92 -6.84
C THR I 7 24.08 9.68 -5.40
N THR I 8 25.27 10.17 -5.06
CA THR I 8 25.81 9.99 -3.71
C THR I 8 24.92 10.65 -2.67
N ILE I 9 24.53 11.90 -2.90
CA ILE I 9 23.74 12.63 -1.93
C ILE I 9 22.33 12.05 -1.83
N SER I 10 21.77 11.59 -2.95
CA SER I 10 20.46 10.99 -2.91
C SER I 10 20.48 9.67 -2.14
N ALA I 11 21.53 8.88 -2.30
CA ALA I 11 21.66 7.66 -1.50
C ALA I 11 21.82 7.99 -0.03
N ALA I 12 22.58 9.03 0.30
CA ALA I 12 22.73 9.43 1.69
C ALA I 12 21.41 9.93 2.27
N ASP I 13 20.65 10.69 1.49
CA ASP I 13 19.39 11.25 1.97
C ASP I 13 18.32 10.18 2.12
N ALA I 14 18.32 9.19 1.24
CA ALA I 14 17.36 8.10 1.35
C ALA I 14 17.53 7.36 2.67
N ALA I 15 18.75 7.23 3.15
CA ALA I 15 19.03 6.61 4.44
C ALA I 15 19.09 7.62 5.58
N GLY I 16 18.83 8.90 5.31
CA GLY I 16 18.92 9.92 6.34
C GLY I 16 20.31 10.06 6.92
N ARG I 17 21.33 9.98 6.06
CA ARG I 17 22.71 9.93 6.50
C ARG I 17 23.44 11.22 6.12
N PHE I 18 24.29 11.69 7.03
CA PHE I 18 25.24 12.73 6.67
C PHE I 18 26.19 12.18 5.62
N PRO I 19 26.79 13.04 4.80
CA PRO I 19 27.84 12.57 3.88
C PRO I 19 28.94 11.86 4.65
N SER I 20 29.29 10.68 4.17
CA SER I 20 30.24 9.79 4.83
C SER I 20 31.54 9.74 4.04
N SER I 21 32.45 8.85 4.47
CA SER I 21 33.73 8.71 3.79
C SER I 21 33.54 8.27 2.34
N SER I 22 32.62 7.35 2.09
CA SER I 22 32.39 6.90 0.72
C SER I 22 31.79 8.01 -0.14
N ASP I 23 30.96 8.87 0.45
CA ASP I 23 30.42 10.00 -0.29
C ASP I 23 31.52 10.96 -0.75
N LEU I 24 32.36 11.38 0.19
CA LEU I 24 33.50 12.23 -0.16
C LEU I 24 34.41 11.53 -1.15
N GLU I 25 34.50 10.21 -1.07
CA GLU I 25 35.38 9.45 -1.94
C GLU I 25 34.87 9.48 -3.38
N SER I 26 33.55 9.34 -3.53
CA SER I 26 32.92 9.47 -4.85
C SER I 26 33.14 10.87 -5.41
N VAL I 27 33.00 11.90 -4.56
CA VAL I 27 33.26 13.25 -5.05
C VAL I 27 34.72 13.42 -5.44
N GLN I 28 35.64 12.74 -4.75
CA GLN I 28 37.03 12.74 -5.17
C GLN I 28 37.17 12.13 -6.56
N GLY I 29 36.39 11.09 -6.86
CA GLY I 29 36.38 10.55 -8.21
C GLY I 29 35.87 11.55 -9.23
N ASN I 30 34.84 12.31 -8.86
CA ASN I 30 34.40 13.43 -9.68
C ASN I 30 35.58 14.35 -9.99
N ILE I 31 36.35 14.70 -8.97
CA ILE I 31 37.50 15.58 -9.13
C ILE I 31 38.52 14.97 -10.08
N GLN I 32 38.75 13.66 -9.95
CA GLN I 32 39.80 13.01 -10.73
C GLN I 32 39.43 12.91 -12.21
N ARG I 33 38.19 12.56 -12.52
CA ARG I 33 37.77 12.38 -13.90
C ARG I 33 37.29 13.68 -14.56
N ALA I 34 37.14 14.75 -13.77
CA ALA I 34 36.65 16.01 -14.31
C ALA I 34 37.56 16.54 -15.41
N ALA I 35 38.88 16.37 -15.27
CA ALA I 35 39.79 16.89 -16.28
C ALA I 35 39.46 16.32 -17.66
N SER I 36 39.37 15.00 -17.76
CA SER I 36 39.08 14.37 -19.04
C SER I 36 37.69 14.73 -19.55
N ARG I 37 36.67 14.64 -18.68
CA ARG I 37 35.32 14.87 -19.21
C ARG I 37 35.10 16.34 -19.56
N LEU I 38 35.73 17.27 -18.84
CA LEU I 38 35.62 18.68 -19.18
C LEU I 38 36.43 19.02 -20.42
N GLU I 39 37.56 18.33 -20.65
CA GLU I 39 38.25 18.50 -21.92
C GLU I 39 37.37 18.06 -23.08
N ALA I 40 36.71 16.91 -22.93
CA ALA I 40 35.79 16.46 -23.97
C ALA I 40 34.65 17.45 -24.17
N ALA I 41 34.08 17.96 -23.08
CA ALA I 41 33.00 18.94 -23.18
C ALA I 41 33.46 20.22 -23.89
N GLU I 42 34.64 20.71 -23.53
CA GLU I 42 35.17 21.92 -24.17
C GLU I 42 35.40 21.71 -25.66
N LYS I 43 35.97 20.56 -26.02
CA LYS I 43 36.19 20.29 -27.45
C LYS I 43 34.87 20.19 -28.20
N LEU I 44 33.89 19.49 -27.62
CA LEU I 44 32.58 19.40 -28.27
C LEU I 44 31.89 20.75 -28.34
N ALA I 45 31.93 21.52 -27.24
CA ALA I 45 31.25 22.81 -27.21
C ALA I 45 31.88 23.78 -28.21
N GLY I 46 33.20 23.73 -28.39
CA GLY I 46 33.87 24.61 -29.31
C GLY I 46 33.83 24.16 -30.76
N ASN I 47 33.35 22.94 -31.03
CA ASN I 47 33.35 22.40 -32.38
C ASN I 47 32.01 21.75 -32.73
N HIS I 48 30.93 22.14 -32.04
CA HIS I 48 29.68 21.39 -32.21
C HIS I 48 29.02 21.67 -33.55
N GLU I 49 29.22 22.85 -34.13
CA GLU I 49 28.62 23.13 -35.44
C GLU I 49 29.10 22.13 -36.47
N ALA I 50 30.42 21.98 -36.60
CA ALA I 50 30.98 21.05 -37.57
C ALA I 50 30.64 19.61 -37.25
N VAL I 51 30.69 19.23 -35.97
CA VAL I 51 30.41 17.85 -35.58
C VAL I 51 28.96 17.50 -35.90
N VAL I 52 28.03 18.40 -35.55
CA VAL I 52 26.62 18.16 -35.82
C VAL I 52 26.36 18.11 -37.31
N LYS I 53 26.99 19.01 -38.08
CA LYS I 53 26.83 18.97 -39.52
C LYS I 53 27.31 17.64 -40.09
N GLU I 54 28.47 17.16 -39.64
CA GLU I 54 29.00 15.89 -40.12
C GLU I 54 28.08 14.73 -39.74
N ALA I 55 27.56 14.73 -38.51
CA ALA I 55 26.69 13.66 -38.06
C ALA I 55 25.40 13.63 -38.86
N GLY I 56 24.80 14.79 -39.11
CA GLY I 56 23.59 14.84 -39.92
C GLY I 56 23.83 14.44 -41.36
N ASP I 57 24.97 14.88 -41.92
CA ASP I 57 25.32 14.46 -43.28
C ASP I 57 25.47 12.96 -43.36
N ALA I 58 26.10 12.36 -42.35
CA ALA I 58 26.25 10.90 -42.34
C ALA I 58 24.91 10.20 -42.19
N CYS I 59 24.03 10.76 -41.35
CA CYS I 59 22.70 10.18 -41.18
C CYS I 59 21.93 10.17 -42.50
N PHE I 60 21.98 11.28 -43.24
CA PHE I 60 21.24 11.34 -44.50
C PHE I 60 21.94 10.57 -45.61
N ALA I 61 23.27 10.46 -45.56
CA ALA I 61 23.98 9.64 -46.53
C ALA I 61 23.65 8.16 -46.34
N LYS I 62 23.59 7.71 -45.09
CA LYS I 62 23.26 6.31 -44.83
C LYS I 62 21.81 5.99 -45.15
N TYR I 63 20.91 6.96 -44.99
CA TYR I 63 19.49 6.78 -45.23
C TYR I 63 18.97 7.86 -46.17
N PRO I 64 19.32 7.79 -47.45
CA PRO I 64 18.74 8.74 -48.42
C PRO I 64 17.24 8.61 -48.56
N TYR I 65 16.66 7.48 -48.15
CA TYR I 65 15.21 7.31 -48.22
C TYR I 65 14.47 8.32 -47.36
N LEU I 66 15.15 8.92 -46.37
CA LEU I 66 14.51 9.93 -45.54
C LEU I 66 14.06 11.13 -46.36
N LYS I 67 14.70 11.38 -47.50
CA LYS I 67 14.31 12.48 -48.36
C LYS I 67 13.01 12.21 -49.11
N ASN I 68 12.56 10.97 -49.16
CA ASN I 68 11.36 10.62 -49.90
C ASN I 68 10.13 11.25 -49.25
N PRO I 69 9.12 11.60 -50.04
CA PRO I 69 7.91 12.20 -49.48
C PRO I 69 7.26 11.30 -48.44
N GLY I 70 6.77 11.92 -47.37
CA GLY I 70 6.20 11.18 -46.26
C GLY I 70 7.20 10.69 -45.24
N GLU I 71 8.49 10.74 -45.55
CA GLU I 71 9.52 10.35 -44.60
C GLU I 71 10.04 11.59 -43.86
N ALA I 72 10.70 11.34 -42.74
CA ALA I 72 11.34 12.41 -41.99
C ALA I 72 12.47 12.99 -42.82
N GLY I 73 12.46 14.30 -43.01
CA GLY I 73 13.43 14.93 -43.89
C GLY I 73 13.03 15.04 -45.33
N ASP I 74 11.73 14.97 -45.63
CA ASP I 74 11.23 15.17 -46.99
C ASP I 74 11.09 16.64 -47.37
N SER I 75 11.40 17.54 -46.45
CA SER I 75 11.42 18.97 -46.72
C SER I 75 12.66 19.57 -46.08
N GLN I 76 13.01 20.78 -46.55
CA GLN I 76 14.18 21.45 -45.97
C GLN I 76 13.96 21.77 -44.50
N GLU I 77 12.74 22.12 -44.12
CA GLU I 77 12.44 22.37 -42.71
C GLU I 77 12.68 21.12 -41.87
N LYS I 78 12.27 19.95 -42.39
CA LYS I 78 12.45 18.71 -41.64
C LYS I 78 13.92 18.31 -41.55
N ILE I 79 14.69 18.55 -42.61
CA ILE I 79 16.12 18.28 -42.57
C ILE I 79 16.79 19.21 -41.56
N ASN I 80 16.39 20.48 -41.53
CA ASN I 80 16.91 21.41 -40.54
C ASN I 80 16.55 20.96 -39.14
N LYS I 81 15.34 20.44 -38.95
CA LYS I 81 14.96 19.90 -37.65
C LYS I 81 15.78 18.67 -37.28
N CYS I 82 16.15 17.86 -38.27
CA CYS I 82 17.03 16.72 -38.00
C CYS I 82 18.39 17.18 -37.50
N TYR I 83 18.99 18.15 -38.19
CA TYR I 83 20.27 18.67 -37.76
C TYR I 83 20.16 19.36 -36.41
N ARG I 84 19.04 20.05 -36.17
CA ARG I 84 18.80 20.67 -34.88
C ARG I 84 18.66 19.63 -33.77
N ASP I 85 18.04 18.49 -34.08
CA ASP I 85 17.93 17.41 -33.11
C ASP I 85 19.31 16.84 -32.78
N ILE I 86 20.15 16.65 -33.80
CA ILE I 86 21.51 16.18 -33.54
C ILE I 86 22.27 17.20 -32.71
N ASP I 87 22.03 18.49 -32.97
CA ASP I 87 22.62 19.54 -32.14
C ASP I 87 22.12 19.46 -30.70
N HIS I 88 20.82 19.20 -30.53
CA HIS I 88 20.26 19.01 -29.19
C HIS I 88 20.96 17.87 -28.47
N TYR I 89 21.15 16.75 -29.17
CA TYR I 89 21.78 15.59 -28.56
C TYR I 89 23.25 15.87 -28.24
N MET I 90 23.95 16.57 -29.13
CA MET I 90 25.36 16.89 -28.86
C MET I 90 25.46 17.88 -27.70
N ARG I 91 24.51 18.80 -27.59
CA ARG I 91 24.48 19.72 -26.46
C ARG I 91 24.21 18.97 -25.16
N LEU I 92 23.29 18.01 -25.20
CA LEU I 92 23.03 17.17 -24.02
C LEU I 92 24.24 16.31 -23.68
N ILE I 93 25.01 15.88 -24.68
CA ILE I 93 26.24 15.14 -24.41
C ILE I 93 27.29 16.05 -23.78
N ASN I 94 27.38 17.30 -24.25
CA ASN I 94 28.25 18.28 -23.62
C ASN I 94 27.84 18.52 -22.17
N TYR I 95 26.53 18.60 -21.93
CA TYR I 95 26.00 18.73 -20.58
C TYR I 95 26.35 17.51 -19.74
N SER I 96 26.28 16.32 -20.32
CA SER I 96 26.59 15.10 -19.57
C SER I 96 28.07 15.04 -19.22
N LEU I 97 28.93 15.46 -20.15
CA LEU I 97 30.36 15.52 -19.86
C LEU I 97 30.66 16.54 -18.77
N VAL I 98 30.00 17.69 -18.81
CA VAL I 98 30.19 18.69 -17.77
C VAL I 98 29.69 18.17 -16.43
N VAL I 99 28.49 17.60 -16.42
CA VAL I 99 27.89 17.09 -15.19
C VAL I 99 28.67 15.90 -14.66
N GLY I 100 29.19 15.07 -15.56
CA GLY I 100 29.81 13.82 -15.16
C GLY I 100 28.85 12.66 -15.07
N GLY I 101 27.67 12.77 -15.68
CA GLY I 101 26.70 11.70 -15.66
C GLY I 101 25.68 11.91 -16.74
N THR I 102 24.86 10.89 -16.94
CA THR I 102 23.88 10.87 -18.03
C THR I 102 22.61 11.65 -17.69
N GLY I 103 22.55 12.27 -16.52
CA GLY I 103 21.39 13.03 -16.08
C GLY I 103 20.76 13.91 -17.13
N PRO I 104 21.54 14.86 -17.70
CA PRO I 104 20.97 15.73 -18.73
C PRO I 104 20.41 14.96 -19.91
N LEU I 105 21.14 13.94 -20.37
CA LEU I 105 20.63 13.11 -21.46
C LEU I 105 19.34 12.41 -21.06
N ASP I 106 19.36 11.72 -19.90
CA ASP I 106 18.19 10.97 -19.46
C ASP I 106 16.96 11.85 -19.38
N GLU I 107 17.09 13.06 -18.83
CA GLU I 107 15.92 13.87 -18.57
C GLU I 107 15.49 14.70 -19.78
N TRP I 108 16.42 15.06 -20.68
CA TRP I 108 16.08 16.02 -21.72
C TRP I 108 16.08 15.44 -23.13
N GLY I 109 16.72 14.30 -23.37
CA GLY I 109 16.70 13.75 -24.71
C GLY I 109 16.16 12.33 -24.77
N ILE I 110 16.28 11.58 -23.68
CA ILE I 110 15.96 10.16 -23.71
C ILE I 110 14.58 9.88 -23.15
N ALA I 111 14.16 10.60 -22.11
CA ALA I 111 13.03 10.18 -21.28
C ALA I 111 11.80 9.85 -22.10
N GLY I 112 11.41 10.75 -23.02
CA GLY I 112 10.28 10.50 -23.89
C GLY I 112 10.62 10.33 -25.36
N ALA I 113 11.88 10.12 -25.72
CA ALA I 113 12.27 10.10 -27.12
C ALA I 113 11.58 8.97 -27.88
N ARG I 114 11.38 7.84 -27.22
CA ARG I 114 10.74 6.70 -27.88
C ARG I 114 9.35 7.07 -28.37
N GLU I 115 8.51 7.62 -27.48
CA GLU I 115 7.15 8.00 -27.85
C GLU I 115 7.14 9.12 -28.88
N VAL I 116 8.02 10.12 -28.70
CA VAL I 116 8.07 11.24 -29.63
C VAL I 116 8.41 10.76 -31.03
N TYR I 117 9.45 9.92 -31.14
CA TYR I 117 9.91 9.48 -32.44
C TYR I 117 8.95 8.50 -33.07
N ARG I 118 8.24 7.71 -32.27
CA ARG I 118 7.18 6.88 -32.82
C ARG I 118 6.04 7.73 -33.36
N ALA I 119 5.65 8.77 -32.63
CA ALA I 119 4.52 9.61 -33.04
C ALA I 119 4.84 10.38 -34.32
N LEU I 120 6.07 10.83 -34.47
CA LEU I 120 6.47 11.67 -35.59
C LEU I 120 7.16 10.88 -36.69
N ASN I 121 7.13 9.55 -36.63
CA ASN I 121 7.76 8.69 -37.63
C ASN I 121 9.25 9.02 -37.79
N LEU I 122 9.92 9.19 -36.66
CA LEU I 122 11.34 9.47 -36.67
C LEU I 122 12.10 8.20 -36.36
N PRO I 123 12.73 7.55 -37.33
CA PRO I 123 13.44 6.30 -37.05
C PRO I 123 14.65 6.56 -36.16
N GLY I 124 14.71 5.87 -35.03
CA GLY I 124 15.84 6.00 -34.14
C GLY I 124 17.15 5.59 -34.77
N SER I 125 17.08 4.81 -35.84
CA SER I 125 18.29 4.36 -36.52
C SER I 125 19.01 5.51 -37.21
N SER I 126 18.30 6.55 -37.61
CA SER I 126 18.96 7.73 -38.19
C SER I 126 19.76 8.48 -37.13
N TYR I 127 19.17 8.68 -35.95
CA TYR I 127 19.93 9.24 -34.84
C TYR I 127 21.13 8.36 -34.50
N ILE I 128 20.93 7.05 -34.49
CA ILE I 128 22.01 6.12 -34.20
C ILE I 128 23.11 6.26 -35.25
N ALA I 129 22.73 6.45 -36.51
CA ALA I 129 23.73 6.63 -37.56
C ALA I 129 24.55 7.89 -37.31
N ALA I 130 23.88 8.99 -36.96
CA ALA I 130 24.60 10.23 -36.66
C ALA I 130 25.58 10.04 -35.50
N PHE I 131 25.12 9.39 -34.43
CA PHE I 131 25.96 9.26 -33.24
C PHE I 131 27.08 8.24 -33.43
N VAL I 132 26.81 7.15 -34.16
CA VAL I 132 27.84 6.19 -34.47
C VAL I 132 28.91 6.81 -35.35
N PHE I 133 28.49 7.61 -36.34
CA PHE I 133 29.47 8.32 -37.17
C PHE I 133 30.31 9.28 -36.33
N THR I 134 29.68 10.01 -35.41
CA THR I 134 30.44 10.91 -34.56
C THR I 134 31.42 10.15 -33.68
N ARG I 135 30.98 9.02 -33.12
CA ARG I 135 31.84 8.22 -32.25
C ARG I 135 33.03 7.67 -33.02
N ASP I 136 32.81 7.17 -34.23
CA ASP I 136 33.89 6.59 -35.01
C ASP I 136 34.74 7.64 -35.73
N ARG I 137 34.23 8.88 -35.82
CA ARG I 137 34.98 9.96 -36.46
C ARG I 137 36.06 10.50 -35.54
N LEU I 138 35.85 10.42 -34.23
CA LEU I 138 36.82 10.90 -33.26
C LEU I 138 38.10 10.09 -33.33
N CYS I 139 39.24 10.78 -33.30
CA CYS I 139 40.54 10.13 -33.29
C CYS I 139 41.42 10.78 -32.24
N VAL I 140 42.29 9.98 -31.65
CA VAL I 140 43.15 10.40 -30.56
C VAL I 140 44.59 10.45 -31.06
N PRO I 141 45.38 11.49 -30.71
CA PRO I 141 45.02 12.65 -29.90
C PRO I 141 44.70 13.90 -30.72
N ARG I 142 44.37 13.75 -32.00
CA ARG I 142 44.10 14.91 -32.83
C ARG I 142 42.89 15.69 -32.34
N ASP I 143 41.80 14.99 -32.01
CA ASP I 143 40.58 15.65 -31.59
C ASP I 143 40.57 15.93 -30.09
N MET I 144 40.88 14.94 -29.28
CA MET I 144 41.01 15.12 -27.84
C MET I 144 41.88 14.03 -27.28
N SER I 145 42.21 14.15 -25.99
CA SER I 145 43.06 13.18 -25.31
C SER I 145 42.33 11.85 -25.19
N ALA I 146 43.09 10.82 -24.82
CA ALA I 146 42.55 9.46 -24.78
C ALA I 146 41.38 9.35 -23.82
N GLN I 147 41.52 9.90 -22.61
CA GLN I 147 40.45 9.78 -21.63
C GLN I 147 39.28 10.71 -21.93
N ALA I 148 39.55 11.89 -22.49
CA ALA I 148 38.46 12.72 -22.99
C ALA I 148 37.69 12.01 -24.08
N ALA I 149 38.41 11.32 -24.97
CA ALA I 149 37.74 10.51 -25.99
C ALA I 149 36.94 9.38 -25.36
N VAL I 150 37.45 8.78 -24.29
CA VAL I 150 36.71 7.72 -23.59
C VAL I 150 35.40 8.27 -23.07
N GLU I 151 35.43 9.44 -22.42
CA GLU I 151 34.20 10.03 -21.89
C GLU I 151 33.23 10.40 -23.01
N PHE I 152 33.74 11.02 -24.07
CA PHE I 152 32.87 11.43 -25.17
C PHE I 152 32.23 10.23 -25.85
N SER I 153 33.03 9.19 -26.13
CA SER I 153 32.50 7.98 -26.74
C SER I 153 31.56 7.25 -25.80
N GLY I 154 31.79 7.31 -24.49
CA GLY I 154 30.85 6.72 -23.56
C GLY I 154 29.51 7.42 -23.57
N ALA I 155 29.52 8.76 -23.63
CA ALA I 155 28.26 9.49 -23.75
C ALA I 155 27.56 9.14 -25.06
N LEU I 156 28.30 9.09 -26.17
CA LEU I 156 27.70 8.76 -27.45
C LEU I 156 27.12 7.34 -27.44
N ASP I 157 27.86 6.39 -26.86
CA ASP I 157 27.37 5.03 -26.75
C ASP I 157 26.14 4.96 -25.87
N TYR I 158 26.09 5.76 -24.82
CA TYR I 158 24.90 5.82 -23.99
C TYR I 158 23.70 6.29 -24.80
N VAL I 159 23.88 7.31 -25.64
CA VAL I 159 22.77 7.76 -26.50
C VAL I 159 22.34 6.65 -27.45
N ILE I 160 23.33 6.00 -28.08
CA ILE I 160 23.03 4.96 -29.06
C ILE I 160 22.26 3.82 -28.40
N ASN I 161 22.69 3.41 -27.21
CA ASN I 161 22.02 2.34 -26.51
C ASN I 161 20.66 2.77 -25.99
N SER I 162 20.48 4.07 -25.73
CA SER I 162 19.15 4.58 -25.41
C SER I 162 18.22 4.48 -26.61
N LEU I 163 18.75 4.62 -27.82
CA LEU I 163 17.92 4.48 -29.01
C LEU I 163 17.80 3.04 -29.49
N CYS I 164 18.54 2.11 -28.91
CA CYS I 164 18.48 0.71 -29.32
C CYS I 164 17.55 -0.09 -28.41
N MET J 1 24.69 -5.82 -0.68
CA MET J 1 25.64 -6.44 -1.59
C MET J 1 27.07 -6.21 -1.14
N LEU J 2 27.98 -7.06 -1.62
CA LEU J 2 29.39 -6.96 -1.31
C LEU J 2 30.19 -6.62 -2.57
N ASP J 3 31.23 -5.83 -2.40
CA ASP J 3 32.26 -5.65 -3.42
C ASP J 3 33.47 -6.47 -3.02
N ALA J 4 34.57 -6.33 -3.79
CA ALA J 4 35.78 -7.09 -3.48
C ALA J 4 36.34 -6.72 -2.10
N PHE J 5 36.36 -5.43 -1.78
CA PHE J 5 36.87 -5.00 -0.48
C PHE J 5 35.98 -5.50 0.65
N SER J 6 34.66 -5.38 0.49
CA SER J 6 33.76 -5.91 1.50
C SER J 6 33.81 -7.43 1.58
N ARG J 7 34.11 -8.10 0.45
CA ARG J 7 34.31 -9.55 0.50
C ARG J 7 35.51 -9.90 1.36
N VAL J 8 36.63 -9.19 1.15
CA VAL J 8 37.81 -9.40 1.97
C VAL J 8 37.49 -9.13 3.43
N VAL J 9 36.71 -8.08 3.70
CA VAL J 9 36.35 -7.74 5.07
C VAL J 9 35.51 -8.84 5.70
N VAL J 10 34.53 -9.36 4.95
CA VAL J 10 33.67 -10.42 5.46
C VAL J 10 34.50 -11.66 5.77
N ASN J 11 35.45 -11.99 4.90
CA ASN J 11 36.34 -13.12 5.17
C ASN J 11 37.17 -12.88 6.42
N SER J 12 37.66 -11.65 6.60
CA SER J 12 38.42 -11.31 7.80
C SER J 12 37.54 -11.36 9.04
N ASP J 13 36.27 -10.98 8.90
CA ASP J 13 35.37 -10.95 10.05
C ASP J 13 35.05 -12.35 10.55
N SER J 14 35.14 -13.36 9.69
CA SER J 14 34.88 -14.73 10.11
C SER J 14 35.86 -15.19 11.19
N LYS J 15 37.07 -14.64 11.17
CA LYS J 15 38.10 -14.98 12.16
C LYS J 15 38.32 -13.88 13.18
N ALA J 16 37.48 -12.85 13.19
CA ALA J 16 37.67 -11.67 14.03
C ALA J 16 39.07 -11.09 13.81
N ALA J 17 39.53 -11.13 12.58
CA ALA J 17 40.86 -10.69 12.21
C ALA J 17 40.80 -9.34 11.52
N TYR J 18 41.75 -8.48 11.84
CA TYR J 18 41.96 -7.29 11.04
C TYR J 18 42.43 -7.70 9.65
N VAL J 19 42.12 -6.86 8.65
CA VAL J 19 42.45 -7.22 7.28
C VAL J 19 43.96 -7.36 7.17
N SER J 20 44.41 -8.58 6.86
CA SER J 20 45.83 -8.92 6.92
C SER J 20 46.58 -8.28 5.76
N GLY J 21 47.91 -8.35 5.85
CA GLY J 21 48.76 -7.77 4.83
C GLY J 21 48.58 -8.41 3.46
N SER J 22 48.33 -9.72 3.41
CA SER J 22 48.11 -10.38 2.14
C SER J 22 46.79 -9.95 1.50
N ASP J 23 45.72 -9.90 2.30
CA ASP J 23 44.45 -9.42 1.78
C ASP J 23 44.54 -7.94 1.38
N LEU J 24 45.27 -7.16 2.17
CA LEU J 24 45.52 -5.77 1.81
C LEU J 24 46.25 -5.67 0.48
N GLN J 25 47.26 -6.51 0.27
CA GLN J 25 48.00 -6.48 -1.00
C GLN J 25 47.12 -6.89 -2.17
N ALA J 26 46.25 -7.87 -1.96
CA ALA J 26 45.31 -8.27 -3.01
C ALA J 26 44.37 -7.12 -3.36
N LEU J 27 43.90 -6.40 -2.35
CA LEU J 27 43.03 -5.25 -2.62
C LEU J 27 43.78 -4.11 -3.27
N LYS J 28 45.06 -3.91 -2.92
CA LYS J 28 45.87 -2.92 -3.62
C LYS J 28 46.09 -3.31 -5.07
N THR J 29 46.23 -4.59 -5.37
CA THR J 29 46.28 -5.04 -6.75
C THR J 29 44.96 -4.77 -7.46
N PHE J 30 43.85 -5.01 -6.77
CA PHE J 30 42.53 -4.67 -7.31
C PHE J 30 42.47 -3.18 -7.66
N ILE J 31 43.03 -2.33 -6.78
CA ILE J 31 43.02 -0.89 -7.03
C ILE J 31 43.93 -0.54 -8.21
N ALA J 32 45.12 -1.15 -8.27
CA ALA J 32 46.06 -0.85 -9.34
C ALA J 32 45.50 -1.24 -10.70
N ASP J 33 44.70 -2.31 -10.76
CA ASP J 33 43.98 -2.69 -11.96
C ASP J 33 42.60 -2.05 -12.02
N GLY J 34 42.35 -1.04 -11.19
CA GLY J 34 41.03 -0.42 -11.17
C GLY J 34 40.68 0.27 -12.48
N ASN J 35 41.66 0.94 -13.09
CA ASN J 35 41.40 1.60 -14.37
C ASN J 35 41.08 0.58 -15.46
N LYS J 36 41.78 -0.56 -15.47
CA LYS J 36 41.45 -1.61 -16.42
C LYS J 36 40.06 -2.18 -16.14
N ARG J 37 39.70 -2.32 -14.86
CA ARG J 37 38.36 -2.80 -14.52
C ARG J 37 37.29 -1.83 -15.01
N LEU J 38 37.52 -0.54 -14.85
CA LEU J 38 36.58 0.46 -15.34
C LEU J 38 36.48 0.41 -16.86
N ASP J 39 37.61 0.22 -17.54
CA ASP J 39 37.60 0.06 -18.99
C ASP J 39 36.81 -1.17 -19.41
N ALA J 40 36.97 -2.27 -18.67
CA ALA J 40 36.23 -3.49 -18.99
C ALA J 40 34.73 -3.27 -18.82
N VAL J 41 34.32 -2.65 -17.71
CA VAL J 41 32.91 -2.37 -17.49
C VAL J 41 32.39 -1.45 -18.60
N ASN J 42 33.17 -0.43 -18.95
CA ASN J 42 32.77 0.48 -20.01
C ASN J 42 32.61 -0.25 -21.34
N SER J 43 33.51 -1.18 -21.64
CA SER J 43 33.40 -1.98 -22.86
C SER J 43 32.12 -2.80 -22.86
N ILE J 44 31.76 -3.38 -21.72
CA ILE J 44 30.53 -4.17 -21.67
C ILE J 44 29.31 -3.28 -21.80
N VAL J 45 29.25 -2.19 -21.01
CA VAL J 45 28.05 -1.37 -21.00
C VAL J 45 27.89 -0.58 -22.30
N SER J 46 28.99 -0.17 -22.92
CA SER J 46 28.91 0.56 -24.18
C SER J 46 28.43 -0.33 -25.33
N ASN J 47 28.43 -1.65 -25.14
CA ASN J 47 27.96 -2.59 -26.15
C ASN J 47 26.87 -3.51 -25.60
N ALA J 48 26.21 -3.11 -24.53
CA ALA J 48 25.27 -3.99 -23.84
C ALA J 48 24.12 -4.38 -24.77
N SER J 49 23.56 -3.42 -25.50
CA SER J 49 22.45 -3.72 -26.40
C SER J 49 22.88 -4.72 -27.46
N CYS J 50 24.05 -4.48 -28.08
CA CYS J 50 24.53 -5.40 -29.10
C CYS J 50 24.83 -6.77 -28.53
N ILE J 51 25.42 -6.84 -27.33
CA ILE J 51 25.72 -8.11 -26.70
C ILE J 51 24.44 -8.90 -26.47
N VAL J 52 23.44 -8.26 -25.86
CA VAL J 52 22.21 -8.96 -25.50
C VAL J 52 21.45 -9.39 -26.74
N SER J 53 21.30 -8.47 -27.71
CA SER J 53 20.58 -8.81 -28.93
C SER J 53 21.27 -9.92 -29.69
N ASP J 54 22.60 -9.86 -29.81
CA ASP J 54 23.34 -10.90 -30.51
C ASP J 54 23.21 -12.24 -29.80
N ALA J 55 23.26 -12.24 -28.47
CA ALA J 55 23.15 -13.50 -27.73
C ALA J 55 21.77 -14.12 -27.89
N VAL J 56 20.72 -13.31 -27.78
CA VAL J 56 19.37 -13.87 -27.93
C VAL J 56 19.14 -14.33 -29.36
N SER J 57 19.62 -13.57 -30.34
CA SER J 57 19.48 -13.96 -31.74
C SER J 57 20.24 -15.24 -32.04
N GLY J 58 21.44 -15.39 -31.47
CA GLY J 58 22.19 -16.63 -31.66
C GLY J 58 21.54 -17.82 -30.99
N MET J 59 20.98 -17.61 -29.79
CA MET J 59 20.25 -18.67 -29.12
C MET J 59 19.06 -19.11 -29.95
N ILE J 60 18.35 -18.16 -30.55
CA ILE J 60 17.20 -18.49 -31.40
C ILE J 60 17.66 -19.17 -32.69
N CYS J 61 18.73 -18.67 -33.31
CA CYS J 61 19.20 -19.24 -34.56
C CYS J 61 19.67 -20.68 -34.38
N GLU J 62 20.37 -20.96 -33.27
CA GLU J 62 20.81 -22.33 -33.01
C GLU J 62 19.67 -23.22 -32.51
N ASN J 63 18.60 -22.63 -31.97
CA ASN J 63 17.44 -23.38 -31.50
C ASN J 63 16.19 -22.76 -32.10
N PRO J 64 15.89 -23.05 -33.36
CA PRO J 64 14.72 -22.43 -34.00
C PRO J 64 13.39 -22.79 -33.36
N GLY J 65 13.34 -23.86 -32.55
CA GLY J 65 12.12 -24.19 -31.85
C GLY J 65 11.69 -23.16 -30.82
N LEU J 66 12.59 -22.25 -30.44
CA LEU J 66 12.24 -21.21 -29.49
C LEU J 66 11.19 -20.26 -30.04
N ILE J 67 11.26 -19.96 -31.34
CA ILE J 67 10.30 -19.04 -31.95
C ILE J 67 9.13 -19.75 -32.58
N ALA J 68 9.12 -21.09 -32.58
CA ALA J 68 7.95 -21.84 -33.03
C ALA J 68 6.83 -21.71 -31.99
N PRO J 69 5.59 -21.95 -32.39
CA PRO J 69 4.49 -21.95 -31.40
C PRO J 69 4.77 -22.93 -30.28
N GLY J 70 4.49 -22.49 -29.06
CA GLY J 70 4.88 -23.22 -27.88
C GLY J 70 6.29 -22.98 -27.42
N GLY J 71 7.15 -22.43 -28.28
CA GLY J 71 8.47 -22.04 -27.85
C GLY J 71 8.44 -20.85 -26.92
N ASN J 72 9.47 -20.74 -26.09
CA ASN J 72 9.48 -19.73 -25.06
C ASN J 72 9.87 -18.34 -25.57
N CYS J 73 10.26 -18.22 -26.83
CA CYS J 73 10.49 -16.91 -27.45
C CYS J 73 9.50 -16.67 -28.58
N TYR J 74 8.32 -17.32 -28.52
CA TYR J 74 7.43 -17.34 -29.66
C TYR J 74 6.86 -15.95 -29.95
N THR J 75 6.07 -15.40 -29.04
CA THR J 75 5.42 -14.14 -29.33
C THR J 75 6.38 -12.97 -29.10
N ASN J 76 5.94 -11.78 -29.52
CA ASN J 76 6.70 -10.56 -29.26
C ASN J 76 6.83 -10.30 -27.77
N ARG J 77 5.81 -10.65 -26.98
CA ARG J 77 5.91 -10.48 -25.54
C ARG J 77 7.00 -11.37 -24.95
N ARG J 78 7.03 -12.64 -25.37
CA ARG J 78 8.05 -13.56 -24.88
C ARG J 78 9.44 -13.16 -25.37
N MET J 79 9.53 -12.71 -26.62
CA MET J 79 10.80 -12.18 -27.13
C MET J 79 11.27 -10.98 -26.33
N ALA J 80 10.37 -10.06 -26.01
CA ALA J 80 10.75 -8.89 -25.22
C ALA J 80 11.17 -9.29 -23.82
N ALA J 81 10.48 -10.26 -23.22
CA ALA J 81 10.87 -10.74 -21.91
C ALA J 81 12.24 -11.42 -21.94
N CYS J 82 12.52 -12.17 -23.01
CA CYS J 82 13.81 -12.81 -23.15
C CYS J 82 14.93 -11.79 -23.33
N LEU J 83 14.71 -10.77 -24.17
CA LEU J 83 15.70 -9.72 -24.34
C LEU J 83 15.90 -8.94 -23.04
N ARG J 84 14.81 -8.69 -22.31
CA ARG J 84 14.90 -8.00 -21.04
C ARG J 84 15.67 -8.83 -20.02
N ASP J 85 15.44 -10.14 -19.99
CA ASP J 85 16.19 -11.01 -19.08
C ASP J 85 17.66 -11.05 -19.45
N GLY J 86 17.98 -11.11 -20.75
CA GLY J 86 19.36 -11.04 -21.16
C GLY J 86 20.02 -9.74 -20.76
N GLU J 87 19.31 -8.63 -20.93
CA GLU J 87 19.84 -7.34 -20.50
C GLU J 87 20.03 -7.29 -18.99
N ILE J 88 19.09 -7.85 -18.23
CA ILE J 88 19.20 -7.86 -16.78
C ILE J 88 20.40 -8.69 -16.34
N ILE J 89 20.59 -9.85 -16.95
CA ILE J 89 21.71 -10.71 -16.60
C ILE J 89 23.03 -10.02 -16.94
N LEU J 90 23.10 -9.39 -18.11
CA LEU J 90 24.30 -8.65 -18.47
C LEU J 90 24.54 -7.47 -17.53
N ARG J 91 23.46 -6.81 -17.10
CA ARG J 91 23.58 -5.70 -16.18
C ARG J 91 24.12 -6.13 -14.83
N TYR J 92 23.65 -7.26 -14.32
CA TYR J 92 24.15 -7.76 -13.04
C TYR J 92 25.56 -8.33 -13.18
N THR J 93 25.88 -8.91 -14.33
CA THR J 93 27.26 -9.32 -14.59
C THR J 93 28.20 -8.12 -14.62
N SER J 94 27.77 -7.03 -15.26
CA SER J 94 28.55 -5.79 -15.23
C SER J 94 28.64 -5.22 -13.83
N TYR J 95 27.57 -5.36 -13.03
CA TYR J 95 27.65 -4.96 -11.63
C TYR J 95 28.71 -5.76 -10.89
N ALA J 96 28.76 -7.07 -11.13
CA ALA J 96 29.78 -7.91 -10.49
C ALA J 96 31.17 -7.53 -10.96
N LEU J 97 31.32 -7.24 -12.26
CA LEU J 97 32.61 -6.82 -12.79
C LEU J 97 33.06 -5.51 -12.18
N LEU J 98 32.15 -4.55 -12.03
CA LEU J 98 32.48 -3.28 -11.40
C LEU J 98 32.82 -3.47 -9.93
N ALA J 99 32.05 -4.29 -9.22
CA ALA J 99 32.27 -4.51 -7.80
C ALA J 99 33.47 -5.42 -7.54
N GLY J 100 33.84 -6.26 -8.50
CA GLY J 100 34.86 -7.26 -8.27
C GLY J 100 34.39 -8.45 -7.47
N ASP J 101 33.09 -8.56 -7.22
CA ASP J 101 32.54 -9.65 -6.41
C ASP J 101 31.21 -10.08 -7.00
N SER J 102 30.90 -11.36 -6.82
CA SER J 102 29.69 -11.96 -7.37
C SER J 102 28.46 -11.75 -6.50
N SER J 103 28.61 -11.14 -5.32
CA SER J 103 27.50 -11.10 -4.37
C SER J 103 26.29 -10.38 -4.95
N VAL J 104 26.50 -9.24 -5.63
CA VAL J 104 25.37 -8.52 -6.19
C VAL J 104 24.63 -9.38 -7.21
N LEU J 105 25.39 -10.01 -8.11
CA LEU J 105 24.78 -10.86 -9.13
C LEU J 105 23.99 -12.00 -8.49
N GLU J 106 24.64 -12.76 -7.60
CA GLU J 106 23.98 -13.88 -6.96
C GLU J 106 22.69 -13.44 -6.26
N ASP J 107 22.83 -12.56 -5.27
CA ASP J 107 21.69 -12.20 -4.43
C ASP J 107 20.58 -11.50 -5.19
N ARG J 108 20.90 -10.60 -6.13
CA ARG J 108 19.87 -9.77 -6.74
C ARG J 108 19.39 -10.28 -8.10
N CYS J 109 20.05 -11.27 -8.69
CA CYS J 109 19.54 -11.81 -9.95
C CYS J 109 19.43 -13.33 -9.94
N LEU J 110 20.38 -14.03 -9.33
CA LEU J 110 20.41 -15.48 -9.41
C LEU J 110 19.62 -16.15 -8.29
N ASN J 111 19.28 -15.42 -7.23
CA ASN J 111 18.50 -15.98 -6.14
C ASN J 111 17.08 -16.24 -6.61
N GLY J 112 16.70 -17.51 -6.71
CA GLY J 112 15.40 -17.87 -7.18
C GLY J 112 15.19 -17.83 -8.67
N LEU J 113 16.24 -17.51 -9.44
CA LEU J 113 16.10 -17.43 -10.89
C LEU J 113 15.81 -18.80 -11.50
N LYS J 114 16.48 -19.84 -11.01
CA LYS J 114 16.24 -21.19 -11.55
C LYS J 114 14.82 -21.64 -11.28
N GLU J 115 14.35 -21.46 -10.05
CA GLU J 115 12.98 -21.85 -9.70
C GLU J 115 11.96 -21.00 -10.48
N THR J 116 12.24 -19.71 -10.63
CA THR J 116 11.35 -18.85 -11.41
C THR J 116 11.26 -19.30 -12.85
N TYR J 117 12.40 -19.64 -13.46
CA TYR J 117 12.40 -20.09 -14.84
C TYR J 117 11.71 -21.43 -14.99
N ILE J 118 11.87 -22.32 -14.00
CA ILE J 118 11.17 -23.60 -14.01
C ILE J 118 9.66 -23.37 -13.94
N ALA J 119 9.23 -22.48 -13.06
CA ALA J 119 7.80 -22.20 -12.92
C ALA J 119 7.24 -21.57 -14.19
N LEU J 120 8.02 -20.72 -14.85
CA LEU J 120 7.57 -20.07 -16.08
C LEU J 120 7.69 -20.95 -17.30
N GLY J 121 8.42 -22.07 -17.22
CA GLY J 121 8.68 -22.87 -18.39
C GLY J 121 9.80 -22.39 -19.27
N VAL J 122 10.61 -21.45 -18.79
CA VAL J 122 11.75 -20.95 -19.54
C VAL J 122 12.79 -22.07 -19.66
N PRO J 123 13.19 -22.47 -20.86
CA PRO J 123 14.13 -23.58 -21.01
C PRO J 123 15.51 -23.20 -20.49
N THR J 124 16.02 -24.00 -19.54
CA THR J 124 17.30 -23.70 -18.94
C THR J 124 18.44 -23.83 -19.95
N ASN J 125 18.38 -24.82 -20.83
CA ASN J 125 19.43 -25.02 -21.82
C ASN J 125 19.57 -23.80 -22.73
N SER J 126 18.44 -23.28 -23.22
CA SER J 126 18.49 -22.10 -24.07
C SER J 126 18.96 -20.88 -23.30
N THR J 127 18.55 -20.77 -22.03
CA THR J 127 19.00 -19.65 -21.20
C THR J 127 20.51 -19.67 -21.01
N VAL J 128 21.09 -20.85 -20.72
CA VAL J 128 22.53 -20.91 -20.58
C VAL J 128 23.22 -20.71 -21.91
N ARG J 129 22.60 -21.12 -23.03
CA ARG J 129 23.19 -20.83 -24.33
C ARG J 129 23.26 -19.33 -24.58
N ALA J 130 22.18 -18.61 -24.28
CA ALA J 130 22.20 -17.17 -24.40
C ALA J 130 23.22 -16.53 -23.47
N VAL J 131 23.30 -17.02 -22.24
CA VAL J 131 24.25 -16.48 -21.27
C VAL J 131 25.68 -16.75 -21.73
N SER J 132 25.93 -17.90 -22.35
CA SER J 132 27.27 -18.22 -22.83
C SER J 132 27.63 -17.39 -24.06
N ILE J 133 26.66 -17.10 -24.92
CA ILE J 133 26.94 -16.19 -26.03
C ILE J 133 27.22 -14.79 -25.51
N MET J 134 26.47 -14.35 -24.50
CA MET J 134 26.79 -13.09 -23.83
C MET J 134 28.18 -13.13 -23.22
N LYS J 135 28.55 -14.26 -22.62
CA LYS J 135 29.88 -14.39 -22.05
C LYS J 135 30.94 -14.23 -23.12
N SER J 136 30.76 -14.90 -24.26
CA SER J 136 31.74 -14.82 -25.34
C SER J 136 31.85 -13.40 -25.87
N SER J 137 30.71 -12.75 -26.12
CA SER J 137 30.75 -11.39 -26.66
C SER J 137 31.33 -10.40 -25.65
N ALA J 138 30.93 -10.51 -24.39
CA ALA J 138 31.45 -9.61 -23.36
C ALA J 138 32.94 -9.82 -23.14
N VAL J 139 33.39 -11.08 -23.19
CA VAL J 139 34.82 -11.37 -23.08
C VAL J 139 35.57 -10.76 -24.24
N ALA J 140 35.02 -10.87 -25.45
CA ALA J 140 35.66 -10.26 -26.61
C ALA J 140 35.74 -8.74 -26.45
N PHE J 141 34.69 -8.13 -25.93
CA PHE J 141 34.70 -6.69 -25.72
C PHE J 141 35.69 -6.29 -24.63
N ILE J 142 35.84 -7.12 -23.59
CA ILE J 142 36.85 -6.86 -22.57
C ILE J 142 38.23 -6.88 -23.20
N SER J 143 38.50 -7.88 -24.03
CA SER J 143 39.78 -8.04 -24.70
C SER J 143 39.89 -7.17 -25.95
N ASN J 144 38.83 -6.43 -26.29
CA ASN J 144 38.80 -5.61 -27.50
C ASN J 144 39.07 -6.45 -28.74
N THR J 145 38.56 -7.67 -28.74
CA THR J 145 38.68 -8.58 -29.88
C THR J 145 37.38 -8.72 -30.65
N ALA J 146 36.38 -7.87 -30.37
CA ALA J 146 35.17 -7.86 -31.16
C ALA J 146 35.48 -7.43 -32.59
N SER J 147 34.95 -8.17 -33.56
CA SER J 147 35.31 -7.95 -34.96
C SER J 147 34.81 -6.59 -35.45
N GLN J 148 33.58 -6.23 -35.13
CA GLN J 148 32.93 -5.07 -35.73
C GLN J 148 32.93 -3.84 -34.82
N ARG J 149 33.55 -3.91 -33.65
CA ARG J 149 33.60 -2.76 -32.75
C ARG J 149 34.89 -2.82 -31.95
N LYS J 150 35.71 -1.78 -32.09
CA LYS J 150 36.94 -1.65 -31.32
C LYS J 150 36.84 -0.40 -30.45
N MET J 151 37.22 -0.53 -29.19
CA MET J 151 37.25 0.59 -28.26
C MET J 151 38.70 0.87 -27.89
N ALA J 152 39.10 2.13 -27.98
CA ALA J 152 40.48 2.50 -27.73
C ALA J 152 40.80 2.43 -26.24
N THR J 153 41.83 1.66 -25.90
CA THR J 153 42.35 1.59 -24.54
C THR J 153 43.87 1.55 -24.61
N ALA J 154 44.50 1.89 -23.49
CA ALA J 154 45.93 1.69 -23.38
C ALA J 154 46.25 0.22 -23.55
N ASP J 155 47.32 -0.07 -24.28
CA ASP J 155 47.70 -1.45 -24.53
C ASP J 155 48.04 -2.16 -23.22
N GLY J 156 47.59 -3.39 -23.09
CA GLY J 156 47.85 -4.16 -21.89
C GLY J 156 47.04 -5.43 -21.87
N ASP J 157 47.12 -6.12 -20.74
CA ASP J 157 46.51 -7.43 -20.57
C ASP J 157 45.34 -7.32 -19.60
N CYS J 158 44.13 -7.59 -20.10
CA CYS J 158 42.93 -7.60 -19.27
C CYS J 158 42.36 -9.02 -19.13
N SER J 159 43.23 -10.02 -19.17
CA SER J 159 42.78 -11.41 -19.09
C SER J 159 42.16 -11.72 -17.74
N ALA J 160 42.62 -11.07 -16.66
CA ALA J 160 42.01 -11.28 -15.36
C ALA J 160 40.57 -10.79 -15.34
N LEU J 161 40.31 -9.62 -15.92
CA LEU J 161 38.94 -9.12 -15.98
C LEU J 161 38.08 -9.95 -16.94
N SER J 162 38.69 -10.43 -18.02
CA SER J 162 37.98 -11.32 -18.94
C SER J 162 37.59 -12.62 -18.24
N SER J 163 38.50 -13.18 -17.45
CA SER J 163 38.19 -14.38 -16.68
C SER J 163 37.13 -14.09 -15.62
N GLU J 164 37.15 -12.89 -15.03
CA GLU J 164 36.10 -12.52 -14.09
C GLU J 164 34.74 -12.47 -14.77
N VAL J 165 34.67 -11.88 -15.97
CA VAL J 165 33.42 -11.83 -16.72
C VAL J 165 32.93 -13.24 -17.04
N ALA J 166 33.86 -14.08 -17.50
CA ALA J 166 33.51 -15.46 -17.81
C ALA J 166 33.03 -16.20 -16.57
N SER J 167 33.65 -15.95 -15.42
CA SER J 167 33.25 -16.63 -14.19
C SER J 167 31.89 -16.14 -13.72
N TYR J 168 31.58 -14.85 -13.88
CA TYR J 168 30.26 -14.36 -13.54
C TYR J 168 29.19 -14.99 -14.42
N CYS J 169 29.45 -15.05 -15.73
CA CYS J 169 28.50 -15.70 -16.63
C CYS J 169 28.38 -17.19 -16.34
N ASP J 170 29.47 -17.83 -15.93
CA ASP J 170 29.43 -19.24 -15.53
C ASP J 170 28.62 -19.45 -14.27
N LYS J 171 28.72 -18.51 -13.32
CA LYS J 171 27.85 -18.56 -12.14
C LYS J 171 26.39 -18.43 -12.54
N VAL J 172 26.10 -17.56 -13.51
CA VAL J 172 24.73 -17.43 -14.00
C VAL J 172 24.26 -18.75 -14.60
N SER J 173 25.08 -19.35 -15.47
CA SER J 173 24.70 -20.61 -16.11
C SER J 173 24.53 -21.73 -15.10
N ALA J 174 25.41 -21.80 -14.10
CA ALA J 174 25.33 -22.86 -13.11
C ALA J 174 24.17 -22.66 -12.15
N ALA J 175 23.75 -21.41 -11.93
CA ALA J 175 22.60 -21.16 -11.08
C ALA J 175 21.32 -21.72 -11.69
N ILE J 176 21.18 -21.65 -13.00
CA ILE J 176 19.98 -22.13 -13.68
C ILE J 176 20.22 -23.52 -14.25
N MET K 1 -7.65 -12.90 -23.24
CA MET K 1 -7.55 -11.99 -24.37
C MET K 1 -8.80 -11.12 -24.47
N LYS K 2 -8.59 -9.84 -24.75
CA LYS K 2 -9.70 -8.89 -24.77
C LYS K 2 -10.72 -9.26 -25.84
N SER K 3 -11.99 -9.25 -25.44
CA SER K 3 -13.12 -9.47 -26.32
C SER K 3 -14.34 -8.92 -25.61
N VAL K 4 -15.47 -8.88 -26.31
CA VAL K 4 -16.72 -8.46 -25.69
C VAL K 4 -17.01 -9.34 -24.48
N ILE K 5 -16.93 -10.66 -24.66
CA ILE K 5 -17.26 -11.58 -23.60
C ILE K 5 -16.27 -11.46 -22.44
N THR K 6 -14.98 -11.47 -22.75
CA THR K 6 -13.98 -11.43 -21.69
C THR K 6 -14.03 -10.11 -20.94
N THR K 7 -14.17 -8.99 -21.66
CA THR K 7 -14.30 -7.69 -21.01
C THR K 7 -15.53 -7.65 -20.11
N THR K 8 -16.66 -8.13 -20.62
CA THR K 8 -17.91 -8.14 -19.87
C THR K 8 -17.78 -8.97 -18.59
N ILE K 9 -17.25 -10.19 -18.73
CA ILE K 9 -17.15 -11.08 -17.58
C ILE K 9 -16.12 -10.57 -16.58
N SER K 10 -15.03 -9.96 -17.07
CA SER K 10 -14.03 -9.43 -16.16
C SER K 10 -14.57 -8.24 -15.38
N ALA K 11 -15.37 -7.38 -16.02
CA ALA K 11 -16.01 -6.29 -15.29
C ALA K 11 -16.99 -6.83 -14.27
N ALA K 12 -17.76 -7.87 -14.63
CA ALA K 12 -18.68 -8.47 -13.69
C ALA K 12 -17.93 -9.09 -12.50
N ASP K 13 -16.82 -9.77 -12.77
CA ASP K 13 -16.07 -10.44 -11.74
C ASP K 13 -15.38 -9.45 -10.81
N ALA K 14 -14.92 -8.33 -11.35
CA ALA K 14 -14.28 -7.31 -10.52
C ALA K 14 -15.22 -6.81 -9.43
N ALA K 15 -16.52 -6.72 -9.76
CA ALA K 15 -17.53 -6.29 -8.80
C ALA K 15 -18.20 -7.46 -8.09
N GLY K 16 -17.79 -8.69 -8.37
CA GLY K 16 -18.43 -9.86 -7.80
C GLY K 16 -19.89 -9.97 -8.18
N ARG K 17 -20.21 -9.71 -9.43
CA ARG K 17 -21.58 -9.65 -9.91
C ARG K 17 -21.88 -10.82 -10.82
N PHE K 18 -23.07 -11.39 -10.66
CA PHE K 18 -23.59 -12.31 -11.65
C PHE K 18 -23.78 -11.57 -12.97
N PRO K 19 -23.71 -12.28 -14.09
CA PRO K 19 -24.04 -11.63 -15.38
C PRO K 19 -25.42 -11.02 -15.34
N SER K 20 -25.51 -9.77 -15.74
CA SER K 20 -26.74 -8.98 -15.67
C SER K 20 -27.18 -8.62 -17.09
N SER K 21 -28.18 -7.74 -17.18
CA SER K 21 -28.78 -7.42 -18.47
C SER K 21 -27.75 -6.83 -19.43
N SER K 22 -26.91 -5.91 -18.95
CA SER K 22 -25.91 -5.32 -19.82
C SER K 22 -24.90 -6.34 -20.31
N ASP K 23 -24.59 -7.34 -19.48
CA ASP K 23 -23.66 -8.39 -19.89
C ASP K 23 -24.21 -9.18 -21.07
N LEU K 24 -25.45 -9.65 -20.94
CA LEU K 24 -26.11 -10.36 -22.02
C LEU K 24 -26.28 -9.48 -23.25
N GLU K 25 -26.50 -8.19 -23.05
CA GLU K 25 -26.61 -7.26 -24.16
C GLU K 25 -25.30 -7.17 -24.94
N SER K 26 -24.18 -7.10 -24.22
CA SER K 26 -22.88 -7.09 -24.88
C SER K 26 -22.65 -8.37 -25.67
N VAL K 27 -23.01 -9.51 -25.08
CA VAL K 27 -22.87 -10.77 -25.82
C VAL K 27 -23.77 -10.80 -27.05
N GLN K 28 -24.95 -10.19 -26.95
CA GLN K 28 -25.80 -10.04 -28.12
C GLN K 28 -25.11 -9.22 -29.21
N GLY K 29 -24.36 -8.20 -28.80
CA GLY K 29 -23.56 -7.46 -29.76
C GLY K 29 -22.51 -8.33 -30.43
N ASN K 30 -21.87 -9.20 -29.65
CA ASN K 30 -20.98 -10.21 -30.22
C ASN K 30 -21.72 -11.01 -31.30
N ILE K 31 -22.94 -11.46 -30.98
CA ILE K 31 -23.72 -12.25 -31.93
C ILE K 31 -23.99 -11.46 -33.20
N GLN K 32 -24.32 -10.17 -33.07
CA GLN K 32 -24.71 -9.39 -34.23
C GLN K 32 -23.52 -9.04 -35.12
N ARG K 33 -22.36 -8.75 -34.54
CA ARG K 33 -21.19 -8.38 -35.33
C ARG K 33 -20.36 -9.59 -35.76
N ALA K 34 -20.67 -10.77 -35.23
CA ALA K 34 -19.90 -11.97 -35.54
C ALA K 34 -19.94 -12.28 -37.03
N ALA K 35 -21.08 -12.09 -37.68
CA ALA K 35 -21.18 -12.42 -39.10
C ALA K 35 -20.13 -11.67 -39.91
N SER K 36 -20.04 -10.36 -39.71
CA SER K 36 -19.08 -9.55 -40.47
C SER K 36 -17.65 -9.91 -40.08
N ARG K 37 -17.35 -10.00 -38.78
CA ARG K 37 -15.95 -10.22 -38.43
C ARG K 37 -15.48 -11.63 -38.79
N LEU K 38 -16.38 -12.61 -38.74
CA LEU K 38 -16.03 -13.97 -39.14
C LEU K 38 -15.93 -14.09 -40.66
N GLU K 39 -16.72 -13.32 -41.41
CA GLU K 39 -16.51 -13.27 -42.85
C GLU K 39 -15.13 -12.71 -43.16
N ALA K 40 -14.74 -11.64 -42.46
CA ALA K 40 -13.40 -11.07 -42.67
C ALA K 40 -12.32 -12.07 -42.30
N ALA K 41 -12.50 -12.78 -41.19
CA ALA K 41 -11.51 -13.77 -40.77
C ALA K 41 -11.40 -14.91 -41.77
N GLU K 42 -12.54 -15.41 -42.27
CA GLU K 42 -12.53 -16.50 -43.23
C GLU K 42 -11.86 -16.08 -44.53
N LYS K 43 -12.17 -14.87 -45.02
CA LYS K 43 -11.50 -14.39 -46.22
C LYS K 43 -10.00 -14.23 -46.00
N LEU K 44 -9.61 -13.68 -44.85
CA LEU K 44 -8.19 -13.54 -44.55
C LEU K 44 -7.52 -14.89 -44.39
N ALA K 45 -8.18 -15.83 -43.70
CA ALA K 45 -7.59 -17.14 -43.48
C ALA K 45 -7.41 -17.91 -44.78
N GLY K 46 -8.37 -17.78 -45.70
CA GLY K 46 -8.29 -18.49 -46.96
C GLY K 46 -7.44 -17.82 -48.02
N ASN K 47 -6.95 -16.61 -47.75
CA ASN K 47 -6.16 -15.88 -48.73
C ASN K 47 -4.91 -15.26 -48.12
N HIS K 48 -4.44 -15.78 -46.99
CA HIS K 48 -3.38 -15.09 -46.25
C HIS K 48 -2.03 -15.19 -46.95
N GLU K 49 -1.78 -16.26 -47.70
CA GLU K 49 -0.49 -16.37 -48.40
C GLU K 49 -0.31 -15.21 -49.37
N ALA K 50 -1.30 -14.97 -50.22
CA ALA K 50 -1.20 -13.88 -51.19
C ALA K 50 -1.20 -12.52 -50.51
N VAL K 51 -2.02 -12.34 -49.48
CA VAL K 51 -2.09 -11.05 -48.79
C VAL K 51 -0.76 -10.74 -48.14
N VAL K 52 -0.16 -11.72 -47.46
CA VAL K 52 1.12 -11.52 -46.79
C VAL K 52 2.22 -11.26 -47.81
N LYS K 53 2.21 -12.00 -48.91
CA LYS K 53 3.21 -11.76 -49.95
C LYS K 53 3.11 -10.34 -50.50
N GLU K 54 1.88 -9.88 -50.77
CA GLU K 54 1.69 -8.52 -51.27
C GLU K 54 2.11 -7.47 -50.25
N ALA K 55 1.77 -7.69 -48.98
CA ALA K 55 2.14 -6.73 -47.93
C ALA K 55 3.66 -6.64 -47.78
N GLY K 56 4.35 -7.79 -47.79
CA GLY K 56 5.79 -7.76 -47.69
C GLY K 56 6.45 -7.16 -48.92
N ASP K 57 5.90 -7.45 -50.11
CA ASP K 57 6.42 -6.82 -51.32
C ASP K 57 6.26 -5.32 -51.27
N ALA K 58 5.13 -4.84 -50.78
CA ALA K 58 4.92 -3.39 -50.64
C ALA K 58 5.88 -2.80 -49.61
N CYS K 59 6.10 -3.52 -48.50
CA CYS K 59 7.03 -3.05 -47.49
C CYS K 59 8.43 -2.88 -48.05
N PHE K 60 8.89 -3.86 -48.82
CA PHE K 60 10.25 -3.78 -49.37
C PHE K 60 10.33 -2.81 -50.55
N ALA K 61 9.23 -2.63 -51.29
CA ALA K 61 9.23 -1.64 -52.36
C ALA K 61 9.28 -0.23 -51.79
N LYS K 62 8.54 0.03 -50.72
CA LYS K 62 8.56 1.36 -50.12
C LYS K 62 9.90 1.65 -49.47
N TYR K 63 10.56 0.63 -48.91
CA TYR K 63 11.83 0.80 -48.20
C TYR K 63 12.88 -0.14 -48.79
N PRO K 64 13.39 0.16 -49.98
CA PRO K 64 14.48 -0.66 -50.53
C PRO K 64 15.75 -0.63 -49.72
N TYR K 65 15.95 0.40 -48.89
CA TYR K 65 17.15 0.49 -48.06
C TYR K 65 17.27 -0.69 -47.10
N LEU K 66 16.16 -1.36 -46.78
CA LEU K 66 16.22 -2.53 -45.92
C LEU K 66 17.11 -3.63 -46.51
N LYS K 67 17.29 -3.63 -47.83
CA LYS K 67 18.17 -4.61 -48.47
C LYS K 67 19.64 -4.33 -48.21
N ASN K 68 19.99 -3.11 -47.82
CA ASN K 68 21.39 -2.74 -47.66
C ASN K 68 22.01 -3.50 -46.49
N PRO K 69 23.31 -3.80 -46.57
CA PRO K 69 23.97 -4.53 -45.48
C PRO K 69 23.83 -3.82 -44.16
N GLY K 70 23.61 -4.60 -43.10
CA GLY K 70 23.39 -4.06 -41.77
C GLY K 70 21.96 -3.69 -41.47
N GLU K 71 21.09 -3.66 -42.47
CA GLU K 71 19.68 -3.35 -42.29
C GLU K 71 18.89 -4.64 -42.15
N ALA K 72 17.66 -4.51 -41.64
CA ALA K 72 16.75 -5.63 -41.56
C ALA K 72 16.37 -6.08 -42.97
N GLY K 73 16.51 -7.37 -43.25
CA GLY K 73 16.28 -7.85 -44.59
C GLY K 73 17.45 -7.72 -45.52
N ASP K 74 18.68 -7.65 -45.01
CA ASP K 74 19.87 -7.64 -45.84
C ASP K 74 20.31 -9.04 -46.25
N SER K 75 19.65 -10.08 -45.74
CA SER K 75 19.86 -11.45 -46.17
C SER K 75 18.53 -12.04 -46.60
N GLN K 76 18.60 -13.13 -47.36
CA GLN K 76 17.38 -13.80 -47.79
C GLN K 76 16.60 -14.34 -46.59
N GLU K 77 17.30 -14.90 -45.60
CA GLU K 77 16.61 -15.42 -44.43
C GLU K 77 15.96 -14.30 -43.63
N LYS K 78 16.55 -13.11 -43.60
CA LYS K 78 15.93 -11.99 -42.89
C LYS K 78 14.70 -11.48 -43.63
N ILE K 79 14.75 -11.50 -44.96
CA ILE K 79 13.55 -11.17 -45.75
C ILE K 79 12.45 -12.19 -45.49
N ASN K 80 12.82 -13.47 -45.41
CA ASN K 80 11.85 -14.51 -45.09
C ASN K 80 11.27 -14.29 -43.71
N LYS K 81 12.10 -13.87 -42.75
CA LYS K 81 11.59 -13.52 -41.42
C LYS K 81 10.67 -12.32 -41.47
N CYS K 82 10.91 -11.37 -42.38
CA CYS K 82 10.00 -10.24 -42.53
C CYS K 82 8.64 -10.69 -43.02
N TYR K 83 8.62 -11.52 -44.07
CA TYR K 83 7.34 -12.03 -44.57
C TYR K 83 6.67 -12.92 -43.53
N ARG K 84 7.46 -13.67 -42.77
CA ARG K 84 6.92 -14.49 -41.69
C ARG K 84 6.31 -13.63 -40.60
N ASP K 85 6.92 -12.47 -40.31
CA ASP K 85 6.36 -11.55 -39.33
C ASP K 85 5.04 -10.96 -39.81
N ILE K 86 4.97 -10.59 -41.10
CA ILE K 86 3.72 -10.11 -41.65
C ILE K 86 2.67 -11.21 -41.61
N ASP K 87 3.07 -12.45 -41.85
CA ASP K 87 2.16 -13.58 -41.70
C ASP K 87 1.70 -13.74 -40.26
N HIS K 88 2.61 -13.56 -39.30
CA HIS K 88 2.25 -13.61 -37.89
C HIS K 88 1.20 -12.55 -37.58
N TYR K 89 1.41 -11.34 -38.07
CA TYR K 89 0.47 -10.25 -37.81
C TYR K 89 -0.87 -10.51 -38.47
N MET K 90 -0.87 -11.03 -39.70
CA MET K 90 -2.14 -11.34 -40.36
C MET K 90 -2.87 -12.47 -39.65
N ARG K 91 -2.13 -13.44 -39.12
CA ARG K 91 -2.74 -14.50 -38.32
C ARG K 91 -3.33 -13.95 -37.03
N LEU K 92 -2.62 -13.03 -36.38
CA LEU K 92 -3.16 -12.39 -35.18
C LEU K 92 -4.38 -11.54 -35.49
N ILE K 93 -4.41 -10.92 -36.67
CA ILE K 93 -5.59 -10.17 -37.09
C ILE K 93 -6.75 -11.11 -37.36
N ASN K 94 -6.48 -12.26 -37.96
CA ASN K 94 -7.50 -13.29 -38.13
C ASN K 94 -8.03 -13.75 -36.77
N TYR K 95 -7.13 -13.91 -35.80
CA TYR K 95 -7.54 -14.28 -34.45
C TYR K 95 -8.38 -13.18 -33.81
N SER K 96 -8.03 -11.92 -34.06
CA SER K 96 -8.79 -10.81 -33.51
C SER K 96 -10.19 -10.75 -34.11
N LEU K 97 -10.28 -10.98 -35.43
CA LEU K 97 -11.59 -11.01 -36.08
C LEU K 97 -12.44 -12.16 -35.57
N VAL K 98 -11.83 -13.31 -35.35
CA VAL K 98 -12.58 -14.45 -34.81
C VAL K 98 -13.02 -14.16 -33.38
N VAL K 99 -12.10 -13.65 -32.55
CA VAL K 99 -12.39 -13.38 -31.15
C VAL K 99 -13.39 -12.23 -31.02
N GLY K 100 -13.28 -11.23 -31.89
CA GLY K 100 -14.10 -10.05 -31.78
C GLY K 100 -13.46 -8.91 -31.02
N GLY K 101 -12.21 -9.07 -30.59
CA GLY K 101 -11.49 -8.01 -29.91
C GLY K 101 -10.03 -8.07 -30.26
N THR K 102 -9.29 -7.08 -29.77
CA THR K 102 -7.87 -6.96 -30.07
C THR K 102 -6.99 -7.85 -29.20
N GLY K 103 -7.60 -8.65 -28.32
CA GLY K 103 -6.89 -9.51 -27.41
C GLY K 103 -5.71 -10.27 -27.98
N PRO K 104 -5.95 -11.07 -29.04
CA PRO K 104 -4.82 -11.80 -29.64
C PRO K 104 -3.70 -10.89 -30.11
N LEU K 105 -4.04 -9.76 -30.74
CA LEU K 105 -3.00 -8.82 -31.17
C LEU K 105 -2.25 -8.27 -29.98
N ASP K 106 -2.98 -7.74 -28.98
CA ASP K 106 -2.35 -7.15 -27.81
C ASP K 106 -1.39 -8.13 -27.14
N GLU K 107 -1.86 -9.36 -26.92
CA GLU K 107 -1.07 -10.31 -26.14
C GLU K 107 0.09 -10.91 -26.94
N TRP K 108 -0.07 -11.10 -28.25
CA TRP K 108 0.88 -11.93 -28.98
C TRP K 108 1.71 -11.19 -30.02
N GLY K 109 1.31 -10.00 -30.46
CA GLY K 109 2.13 -9.27 -31.40
C GLY K 109 2.53 -7.90 -30.94
N ILE K 110 1.73 -7.28 -30.09
CA ILE K 110 1.93 -5.88 -29.73
C ILE K 110 2.69 -5.75 -28.41
N ALA K 111 2.41 -6.63 -27.44
CA ALA K 111 2.79 -6.38 -26.05
C ALA K 111 4.26 -6.01 -25.91
N GLY K 112 5.15 -6.79 -26.52
CA GLY K 112 6.57 -6.48 -26.49
C GLY K 112 7.18 -6.06 -27.81
N ALA K 113 6.37 -5.70 -28.81
CA ALA K 113 6.89 -5.45 -30.15
C ALA K 113 7.86 -4.28 -30.16
N ARG K 114 7.60 -3.24 -29.37
CA ARG K 114 8.47 -2.07 -29.36
C ARG K 114 9.90 -2.45 -28.97
N GLU K 115 10.04 -3.16 -27.84
CA GLU K 115 11.38 -3.54 -27.37
C GLU K 115 12.04 -4.51 -28.33
N VAL K 116 11.29 -5.47 -28.87
CA VAL K 116 11.85 -6.45 -29.79
C VAL K 116 12.39 -5.75 -31.03
N TYR K 117 11.59 -4.88 -31.62
CA TYR K 117 11.98 -4.24 -32.86
C TYR K 117 13.09 -3.23 -32.64
N ARG K 118 13.12 -2.57 -31.49
CA ARG K 118 14.26 -1.71 -31.15
C ARG K 118 15.53 -2.53 -31.01
N ALA K 119 15.46 -3.67 -30.32
CA ALA K 119 16.65 -4.48 -30.08
C ALA K 119 17.17 -5.08 -31.38
N LEU K 120 16.28 -5.46 -32.28
CA LEU K 120 16.66 -6.11 -33.54
C LEU K 120 16.72 -5.14 -34.70
N ASN K 121 16.62 -3.83 -34.44
CA ASN K 121 16.69 -2.81 -35.48
C ASN K 121 15.65 -3.06 -36.58
N LEU K 122 14.42 -3.34 -36.16
CA LEU K 122 13.32 -3.55 -37.10
C LEU K 122 12.47 -2.29 -37.11
N PRO K 123 12.55 -1.45 -38.14
CA PRO K 123 11.77 -0.20 -38.13
C PRO K 123 10.28 -0.50 -38.22
N GLY K 124 9.52 0.10 -37.31
CA GLY K 124 8.07 -0.05 -37.34
C GLY K 124 7.45 0.49 -38.61
N SER K 125 8.15 1.38 -39.31
CA SER K 125 7.65 1.92 -40.57
C SER K 125 7.45 0.84 -41.61
N SER K 126 8.29 -0.20 -41.60
CA SER K 126 8.14 -1.27 -42.58
C SER K 126 6.88 -2.10 -42.32
N TYR K 127 6.65 -2.46 -41.06
CA TYR K 127 5.40 -3.14 -40.71
C TYR K 127 4.20 -2.26 -41.05
N ILE K 128 4.29 -0.97 -40.73
CA ILE K 128 3.20 -0.05 -41.04
C ILE K 128 2.96 0.02 -42.53
N ALA K 129 4.04 -0.01 -43.32
CA ALA K 129 3.87 0.00 -44.77
C ALA K 129 3.14 -1.23 -45.24
N ALA K 130 3.51 -2.41 -44.72
CA ALA K 130 2.83 -3.63 -45.10
C ALA K 130 1.34 -3.57 -44.73
N PHE K 131 1.04 -3.10 -43.52
CA PHE K 131 -0.36 -3.11 -43.07
C PHE K 131 -1.19 -2.03 -43.74
N VAL K 132 -0.61 -0.85 -43.99
CA VAL K 132 -1.31 0.19 -44.73
C VAL K 132 -1.58 -0.25 -46.15
N PHE K 133 -0.62 -0.92 -46.78
CA PHE K 133 -0.87 -1.46 -48.11
C PHE K 133 -1.99 -2.50 -48.08
N THR K 134 -1.99 -3.37 -47.08
CA THR K 134 -3.06 -4.36 -46.97
C THR K 134 -4.41 -3.69 -46.77
N ARG K 135 -4.47 -2.65 -45.93
CA ARG K 135 -5.72 -1.95 -45.66
C ARG K 135 -6.24 -1.23 -46.90
N ASP K 136 -5.35 -0.57 -47.64
CA ASP K 136 -5.76 0.17 -48.83
C ASP K 136 -6.05 -0.74 -50.01
N ARG K 137 -5.39 -1.91 -50.06
CA ARG K 137 -5.57 -2.84 -51.16
C ARG K 137 -6.95 -3.47 -51.12
N LEU K 138 -7.50 -3.66 -49.93
CA LEU K 138 -8.83 -4.21 -49.78
C LEU K 138 -9.87 -3.31 -50.44
N CYS K 139 -10.75 -3.91 -51.22
CA CYS K 139 -11.83 -3.17 -51.85
C CYS K 139 -13.13 -3.95 -51.69
N VAL K 140 -14.23 -3.22 -51.64
CA VAL K 140 -15.56 -3.78 -51.40
C VAL K 140 -16.34 -3.70 -52.71
N PRO K 141 -17.06 -4.76 -53.09
CA PRO K 141 -17.22 -6.05 -52.41
C PRO K 141 -16.48 -7.21 -53.06
N ARG K 142 -15.44 -6.97 -53.88
CA ARG K 142 -14.74 -8.09 -54.51
C ARG K 142 -13.99 -8.94 -53.49
N ASP K 143 -13.55 -8.33 -52.38
CA ASP K 143 -12.77 -9.03 -51.37
C ASP K 143 -13.64 -9.53 -50.23
N MET K 144 -14.38 -8.62 -49.60
CA MET K 144 -15.37 -8.99 -48.60
C MET K 144 -16.47 -7.95 -48.56
N SER K 145 -17.49 -8.22 -47.76
CA SER K 145 -18.61 -7.29 -47.61
C SER K 145 -18.15 -6.01 -46.93
N ALA K 146 -19.04 -5.02 -46.91
CA ALA K 146 -18.69 -3.71 -46.37
C ALA K 146 -18.31 -3.81 -44.90
N GLN K 147 -19.11 -4.52 -44.10
CA GLN K 147 -18.84 -4.58 -42.67
C GLN K 147 -17.69 -5.53 -42.34
N ALA K 148 -17.53 -6.60 -43.11
CA ALA K 148 -16.32 -7.41 -42.97
C ALA K 148 -15.08 -6.58 -43.27
N ALA K 149 -15.15 -5.73 -44.29
CA ALA K 149 -14.06 -4.81 -44.56
C ALA K 149 -13.85 -3.83 -43.42
N VAL K 150 -14.94 -3.37 -42.80
CA VAL K 150 -14.82 -2.47 -41.66
C VAL K 150 -14.05 -3.15 -40.54
N GLU K 151 -14.39 -4.40 -40.24
CA GLU K 151 -13.70 -5.12 -39.17
C GLU K 151 -12.24 -5.37 -39.51
N PHE K 152 -11.96 -5.81 -40.75
CA PHE K 152 -10.60 -6.09 -41.16
C PHE K 152 -9.74 -4.83 -41.13
N SER K 153 -10.27 -3.73 -41.66
CA SER K 153 -9.55 -2.46 -41.65
C SER K 153 -9.41 -1.92 -40.24
N GLY K 154 -10.37 -2.20 -39.35
CA GLY K 154 -10.21 -1.81 -37.97
C GLY K 154 -9.07 -2.54 -37.29
N ALA K 155 -8.96 -3.84 -37.54
CA ALA K 155 -7.83 -4.60 -36.99
C ALA K 155 -6.50 -4.10 -37.57
N LEU K 156 -6.47 -3.82 -38.87
CA LEU K 156 -5.24 -3.31 -39.48
C LEU K 156 -4.88 -1.93 -38.94
N ASP K 157 -5.88 -1.07 -38.76
CA ASP K 157 -5.61 0.25 -38.19
C ASP K 157 -5.16 0.13 -36.74
N TYR K 158 -5.70 -0.85 -36.01
CA TYR K 158 -5.27 -1.07 -34.65
C TYR K 158 -3.79 -1.45 -34.58
N VAL K 159 -3.37 -2.37 -35.46
CA VAL K 159 -1.96 -2.76 -35.44
C VAL K 159 -1.07 -1.61 -35.92
N ILE K 160 -1.54 -0.84 -36.92
CA ILE K 160 -0.76 0.30 -37.39
C ILE K 160 -0.58 1.32 -36.27
N ASN K 161 -1.65 1.61 -35.53
CA ASN K 161 -1.57 2.56 -34.43
C ASN K 161 -0.76 2.00 -33.27
N SER K 162 -0.73 0.67 -33.12
CA SER K 162 0.17 0.08 -32.13
C SER K 162 1.62 0.28 -32.52
N LEU K 163 1.91 0.33 -33.81
CA LEU K 163 3.26 0.62 -34.27
C LEU K 163 3.56 2.10 -34.39
N CYS K 164 2.55 2.96 -34.28
CA CYS K 164 2.76 4.41 -34.41
C CYS K 164 2.88 5.06 -33.04
N MET L 1 -19.52 6.86 -14.72
CA MET L 1 -19.85 7.80 -15.77
C MET L 1 -21.28 7.60 -16.26
N LEU L 2 -21.75 8.52 -17.09
CA LEU L 2 -23.08 8.43 -17.70
C LEU L 2 -22.96 8.35 -19.21
N ASP L 3 -23.86 7.60 -19.82
CA ASP L 3 -24.05 7.65 -21.26
C ASP L 3 -25.31 8.48 -21.55
N ALA L 4 -25.74 8.50 -22.82
CA ALA L 4 -26.93 9.26 -23.18
C ALA L 4 -28.17 8.72 -22.45
N PHE L 5 -28.30 7.39 -22.39
CA PHE L 5 -29.43 6.78 -21.69
C PHE L 5 -29.40 7.09 -20.19
N SER L 6 -28.23 6.94 -19.57
CA SER L 6 -28.13 7.26 -18.16
C SER L 6 -28.32 8.75 -17.91
N ARG L 7 -27.91 9.59 -18.87
CA ARG L 7 -28.19 11.03 -18.76
C ARG L 7 -29.70 11.28 -18.77
N VAL L 8 -30.42 10.59 -19.65
CA VAL L 8 -31.87 10.75 -19.71
C VAL L 8 -32.51 10.30 -18.40
N VAL L 9 -32.07 9.17 -17.86
CA VAL L 9 -32.69 8.71 -16.61
C VAL L 9 -32.30 9.60 -15.43
N VAL L 10 -31.09 10.18 -15.45
CA VAL L 10 -30.70 11.11 -14.40
C VAL L 10 -31.56 12.36 -14.45
N ASN L 11 -31.83 12.88 -15.66
CA ASN L 11 -32.74 14.01 -15.80
C ASN L 11 -34.14 13.62 -15.34
N SER L 12 -34.58 12.41 -15.68
CA SER L 12 -35.89 11.94 -15.24
C SER L 12 -35.95 11.74 -13.73
N ASP L 13 -34.86 11.29 -13.12
CA ASP L 13 -34.86 11.03 -11.69
C ASP L 13 -34.96 12.31 -10.88
N SER L 14 -34.45 13.43 -11.41
CA SER L 14 -34.52 14.69 -10.69
C SER L 14 -35.95 15.14 -10.44
N LYS L 15 -36.91 14.68 -11.24
CA LYS L 15 -38.32 14.96 -11.02
C LYS L 15 -39.10 13.71 -10.62
N ALA L 16 -38.41 12.63 -10.26
CA ALA L 16 -39.05 11.36 -9.91
C ALA L 16 -40.03 10.91 -11.00
N ALA L 17 -39.64 11.15 -12.24
CA ALA L 17 -40.48 10.80 -13.38
C ALA L 17 -39.95 9.54 -14.06
N TYR L 18 -40.87 8.66 -14.45
CA TYR L 18 -40.52 7.60 -15.37
C TYR L 18 -40.10 8.22 -16.70
N VAL L 19 -39.19 7.54 -17.39
CA VAL L 19 -38.67 8.08 -18.64
C VAL L 19 -39.82 8.33 -19.61
N SER L 20 -40.01 9.59 -19.97
CA SER L 20 -41.18 10.01 -20.72
C SER L 20 -41.08 9.56 -22.18
N GLY L 21 -42.21 9.70 -22.89
CA GLY L 21 -42.25 9.31 -24.29
C GLY L 21 -41.33 10.12 -25.16
N SER L 22 -41.17 11.41 -24.86
CA SER L 22 -40.26 12.25 -25.64
C SER L 22 -38.81 11.85 -25.42
N ASP L 23 -38.42 11.61 -24.17
CA ASP L 23 -37.07 11.15 -23.88
C ASP L 23 -36.83 9.78 -24.47
N LEU L 24 -37.85 8.91 -24.42
CA LEU L 24 -37.74 7.60 -25.05
C LEU L 24 -37.55 7.72 -26.55
N GLN L 25 -38.25 8.66 -27.18
CA GLN L 25 -38.08 8.88 -28.61
C GLN L 25 -36.70 9.41 -28.94
N ALA L 26 -36.17 10.31 -28.11
CA ALA L 26 -34.82 10.80 -28.32
C ALA L 26 -33.79 9.68 -28.21
N LEU L 27 -33.96 8.80 -27.22
CA LEU L 27 -33.05 7.68 -27.10
C LEU L 27 -33.23 6.67 -28.22
N LYS L 28 -34.45 6.51 -28.72
CA LYS L 28 -34.68 5.65 -29.87
C LYS L 28 -33.99 6.21 -31.11
N THR L 29 -33.99 7.53 -31.26
CA THR L 29 -33.22 8.16 -32.33
C THR L 29 -31.73 7.93 -32.15
N PHE L 30 -31.25 8.05 -30.91
CA PHE L 30 -29.86 7.73 -30.60
C PHE L 30 -29.51 6.31 -31.04
N ILE L 31 -30.40 5.36 -30.74
CA ILE L 31 -30.18 3.98 -31.16
C ILE L 31 -30.20 3.86 -32.68
N ALA L 32 -31.15 4.52 -33.33
CA ALA L 32 -31.27 4.42 -34.79
C ALA L 32 -30.04 4.98 -35.48
N ASP L 33 -29.42 6.00 -34.90
CA ASP L 33 -28.14 6.51 -35.37
C ASP L 33 -26.95 5.81 -34.71
N GLY L 34 -27.20 4.69 -34.03
CA GLY L 34 -26.12 4.03 -33.31
C GLY L 34 -25.03 3.49 -34.22
N ASN L 35 -25.41 2.98 -35.38
CA ASN L 35 -24.41 2.50 -36.34
C ASN L 35 -23.55 3.65 -36.85
N LYS L 36 -24.16 4.79 -37.14
CA LYS L 36 -23.39 5.97 -37.55
C LYS L 36 -22.46 6.43 -36.43
N ARG L 37 -22.94 6.39 -35.18
CA ARG L 37 -22.10 6.74 -34.05
C ARG L 37 -20.90 5.79 -33.94
N LEU L 38 -21.14 4.50 -34.13
CA LEU L 38 -20.04 3.53 -34.09
C LEU L 38 -19.05 3.80 -35.22
N ASP L 39 -19.55 4.13 -36.41
CA ASP L 39 -18.66 4.48 -37.52
C ASP L 39 -17.85 5.73 -37.20
N ALA L 40 -18.46 6.73 -36.59
CA ALA L 40 -17.74 7.94 -36.22
C ALA L 40 -16.64 7.66 -35.21
N VAL L 41 -16.96 6.86 -34.18
CA VAL L 41 -15.96 6.49 -33.19
C VAL L 41 -14.83 5.72 -33.85
N ASN L 42 -15.18 4.76 -34.72
CA ASN L 42 -14.16 3.98 -35.42
C ASN L 42 -13.28 4.86 -36.28
N SER L 43 -13.86 5.87 -36.94
CA SER L 43 -13.08 6.78 -37.75
C SER L 43 -12.11 7.58 -36.88
N ILE L 44 -12.55 7.99 -35.69
CA ILE L 44 -11.65 8.71 -34.80
C ILE L 44 -10.52 7.80 -34.32
N VAL L 45 -10.87 6.61 -33.81
CA VAL L 45 -9.86 5.77 -33.19
C VAL L 45 -8.93 5.15 -34.22
N SER L 46 -9.41 4.89 -35.44
CA SER L 46 -8.56 4.35 -36.48
C SER L 46 -7.54 5.36 -36.99
N ASN L 47 -7.68 6.63 -36.62
CA ASN L 47 -6.74 7.67 -37.00
C ASN L 47 -6.25 8.45 -35.78
N ALA L 48 -6.34 7.85 -34.60
CA ALA L 48 -6.05 8.59 -33.37
C ALA L 48 -4.61 9.07 -33.32
N SER L 49 -3.67 8.20 -33.68
CA SER L 49 -2.26 8.59 -33.63
C SER L 49 -1.98 9.73 -34.61
N CYS L 50 -2.51 9.64 -35.82
CA CYS L 50 -2.33 10.71 -36.79
C CYS L 50 -2.99 11.99 -36.32
N ILE L 51 -4.19 11.90 -35.76
CA ILE L 51 -4.88 13.09 -35.26
C ILE L 51 -4.04 13.79 -34.20
N VAL L 52 -3.57 13.03 -33.22
CA VAL L 52 -2.85 13.61 -32.09
C VAL L 52 -1.51 14.18 -32.55
N SER L 53 -0.77 13.41 -33.35
CA SER L 53 0.53 13.89 -33.82
C SER L 53 0.38 15.14 -34.67
N ASP L 54 -0.61 15.14 -35.58
CA ASP L 54 -0.84 16.31 -36.42
C ASP L 54 -1.23 17.51 -35.58
N ALA L 55 -2.08 17.33 -34.57
CA ALA L 55 -2.49 18.45 -33.74
C ALA L 55 -1.32 19.03 -32.96
N VAL L 56 -0.52 18.16 -32.33
CA VAL L 56 0.61 18.64 -31.55
C VAL L 56 1.63 19.34 -32.44
N SER L 57 1.93 18.74 -33.60
CA SER L 57 2.92 19.35 -34.49
C SER L 57 2.40 20.64 -35.11
N GLY L 58 1.09 20.73 -35.38
CA GLY L 58 0.54 21.98 -35.86
C GLY L 58 0.54 23.08 -34.82
N MET L 59 0.25 22.72 -33.57
CA MET L 59 0.33 23.69 -32.48
C MET L 59 1.76 24.18 -32.31
N ILE L 60 2.74 23.28 -32.46
CA ILE L 60 4.14 23.68 -32.35
C ILE L 60 4.56 24.52 -33.53
N CYS L 61 4.11 24.17 -34.75
CA CYS L 61 4.49 24.94 -35.93
C CYS L 61 3.92 26.34 -35.87
N GLU L 62 2.68 26.48 -35.39
CA GLU L 62 2.09 27.80 -35.26
C GLU L 62 2.69 28.59 -34.10
N ASN L 63 3.22 27.89 -33.09
CA ASN L 63 3.83 28.52 -31.92
C ASN L 63 5.21 27.91 -31.70
N PRO L 64 6.22 28.35 -32.47
CA PRO L 64 7.56 27.77 -32.32
C PRO L 64 8.19 27.98 -30.96
N GLY L 65 7.67 28.90 -30.14
CA GLY L 65 8.21 29.09 -28.81
C GLY L 65 8.05 27.90 -27.90
N LEU L 66 7.12 26.98 -28.22
CA LEU L 66 6.92 25.80 -27.39
C LEU L 66 8.15 24.91 -27.38
N ILE L 67 8.82 24.76 -28.53
CA ILE L 67 9.99 23.91 -28.62
C ILE L 67 11.29 24.65 -28.32
N ALA L 68 11.21 25.94 -28.04
CA ALA L 68 12.36 26.70 -27.58
C ALA L 68 12.65 26.38 -26.12
N PRO L 69 13.88 26.61 -25.67
CA PRO L 69 14.19 26.40 -24.24
C PRO L 69 13.27 27.23 -23.35
N GLY L 70 12.74 26.60 -22.32
CA GLY L 70 11.71 27.18 -21.50
C GLY L 70 10.30 26.97 -22.02
N GLY L 71 10.16 26.64 -23.29
CA GLY L 71 8.85 26.27 -23.81
C GLY L 71 8.40 24.94 -23.25
N ASN L 72 7.08 24.76 -23.20
CA ASN L 72 6.53 23.60 -22.51
C ASN L 72 6.59 22.32 -23.34
N CYS L 73 6.99 22.40 -24.60
CA CYS L 73 7.24 21.22 -25.41
C CYS L 73 8.72 21.07 -25.77
N TYR L 74 9.59 21.63 -24.92
CA TYR L 74 10.99 21.75 -25.31
C TYR L 74 11.68 20.39 -25.37
N THR L 75 11.80 19.70 -24.24
CA THR L 75 12.56 18.46 -24.24
C THR L 75 11.73 17.32 -24.84
N ASN L 76 12.40 16.19 -25.08
CA ASN L 76 11.71 14.99 -25.53
C ASN L 76 10.72 14.50 -24.49
N ARG L 77 11.04 14.64 -23.20
CA ARG L 77 10.10 14.25 -22.16
C ARG L 77 8.85 15.12 -22.19
N ARG L 78 9.03 16.43 -22.31
CA ARG L 78 7.89 17.34 -22.38
C ARG L 78 7.07 17.10 -23.64
N MET L 79 7.73 16.87 -24.77
CA MET L 79 7.03 16.57 -26.01
C MET L 79 6.24 15.27 -25.89
N ALA L 80 6.84 14.25 -25.28
CA ALA L 80 6.13 12.99 -25.09
C ALA L 80 4.93 13.16 -24.17
N ALA L 81 5.08 13.98 -23.12
CA ALA L 81 3.95 14.25 -22.23
C ALA L 81 2.85 15.01 -22.96
N CYS L 82 3.22 15.94 -23.83
CA CYS L 82 2.22 16.68 -24.61
C CYS L 82 1.50 15.77 -25.59
N LEU L 83 2.23 14.89 -26.27
CA LEU L 83 1.59 13.92 -27.16
C LEU L 83 0.70 12.97 -26.38
N ARG L 84 1.13 12.56 -25.19
CA ARG L 84 0.31 11.70 -24.34
C ARG L 84 -0.95 12.41 -23.89
N ASP L 85 -0.86 13.70 -23.55
CA ASP L 85 -2.03 14.45 -23.16
C ASP L 85 -2.99 14.62 -24.34
N GLY L 86 -2.46 14.88 -25.53
CA GLY L 86 -3.31 14.93 -26.71
C GLY L 86 -4.02 13.62 -26.95
N GLU L 87 -3.30 12.50 -26.83
CA GLU L 87 -3.91 11.19 -27.01
C GLU L 87 -4.95 10.92 -25.93
N ILE L 88 -4.68 11.32 -24.69
CA ILE L 88 -5.63 11.11 -23.60
C ILE L 88 -6.91 11.91 -23.84
N ILE L 89 -6.76 13.17 -24.24
CA ILE L 89 -7.93 14.01 -24.50
C ILE L 89 -8.73 13.46 -25.67
N LEU L 90 -8.05 13.02 -26.73
CA LEU L 90 -8.75 12.41 -27.85
C LEU L 90 -9.44 11.11 -27.43
N ARG L 91 -8.81 10.35 -26.54
CA ARG L 91 -9.41 9.10 -26.06
C ARG L 91 -10.68 9.38 -25.27
N TYR L 92 -10.65 10.40 -24.42
CA TYR L 92 -11.85 10.72 -23.64
C TYR L 92 -12.92 11.36 -24.52
N THR L 93 -12.52 12.12 -25.54
CA THR L 93 -13.48 12.62 -26.52
C THR L 93 -14.15 11.47 -27.27
N SER L 94 -13.37 10.45 -27.64
CA SER L 94 -13.94 9.26 -28.27
C SER L 94 -14.85 8.51 -27.30
N TYR L 95 -14.50 8.49 -26.01
CA TYR L 95 -15.37 7.91 -25.00
C TYR L 95 -16.70 8.65 -24.96
N ALA L 96 -16.67 9.98 -24.99
CA ALA L 96 -17.89 10.77 -24.98
C ALA L 96 -18.71 10.52 -26.24
N LEU L 97 -18.04 10.44 -27.39
CA LEU L 97 -18.74 10.17 -28.64
C LEU L 97 -19.40 8.79 -28.62
N LEU L 98 -18.71 7.78 -28.09
CA LEU L 98 -19.28 6.45 -27.98
C LEU L 98 -20.45 6.45 -27.00
N ALA L 99 -20.30 7.12 -25.87
CA ALA L 99 -21.35 7.16 -24.85
C ALA L 99 -22.50 8.08 -25.25
N GLY L 100 -22.23 9.09 -26.06
CA GLY L 100 -23.22 10.11 -26.34
C GLY L 100 -23.38 11.13 -25.23
N ASP L 101 -22.50 11.12 -24.23
CA ASP L 101 -22.59 12.03 -23.11
C ASP L 101 -21.19 12.50 -22.73
N SER L 102 -21.12 13.72 -22.20
CA SER L 102 -19.84 14.32 -21.82
C SER L 102 -19.38 13.94 -20.42
N SER L 103 -20.17 13.16 -19.68
CA SER L 103 -19.85 12.91 -18.28
C SER L 103 -18.51 12.21 -18.13
N VAL L 104 -18.24 11.22 -18.98
CA VAL L 104 -16.96 10.51 -18.90
C VAL L 104 -15.81 11.49 -19.13
N LEU L 105 -15.92 12.32 -20.17
CA LEU L 105 -14.87 13.26 -20.49
C LEU L 105 -14.65 14.25 -19.35
N GLU L 106 -15.72 14.92 -18.91
CA GLU L 106 -15.61 15.90 -17.84
C GLU L 106 -15.00 15.26 -16.59
N ASP L 107 -15.65 14.22 -16.07
CA ASP L 107 -15.28 13.66 -14.78
C ASP L 107 -13.88 13.05 -14.80
N ARG L 108 -13.52 12.34 -15.86
CA ARG L 108 -12.29 11.56 -15.84
C ARG L 108 -11.12 12.23 -16.56
N CYS L 109 -11.34 13.35 -17.25
CA CYS L 109 -10.22 14.04 -17.88
C CYS L 109 -10.20 15.52 -17.57
N LEU L 110 -11.36 16.18 -17.53
CA LEU L 110 -11.40 17.63 -17.40
C LEU L 110 -11.47 18.09 -15.95
N ASN L 111 -11.78 17.20 -15.02
CA ASN L 111 -11.87 17.57 -13.61
C ASN L 111 -10.47 17.84 -13.09
N GLY L 112 -10.18 19.10 -12.78
CA GLY L 112 -8.87 19.48 -12.30
C GLY L 112 -7.82 19.62 -13.37
N LEU L 113 -8.17 19.47 -14.64
CA LEU L 113 -7.19 19.60 -15.71
C LEU L 113 -6.66 21.02 -15.82
N LYS L 114 -7.54 22.01 -15.67
CA LYS L 114 -7.11 23.40 -15.74
C LYS L 114 -6.13 23.73 -14.61
N GLU L 115 -6.48 23.34 -13.38
CA GLU L 115 -5.60 23.60 -12.24
C GLU L 115 -4.29 22.85 -12.39
N THR L 116 -4.35 21.60 -12.86
CA THR L 116 -3.14 20.82 -13.06
C THR L 116 -2.23 21.47 -14.09
N TYR L 117 -2.79 21.95 -15.20
CA TYR L 117 -1.98 22.60 -16.22
C TYR L 117 -1.42 23.91 -15.72
N ILE L 118 -2.17 24.64 -14.90
CA ILE L 118 -1.66 25.86 -14.31
C ILE L 118 -0.48 25.57 -13.38
N ALA L 119 -0.62 24.53 -12.56
CA ALA L 119 0.45 24.16 -11.64
C ALA L 119 1.69 23.70 -12.41
N LEU L 120 1.50 23.00 -13.53
CA LEU L 120 2.61 22.52 -14.32
C LEU L 120 3.19 23.58 -15.26
N GLY L 121 2.50 24.70 -15.45
CA GLY L 121 2.93 25.69 -16.40
C GLY L 121 2.60 25.38 -17.84
N VAL L 122 1.72 24.41 -18.09
CA VAL L 122 1.28 24.08 -19.43
C VAL L 122 0.49 25.26 -19.99
N PRO L 123 0.86 25.79 -21.16
CA PRO L 123 0.16 26.98 -21.67
C PRO L 123 -1.25 26.62 -22.12
N THR L 124 -2.24 27.30 -21.53
CA THR L 124 -3.63 27.01 -21.85
C THR L 124 -3.94 27.32 -23.30
N ASN L 125 -3.41 28.43 -23.83
CA ASN L 125 -3.69 28.80 -25.21
C ASN L 125 -3.19 27.75 -26.19
N SER L 126 -1.96 27.27 -25.99
CA SER L 126 -1.42 26.24 -26.86
C SER L 126 -2.19 24.93 -26.70
N THR L 127 -2.61 24.61 -25.47
CA THR L 127 -3.40 23.40 -25.25
C THR L 127 -4.72 23.46 -26.00
N VAL L 128 -5.42 24.59 -25.92
CA VAL L 128 -6.69 24.70 -26.64
C VAL L 128 -6.45 24.75 -28.15
N ARG L 129 -5.31 25.27 -28.59
CA ARG L 129 -5.01 25.22 -30.02
C ARG L 129 -4.82 23.78 -30.49
N ALA L 130 -4.09 22.97 -29.71
CA ALA L 130 -3.94 21.56 -30.05
C ALA L 130 -5.28 20.85 -30.01
N VAL L 131 -6.12 21.16 -29.00
CA VAL L 131 -7.42 20.53 -28.90
C VAL L 131 -8.31 20.93 -30.07
N SER L 132 -8.20 22.17 -30.53
CA SER L 132 -9.00 22.63 -31.66
C SER L 132 -8.52 22.00 -32.96
N ILE L 133 -7.22 21.79 -33.11
CA ILE L 133 -6.72 21.06 -34.29
C ILE L 133 -7.20 19.61 -34.25
N MET L 134 -7.18 19.00 -33.06
CA MET L 134 -7.75 17.66 -32.91
C MET L 134 -9.22 17.65 -33.26
N LYS L 135 -9.95 18.69 -32.85
CA LYS L 135 -11.36 18.79 -33.18
C LYS L 135 -11.57 18.85 -34.69
N SER L 136 -10.78 19.70 -35.36
CA SER L 136 -10.91 19.82 -36.80
C SER L 136 -10.61 18.50 -37.51
N SER L 137 -9.50 17.86 -37.14
CA SER L 137 -9.14 16.59 -37.77
C SER L 137 -10.17 15.50 -37.48
N ALA L 138 -10.62 15.40 -36.23
CA ALA L 138 -11.60 14.38 -35.88
C ALA L 138 -12.92 14.61 -36.59
N VAL L 139 -13.38 15.86 -36.65
CA VAL L 139 -14.60 16.19 -37.38
C VAL L 139 -14.46 15.82 -38.85
N ALA L 140 -13.30 16.10 -39.43
CA ALA L 140 -13.06 15.69 -40.81
C ALA L 140 -13.14 14.17 -40.96
N PHE L 141 -12.57 13.44 -40.01
CA PHE L 141 -12.57 11.99 -40.09
C PHE L 141 -13.98 11.40 -39.94
N ILE L 142 -14.80 11.97 -39.05
CA ILE L 142 -16.20 11.55 -38.96
C ILE L 142 -16.93 11.87 -40.26
N SER L 143 -16.73 13.07 -40.79
CA SER L 143 -17.34 13.45 -42.06
C SER L 143 -16.67 12.77 -43.25
N ASN L 144 -15.58 12.04 -43.03
CA ASN L 144 -14.83 11.39 -44.11
C ASN L 144 -14.35 12.41 -45.14
N THR L 145 -13.97 13.59 -44.64
CA THR L 145 -13.45 14.66 -45.48
C THR L 145 -11.94 14.85 -45.30
N ALA L 146 -11.27 13.93 -44.59
CA ALA L 146 -9.83 14.01 -44.46
C ALA L 146 -9.17 13.85 -45.83
N SER L 147 -8.23 14.74 -46.13
CA SER L 147 -7.67 14.79 -47.47
C SER L 147 -6.90 13.52 -47.82
N GLN L 148 -6.15 12.98 -46.87
CA GLN L 148 -5.20 11.91 -47.15
C GLN L 148 -5.66 10.54 -46.68
N ARG L 149 -6.74 10.44 -45.91
CA ARG L 149 -7.26 9.16 -45.47
C ARG L 149 -8.78 9.15 -45.64
N LYS L 150 -9.28 8.11 -46.30
CA LYS L 150 -10.71 7.90 -46.47
C LYS L 150 -11.09 6.57 -45.86
N MET L 151 -12.20 6.55 -45.12
CA MET L 151 -12.74 5.32 -44.56
C MET L 151 -14.12 5.07 -45.19
N ALA L 152 -14.29 3.87 -45.74
CA ALA L 152 -15.54 3.55 -46.42
C ALA L 152 -16.67 3.39 -45.43
N THR L 153 -17.75 4.14 -45.67
CA THR L 153 -18.98 4.02 -44.89
C THR L 153 -20.15 4.14 -45.85
N ALA L 154 -21.30 3.63 -45.42
CA ALA L 154 -22.52 3.82 -46.19
C ALA L 154 -22.84 5.32 -46.27
N ASP L 155 -23.26 5.75 -47.45
CA ASP L 155 -23.48 7.17 -47.68
C ASP L 155 -24.58 7.70 -46.76
N GLY L 156 -24.35 8.90 -46.22
CA GLY L 156 -25.32 9.50 -45.33
C GLY L 156 -24.74 10.72 -44.66
N ASP L 157 -25.51 11.25 -43.71
CA ASP L 157 -25.16 12.49 -43.03
C ASP L 157 -24.82 12.18 -41.58
N CYS L 158 -23.60 12.53 -41.18
CA CYS L 158 -23.13 12.33 -39.81
C CYS L 158 -22.81 13.68 -39.14
N SER L 159 -23.50 14.74 -39.58
CA SER L 159 -23.22 16.07 -39.05
C SER L 159 -23.56 16.19 -37.57
N ALA L 160 -24.55 15.43 -37.11
CA ALA L 160 -24.85 15.42 -35.67
C ALA L 160 -23.68 14.89 -34.88
N LEU L 161 -23.04 13.82 -35.37
CA LEU L 161 -21.88 13.26 -34.67
C LEU L 161 -20.67 14.17 -34.77
N SER L 162 -20.49 14.83 -35.92
CA SER L 162 -19.41 15.80 -36.04
C SER L 162 -19.60 16.97 -35.08
N SER L 163 -20.83 17.46 -34.97
CA SER L 163 -21.11 18.53 -34.02
C SER L 163 -20.93 18.05 -32.59
N GLU L 164 -21.28 16.80 -32.30
CA GLU L 164 -21.08 16.26 -30.96
C GLU L 164 -19.59 16.19 -30.62
N VAL L 165 -18.77 15.75 -31.56
CA VAL L 165 -17.32 15.69 -31.33
C VAL L 165 -16.76 17.10 -31.15
N ALA L 166 -17.22 18.03 -31.98
CA ALA L 166 -16.80 19.43 -31.84
C ALA L 166 -17.20 19.98 -30.49
N SER L 167 -18.39 19.62 -29.99
CA SER L 167 -18.83 20.13 -28.69
C SER L 167 -18.03 19.50 -27.56
N TYR L 168 -17.65 18.23 -27.69
CA TYR L 168 -16.77 17.62 -26.69
C TYR L 168 -15.42 18.32 -26.64
N CYS L 169 -14.85 18.59 -27.82
CA CYS L 169 -13.58 19.31 -27.86
C CYS L 169 -13.73 20.74 -27.35
N ASP L 170 -14.88 21.36 -27.59
CA ASP L 170 -15.15 22.69 -27.05
C ASP L 170 -15.26 22.66 -25.53
N LYS L 171 -15.85 21.61 -24.98
CA LYS L 171 -15.86 21.44 -23.53
C LYS L 171 -14.45 21.30 -22.99
N VAL L 172 -13.60 20.57 -23.72
CA VAL L 172 -12.20 20.44 -23.32
C VAL L 172 -11.54 21.81 -23.30
N SER L 173 -11.69 22.57 -24.38
CA SER L 173 -11.05 23.88 -24.47
C SER L 173 -11.57 24.84 -23.41
N ALA L 174 -12.89 24.83 -23.18
CA ALA L 174 -13.46 25.73 -22.18
C ALA L 174 -13.08 25.34 -20.77
N ALA L 175 -12.86 24.05 -20.52
CA ALA L 175 -12.46 23.61 -19.19
C ALA L 175 -11.07 24.14 -18.83
N ILE L 176 -10.22 24.34 -19.82
CA ILE L 176 -8.87 24.82 -19.56
C ILE L 176 -8.72 26.28 -19.98
N GLU M 5 16.18 43.90 46.48
CA GLU M 5 16.63 42.56 46.82
C GLU M 5 15.56 41.80 47.60
N VAL M 6 15.93 40.65 48.13
CA VAL M 6 15.02 39.80 48.89
C VAL M 6 14.94 40.31 50.33
N GLN M 7 13.73 40.57 50.81
CA GLN M 7 13.52 41.15 52.13
C GLN M 7 12.83 40.21 53.11
N LEU M 8 11.66 39.67 52.74
CA LEU M 8 10.89 38.79 53.61
C LEU M 8 10.51 39.48 54.92
N GLN M 9 9.72 40.54 54.80
CA GLN M 9 9.27 41.29 55.96
C GLN M 9 8.29 40.45 56.77
N GLN M 10 8.48 40.43 58.08
CA GLN M 10 7.64 39.66 58.99
C GLN M 10 6.74 40.58 59.81
N SER M 11 5.72 39.99 60.41
CA SER M 11 4.80 40.73 61.25
C SER M 11 5.44 41.05 62.60
N GLY M 12 4.80 41.94 63.34
CA GLY M 12 5.34 42.38 64.61
C GLY M 12 5.19 41.33 65.70
N ALA M 13 5.86 41.60 66.81
CA ALA M 13 5.82 40.69 67.95
C ALA M 13 4.40 40.53 68.46
N GLU M 14 4.01 39.29 68.74
CA GLU M 14 2.66 38.96 69.17
C GLU M 14 2.69 38.43 70.59
N LEU M 15 1.84 38.98 71.45
CA LEU M 15 1.70 38.54 72.82
C LEU M 15 0.37 37.80 72.96
N ALA M 16 0.42 36.55 73.41
CA ALA M 16 -0.76 35.72 73.50
C ALA M 16 -0.73 34.93 74.80
N ARG M 17 -1.90 34.53 75.25
CA ARG M 17 -2.07 33.72 76.44
C ARG M 17 -2.06 32.25 76.09
N PRO M 18 -1.75 31.37 77.04
CA PRO M 18 -1.75 29.94 76.76
C PRO M 18 -3.10 29.46 76.24
N GLY M 19 -3.05 28.56 75.26
CA GLY M 19 -4.24 28.06 74.62
C GLY M 19 -4.74 28.88 73.44
N ALA M 20 -4.15 30.04 73.19
CA ALA M 20 -4.56 30.89 72.09
C ALA M 20 -3.80 30.53 70.82
N SER M 21 -4.08 31.27 69.74
CA SER M 21 -3.46 31.04 68.45
C SER M 21 -2.94 32.36 67.89
N VAL M 22 -1.80 32.28 67.19
CA VAL M 22 -1.18 33.43 66.57
C VAL M 22 -0.93 33.14 65.10
N LYS M 23 -1.29 34.09 64.24
CA LYS M 23 -1.08 33.98 62.79
C LYS M 23 0.12 34.82 62.42
N LEU M 24 1.30 34.19 62.40
CA LEU M 24 2.51 34.89 62.01
C LEU M 24 2.54 35.10 60.50
N SER M 25 2.96 36.29 60.08
CA SER M 25 2.97 36.68 58.69
C SER M 25 4.39 36.89 58.20
N CYS M 26 4.58 36.72 56.88
CA CYS M 26 5.89 36.93 56.25
C CYS M 26 5.64 37.34 54.81
N LYS M 27 5.75 38.63 54.53
CA LYS M 27 5.57 39.15 53.18
C LYS M 27 6.90 39.12 52.44
N ALA M 28 6.90 38.52 51.26
CA ALA M 28 8.11 38.34 50.47
C ALA M 28 8.16 39.38 49.35
N SER M 29 9.36 39.90 49.10
CA SER M 29 9.54 40.90 48.06
C SER M 29 10.91 40.70 47.41
N GLY M 30 11.03 41.15 46.17
CA GLY M 30 12.29 41.11 45.45
C GLY M 30 12.56 39.84 44.66
N TYR M 31 11.61 38.91 44.61
CA TYR M 31 11.81 37.66 43.89
C TYR M 31 10.45 37.06 43.58
N THR M 32 10.45 36.10 42.67
CA THR M 32 9.23 35.36 42.34
C THR M 32 8.87 34.44 43.49
N PHE M 33 7.72 34.69 44.10
CA PHE M 33 7.33 33.99 45.33
C PHE M 33 7.23 32.49 45.10
N THR M 34 6.74 32.07 43.94
CA THR M 34 6.52 30.65 43.66
C THR M 34 7.78 29.93 43.21
N SER M 35 8.89 30.64 42.99
CA SER M 35 10.15 29.99 42.63
C SER M 35 10.91 29.49 43.85
N TYR M 36 10.42 29.78 45.06
CA TYR M 36 11.10 29.39 46.28
C TYR M 36 10.05 28.95 47.30
N GLY M 37 10.52 28.24 48.32
CA GLY M 37 9.70 27.92 49.47
C GLY M 37 9.93 28.90 50.60
N ILE M 38 9.02 28.87 51.57
CA ILE M 38 9.15 29.68 52.77
C ILE M 38 9.29 28.73 53.96
N SER M 39 10.42 28.84 54.65
CA SER M 39 10.70 28.00 55.80
C SER M 39 10.58 28.83 57.07
N TRP M 40 10.23 28.16 58.17
CA TRP M 40 10.04 28.81 59.45
C TRP M 40 10.98 28.19 60.47
N VAL M 41 11.66 29.03 61.25
CA VAL M 41 12.68 28.59 62.18
C VAL M 41 12.36 29.16 63.56
N LYS M 42 12.37 28.30 64.58
CA LYS M 42 12.10 28.72 65.95
C LYS M 42 13.42 28.86 66.69
N GLN M 43 13.55 29.93 67.47
CA GLN M 43 14.74 30.18 68.28
C GLN M 43 14.28 30.64 69.67
N ARG M 44 14.36 29.74 70.64
CA ARG M 44 14.05 30.10 72.01
C ARG M 44 15.13 31.02 72.57
N THR M 45 14.78 31.73 73.64
CA THR M 45 15.68 32.73 74.21
C THR M 45 16.97 32.07 74.69
N GLY M 46 18.10 32.52 74.14
CA GLY M 46 19.37 31.93 74.48
C GLY M 46 19.55 30.49 74.06
N GLN M 47 18.92 30.09 72.96
CA GLN M 47 19.04 28.74 72.42
C GLN M 47 19.30 28.82 70.92
N GLY M 48 19.53 27.66 70.31
CA GLY M 48 19.85 27.58 68.90
C GLY M 48 18.62 27.61 68.01
N LEU M 49 18.89 27.67 66.71
CA LEU M 49 17.82 27.65 65.72
C LEU M 49 17.19 26.27 65.63
N GLU M 50 15.93 26.22 65.21
CA GLU M 50 15.21 24.97 65.08
C GLU M 50 14.22 25.09 63.92
N TRP M 51 14.31 24.16 62.97
CA TRP M 51 13.43 24.18 61.82
C TRP M 51 12.04 23.70 62.19
N ILE M 52 11.05 24.55 61.92
CA ILE M 52 9.65 24.21 62.19
C ILE M 52 9.08 23.49 60.99
N GLY M 53 9.20 24.12 59.83
CA GLY M 53 8.62 23.57 58.62
C GLY M 53 8.79 24.55 57.48
N GLU M 54 8.48 24.07 56.28
CA GLU M 54 8.53 24.91 55.09
C GLU M 54 7.31 24.64 54.23
N ILE M 55 6.88 25.66 53.51
CA ILE M 55 5.80 25.56 52.55
C ILE M 55 6.30 26.08 51.22
N TYR M 56 5.98 25.36 50.14
CA TYR M 56 6.31 25.83 48.81
C TYR M 56 5.06 26.43 48.19
N PRO M 57 4.98 27.75 48.05
CA PRO M 57 3.73 28.37 47.56
C PRO M 57 3.33 27.92 46.17
N ARG M 58 4.28 27.49 45.34
CA ARG M 58 3.95 27.07 43.99
C ARG M 58 2.97 25.91 43.99
N SER M 59 3.17 24.94 44.87
CA SER M 59 2.26 23.80 45.00
C SER M 59 1.44 23.83 46.27
N GLY M 60 1.77 24.70 47.23
CA GLY M 60 1.10 24.69 48.51
C GLY M 60 1.52 23.55 49.41
N ASN M 61 2.50 22.76 49.01
CA ASN M 61 2.94 21.63 49.80
C ASN M 61 3.66 22.09 51.06
N THR M 62 3.37 21.43 52.17
CA THR M 62 3.96 21.77 53.46
C THR M 62 4.75 20.57 53.99
N TYR M 63 5.92 20.85 54.52
CA TYR M 63 6.75 19.86 55.18
C TYR M 63 7.06 20.36 56.57
N TYR M 64 6.72 19.57 57.59
CA TYR M 64 6.82 19.98 58.97
C TYR M 64 7.85 19.14 59.71
N ASN M 65 8.57 19.77 60.62
CA ASN M 65 9.26 19.02 61.66
C ASN M 65 8.24 18.30 62.51
N GLU M 66 8.49 17.03 62.80
CA GLU M 66 7.53 16.23 63.56
C GLU M 66 7.29 16.80 64.95
N LYS M 67 8.26 17.52 65.50
CA LYS M 67 8.06 18.20 66.78
C LYS M 67 6.98 19.27 66.69
N PHE M 68 6.82 19.91 65.53
CA PHE M 68 5.85 20.98 65.36
C PHE M 68 4.60 20.53 64.62
N LYS M 69 4.48 19.23 64.32
CA LYS M 69 3.25 18.71 63.73
C LYS M 69 2.10 18.82 64.72
N GLY M 70 0.97 19.31 64.24
CA GLY M 70 -0.16 19.57 65.11
C GLY M 70 -0.04 20.82 65.95
N LYS M 71 1.04 21.56 65.81
CA LYS M 71 1.30 22.78 66.56
C LYS M 71 1.44 23.99 65.67
N ALA M 72 2.14 23.87 64.54
CA ALA M 72 2.29 24.94 63.58
C ALA M 72 1.64 24.54 62.27
N THR M 73 0.91 25.47 61.66
CA THR M 73 0.26 25.26 60.37
C THR M 73 0.75 26.33 59.40
N LEU M 74 1.28 25.88 58.27
CA LEU M 74 1.85 26.79 57.27
C LEU M 74 0.91 26.94 56.10
N THR M 75 0.60 28.19 55.76
CA THR M 75 -0.19 28.51 54.57
C THR M 75 0.52 29.64 53.83
N ALA M 76 0.17 29.79 52.55
CA ALA M 76 0.79 30.81 51.72
C ALA M 76 -0.28 31.47 50.86
N ASP M 77 -0.03 32.72 50.50
CA ASP M 77 -0.92 33.49 49.63
C ASP M 77 -0.12 33.93 48.40
N LYS M 78 -0.37 33.28 47.27
CA LYS M 78 0.36 33.63 46.04
C LYS M 78 0.02 35.03 45.59
N SER M 79 -1.24 35.46 45.75
CA SER M 79 -1.64 36.78 45.28
C SER M 79 -0.90 37.89 46.02
N SER M 80 -0.79 37.77 47.35
CA SER M 80 -0.10 38.77 48.15
C SER M 80 1.35 38.44 48.39
N SER M 81 1.85 37.30 47.88
CA SER M 81 3.22 36.86 48.07
C SER M 81 3.58 36.82 49.56
N THR M 82 2.66 36.31 50.37
CA THR M 82 2.79 36.27 51.81
C THR M 82 2.62 34.84 52.30
N ALA M 83 3.46 34.45 53.26
CA ALA M 83 3.36 33.15 53.90
C ALA M 83 2.91 33.33 55.35
N TYR M 84 2.06 32.42 55.81
CA TYR M 84 1.46 32.53 57.13
C TYR M 84 1.81 31.33 57.98
N MET M 85 2.17 31.60 59.24
CA MET M 85 2.43 30.57 60.23
C MET M 85 1.33 30.61 61.27
N GLU M 86 0.74 29.45 61.55
CA GLU M 86 -0.37 29.32 62.49
C GLU M 86 0.07 28.48 63.68
N LEU M 87 0.40 29.13 64.78
CA LEU M 87 0.69 28.44 66.02
C LEU M 87 -0.60 28.30 66.83
N ARG M 88 -0.82 27.11 67.38
CA ARG M 88 -2.04 26.82 68.14
C ARG M 88 -1.68 26.09 69.42
N SER M 89 -2.59 26.16 70.39
CA SER M 89 -2.38 25.59 71.73
C SER M 89 -1.07 26.10 72.33
N LEU M 90 -0.91 27.42 72.31
CA LEU M 90 0.33 28.03 72.73
C LEU M 90 0.64 27.73 74.19
N THR M 91 1.90 27.46 74.47
CA THR M 91 2.39 27.22 75.82
C THR M 91 3.64 28.06 76.05
N SER M 92 4.18 27.99 77.26
CA SER M 92 5.42 28.72 77.56
C SER M 92 6.57 28.21 76.71
N GLU M 93 6.53 26.94 76.30
CA GLU M 93 7.54 26.41 75.40
C GLU M 93 7.50 27.05 74.03
N ASP M 94 6.34 27.55 73.60
CA ASP M 94 6.19 28.18 72.30
C ASP M 94 6.66 29.63 72.28
N SER M 95 7.02 30.19 73.43
CA SER M 95 7.53 31.55 73.49
C SER M 95 8.95 31.56 72.95
N ALA M 96 9.16 32.23 71.81
CA ALA M 96 10.45 32.24 71.14
C ALA M 96 10.38 33.30 70.05
N VAL M 97 11.47 33.39 69.27
CA VAL M 97 11.52 34.24 68.08
C VAL M 97 11.41 33.33 66.87
N TYR M 98 10.47 33.66 65.98
CA TYR M 98 10.21 32.84 64.80
C TYR M 98 10.64 33.61 63.56
N PHE M 99 11.49 32.97 62.75
CA PHE M 99 11.98 33.56 61.52
C PHE M 99 11.29 32.90 60.32
N CYS M 100 11.06 33.70 59.29
CA CYS M 100 10.69 33.19 57.98
C CYS M 100 11.89 33.35 57.05
N ALA M 101 12.19 32.30 56.30
CA ALA M 101 13.37 32.29 55.44
C ALA M 101 13.00 31.75 54.07
N ARG M 102 13.57 32.37 53.03
CA ARG M 102 13.37 31.89 51.67
C ARG M 102 14.07 30.55 51.50
N GLN M 103 13.33 29.53 51.08
CA GLN M 103 13.83 28.18 50.97
C GLN M 103 13.95 27.79 49.50
N GLY M 104 15.13 27.32 49.11
CA GLY M 104 15.32 26.81 47.77
C GLY M 104 14.72 25.44 47.60
N TYR M 105 14.63 25.00 46.35
CA TYR M 105 13.83 23.81 46.05
C TYR M 105 14.59 22.51 46.29
N TYR M 106 15.62 22.23 45.49
CA TYR M 106 16.13 20.86 45.42
C TYR M 106 17.58 20.75 45.84
N ALA M 107 18.51 21.40 45.13
CA ALA M 107 19.90 21.43 45.53
C ALA M 107 20.27 22.78 46.13
N ASN M 108 19.48 23.80 45.85
CA ASN M 108 19.60 25.12 46.45
C ASN M 108 18.77 25.22 47.72
N SER M 109 18.53 24.10 48.39
CA SER M 109 17.66 24.06 49.57
C SER M 109 18.35 24.77 50.73
N GLN M 110 18.41 26.09 50.65
CA GLN M 110 19.08 26.91 51.62
C GLN M 110 18.16 28.04 52.05
N PHE M 111 18.26 28.43 53.33
CA PHE M 111 17.56 29.59 53.84
C PHE M 111 18.37 30.82 53.46
N THR M 112 18.27 31.18 52.18
CA THR M 112 19.16 32.19 51.61
C THR M 112 18.95 33.56 52.26
N TYR M 113 17.70 33.95 52.46
CA TYR M 113 17.37 35.23 53.06
C TYR M 113 16.34 35.03 54.15
N TRP M 114 16.58 35.64 55.30
CA TRP M 114 15.72 35.47 56.47
C TRP M 114 14.92 36.73 56.72
N GLY M 115 13.84 36.59 57.49
CA GLY M 115 13.09 37.72 57.98
C GLY M 115 13.76 38.31 59.21
N GLN M 116 13.27 39.48 59.61
CA GLN M 116 13.81 40.13 60.80
C GLN M 116 13.55 39.34 62.07
N GLY M 117 12.59 38.41 62.03
CA GLY M 117 12.23 37.64 63.20
C GLY M 117 11.00 38.18 63.89
N THR M 118 10.12 37.28 64.33
CA THR M 118 8.89 37.66 65.04
C THR M 118 8.91 36.99 66.40
N LEU M 119 8.99 37.79 67.45
CA LEU M 119 9.00 37.26 68.81
C LEU M 119 7.57 36.97 69.25
N VAL M 120 7.34 35.76 69.74
CA VAL M 120 6.05 35.34 70.27
C VAL M 120 6.22 35.21 71.78
N THR M 121 5.41 35.95 72.53
CA THR M 121 5.47 35.91 73.99
C THR M 121 4.20 35.25 74.52
N VAL M 122 4.38 34.12 75.22
CA VAL M 122 3.25 33.41 75.80
C VAL M 122 3.32 33.49 77.32
N SER M 144 16.73 8.76 63.11
CA SER M 144 16.05 9.50 62.07
C SER M 144 16.70 10.86 61.83
N ASP M 145 16.30 11.85 62.63
CA ASP M 145 16.79 13.21 62.46
C ASP M 145 18.30 13.27 62.66
N ILE M 146 18.98 14.00 61.79
CA ILE M 146 20.43 14.14 61.83
C ILE M 146 20.75 15.18 62.90
N GLN M 147 21.39 14.74 63.98
CA GLN M 147 21.79 15.67 65.04
C GLN M 147 23.03 16.43 64.61
N MET M 148 22.94 17.76 64.63
CA MET M 148 24.02 18.62 64.19
C MET M 148 24.70 19.17 65.45
N THR M 149 25.90 18.69 65.73
CA THR M 149 26.59 19.00 66.98
C THR M 149 27.75 19.95 66.71
N GLN M 150 27.66 21.16 67.28
CA GLN M 150 28.77 22.10 67.32
C GLN M 150 29.41 21.98 68.71
N THR M 151 30.58 21.34 68.76
CA THR M 151 31.19 21.02 70.05
C THR M 151 31.52 22.28 70.84
N THR M 152 32.09 23.30 70.18
CA THR M 152 32.39 24.56 70.85
C THR M 152 31.19 25.47 70.70
N SER M 153 30.50 25.73 71.82
CA SER M 153 29.34 26.61 71.82
C SER M 153 29.69 28.07 72.01
N SER M 154 30.94 28.38 72.38
CA SER M 154 31.38 29.75 72.56
C SER M 154 32.87 29.84 72.27
N LEU M 155 33.24 30.77 71.39
CA LEU M 155 34.63 30.97 71.01
C LEU M 155 34.98 32.44 71.14
N SER M 156 36.14 32.72 71.73
CA SER M 156 36.65 34.08 71.89
C SER M 156 37.93 34.23 71.08
N ALA M 157 38.08 35.39 70.44
CA ALA M 157 39.24 35.66 69.60
C ALA M 157 39.47 37.16 69.57
N SER M 158 40.39 37.60 68.71
CA SER M 158 40.73 39.00 68.54
C SER M 158 40.68 39.35 67.06
N LEU M 159 40.68 40.66 66.78
CA LEU M 159 40.60 41.13 65.41
C LEU M 159 41.79 40.62 64.60
N GLY M 160 41.50 40.12 63.40
CA GLY M 160 42.52 39.58 62.52
C GLY M 160 42.88 38.14 62.77
N ASP M 161 42.31 37.50 63.78
CA ASP M 161 42.59 36.10 64.04
C ASP M 161 41.93 35.22 62.98
N ARG M 162 42.48 34.02 62.82
CA ARG M 162 41.93 33.01 61.92
C ARG M 162 41.22 31.98 62.80
N VAL M 163 39.91 32.16 62.97
CA VAL M 163 39.11 31.29 63.82
C VAL M 163 38.42 30.24 62.97
N THR M 164 38.14 29.10 63.59
CA THR M 164 37.51 27.97 62.90
C THR M 164 36.35 27.45 63.74
N ILE M 165 35.15 27.45 63.14
CA ILE M 165 33.96 26.91 63.78
C ILE M 165 33.66 25.57 63.11
N SER M 166 33.70 24.49 63.88
CA SER M 166 33.52 23.15 63.36
C SER M 166 32.33 22.48 64.01
N CYS M 167 31.56 21.75 63.20
CA CYS M 167 30.42 20.98 63.70
C CYS M 167 30.40 19.62 63.02
N SER M 168 29.79 18.66 63.70
CA SER M 168 29.74 17.28 63.23
C SER M 168 28.29 16.83 63.05
N ALA M 169 28.08 15.94 62.10
CA ALA M 169 26.77 15.38 61.81
C ALA M 169 26.68 13.97 62.38
N SER M 170 25.49 13.61 62.86
CA SER M 170 25.29 12.27 63.42
C SER M 170 25.50 11.20 62.37
N GLN M 171 25.00 11.43 61.16
CA GLN M 171 25.22 10.54 60.03
C GLN M 171 25.85 11.32 58.89
N GLY M 172 26.43 10.60 57.95
CA GLY M 172 27.08 11.23 56.82
C GLY M 172 26.14 12.06 55.97
N ILE M 173 26.47 13.33 55.78
CA ILE M 173 25.71 14.22 54.91
C ILE M 173 26.60 14.58 53.73
N SER M 174 26.05 14.45 52.52
CA SER M 174 26.83 14.56 51.29
C SER M 174 27.09 16.04 50.98
N ASN M 175 27.89 16.66 51.84
CA ASN M 175 28.29 18.06 51.75
C ASN M 175 27.10 19.02 51.79
N TYR M 176 25.91 18.53 52.12
CA TYR M 176 24.71 19.36 52.15
C TYR M 176 24.65 20.09 53.49
N LEU M 177 25.54 21.06 53.63
CA LEU M 177 25.67 21.84 54.85
C LEU M 177 25.62 23.32 54.53
N ASN M 178 24.86 24.06 55.32
CA ASN M 178 24.81 25.52 55.24
C ASN M 178 25.32 26.11 56.54
N TRP M 179 26.01 27.24 56.43
CA TRP M 179 26.46 28.00 57.58
C TRP M 179 25.67 29.30 57.64
N TYR M 180 25.00 29.53 58.76
CA TYR M 180 24.20 30.72 58.98
C TYR M 180 24.82 31.53 60.12
N GLN M 181 24.89 32.84 59.93
CA GLN M 181 25.46 33.75 60.91
C GLN M 181 24.35 34.58 61.51
N GLN M 182 24.19 34.51 62.83
CA GLN M 182 23.18 35.29 63.55
C GLN M 182 23.88 36.38 64.33
N LYS M 183 23.63 37.63 63.93
CA LYS M 183 24.23 38.77 64.61
C LYS M 183 23.65 38.92 66.01
N PRO M 184 24.36 39.62 66.91
CA PRO M 184 23.78 39.88 68.24
C PRO M 184 22.46 40.64 68.17
N ASP M 185 22.24 41.44 67.12
CA ASP M 185 20.95 42.08 66.92
C ASP M 185 19.84 41.09 66.61
N GLY M 186 20.18 39.84 66.29
CA GLY M 186 19.20 38.81 66.01
C GLY M 186 19.03 38.47 64.54
N THR M 187 19.56 39.29 63.64
CA THR M 187 19.44 39.03 62.22
C THR M 187 20.25 37.81 61.83
N VAL M 188 19.67 36.98 60.97
CA VAL M 188 20.29 35.74 60.50
C VAL M 188 20.54 35.86 59.01
N LYS M 189 21.77 35.58 58.59
CA LYS M 189 22.15 35.63 57.19
C LYS M 189 22.81 34.32 56.80
N LEU M 190 22.55 33.87 55.57
CA LEU M 190 23.23 32.70 55.05
C LEU M 190 24.66 33.09 54.66
N LEU M 191 25.64 32.39 55.22
CA LEU M 191 27.03 32.65 54.92
C LEU M 191 27.54 31.73 53.81
N ILE M 192 27.50 30.43 54.04
CA ILE M 192 28.07 29.43 53.15
C ILE M 192 27.05 28.33 52.95
N TYR M 193 26.86 27.92 51.70
CA TYR M 193 25.98 26.82 51.36
C TYR M 193 26.77 25.75 50.60
N TYR M 194 26.26 24.52 50.64
CA TYR M 194 26.93 23.37 50.04
C TYR M 194 28.36 23.22 50.57
N THR M 195 28.56 23.62 51.82
CA THR M 195 29.76 23.39 52.62
C THR M 195 30.95 24.25 52.17
N SER M 196 30.89 24.82 50.97
CA SER M 196 32.02 25.59 50.48
C SER M 196 31.65 26.83 49.67
N SER M 197 30.38 27.05 49.37
CA SER M 197 29.98 28.09 48.43
C SER M 197 29.53 29.33 49.20
N LEU M 198 30.16 30.46 48.90
CA LEU M 198 29.81 31.72 49.55
C LEU M 198 28.49 32.26 49.02
N HIS M 199 27.75 32.91 49.90
CA HIS M 199 26.51 33.57 49.51
C HIS M 199 26.84 34.81 48.68
N SER M 200 25.79 35.52 48.26
CA SER M 200 25.96 36.63 47.32
C SER M 200 26.83 37.74 47.90
N GLY M 201 26.61 38.10 49.16
CA GLY M 201 27.34 39.20 49.78
C GLY M 201 28.36 38.81 50.83
N VAL M 202 28.78 37.56 50.88
CA VAL M 202 29.72 37.12 51.92
C VAL M 202 31.14 37.37 51.43
N PRO M 203 31.98 38.05 52.21
CA PRO M 203 33.37 38.27 51.80
C PRO M 203 34.15 36.98 51.77
N SER M 204 35.26 37.00 51.02
CA SER M 204 36.10 35.82 50.85
C SER M 204 36.77 35.39 52.15
N ARG M 205 36.75 36.22 53.18
CA ARG M 205 37.33 35.85 54.46
C ARG M 205 36.68 34.61 55.07
N PHE M 206 35.43 34.33 54.71
CA PHE M 206 34.75 33.13 55.17
C PHE M 206 35.01 31.97 54.22
N SER M 207 35.17 30.78 54.79
CA SER M 207 35.38 29.58 53.99
C SER M 207 34.88 28.38 54.77
N GLY M 208 34.52 27.32 54.04
CA GLY M 208 34.00 26.11 54.64
C GLY M 208 34.68 24.89 54.06
N SER M 209 34.60 23.80 54.82
CA SER M 209 35.24 22.55 54.42
C SER M 209 34.55 21.39 55.12
N GLY M 210 34.80 20.19 54.63
CA GLY M 210 34.21 18.98 55.16
C GLY M 210 33.61 18.16 54.04
N SER M 211 33.64 16.84 54.21
CA SER M 211 33.17 15.95 53.15
C SER M 211 32.18 14.90 53.67
N GLY M 212 32.36 14.47 54.91
CA GLY M 212 31.56 13.39 55.45
C GLY M 212 30.63 13.82 56.56
N THR M 213 31.02 13.54 57.80
CA THR M 213 30.26 13.95 58.97
C THR M 213 30.80 15.22 59.62
N ASP M 214 32.06 15.54 59.39
CA ASP M 214 32.73 16.66 60.06
C ASP M 214 32.87 17.83 59.09
N TYR M 215 32.43 19.01 59.52
CA TYR M 215 32.52 20.21 58.71
C TYR M 215 33.01 21.36 59.57
N SER M 216 33.67 22.32 58.93
CA SER M 216 34.26 23.45 59.63
C SER M 216 34.01 24.74 58.85
N LEU M 217 33.72 25.80 59.59
CA LEU M 217 33.63 27.15 59.04
C LEU M 217 34.87 27.93 59.45
N THR M 218 35.60 28.44 58.47
CA THR M 218 36.86 29.14 58.72
C THR M 218 36.70 30.61 58.38
N ILE M 219 37.02 31.47 59.34
CA ILE M 219 37.04 32.92 59.15
C ILE M 219 38.48 33.38 59.27
N SER M 220 39.02 33.96 58.20
CA SER M 220 40.37 34.49 58.18
C SER M 220 40.32 36.00 58.27
N ASN M 221 41.25 36.57 59.05
CA ASN M 221 41.33 38.01 59.28
C ASN M 221 40.02 38.54 59.87
N LEU M 222 39.76 38.09 61.10
CA LEU M 222 38.52 38.42 61.80
C LEU M 222 38.33 39.93 61.92
N GLU M 223 37.10 40.37 61.73
CA GLU M 223 36.70 41.76 61.82
C GLU M 223 35.54 41.89 62.78
N PRO M 224 35.31 43.09 63.33
CA PRO M 224 34.16 43.27 64.25
C PRO M 224 32.82 42.96 63.60
N GLU M 225 32.72 43.03 62.26
CA GLU M 225 31.50 42.63 61.57
C GLU M 225 31.21 41.14 61.71
N ASP M 226 32.19 40.34 62.13
CA ASP M 226 32.04 38.90 62.25
C ASP M 226 31.63 38.45 63.65
N ILE M 227 31.41 39.38 64.58
CA ILE M 227 30.96 39.03 65.92
C ILE M 227 29.50 38.59 65.83
N ALA M 228 29.26 37.29 65.95
CA ALA M 228 27.92 36.74 65.76
C ALA M 228 27.94 35.28 66.20
N THR M 229 26.75 34.67 66.18
CA THR M 229 26.60 33.25 66.44
C THR M 229 26.44 32.52 65.11
N TYR M 230 27.22 31.45 64.94
CA TYR M 230 27.30 30.74 63.67
C TYR M 230 26.65 29.37 63.83
N TYR M 231 25.66 29.08 62.98
CA TYR M 231 24.96 27.80 62.97
C TYR M 231 25.24 27.06 61.68
N CYS M 232 25.55 25.78 61.80
CA CYS M 232 25.62 24.90 60.64
C CYS M 232 24.30 24.14 60.53
N GLN M 233 23.77 24.05 59.32
CA GLN M 233 22.50 23.39 59.07
C GLN M 233 22.68 22.37 57.97
N GLN M 234 22.36 21.12 58.27
CA GLN M 234 22.34 20.09 57.25
C GLN M 234 21.02 20.14 56.48
N TYR M 235 21.10 19.96 55.17
CA TYR M 235 19.92 19.76 54.35
C TYR M 235 20.02 18.47 53.55
N SER M 236 20.70 17.48 54.12
CA SER M 236 20.78 16.17 53.49
C SER M 236 19.44 15.44 53.58
N LYS M 237 18.82 15.43 54.76
CA LYS M 237 17.61 14.67 55.01
C LYS M 237 16.66 15.49 55.87
N LEU M 238 15.37 15.42 55.54
CA LEU M 238 14.35 16.02 56.38
C LEU M 238 14.23 15.25 57.70
N PRO M 239 13.93 15.93 58.80
CA PRO M 239 13.74 17.37 58.94
C PRO M 239 15.06 18.13 58.92
N TRP M 240 15.10 19.36 58.40
CA TRP M 240 16.33 20.13 58.47
C TRP M 240 16.68 20.42 59.93
N THR M 241 17.95 20.28 60.26
CA THR M 241 18.41 20.46 61.63
C THR M 241 19.60 21.41 61.65
N PHE M 242 19.61 22.30 62.63
CA PHE M 242 20.70 23.23 62.84
C PHE M 242 21.65 22.68 63.90
N GLY M 243 22.85 23.25 63.95
CA GLY M 243 23.75 22.98 65.04
C GLY M 243 23.36 23.74 66.29
N GLY M 244 24.03 23.39 67.39
CA GLY M 244 23.77 24.08 68.65
C GLY M 244 24.08 25.56 68.58
N GLY M 245 25.06 25.94 67.78
CA GLY M 245 25.44 27.33 67.62
C GLY M 245 26.76 27.62 68.30
N THR M 246 27.63 28.34 67.60
CA THR M 246 28.92 28.77 68.14
C THR M 246 28.93 30.28 68.22
N ASN M 247 28.88 30.82 69.43
CA ASN M 247 28.94 32.25 69.65
C ASN M 247 30.40 32.70 69.53
N LEU M 248 30.65 33.64 68.64
CA LEU M 248 32.00 34.18 68.41
C LEU M 248 32.01 35.61 68.93
N GLU M 249 32.61 35.80 70.10
CA GLU M 249 32.68 37.10 70.74
C GLU M 249 34.13 37.56 70.84
N ILE M 250 34.32 38.87 70.82
CA ILE M 250 35.66 39.45 70.86
C ILE M 250 35.78 40.43 72.03
N GLU N 5 -60.19 23.67 -0.45
CA GLU N 5 -61.36 22.85 -0.75
C GLU N 5 -61.32 22.32 -2.17
N VAL N 6 -61.53 21.02 -2.31
CA VAL N 6 -61.43 20.34 -3.60
C VAL N 6 -62.80 20.38 -4.29
N GLN N 7 -62.83 20.86 -5.53
CA GLN N 7 -64.09 21.11 -6.22
C GLN N 7 -64.30 20.27 -7.46
N LEU N 8 -63.34 20.26 -8.39
CA LEU N 8 -63.48 19.61 -9.70
C LEU N 8 -64.67 20.19 -10.47
N GLN N 9 -64.55 21.47 -10.81
CA GLN N 9 -65.58 22.11 -11.62
C GLN N 9 -65.55 21.55 -13.05
N GLN N 10 -66.71 21.13 -13.54
CA GLN N 10 -66.82 20.53 -14.86
C GLN N 10 -67.45 21.52 -15.85
N SER N 11 -67.32 21.18 -17.13
CA SER N 11 -67.88 22.00 -18.19
C SER N 11 -69.40 21.80 -18.29
N GLY N 12 -70.05 22.69 -19.01
CA GLY N 12 -71.48 22.65 -19.13
C GLY N 12 -71.97 21.53 -20.01
N ALA N 13 -73.28 21.30 -19.97
CA ALA N 13 -73.89 20.23 -20.77
C ALA N 13 -73.67 20.48 -22.25
N GLU N 14 -73.42 19.39 -22.98
CA GLU N 14 -73.14 19.46 -24.41
C GLU N 14 -74.19 18.69 -25.19
N LEU N 15 -74.76 19.32 -26.20
CA LEU N 15 -75.68 18.68 -27.13
C LEU N 15 -74.94 18.44 -28.43
N ALA N 16 -74.94 17.19 -28.90
CA ALA N 16 -74.16 16.82 -30.07
C ALA N 16 -74.96 15.88 -30.95
N ARG N 17 -74.69 15.96 -32.26
CA ARG N 17 -75.23 15.06 -33.25
C ARG N 17 -74.47 13.73 -33.19
N PRO N 18 -75.15 12.61 -33.48
CA PRO N 18 -74.44 11.33 -33.54
C PRO N 18 -73.30 11.37 -34.54
N GLY N 19 -72.19 10.73 -34.17
CA GLY N 19 -70.99 10.73 -34.98
C GLY N 19 -70.05 11.89 -34.73
N ALA N 20 -70.46 12.87 -33.93
CA ALA N 20 -69.63 14.03 -33.63
C ALA N 20 -68.77 13.72 -32.39
N SER N 21 -68.02 14.73 -31.94
CA SER N 21 -67.13 14.58 -30.80
C SER N 21 -67.40 15.68 -29.79
N VAL N 22 -67.28 15.34 -28.51
CA VAL N 22 -67.45 16.29 -27.42
C VAL N 22 -66.24 16.21 -26.51
N LYS N 23 -65.67 17.37 -26.19
CA LYS N 23 -64.48 17.46 -25.33
C LYS N 23 -64.94 17.95 -23.96
N LEU N 24 -65.26 17.01 -23.08
CA LEU N 24 -65.66 17.36 -21.72
C LEU N 24 -64.45 17.88 -20.94
N SER N 25 -64.72 18.80 -20.02
CA SER N 25 -63.67 19.46 -19.26
C SER N 25 -63.93 19.29 -17.76
N CYS N 26 -62.84 19.40 -16.99
CA CYS N 26 -62.92 19.30 -15.54
C CYS N 26 -61.76 20.10 -14.95
N LYS N 27 -62.06 21.27 -14.40
CA LYS N 27 -61.05 22.13 -13.80
C LYS N 27 -60.89 21.78 -12.32
N ALA N 28 -59.66 21.55 -11.91
CA ALA N 28 -59.36 21.12 -10.55
C ALA N 28 -58.81 22.29 -9.73
N SER N 29 -59.25 22.38 -8.48
CA SER N 29 -58.80 23.43 -7.59
C SER N 29 -58.80 22.91 -6.16
N GLY N 30 -57.99 23.56 -5.32
CA GLY N 30 -57.91 23.22 -3.91
C GLY N 30 -56.91 22.14 -3.57
N TYR N 31 -56.16 21.63 -4.53
CA TYR N 31 -55.18 20.58 -4.26
C TYR N 31 -54.15 20.57 -5.37
N THR N 32 -53.03 19.89 -5.10
CA THR N 32 -51.98 19.73 -6.09
C THR N 32 -52.46 18.77 -7.18
N PHE N 33 -52.55 19.27 -8.41
CA PHE N 33 -53.17 18.51 -9.49
C PHE N 33 -52.42 17.22 -9.76
N THR N 34 -51.09 17.25 -9.71
CA THR N 34 -50.27 16.10 -10.04
C THR N 34 -50.15 15.10 -8.91
N SER N 35 -50.67 15.42 -7.72
CA SER N 35 -50.67 14.47 -6.60
C SER N 35 -51.83 13.50 -6.66
N TYR N 36 -52.74 13.65 -7.62
CA TYR N 36 -53.90 12.79 -7.74
C TYR N 36 -54.17 12.52 -9.22
N GLY N 37 -54.94 11.46 -9.47
CA GLY N 37 -55.45 11.23 -10.81
C GLY N 37 -56.84 11.80 -10.99
N ILE N 38 -57.27 11.87 -12.25
CA ILE N 38 -58.60 12.32 -12.61
C ILE N 38 -59.33 11.16 -13.25
N SER N 39 -60.42 10.72 -12.63
CA SER N 39 -61.21 9.60 -13.12
C SER N 39 -62.52 10.12 -13.67
N TRP N 40 -63.01 9.49 -14.72
CA TRP N 40 -64.26 9.86 -15.37
C TRP N 40 -65.26 8.74 -15.22
N VAL N 41 -66.48 9.07 -14.79
CA VAL N 41 -67.52 8.10 -14.52
C VAL N 41 -68.75 8.44 -15.37
N LYS N 42 -69.30 7.45 -16.04
CA LYS N 42 -70.49 7.61 -16.86
C LYS N 42 -71.71 7.07 -16.11
N GLN N 43 -72.79 7.84 -16.14
CA GLN N 43 -74.05 7.44 -15.51
C GLN N 43 -75.19 7.72 -16.50
N ARG N 44 -75.71 6.66 -17.11
CA ARG N 44 -76.85 6.80 -18.00
C ARG N 44 -78.11 7.06 -17.19
N THR N 45 -79.10 7.67 -17.84
CA THR N 45 -80.34 8.04 -17.16
C THR N 45 -81.04 6.80 -16.63
N GLY N 46 -81.36 6.82 -15.33
CA GLY N 46 -81.97 5.67 -14.70
C GLY N 46 -81.05 4.48 -14.54
N GLN N 47 -79.74 4.69 -14.58
CA GLN N 47 -78.75 3.62 -14.47
C GLN N 47 -77.74 3.99 -13.38
N GLY N 48 -76.77 3.09 -13.18
CA GLY N 48 -75.76 3.28 -12.17
C GLY N 48 -74.49 3.90 -12.71
N LEU N 49 -73.56 4.16 -11.80
CA LEU N 49 -72.27 4.71 -12.17
C LEU N 49 -71.44 3.68 -12.92
N GLU N 50 -70.66 4.15 -13.89
CA GLU N 50 -69.78 3.29 -14.66
C GLU N 50 -68.45 3.99 -14.87
N TRP N 51 -67.36 3.32 -14.52
CA TRP N 51 -66.03 3.91 -14.63
C TRP N 51 -65.59 3.91 -16.09
N ILE N 52 -65.29 5.09 -16.62
CA ILE N 52 -64.78 5.23 -17.98
C ILE N 52 -63.28 5.00 -18.01
N GLY N 53 -62.56 5.71 -17.16
CA GLY N 53 -61.12 5.66 -17.18
C GLY N 53 -60.54 6.73 -16.28
N GLU N 54 -59.26 6.55 -15.95
CA GLU N 54 -58.54 7.49 -15.12
C GLU N 54 -57.30 7.97 -15.85
N ILE N 55 -56.92 9.22 -15.59
CA ILE N 55 -55.67 9.78 -16.08
C ILE N 55 -54.91 10.37 -14.90
N TYR N 56 -53.62 10.11 -14.86
CA TYR N 56 -52.77 10.67 -13.83
C TYR N 56 -51.95 11.80 -14.43
N PRO N 57 -52.27 13.06 -14.12
CA PRO N 57 -51.56 14.18 -14.77
C PRO N 57 -50.06 14.21 -14.50
N ARG N 58 -49.61 13.65 -13.38
CA ARG N 58 -48.18 13.70 -13.06
C ARG N 58 -47.35 13.01 -14.13
N SER N 59 -47.82 11.85 -14.61
CA SER N 59 -47.14 11.12 -15.67
C SER N 59 -47.89 11.14 -16.99
N GLY N 60 -49.12 11.61 -17.01
CA GLY N 60 -49.93 11.56 -18.21
C GLY N 60 -50.46 10.19 -18.56
N ASN N 61 -50.30 9.22 -17.66
CA ASN N 61 -50.73 7.86 -17.94
C ASN N 61 -52.24 7.75 -17.89
N THR N 62 -52.80 6.97 -18.80
CA THR N 62 -54.23 6.77 -18.91
C THR N 62 -54.57 5.29 -18.74
N TYR N 63 -55.61 5.02 -17.98
CA TYR N 63 -56.15 3.67 -17.83
C TYR N 63 -57.61 3.73 -18.19
N TYR N 64 -58.03 2.92 -19.16
CA TYR N 64 -59.39 2.96 -19.67
C TYR N 64 -60.13 1.68 -19.33
N ASN N 65 -61.41 1.81 -19.00
CA ASN N 65 -62.30 0.67 -19.04
C ASN N 65 -62.34 0.14 -20.47
N GLU N 66 -62.27 -1.19 -20.60
CA GLU N 66 -62.22 -1.79 -21.93
C GLU N 66 -63.46 -1.46 -22.75
N LYS N 67 -64.60 -1.22 -22.09
CA LYS N 67 -65.80 -0.84 -22.80
C LYS N 67 -65.68 0.55 -23.43
N PHE N 68 -64.91 1.45 -22.83
CA PHE N 68 -64.76 2.81 -23.34
C PHE N 68 -63.45 3.03 -24.08
N LYS N 69 -62.60 2.01 -24.19
CA LYS N 69 -61.37 2.15 -24.95
C LYS N 69 -61.70 2.30 -26.43
N GLY N 70 -61.10 3.31 -27.06
CA GLY N 70 -61.44 3.67 -28.41
C GLY N 70 -62.65 4.56 -28.56
N LYS N 71 -63.33 4.85 -27.46
CA LYS N 71 -64.48 5.75 -27.44
C LYS N 71 -64.22 7.03 -26.68
N ALA N 72 -63.55 6.96 -25.53
CA ALA N 72 -63.18 8.12 -24.75
C ALA N 72 -61.66 8.28 -24.75
N THR N 73 -61.20 9.52 -24.82
CA THR N 73 -59.78 9.83 -24.77
C THR N 73 -59.54 10.80 -23.62
N LEU N 74 -58.66 10.41 -22.69
CA LEU N 74 -58.36 11.21 -21.52
C LEU N 74 -57.10 12.02 -21.76
N THR N 75 -57.16 13.31 -21.50
CA THR N 75 -55.99 14.18 -21.54
C THR N 75 -56.02 15.10 -20.33
N ALA N 76 -54.86 15.62 -19.97
CA ALA N 76 -54.74 16.50 -18.82
C ALA N 76 -53.85 17.68 -19.18
N ASP N 77 -54.08 18.79 -18.50
CA ASP N 77 -53.30 20.01 -18.68
C ASP N 77 -52.78 20.43 -17.30
N LYS N 78 -51.50 20.16 -17.04
CA LYS N 78 -50.93 20.47 -15.73
C LYS N 78 -50.87 21.97 -15.48
N SER N 79 -50.63 22.76 -16.53
CA SER N 79 -50.52 24.21 -16.37
C SER N 79 -51.84 24.80 -15.88
N SER N 80 -52.95 24.40 -16.48
CA SER N 80 -54.26 24.88 -16.08
C SER N 80 -54.94 23.99 -15.04
N SER N 81 -54.30 22.90 -14.65
CA SER N 81 -54.83 21.98 -13.64
C SER N 81 -56.22 21.48 -14.03
N THR N 82 -56.38 21.11 -15.30
CA THR N 82 -57.65 20.65 -15.82
C THR N 82 -57.44 19.39 -16.65
N ALA N 83 -58.49 18.56 -16.71
CA ALA N 83 -58.46 17.31 -17.45
C ALA N 83 -59.62 17.28 -18.42
N TYR N 84 -59.43 16.56 -19.53
CA TYR N 84 -60.42 16.49 -20.59
C TYR N 84 -60.76 15.05 -20.90
N MET N 85 -62.06 14.78 -21.08
CA MET N 85 -62.54 13.56 -21.71
C MET N 85 -63.03 13.93 -23.11
N GLU N 86 -62.55 13.19 -24.10
CA GLU N 86 -62.96 13.40 -25.49
C GLU N 86 -63.71 12.16 -25.95
N LEU N 87 -65.01 12.30 -26.19
CA LEU N 87 -65.82 11.23 -26.72
C LEU N 87 -65.92 11.37 -28.23
N ARG N 88 -65.85 10.25 -28.94
CA ARG N 88 -65.91 10.23 -30.39
C ARG N 88 -66.90 9.16 -30.85
N SER N 89 -67.40 9.33 -32.07
CA SER N 89 -68.42 8.46 -32.63
C SER N 89 -69.63 8.37 -31.70
N LEU N 90 -70.14 9.54 -31.34
CA LEU N 90 -71.21 9.62 -30.36
C LEU N 90 -72.47 8.93 -30.86
N THR N 91 -73.16 8.24 -29.94
CA THR N 91 -74.39 7.55 -30.27
C THR N 91 -75.43 7.82 -29.19
N SER N 92 -76.57 7.11 -29.25
CA SER N 92 -77.58 7.26 -28.22
C SER N 92 -77.13 6.65 -26.89
N GLU N 93 -76.24 5.64 -26.95
CA GLU N 93 -75.73 5.04 -25.72
C GLU N 93 -74.88 6.02 -24.93
N ASP N 94 -74.15 6.90 -25.63
CA ASP N 94 -73.30 7.89 -24.96
C ASP N 94 -74.09 8.98 -24.27
N SER N 95 -75.40 9.05 -24.48
CA SER N 95 -76.25 10.01 -23.78
C SER N 95 -76.28 9.64 -22.29
N ALA N 96 -75.63 10.45 -21.47
CA ALA N 96 -75.50 10.16 -20.04
C ALA N 96 -74.99 11.41 -19.35
N VAL N 97 -74.76 11.30 -18.05
CA VAL N 97 -74.11 12.33 -17.26
C VAL N 97 -72.72 11.83 -16.90
N TYR N 98 -71.71 12.62 -17.21
CA TYR N 98 -70.32 12.23 -17.03
C TYR N 98 -69.71 13.03 -15.89
N PHE N 99 -69.19 12.33 -14.89
CA PHE N 99 -68.56 12.96 -13.75
C PHE N 99 -67.04 12.87 -13.88
N CYS N 100 -66.36 13.91 -13.45
CA CYS N 100 -64.92 13.84 -13.19
C CYS N 100 -64.71 13.74 -11.70
N ALA N 101 -63.82 12.85 -11.29
CA ALA N 101 -63.57 12.60 -9.88
C ALA N 101 -62.07 12.55 -9.62
N ARG N 102 -61.66 13.16 -8.50
CA ARG N 102 -60.27 13.09 -8.10
C ARG N 102 -59.93 11.67 -7.67
N GLN N 103 -58.86 11.12 -8.24
CA GLN N 103 -58.48 9.73 -8.02
C GLN N 103 -57.17 9.67 -7.27
N GLY N 104 -57.14 8.87 -6.21
CA GLY N 104 -55.91 8.63 -5.48
C GLY N 104 -55.03 7.61 -6.18
N TYR N 105 -53.79 7.51 -5.72
CA TYR N 105 -52.79 6.79 -6.51
C TYR N 105 -52.82 5.29 -6.28
N TYR N 106 -52.48 4.83 -5.08
CA TYR N 106 -52.15 3.42 -4.90
C TYR N 106 -53.09 2.70 -3.93
N ALA N 107 -53.12 3.11 -2.67
CA ALA N 107 -54.06 2.57 -1.70
C ALA N 107 -55.20 3.52 -1.41
N ASN N 108 -55.03 4.80 -1.76
CA ASN N 108 -56.08 5.79 -1.69
C ASN N 108 -56.82 5.94 -3.01
N SER N 109 -56.91 4.86 -3.79
CA SER N 109 -57.54 4.91 -5.10
C SER N 109 -59.04 5.07 -4.95
N GLN N 110 -59.45 6.22 -4.45
CA GLN N 110 -60.84 6.53 -4.18
C GLN N 110 -61.21 7.81 -4.92
N PHE N 111 -62.43 7.82 -5.47
CA PHE N 111 -62.99 9.03 -6.07
C PHE N 111 -63.45 9.92 -4.92
N THR N 112 -62.47 10.55 -4.28
CA THR N 112 -62.74 11.29 -3.05
C THR N 112 -63.65 12.48 -3.28
N TYR N 113 -63.44 13.21 -4.37
CA TYR N 113 -64.25 14.38 -4.71
C TYR N 113 -64.65 14.30 -6.17
N TRP N 114 -65.91 14.63 -6.45
CA TRP N 114 -66.47 14.50 -7.77
C TRP N 114 -66.79 15.89 -8.33
N GLY N 115 -67.14 15.93 -9.61
CA GLY N 115 -67.64 17.14 -10.22
C GLY N 115 -69.15 17.16 -10.18
N GLN N 116 -69.76 18.27 -10.58
CA GLN N 116 -71.22 18.34 -10.59
C GLN N 116 -71.83 17.39 -11.61
N GLY N 117 -71.04 16.94 -12.60
CA GLY N 117 -71.54 16.05 -13.61
C GLY N 117 -71.98 16.79 -14.86
N THR N 118 -71.40 16.42 -16.01
CA THR N 118 -71.73 17.06 -17.28
C THR N 118 -72.64 16.14 -18.08
N LEU N 119 -73.86 16.62 -18.34
CA LEU N 119 -74.80 15.86 -19.15
C LEU N 119 -74.45 15.99 -20.62
N VAL N 120 -74.45 14.86 -21.33
CA VAL N 120 -74.18 14.82 -22.76
C VAL N 120 -75.32 14.09 -23.44
N THR N 121 -75.80 14.65 -24.55
CA THR N 121 -76.86 14.05 -25.33
C THR N 121 -76.26 13.15 -26.41
N VAL N 122 -77.09 12.74 -27.37
CA VAL N 122 -76.68 11.84 -28.45
C VAL N 122 -75.45 12.37 -29.18
N SER N 144 -63.96 -11.65 -15.95
CA SER N 144 -62.65 -11.17 -15.51
C SER N 144 -62.80 -10.02 -14.52
N ASP N 145 -63.52 -8.98 -14.94
CA ASP N 145 -63.73 -7.82 -14.07
C ASP N 145 -64.71 -8.16 -12.95
N ILE N 146 -64.44 -7.62 -11.77
CA ILE N 146 -65.27 -7.86 -10.60
C ILE N 146 -66.55 -7.06 -10.76
N GLN N 147 -67.68 -7.76 -10.80
CA GLN N 147 -68.97 -7.08 -10.86
C GLN N 147 -69.52 -6.90 -9.45
N MET N 148 -69.89 -5.66 -9.14
CA MET N 148 -70.43 -5.33 -7.82
C MET N 148 -71.94 -5.45 -7.89
N THR N 149 -72.49 -6.41 -7.15
CA THR N 149 -73.93 -6.70 -7.17
C THR N 149 -74.56 -6.16 -5.89
N GLN N 150 -75.38 -5.13 -6.02
CA GLN N 150 -76.20 -4.64 -4.92
C GLN N 150 -77.56 -5.31 -5.03
N THR N 151 -77.78 -6.33 -4.20
CA THR N 151 -78.97 -7.17 -4.33
C THR N 151 -80.26 -6.39 -4.12
N THR N 152 -80.20 -5.25 -3.42
CA THR N 152 -81.37 -4.41 -3.21
C THR N 152 -81.19 -3.13 -4.03
N SER N 153 -82.01 -2.98 -5.08
CA SER N 153 -81.93 -1.80 -5.93
C SER N 153 -82.55 -0.57 -5.29
N SER N 154 -83.46 -0.74 -4.35
CA SER N 154 -84.11 0.39 -3.70
C SER N 154 -84.59 -0.04 -2.32
N LEU N 155 -84.28 0.77 -1.31
CA LEU N 155 -84.66 0.50 0.07
C LEU N 155 -85.56 1.60 0.59
N SER N 156 -86.71 1.22 1.12
CA SER N 156 -87.63 2.16 1.76
C SER N 156 -87.44 2.09 3.26
N ALA N 157 -87.39 3.25 3.91
CA ALA N 157 -87.12 3.30 5.34
C ALA N 157 -87.74 4.56 5.93
N SER N 158 -87.84 4.57 7.25
CA SER N 158 -88.40 5.70 7.99
C SER N 158 -87.27 6.48 8.69
N LEU N 159 -87.58 7.72 9.05
CA LEU N 159 -86.61 8.58 9.70
C LEU N 159 -86.15 7.97 11.02
N GLY N 160 -84.84 7.98 11.25
CA GLY N 160 -84.28 7.44 12.47
C GLY N 160 -84.03 5.95 12.48
N ASP N 161 -84.40 5.24 11.41
CA ASP N 161 -84.16 3.81 11.34
C ASP N 161 -82.67 3.52 11.11
N ARG N 162 -82.30 2.26 11.30
CA ARG N 162 -80.96 1.78 11.00
C ARG N 162 -81.06 0.92 9.74
N VAL N 163 -80.67 1.48 8.60
CA VAL N 163 -80.75 0.79 7.32
C VAL N 163 -79.38 0.26 6.96
N THR N 164 -79.36 -0.83 6.20
CA THR N 164 -78.13 -1.50 5.80
C THR N 164 -78.15 -1.74 4.31
N ILE N 165 -77.16 -1.20 3.61
CA ILE N 165 -77.00 -1.40 2.17
C ILE N 165 -75.83 -2.35 1.97
N SER N 166 -76.12 -3.54 1.44
CA SER N 166 -75.12 -4.59 1.28
C SER N 166 -74.94 -4.88 -0.20
N CYS N 167 -73.69 -5.08 -0.62
CA CYS N 167 -73.38 -5.48 -1.97
C CYS N 167 -72.27 -6.53 -1.95
N SER N 168 -72.27 -7.38 -2.97
CA SER N 168 -71.33 -8.50 -3.06
C SER N 168 -70.45 -8.34 -4.28
N ALA N 169 -69.22 -8.83 -4.16
CA ALA N 169 -68.25 -8.83 -5.24
C ALA N 169 -68.13 -10.22 -5.85
N SER N 170 -67.98 -10.28 -7.18
CA SER N 170 -67.85 -11.56 -7.85
C SER N 170 -66.59 -12.30 -7.40
N GLN N 171 -65.48 -11.59 -7.28
CA GLN N 171 -64.25 -12.15 -6.74
C GLN N 171 -64.00 -11.56 -5.36
N GLY N 172 -63.04 -12.17 -4.65
CA GLY N 172 -62.65 -11.67 -3.36
C GLY N 172 -61.81 -10.41 -3.44
N ILE N 173 -62.37 -9.29 -3.00
CA ILE N 173 -61.65 -8.02 -2.95
C ILE N 173 -61.17 -7.80 -1.52
N SER N 174 -59.91 -7.42 -1.37
CA SER N 174 -59.27 -7.35 -0.06
C SER N 174 -59.65 -6.04 0.61
N ASN N 175 -60.93 -5.94 0.95
CA ASN N 175 -61.52 -4.78 1.61
C ASN N 175 -61.39 -3.50 0.80
N TYR N 176 -60.98 -3.59 -0.47
CA TYR N 176 -60.83 -2.44 -1.33
C TYR N 176 -62.18 -2.07 -1.93
N LEU N 177 -63.06 -1.58 -1.04
CA LEU N 177 -64.42 -1.23 -1.41
C LEU N 177 -64.72 0.17 -0.93
N ASN N 178 -65.24 1.01 -1.82
CA ASN N 178 -65.67 2.35 -1.48
C ASN N 178 -67.19 2.43 -1.55
N TRP N 179 -67.76 3.33 -0.75
CA TRP N 179 -69.19 3.62 -0.77
C TRP N 179 -69.37 5.06 -1.23
N TYR N 180 -70.14 5.26 -2.29
CA TYR N 180 -70.42 6.58 -2.83
C TYR N 180 -71.91 6.86 -2.71
N GLN N 181 -72.22 8.09 -2.33
CA GLN N 181 -73.60 8.53 -2.13
C GLN N 181 -73.94 9.55 -3.20
N GLN N 182 -74.97 9.27 -3.99
CA GLN N 182 -75.44 10.18 -5.04
C GLN N 182 -76.79 10.74 -4.61
N LYS N 183 -76.81 12.04 -4.32
CA LYS N 183 -78.03 12.71 -3.92
C LYS N 183 -79.01 12.77 -5.10
N PRO N 184 -80.31 12.94 -4.83
CA PRO N 184 -81.26 13.10 -5.94
C PRO N 184 -80.95 14.27 -6.84
N ASP N 185 -80.29 15.31 -6.32
CA ASP N 185 -79.82 16.40 -7.17
C ASP N 185 -78.73 15.96 -8.13
N GLY N 186 -78.15 14.78 -7.91
CA GLY N 186 -77.10 14.25 -8.77
C GLY N 186 -75.70 14.35 -8.21
N THR N 187 -75.51 15.06 -7.10
CA THR N 187 -74.19 15.21 -6.52
C THR N 187 -73.72 13.89 -5.92
N VAL N 188 -72.50 13.48 -6.27
CA VAL N 188 -71.92 12.24 -5.80
C VAL N 188 -70.82 12.57 -4.79
N LYS N 189 -70.87 11.93 -3.64
CA LYS N 189 -69.87 12.12 -2.59
C LYS N 189 -69.37 10.76 -2.12
N LEU N 190 -68.10 10.73 -1.70
CA LEU N 190 -67.53 9.53 -1.12
C LEU N 190 -67.86 9.48 0.37
N LEU N 191 -68.44 8.36 0.79
CA LEU N 191 -68.76 8.15 2.21
C LEU N 191 -67.74 7.27 2.90
N ILE N 192 -67.57 6.05 2.40
CA ILE N 192 -66.72 5.04 3.02
C ILE N 192 -65.64 4.66 2.02
N TYR N 193 -64.40 4.60 2.48
CA TYR N 193 -63.31 4.04 1.70
C TYR N 193 -62.61 2.98 2.54
N TYR N 194 -61.98 2.02 1.84
CA TYR N 194 -61.35 0.87 2.48
C TYR N 194 -62.33 0.12 3.39
N THR N 195 -63.60 0.16 3.01
CA THR N 195 -64.69 -0.64 3.57
C THR N 195 -65.12 -0.18 4.97
N SER N 196 -64.30 0.61 5.66
CA SER N 196 -64.66 1.04 7.00
C SER N 196 -64.27 2.47 7.35
N SER N 197 -63.57 3.19 6.47
CA SER N 197 -62.99 4.49 6.83
C SER N 197 -63.93 5.61 6.43
N LEU N 198 -64.26 6.47 7.39
CA LEU N 198 -65.09 7.63 7.11
C LEU N 198 -64.33 8.63 6.26
N HIS N 199 -65.06 9.30 5.36
CA HIS N 199 -64.47 10.38 4.59
C HIS N 199 -64.31 11.62 5.48
N SER N 200 -63.83 12.71 4.89
CA SER N 200 -63.47 13.89 5.67
C SER N 200 -64.68 14.50 6.38
N GLY N 201 -65.81 14.59 5.68
CA GLY N 201 -66.97 15.24 6.26
C GLY N 201 -68.18 14.32 6.41
N VAL N 202 -67.95 13.04 6.63
CA VAL N 202 -69.03 12.07 6.79
C VAL N 202 -69.31 11.88 8.27
N PRO N 203 -70.58 11.98 8.69
CA PRO N 203 -70.90 11.77 10.11
C PRO N 203 -70.67 10.32 10.52
N SER N 204 -70.51 10.14 11.83
CA SER N 204 -70.29 8.81 12.40
C SER N 204 -71.49 7.88 12.22
N ARG N 205 -72.65 8.42 11.83
CA ARG N 205 -73.83 7.60 11.61
C ARG N 205 -73.62 6.60 10.48
N PHE N 206 -72.75 6.93 9.53
CA PHE N 206 -72.38 6.00 8.46
C PHE N 206 -71.27 5.07 8.92
N SER N 207 -71.35 3.82 8.47
CA SER N 207 -70.32 2.84 8.78
C SER N 207 -70.34 1.75 7.73
N GLY N 208 -69.23 1.04 7.61
CA GLY N 208 -69.11 -0.04 6.65
C GLY N 208 -68.54 -1.28 7.29
N SER N 209 -68.76 -2.42 6.62
CA SER N 209 -68.28 -3.71 7.09
C SER N 209 -68.12 -4.64 5.91
N GLY N 210 -67.37 -5.71 6.14
CA GLY N 210 -67.10 -6.71 5.11
C GLY N 210 -65.61 -6.99 5.03
N SER N 211 -65.28 -8.24 4.72
CA SER N 211 -63.88 -8.64 4.67
C SER N 211 -63.55 -9.41 3.40
N GLY N 212 -64.53 -10.10 2.83
CA GLY N 212 -64.28 -10.95 1.69
C GLY N 212 -64.92 -10.45 0.41
N THR N 213 -66.04 -11.08 0.03
CA THR N 213 -66.79 -10.65 -1.13
C THR N 213 -68.03 -9.84 -0.78
N ASP N 214 -68.53 -9.95 0.44
CA ASP N 214 -69.78 -9.31 0.85
C ASP N 214 -69.47 -8.12 1.75
N TYR N 215 -70.01 -6.96 1.39
CA TYR N 215 -69.78 -5.73 2.14
C TYR N 215 -71.11 -5.02 2.35
N SER N 216 -71.22 -4.35 3.49
CA SER N 216 -72.46 -3.68 3.88
C SER N 216 -72.18 -2.25 4.31
N LEU N 217 -73.09 -1.35 3.96
CA LEU N 217 -73.05 0.03 4.41
C LEU N 217 -74.18 0.25 5.41
N THR N 218 -73.83 0.66 6.63
CA THR N 218 -74.79 0.83 7.70
C THR N 218 -74.94 2.31 8.03
N ILE N 219 -76.19 2.78 8.02
CA ILE N 219 -76.52 4.13 8.44
C ILE N 219 -77.45 4.03 9.65
N SER N 220 -77.01 4.58 10.78
CA SER N 220 -77.80 4.58 12.00
C SER N 220 -78.55 5.89 12.12
N ASN N 221 -79.74 5.82 12.72
CA ASN N 221 -80.64 6.96 12.93
C ASN N 221 -80.75 7.82 11.68
N LEU N 222 -81.32 7.26 10.62
CA LEU N 222 -81.42 7.93 9.32
C LEU N 222 -82.00 9.34 9.47
N GLU N 223 -81.53 10.22 8.60
CA GLU N 223 -81.93 11.62 8.54
C GLU N 223 -82.32 11.97 7.12
N PRO N 224 -83.12 13.02 6.94
CA PRO N 224 -83.49 13.42 5.56
C PRO N 224 -82.31 13.78 4.68
N GLU N 225 -81.16 14.16 5.27
CA GLU N 225 -79.97 14.43 4.49
C GLU N 225 -79.35 13.16 3.91
N ASP N 226 -79.82 11.98 4.32
CA ASP N 226 -79.30 10.72 3.84
C ASP N 226 -80.14 10.11 2.73
N ILE N 227 -81.13 10.83 2.22
CA ILE N 227 -81.96 10.35 1.10
C ILE N 227 -81.10 10.47 -0.15
N ALA N 228 -80.63 9.34 -0.67
CA ALA N 228 -79.75 9.33 -1.82
C ALA N 228 -79.60 7.90 -2.32
N THR N 229 -78.91 7.77 -3.45
CA THR N 229 -78.56 6.47 -4.01
C THR N 229 -77.13 6.13 -3.62
N TYR N 230 -76.94 4.94 -3.06
CA TYR N 230 -75.65 4.54 -2.51
C TYR N 230 -75.00 3.50 -3.42
N TYR N 231 -73.79 3.77 -3.84
CA TYR N 231 -73.04 2.92 -4.75
C TYR N 231 -71.81 2.35 -4.03
N CYS N 232 -71.58 1.06 -4.18
CA CYS N 232 -70.35 0.43 -3.73
C CYS N 232 -69.43 0.26 -4.93
N GLN N 233 -68.17 0.61 -4.77
CA GLN N 233 -67.18 0.50 -5.84
C GLN N 233 -65.96 -0.24 -5.32
N GLN N 234 -65.54 -1.27 -6.05
CA GLN N 234 -64.32 -1.97 -5.72
C GLN N 234 -63.14 -1.32 -6.43
N TYR N 235 -62.02 -1.21 -5.72
CA TYR N 235 -60.77 -0.79 -6.32
C TYR N 235 -59.68 -1.84 -6.09
N SER N 236 -60.08 -3.11 -6.06
CA SER N 236 -59.12 -4.20 -5.95
C SER N 236 -58.40 -4.45 -7.26
N LYS N 237 -59.12 -4.43 -8.38
CA LYS N 237 -58.54 -4.73 -9.68
C LYS N 237 -59.18 -3.85 -10.74
N LEU N 238 -58.36 -3.39 -11.69
CA LEU N 238 -58.89 -2.69 -12.86
C LEU N 238 -59.66 -3.67 -13.74
N PRO N 239 -60.73 -3.20 -14.39
CA PRO N 239 -61.30 -1.84 -14.33
C PRO N 239 -62.08 -1.61 -13.05
N TRP N 240 -62.07 -0.39 -12.50
CA TRP N 240 -62.92 -0.09 -11.36
C TRP N 240 -64.37 -0.28 -11.74
N THR N 241 -65.13 -0.96 -10.89
CA THR N 241 -66.53 -1.25 -11.18
C THR N 241 -67.39 -0.83 -10.00
N PHE N 242 -68.57 -0.30 -10.30
CA PHE N 242 -69.54 0.13 -9.32
C PHE N 242 -70.63 -0.92 -9.16
N GLY N 243 -71.37 -0.80 -8.07
CA GLY N 243 -72.58 -1.58 -7.90
C GLY N 243 -73.74 -0.96 -8.66
N GLY N 244 -74.83 -1.72 -8.74
CA GLY N 244 -76.03 -1.20 -9.37
C GLY N 244 -76.61 -0.01 -8.65
N GLY N 245 -76.34 0.12 -7.36
CA GLY N 245 -76.83 1.23 -6.57
C GLY N 245 -78.07 0.86 -5.78
N THR N 246 -78.19 1.44 -4.59
CA THR N 246 -79.36 1.26 -3.74
C THR N 246 -79.96 2.63 -3.47
N ASN N 247 -81.21 2.81 -3.91
CA ASN N 247 -81.93 4.06 -3.71
C ASN N 247 -82.62 4.03 -2.34
N LEU N 248 -82.29 4.98 -1.48
CA LEU N 248 -82.87 5.03 -0.14
C LEU N 248 -84.10 5.93 -0.15
N GLU N 249 -85.25 5.34 0.13
CA GLU N 249 -86.52 6.06 0.16
C GLU N 249 -86.91 6.35 1.61
N ILE N 250 -86.39 7.47 2.12
CA ILE N 250 -86.71 7.90 3.48
C ILE N 250 -87.86 8.90 3.47
N GLU O 5 16.28 -35.85 -53.04
CA GLU O 5 15.93 -34.47 -53.35
C GLU O 5 14.44 -34.33 -53.61
N VAL O 6 14.04 -33.16 -54.11
CA VAL O 6 12.64 -32.88 -54.41
C VAL O 6 12.29 -33.44 -55.77
N GLN O 7 11.25 -34.26 -55.83
CA GLN O 7 10.88 -34.96 -57.05
C GLN O 7 9.54 -34.53 -57.61
N LEU O 8 8.48 -34.55 -56.81
CA LEU O 8 7.11 -34.22 -57.25
C LEU O 8 6.67 -35.12 -58.40
N GLN O 9 6.55 -36.41 -58.10
CA GLN O 9 6.11 -37.37 -59.09
C GLN O 9 4.62 -37.18 -59.39
N GLN O 10 4.28 -37.12 -60.67
CA GLN O 10 2.91 -36.92 -61.11
C GLN O 10 2.30 -38.24 -61.60
N SER O 11 0.98 -38.21 -61.78
CA SER O 11 0.25 -39.37 -62.25
C SER O 11 0.41 -39.53 -63.76
N GLY O 12 0.02 -40.70 -64.26
CA GLY O 12 0.17 -41.00 -65.67
C GLY O 12 -0.83 -40.24 -66.53
N ALA O 13 -0.58 -40.30 -67.83
CA ALA O 13 -1.43 -39.61 -68.80
C ALA O 13 -2.85 -40.15 -68.73
N GLU O 14 -3.82 -39.25 -68.85
CA GLU O 14 -5.23 -39.60 -68.76
C GLU O 14 -5.95 -39.22 -70.05
N LEU O 15 -6.65 -40.18 -70.63
CA LEU O 15 -7.52 -39.94 -71.78
C LEU O 15 -8.96 -39.94 -71.31
N ALA O 16 -9.69 -38.88 -71.63
CA ALA O 16 -11.05 -38.71 -71.13
C ALA O 16 -11.95 -38.17 -72.22
N ARG O 17 -13.23 -38.51 -72.13
CA ARG O 17 -14.23 -38.00 -73.04
C ARG O 17 -14.57 -36.55 -72.69
N PRO O 18 -15.06 -35.78 -73.65
CA PRO O 18 -15.51 -34.42 -73.33
C PRO O 18 -16.62 -34.44 -72.29
N GLY O 19 -16.58 -33.48 -71.38
CA GLY O 19 -17.54 -33.38 -70.31
C GLY O 19 -17.24 -34.26 -69.11
N ALA O 20 -16.20 -35.08 -69.16
CA ALA O 20 -15.84 -35.95 -68.05
C ALA O 20 -14.91 -35.20 -67.11
N SER O 21 -14.41 -35.89 -66.08
CA SER O 21 -13.54 -35.30 -65.09
C SER O 21 -12.29 -36.15 -64.93
N VAL O 22 -11.16 -35.49 -64.73
CA VAL O 22 -9.88 -36.15 -64.51
C VAL O 22 -9.26 -35.59 -63.23
N LYS O 23 -8.83 -36.48 -62.35
CA LYS O 23 -8.21 -36.11 -61.08
C LYS O 23 -6.70 -36.35 -61.20
N LEU O 24 -5.97 -35.31 -61.59
CA LEU O 24 -4.53 -35.41 -61.68
C LEU O 24 -3.91 -35.50 -60.30
N SER O 25 -2.76 -36.15 -60.20
CA SER O 25 -2.09 -36.39 -58.94
C SER O 25 -0.65 -35.90 -59.01
N CYS O 26 -0.10 -35.58 -57.84
CA CYS O 26 1.29 -35.11 -57.74
C CYS O 26 1.79 -35.50 -56.35
N LYS O 27 2.58 -36.56 -56.28
CA LYS O 27 3.15 -37.02 -55.01
C LYS O 27 4.47 -36.31 -54.77
N ALA O 28 4.59 -35.69 -53.61
CA ALA O 28 5.76 -34.88 -53.25
C ALA O 28 6.66 -35.66 -52.30
N SER O 29 7.97 -35.54 -52.51
CA SER O 29 8.94 -36.22 -51.67
C SER O 29 10.21 -35.39 -51.61
N GLY O 30 11.00 -35.63 -50.55
CA GLY O 30 12.26 -34.95 -50.37
C GLY O 30 12.19 -33.63 -49.62
N TYR O 31 11.03 -33.22 -49.15
CA TYR O 31 10.88 -31.97 -48.44
C TYR O 31 9.62 -32.01 -47.59
N THR O 32 9.51 -31.08 -46.66
CA THR O 32 8.32 -30.95 -45.84
C THR O 32 7.17 -30.41 -46.69
N PHE O 33 6.12 -31.21 -46.83
CA PHE O 33 5.05 -30.88 -47.77
C PHE O 33 4.36 -29.58 -47.40
N THR O 34 4.14 -29.33 -46.11
CA THR O 34 3.42 -28.15 -45.66
C THR O 34 4.27 -26.90 -45.63
N SER O 35 5.57 -27.00 -45.89
CA SER O 35 6.44 -25.84 -45.97
C SER O 35 6.40 -25.17 -47.33
N TYR O 36 5.69 -25.74 -48.29
CA TYR O 36 5.62 -25.19 -49.65
C TYR O 36 4.21 -25.36 -50.17
N GLY O 37 3.90 -24.58 -51.21
CA GLY O 37 2.67 -24.79 -51.95
C GLY O 37 2.89 -25.68 -53.16
N ILE O 38 1.78 -26.12 -53.73
CA ILE O 38 1.80 -26.93 -54.95
C ILE O 38 1.07 -26.14 -56.02
N SER O 39 1.81 -25.73 -57.04
CA SER O 39 1.24 -24.99 -58.16
C SER O 39 1.09 -25.90 -59.37
N TRP O 40 0.04 -25.64 -60.14
CA TRP O 40 -0.27 -26.42 -61.33
C TRP O 40 -0.16 -25.53 -62.55
N VAL O 41 0.55 -26.00 -63.58
CA VAL O 41 0.81 -25.24 -64.78
C VAL O 41 0.31 -26.04 -65.98
N LYS O 42 -0.43 -25.37 -66.86
CA LYS O 42 -0.95 -25.99 -68.08
C LYS O 42 -0.13 -25.54 -69.27
N GLN O 43 0.27 -26.50 -70.12
CA GLN O 43 1.02 -26.21 -71.33
C GLN O 43 0.37 -26.97 -72.49
N ARG O 44 -0.27 -26.23 -73.39
CA ARG O 44 -0.86 -26.84 -74.57
C ARG O 44 0.24 -27.28 -75.54
N THR O 45 -0.15 -28.14 -76.49
CA THR O 45 0.81 -28.68 -77.44
C THR O 45 1.41 -27.57 -78.29
N GLY O 46 2.73 -27.39 -78.17
CA GLY O 46 3.39 -26.34 -78.90
C GLY O 46 3.06 -24.94 -78.45
N GLN O 47 2.68 -24.77 -77.18
CA GLN O 47 2.34 -23.48 -76.62
C GLN O 47 3.18 -23.22 -75.37
N GLY O 48 2.91 -22.09 -74.73
CA GLY O 48 3.65 -21.71 -73.54
C GLY O 48 3.03 -22.21 -72.26
N LEU O 49 3.76 -22.01 -71.16
CA LEU O 49 3.27 -22.39 -69.85
C LEU O 49 2.17 -21.43 -69.40
N GLU O 50 1.18 -21.96 -68.69
CA GLU O 50 0.09 -21.15 -68.16
C GLU O 50 -0.21 -21.60 -66.74
N TRP O 51 -0.24 -20.65 -65.82
CA TRP O 51 -0.48 -20.96 -64.41
C TRP O 51 -1.96 -21.23 -64.18
N ILE O 52 -2.27 -22.44 -63.73
CA ILE O 52 -3.64 -22.79 -63.37
C ILE O 52 -4.01 -22.28 -61.99
N GLY O 53 -3.17 -22.59 -61.02
CA GLY O 53 -3.44 -22.25 -59.64
C GLY O 53 -2.49 -22.97 -58.72
N GLU O 54 -2.44 -22.50 -57.49
CA GLU O 54 -1.60 -23.10 -56.47
C GLU O 54 -2.42 -23.38 -55.22
N ILE O 55 -2.02 -24.43 -54.50
CA ILE O 55 -2.62 -24.78 -53.23
C ILE O 55 -1.52 -24.90 -52.19
N TYR O 56 -1.77 -24.35 -51.01
CA TYR O 56 -0.81 -24.47 -49.92
C TYR O 56 -1.35 -25.51 -48.94
N PRO O 57 -0.76 -26.71 -48.89
CA PRO O 57 -1.33 -27.77 -48.04
C PRO O 57 -1.37 -27.45 -46.56
N ARG O 58 -0.49 -26.57 -46.07
CA ARG O 58 -0.49 -26.30 -44.63
C ARG O 58 -1.81 -25.69 -44.18
N SER O 59 -2.35 -24.76 -44.96
CA SER O 59 -3.64 -24.17 -44.66
C SER O 59 -4.76 -24.65 -45.56
N GLY O 60 -4.44 -25.38 -46.63
CA GLY O 60 -5.44 -25.79 -47.60
C GLY O 60 -5.94 -24.68 -48.49
N ASN O 61 -5.30 -23.51 -48.46
CA ASN O 61 -5.76 -22.38 -49.24
C ASN O 61 -5.44 -22.58 -50.71
N THR O 62 -6.37 -22.17 -51.57
CA THR O 62 -6.23 -22.30 -53.01
C THR O 62 -6.31 -20.94 -53.66
N TYR O 63 -5.45 -20.71 -54.64
CA TYR O 63 -5.48 -19.52 -55.46
C TYR O 63 -5.53 -19.96 -56.91
N TYR O 64 -6.53 -19.49 -57.64
CA TYR O 64 -6.79 -19.93 -59.00
C TYR O 64 -6.58 -18.78 -59.98
N ASN O 65 -6.00 -19.09 -61.13
CA ASN O 65 -6.13 -18.21 -62.28
C ASN O 65 -7.61 -18.14 -62.67
N GLU O 66 -8.07 -16.93 -62.97
CA GLU O 66 -9.48 -16.75 -63.29
C GLU O 66 -9.89 -17.54 -64.52
N LYS O 67 -8.96 -17.75 -65.46
CA LYS O 67 -9.24 -18.56 -66.64
C LYS O 67 -9.48 -20.02 -66.30
N PHE O 68 -9.07 -20.49 -65.12
CA PHE O 68 -9.29 -21.86 -64.72
C PHE O 68 -10.20 -21.99 -63.49
N LYS O 69 -10.66 -20.87 -62.94
CA LYS O 69 -11.58 -20.93 -61.80
C LYS O 69 -12.91 -21.52 -62.25
N GLY O 70 -13.40 -22.51 -61.51
CA GLY O 70 -14.57 -23.26 -61.90
C GLY O 70 -14.30 -24.38 -62.87
N LYS O 71 -13.08 -24.51 -63.37
CA LYS O 71 -12.67 -25.58 -64.26
C LYS O 71 -11.71 -26.55 -63.60
N ALA O 72 -10.74 -26.05 -62.82
CA ALA O 72 -9.82 -26.88 -62.08
C ALA O 72 -10.07 -26.71 -60.59
N THR O 73 -9.98 -27.81 -59.84
CA THR O 73 -10.17 -27.81 -58.40
C THR O 73 -8.93 -28.39 -57.75
N LEU O 74 -8.29 -27.61 -56.88
CA LEU O 74 -7.06 -28.02 -56.23
C LEU O 74 -7.36 -28.57 -54.84
N THR O 75 -6.81 -29.74 -54.54
CA THR O 75 -6.90 -30.33 -53.22
C THR O 75 -5.53 -30.89 -52.85
N ALA O 76 -5.30 -31.07 -51.56
CA ALA O 76 -4.04 -31.59 -51.06
C ALA O 76 -4.31 -32.62 -49.97
N ASP O 77 -3.37 -33.55 -49.80
CA ASP O 77 -3.44 -34.57 -48.77
C ASP O 77 -2.11 -34.53 -48.01
N LYS O 78 -2.13 -33.93 -46.82
CA LYS O 78 -0.90 -33.81 -46.04
C LYS O 78 -0.40 -35.16 -45.56
N SER O 79 -1.31 -36.10 -45.27
CA SER O 79 -0.89 -37.42 -44.79
C SER O 79 -0.06 -38.15 -45.84
N SER O 80 -0.50 -38.13 -47.09
CA SER O 80 0.23 -38.77 -48.18
C SER O 80 1.17 -37.81 -48.90
N SER O 81 1.21 -36.54 -48.49
CA SER O 81 2.09 -35.54 -49.10
C SER O 81 1.88 -35.44 -50.61
N THR O 82 0.61 -35.44 -51.02
CA THR O 82 0.25 -35.39 -52.43
C THR O 82 -0.83 -34.35 -52.65
N ALA O 83 -0.87 -33.81 -53.87
CA ALA O 83 -1.84 -32.80 -54.25
C ALA O 83 -2.56 -33.25 -55.51
N TYR O 84 -3.80 -32.80 -55.66
CA TYR O 84 -4.64 -33.19 -56.77
C TYR O 84 -5.16 -31.97 -57.51
N MET O 85 -5.12 -32.03 -58.84
CA MET O 85 -5.89 -31.13 -59.69
C MET O 85 -7.05 -31.93 -60.28
N GLU O 86 -8.26 -31.40 -60.14
CA GLU O 86 -9.45 -32.03 -60.69
C GLU O 86 -10.03 -31.09 -61.74
N LEU O 87 -9.99 -31.53 -63.00
CA LEU O 87 -10.57 -30.79 -64.10
C LEU O 87 -11.95 -31.36 -64.41
N ARG O 88 -12.92 -30.49 -64.63
CA ARG O 88 -14.28 -30.89 -64.95
C ARG O 88 -14.73 -30.22 -66.24
N SER O 89 -15.70 -30.86 -66.90
CA SER O 89 -16.20 -30.43 -68.20
C SER O 89 -15.06 -30.28 -69.21
N LEU O 90 -14.30 -31.36 -69.36
CA LEU O 90 -13.14 -31.35 -70.24
C LEU O 90 -13.56 -31.12 -71.68
N THR O 91 -12.72 -30.39 -72.41
CA THR O 91 -12.95 -30.08 -73.82
C THR O 91 -11.64 -30.30 -74.57
N SER O 92 -11.62 -29.88 -75.84
CA SER O 92 -10.38 -29.96 -76.61
C SER O 92 -9.34 -28.98 -76.10
N GLU O 93 -9.78 -27.86 -75.52
CA GLU O 93 -8.85 -26.90 -74.95
C GLU O 93 -8.10 -27.48 -73.76
N ASP O 94 -8.74 -28.36 -72.99
CA ASP O 94 -8.08 -28.99 -71.86
C ASP O 94 -7.02 -29.99 -72.27
N SER O 95 -6.94 -30.35 -73.56
CA SER O 95 -5.90 -31.25 -74.05
C SER O 95 -4.56 -30.53 -73.97
N ALA O 96 -3.76 -30.90 -72.98
CA ALA O 96 -2.48 -30.24 -72.72
C ALA O 96 -1.66 -31.11 -71.78
N VAL O 97 -0.45 -30.64 -71.49
CA VAL O 97 0.39 -31.26 -70.48
C VAL O 97 0.33 -30.42 -69.22
N TYR O 98 -0.02 -31.05 -68.10
CA TYR O 98 -0.22 -30.36 -66.84
C TYR O 98 0.94 -30.70 -65.90
N PHE O 99 1.62 -29.66 -65.43
CA PHE O 99 2.74 -29.80 -64.51
C PHE O 99 2.31 -29.44 -63.10
N CYS O 100 2.81 -30.19 -62.13
CA CYS O 100 2.76 -29.77 -60.73
C CYS O 100 4.13 -29.26 -60.34
N ALA O 101 4.17 -28.11 -59.68
CA ALA O 101 5.43 -27.48 -59.30
C ALA O 101 5.38 -27.09 -57.83
N ARG O 102 6.50 -27.28 -57.14
CA ARG O 102 6.60 -26.88 -55.75
C ARG O 102 6.63 -25.35 -55.67
N GLN O 103 5.70 -24.78 -54.93
CA GLN O 103 5.55 -23.33 -54.84
C GLN O 103 5.97 -22.86 -53.46
N GLY O 104 6.84 -21.87 -53.41
CA GLY O 104 7.22 -21.23 -52.17
C GLY O 104 6.19 -20.21 -51.75
N TYR O 105 6.38 -19.67 -50.54
CA TYR O 105 5.28 -19.00 -49.86
C TYR O 105 5.17 -17.51 -50.22
N TYR O 106 6.16 -16.69 -49.86
CA TYR O 106 5.99 -15.25 -50.02
C TYR O 106 7.03 -14.62 -50.95
N ALA O 107 8.31 -14.68 -50.61
CA ALA O 107 9.32 -14.09 -51.47
C ALA O 107 10.01 -15.13 -52.31
N ASN O 108 10.01 -16.37 -51.82
CA ASN O 108 10.53 -17.51 -52.58
C ASN O 108 9.38 -18.15 -53.34
N SER O 109 8.67 -17.32 -54.10
CA SER O 109 7.44 -17.72 -54.78
C SER O 109 7.72 -18.21 -56.19
N GLN O 110 8.84 -18.89 -56.36
CA GLN O 110 9.24 -19.50 -57.61
C GLN O 110 8.88 -20.98 -57.60
N PHE O 111 8.58 -21.50 -58.79
CA PHE O 111 8.32 -22.93 -58.97
C PHE O 111 9.68 -23.64 -59.04
N THR O 112 10.22 -23.92 -57.85
CA THR O 112 11.60 -24.40 -57.74
C THR O 112 11.77 -25.77 -58.40
N TYR O 113 10.82 -26.67 -58.18
CA TYR O 113 10.88 -28.02 -58.72
C TYR O 113 9.55 -28.38 -59.34
N TRP O 114 9.60 -29.04 -60.50
CA TRP O 114 8.42 -29.38 -61.27
C TRP O 114 8.29 -30.90 -61.35
N GLY O 115 7.08 -31.35 -61.68
CA GLY O 115 6.84 -32.74 -62.00
C GLY O 115 7.19 -33.04 -63.45
N GLN O 116 7.14 -34.33 -63.78
CA GLN O 116 7.43 -34.75 -65.15
C GLN O 116 6.40 -34.24 -66.14
N GLY O 117 5.21 -33.87 -65.67
CA GLY O 117 4.15 -33.40 -66.53
C GLY O 117 3.20 -34.51 -66.91
N THR O 118 1.89 -34.27 -66.72
CA THR O 118 0.86 -35.26 -67.02
C THR O 118 0.05 -34.77 -68.22
N LEU O 119 0.18 -35.45 -69.35
CA LEU O 119 -0.61 -35.12 -70.52
C LEU O 119 -2.03 -35.63 -70.35
N VAL O 120 -3.01 -34.79 -70.70
CA VAL O 120 -4.42 -35.15 -70.61
C VAL O 120 -5.00 -34.94 -72.01
N THR O 121 -5.43 -36.03 -72.64
CA THR O 121 -6.03 -35.96 -73.97
C THR O 121 -7.54 -35.81 -73.83
N VAL O 122 -8.03 -34.60 -74.07
CA VAL O 122 -9.46 -34.27 -73.93
C VAL O 122 -10.01 -34.68 -72.57
N SER O 144 -5.79 -6.29 -67.54
CA SER O 144 -6.13 -7.48 -66.76
C SER O 144 -4.96 -7.90 -65.86
N ASP O 145 -4.15 -8.83 -66.36
CA ASP O 145 -3.01 -9.33 -65.59
C ASP O 145 -1.71 -8.77 -66.15
N ILE O 146 -0.59 -9.20 -65.58
CA ILE O 146 0.73 -8.78 -66.06
C ILE O 146 1.09 -9.69 -67.24
N GLN O 147 1.07 -9.14 -68.44
CA GLN O 147 1.42 -9.91 -69.63
C GLN O 147 2.94 -9.94 -69.78
N MET O 148 3.50 -11.15 -69.80
CA MET O 148 4.93 -11.34 -70.00
C MET O 148 5.17 -11.63 -71.47
N THR O 149 5.80 -10.69 -72.17
CA THR O 149 6.03 -10.80 -73.61
C THR O 149 7.50 -11.12 -73.86
N GLN O 150 7.76 -12.30 -74.41
CA GLN O 150 9.08 -12.66 -74.93
C GLN O 150 9.04 -12.40 -76.43
N THR O 151 9.61 -11.27 -76.84
CA THR O 151 9.52 -10.85 -78.24
C THR O 151 10.16 -11.87 -79.17
N THR O 152 11.34 -12.37 -78.80
CA THR O 152 12.04 -13.37 -79.60
C THR O 152 11.48 -14.74 -79.24
N SER O 153 10.53 -15.23 -80.05
CA SER O 153 9.94 -16.53 -79.80
C SER O 153 10.93 -17.65 -80.06
N SER O 154 11.82 -17.46 -81.04
CA SER O 154 12.86 -18.44 -81.35
C SER O 154 14.12 -17.70 -81.74
N LEU O 155 15.27 -18.18 -81.24
CA LEU O 155 16.56 -17.54 -81.48
C LEU O 155 17.62 -18.62 -81.64
N SER O 156 17.95 -18.95 -82.88
CA SER O 156 18.99 -19.93 -83.15
C SER O 156 20.37 -19.34 -82.84
N ALA O 157 21.32 -20.23 -82.53
CA ALA O 157 22.68 -19.81 -82.20
C ALA O 157 23.60 -21.02 -82.33
N SER O 158 24.85 -20.84 -81.92
CA SER O 158 25.88 -21.86 -82.03
C SER O 158 26.54 -22.08 -80.67
N LEU O 159 27.25 -23.21 -80.56
CA LEU O 159 27.92 -23.55 -79.32
C LEU O 159 28.96 -22.49 -78.95
N GLY O 160 28.97 -22.12 -77.67
CA GLY O 160 29.88 -21.12 -77.16
C GLY O 160 29.46 -19.69 -77.38
N ASP O 161 28.34 -19.45 -78.06
CA ASP O 161 27.85 -18.10 -78.30
C ASP O 161 27.06 -17.61 -77.10
N ARG O 162 27.32 -16.36 -76.69
CA ARG O 162 26.61 -15.76 -75.57
C ARG O 162 25.26 -15.28 -76.06
N VAL O 163 24.21 -16.05 -75.76
CA VAL O 163 22.86 -15.74 -76.21
C VAL O 163 22.12 -15.05 -75.07
N THR O 164 21.21 -14.14 -75.44
CA THR O 164 20.44 -13.37 -74.47
C THR O 164 18.96 -13.52 -74.77
N ILE O 165 18.20 -13.94 -73.77
CA ILE O 165 16.74 -14.08 -73.88
C ILE O 165 16.12 -12.97 -73.03
N SER O 166 15.40 -12.06 -73.68
CA SER O 166 14.82 -10.91 -73.01
C SER O 166 13.30 -10.96 -73.10
N CYS O 167 12.63 -10.62 -72.01
CA CYS O 167 11.18 -10.51 -71.99
C CYS O 167 10.78 -9.30 -71.17
N SER O 168 9.60 -8.76 -71.47
CA SER O 168 9.10 -7.55 -70.85
C SER O 168 7.76 -7.80 -70.20
N ALA O 169 7.51 -7.08 -69.11
CA ALA O 169 6.25 -7.14 -68.40
C ALA O 169 5.38 -5.94 -68.76
N SER O 170 4.07 -6.18 -68.81
CA SER O 170 3.14 -5.10 -69.19
C SER O 170 3.19 -3.96 -68.18
N GLN O 171 3.22 -4.27 -66.89
CA GLN O 171 3.40 -3.27 -65.85
C GLN O 171 4.74 -3.49 -65.16
N GLY O 172 5.08 -2.55 -64.28
CA GLY O 172 6.35 -2.63 -63.60
C GLY O 172 6.35 -3.63 -62.46
N ILE O 173 6.99 -4.78 -62.68
CA ILE O 173 7.22 -5.73 -61.61
C ILE O 173 8.49 -5.31 -60.89
N SER O 174 8.76 -5.93 -59.73
CA SER O 174 9.78 -5.43 -58.83
C SER O 174 10.94 -6.43 -58.72
N ASN O 175 11.42 -6.90 -59.87
CA ASN O 175 12.44 -7.93 -60.00
C ASN O 175 11.91 -9.30 -59.60
N TYR O 176 10.61 -9.42 -59.37
CA TYR O 176 9.98 -10.70 -59.07
C TYR O 176 9.74 -11.45 -60.38
N LEU O 177 10.86 -11.87 -60.97
CA LEU O 177 10.85 -12.56 -62.26
C LEU O 177 11.66 -13.84 -62.14
N ASN O 178 11.06 -14.96 -62.51
CA ASN O 178 11.73 -16.24 -62.57
C ASN O 178 12.01 -16.61 -64.01
N TRP O 179 13.08 -17.38 -64.22
CA TRP O 179 13.40 -17.95 -65.53
C TRP O 179 13.30 -19.46 -65.41
N TYR O 180 12.48 -20.06 -66.27
CA TYR O 180 12.29 -21.50 -66.29
C TYR O 180 12.76 -22.07 -67.63
N GLN O 181 13.44 -23.20 -67.57
CA GLN O 181 14.00 -23.86 -68.74
C GLN O 181 13.24 -25.16 -68.98
N GLN O 182 12.63 -25.29 -70.15
CA GLN O 182 11.90 -26.49 -70.53
C GLN O 182 12.68 -27.18 -71.64
N LYS O 183 13.24 -28.36 -71.35
CA LYS O 183 13.98 -29.11 -72.33
C LYS O 183 13.03 -29.66 -73.40
N PRO O 184 13.55 -29.97 -74.59
CA PRO O 184 12.70 -30.59 -75.61
C PRO O 184 12.07 -31.91 -75.15
N ASP O 185 12.72 -32.60 -74.20
CA ASP O 185 12.09 -33.76 -73.58
C ASP O 185 10.79 -33.40 -72.91
N GLY O 186 10.70 -32.20 -72.32
CA GLY O 186 9.47 -31.73 -71.70
C GLY O 186 9.64 -31.29 -70.27
N THR O 187 10.73 -31.72 -69.62
CA THR O 187 10.94 -31.37 -68.22
C THR O 187 11.24 -29.88 -68.07
N VAL O 188 10.69 -29.29 -67.01
CA VAL O 188 10.84 -27.87 -66.72
C VAL O 188 11.69 -27.74 -65.46
N LYS O 189 12.70 -26.87 -65.54
CA LYS O 189 13.56 -26.59 -64.39
C LYS O 189 13.62 -25.09 -64.18
N LEU O 190 13.79 -24.69 -62.92
CA LEU O 190 13.98 -23.29 -62.58
C LEU O 190 15.46 -22.95 -62.69
N LEU O 191 15.78 -21.89 -63.45
CA LEU O 191 17.15 -21.41 -63.57
C LEU O 191 17.39 -20.18 -62.70
N ILE O 192 16.63 -19.11 -62.94
CA ILE O 192 16.84 -17.83 -62.29
C ILE O 192 15.58 -17.51 -61.50
N TYR O 193 15.76 -17.09 -60.25
CA TYR O 193 14.68 -16.51 -59.47
C TYR O 193 15.14 -15.15 -58.95
N TYR O 194 14.16 -14.29 -58.69
CA TYR O 194 14.43 -12.91 -58.27
C TYR O 194 15.32 -12.18 -59.27
N THR O 195 15.22 -12.58 -60.54
CA THR O 195 15.79 -11.93 -61.71
C THR O 195 17.31 -12.09 -61.81
N SER O 196 17.97 -12.50 -60.73
CA SER O 196 19.42 -12.66 -60.79
C SER O 196 19.98 -13.83 -60.00
N SER O 197 19.17 -14.58 -59.27
CA SER O 197 19.66 -15.59 -58.34
C SER O 197 19.70 -16.95 -59.03
N LEU O 198 20.85 -17.60 -58.98
CA LEU O 198 21.01 -18.93 -59.54
C LEU O 198 20.25 -19.95 -58.69
N HIS O 199 19.67 -20.94 -59.35
CA HIS O 199 19.05 -22.06 -58.64
C HIS O 199 20.14 -22.97 -58.08
N SER O 200 19.71 -24.05 -57.42
CA SER O 200 20.67 -24.90 -56.70
C SER O 200 21.67 -25.56 -57.64
N GLY O 201 21.20 -26.09 -58.77
CA GLY O 201 22.06 -26.80 -59.70
C GLY O 201 22.36 -26.09 -60.99
N VAL O 202 22.11 -24.79 -61.10
CA VAL O 202 22.32 -24.06 -62.35
C VAL O 202 23.76 -23.59 -62.41
N PRO O 203 24.47 -23.82 -63.51
CA PRO O 203 25.86 -23.35 -63.61
C PRO O 203 25.93 -21.83 -63.69
N SER O 204 27.12 -21.31 -63.43
CA SER O 204 27.34 -19.86 -63.44
C SER O 204 27.21 -19.25 -64.83
N ARG O 205 27.15 -20.07 -65.87
CA ARG O 205 27.01 -19.55 -67.23
C ARG O 205 25.69 -18.80 -67.39
N PHE O 206 24.61 -19.32 -66.80
CA PHE O 206 23.33 -18.64 -66.82
C PHE O 206 23.38 -17.39 -65.94
N SER O 207 22.69 -16.34 -66.37
CA SER O 207 22.61 -15.11 -65.58
C SER O 207 21.36 -14.36 -65.99
N GLY O 208 20.92 -13.46 -65.10
CA GLY O 208 19.74 -12.67 -65.36
C GLY O 208 19.98 -11.21 -65.03
N SER O 209 19.14 -10.36 -65.60
CA SER O 209 19.24 -8.92 -65.39
C SER O 209 17.89 -8.29 -65.65
N GLY O 210 17.73 -7.06 -65.16
CA GLY O 210 16.49 -6.31 -65.30
C GLY O 210 16.08 -5.75 -63.96
N SER O 211 15.46 -4.56 -64.00
CA SER O 211 15.07 -3.89 -62.77
C SER O 211 13.63 -3.40 -62.81
N GLY O 212 13.14 -3.09 -64.01
CA GLY O 212 11.81 -2.50 -64.13
C GLY O 212 10.81 -3.41 -64.81
N THR O 213 10.54 -3.15 -66.09
CA THR O 213 9.65 -3.98 -66.89
C THR O 213 10.38 -4.95 -67.79
N ASP O 214 11.62 -4.64 -68.17
CA ASP O 214 12.37 -5.44 -69.13
C ASP O 214 13.42 -6.26 -68.40
N TYR O 215 13.43 -7.57 -68.66
CA TYR O 215 14.36 -8.49 -68.03
C TYR O 215 14.97 -9.39 -69.09
N SER O 216 16.23 -9.76 -68.87
CA SER O 216 16.98 -10.55 -69.84
C SER O 216 17.63 -11.74 -69.15
N LEU O 217 17.66 -12.87 -69.86
CA LEU O 217 18.36 -14.06 -69.41
C LEU O 217 19.59 -14.24 -70.30
N THR O 218 20.77 -14.26 -69.69
CA THR O 218 22.03 -14.35 -70.43
C THR O 218 22.72 -15.67 -70.10
N ILE O 219 23.06 -16.42 -71.13
CA ILE O 219 23.88 -17.62 -71.02
C ILE O 219 25.22 -17.27 -71.66
N SER O 220 26.25 -17.06 -70.84
CA SER O 220 27.55 -16.69 -71.39
C SER O 220 28.31 -17.94 -71.83
N ASN O 221 27.63 -18.80 -72.57
CA ASN O 221 28.15 -20.02 -73.18
C ASN O 221 26.97 -20.65 -73.91
N LEU O 222 27.25 -21.73 -74.63
CA LEU O 222 26.19 -22.52 -75.25
C LEU O 222 26.66 -23.95 -75.42
N GLU O 223 25.94 -24.88 -74.82
CA GLU O 223 26.22 -26.29 -74.86
C GLU O 223 24.95 -27.03 -75.26
N PRO O 224 25.07 -28.26 -75.77
CA PRO O 224 23.87 -29.04 -76.08
C PRO O 224 22.96 -29.26 -74.88
N GLU O 225 23.51 -29.23 -73.66
CA GLU O 225 22.68 -29.31 -72.46
C GLU O 225 21.78 -28.11 -72.30
N ASP O 226 22.08 -26.99 -72.98
CA ASP O 226 21.31 -25.76 -72.86
C ASP O 226 20.26 -25.61 -73.94
N ILE O 227 20.09 -26.60 -74.80
CA ILE O 227 19.07 -26.55 -75.84
C ILE O 227 17.73 -26.80 -75.17
N ALA O 228 16.89 -25.76 -75.12
CA ALA O 228 15.62 -25.83 -74.41
C ALA O 228 14.80 -24.58 -74.72
N THR O 229 13.57 -24.57 -74.24
CA THR O 229 12.71 -23.40 -74.31
C THR O 229 12.72 -22.69 -72.97
N TYR O 230 12.98 -21.39 -72.99
CA TYR O 230 13.17 -20.60 -71.78
C TYR O 230 11.97 -19.71 -71.55
N TYR O 231 11.38 -19.82 -70.36
CA TYR O 231 10.19 -19.06 -69.98
C TYR O 231 10.53 -18.11 -68.84
N CYS O 232 10.07 -16.87 -68.96
CA CYS O 232 10.13 -15.92 -67.86
C CYS O 232 8.76 -15.86 -67.21
N GLN O 233 8.74 -15.89 -65.87
CA GLN O 233 7.50 -15.84 -65.12
C GLN O 233 7.61 -14.75 -64.06
N GLN O 234 6.62 -13.88 -64.01
CA GLN O 234 6.55 -12.87 -62.96
C GLN O 234 5.79 -13.42 -61.77
N TYR O 235 6.27 -13.12 -60.57
CA TYR O 235 5.53 -13.39 -59.36
C TYR O 235 5.33 -12.12 -58.55
N SER O 236 5.19 -10.99 -59.24
CA SER O 236 4.88 -9.73 -58.58
C SER O 236 3.41 -9.67 -58.14
N LYS O 237 2.50 -10.11 -59.00
CA LYS O 237 1.07 -10.02 -58.73
C LYS O 237 0.35 -11.25 -59.24
N LEU O 238 -0.60 -11.74 -58.46
CA LEU O 238 -1.47 -12.80 -58.93
C LEU O 238 -2.38 -12.27 -60.05
N PRO O 239 -2.70 -13.11 -61.04
CA PRO O 239 -2.25 -14.50 -61.24
C PRO O 239 -0.82 -14.56 -61.75
N TRP O 240 -0.04 -15.57 -61.37
CA TRP O 240 1.28 -15.73 -61.95
C TRP O 240 1.16 -15.94 -63.46
N THR O 241 1.97 -15.24 -64.22
CA THR O 241 1.90 -15.30 -65.68
C THR O 241 3.28 -15.61 -66.24
N PHE O 242 3.32 -16.48 -67.24
CA PHE O 242 4.54 -16.83 -67.93
C PHE O 242 4.69 -16.02 -69.20
N GLY O 243 5.90 -15.97 -69.72
CA GLY O 243 6.13 -15.42 -71.04
C GLY O 243 5.77 -16.42 -72.12
N GLY O 244 5.77 -15.94 -73.36
CA GLY O 244 5.48 -16.81 -74.48
C GLY O 244 6.48 -17.95 -74.60
N GLY O 245 7.74 -17.68 -74.27
CA GLY O 245 8.77 -18.69 -74.30
C GLY O 245 9.72 -18.43 -75.46
N THR O 246 11.01 -18.64 -75.22
CA THR O 246 12.04 -18.52 -76.24
C THR O 246 12.73 -19.86 -76.41
N ASN O 247 12.60 -20.45 -77.59
CA ASN O 247 13.22 -21.72 -77.91
C ASN O 247 14.45 -21.46 -78.77
N LEU O 248 15.62 -21.80 -78.26
CA LEU O 248 16.86 -21.68 -79.03
C LEU O 248 17.21 -23.03 -79.65
N GLU O 249 17.62 -22.99 -80.91
CA GLU O 249 17.96 -24.19 -81.67
C GLU O 249 19.40 -24.07 -82.15
N ILE O 250 20.11 -25.19 -82.11
CA ILE O 250 21.50 -25.22 -82.55
C ILE O 250 21.71 -26.34 -83.55
N GLU P 5 50.52 -26.75 32.85
CA GLU P 5 50.48 -25.30 33.01
C GLU P 5 51.29 -24.63 31.90
N VAL P 6 51.48 -23.31 32.04
CA VAL P 6 52.21 -22.52 31.06
C VAL P 6 53.70 -22.66 31.34
N GLN P 7 54.46 -23.03 30.30
CA GLN P 7 55.87 -23.30 30.44
C GLN P 7 56.76 -22.32 29.67
N LEU P 8 56.51 -22.14 28.38
CA LEU P 8 57.32 -21.26 27.52
C LEU P 8 58.80 -21.68 27.52
N GLN P 9 59.04 -22.88 27.00
CA GLN P 9 60.40 -23.39 26.91
C GLN P 9 61.20 -22.60 25.87
N GLN P 10 62.39 -22.17 26.25
CA GLN P 10 63.26 -21.39 25.39
C GLN P 10 64.40 -22.24 24.85
N SER P 11 65.02 -21.75 23.78
CA SER P 11 66.15 -22.43 23.18
C SER P 11 67.38 -22.29 24.07
N GLY P 12 68.37 -23.14 23.81
CA GLY P 12 69.57 -23.15 24.62
C GLY P 12 70.46 -21.95 24.37
N ALA P 13 71.40 -21.75 25.28
CA ALA P 13 72.33 -20.64 25.17
C ALA P 13 73.15 -20.77 23.89
N GLU P 14 73.18 -19.70 23.09
CA GLU P 14 73.84 -19.70 21.80
C GLU P 14 74.99 -18.71 21.81
N LEU P 15 76.16 -19.16 21.36
CA LEU P 15 77.35 -18.33 21.27
C LEU P 15 77.57 -17.91 19.83
N ALA P 16 77.87 -16.63 19.63
CA ALA P 16 78.02 -16.08 18.29
C ALA P 16 79.23 -15.16 18.26
N ARG P 17 79.40 -14.45 17.16
CA ARG P 17 80.50 -13.55 16.89
C ARG P 17 79.94 -12.17 16.56
N PRO P 18 80.67 -11.11 16.88
CA PRO P 18 80.20 -9.77 16.52
C PRO P 18 79.90 -9.66 15.03
N GLY P 19 78.76 -9.06 14.72
CA GLY P 19 78.29 -8.94 13.36
C GLY P 19 77.41 -10.09 12.88
N ALA P 20 77.28 -11.15 13.66
CA ALA P 20 76.47 -12.30 13.28
C ALA P 20 75.04 -12.14 13.78
N SER P 21 74.20 -13.12 13.47
CA SER P 21 72.80 -13.10 13.83
C SER P 21 72.44 -14.34 14.63
N VAL P 22 71.59 -14.16 15.64
CA VAL P 22 71.12 -15.24 16.49
C VAL P 22 69.61 -15.27 16.46
N LYS P 23 69.04 -16.45 16.24
CA LYS P 23 67.59 -16.65 16.14
C LYS P 23 67.13 -17.38 17.40
N LEU P 24 66.76 -16.62 18.42
CA LEU P 24 66.27 -17.20 19.66
C LEU P 24 64.89 -17.80 19.45
N SER P 25 64.58 -18.82 20.25
CA SER P 25 63.32 -19.54 20.16
C SER P 25 62.63 -19.59 21.51
N CYS P 26 61.31 -19.73 21.48
CA CYS P 26 60.51 -19.84 22.70
C CYS P 26 59.27 -20.67 22.36
N LYS P 27 59.27 -21.92 22.78
CA LYS P 27 58.17 -22.83 22.51
C LYS P 27 57.15 -22.74 23.65
N ALA P 28 55.91 -22.43 23.31
CA ALA P 28 54.86 -22.20 24.30
C ALA P 28 53.98 -23.44 24.43
N SER P 29 53.56 -23.73 25.65
CA SER P 29 52.72 -24.88 25.92
C SER P 29 51.81 -24.58 27.11
N GLY P 30 50.69 -25.30 27.17
CA GLY P 30 49.76 -25.19 28.26
C GLY P 30 48.68 -24.13 28.10
N TYR P 31 48.63 -23.44 26.97
CA TYR P 31 47.64 -22.41 26.74
C TYR P 31 47.48 -22.18 25.25
N THR P 32 46.40 -21.50 24.89
CA THR P 32 46.16 -21.13 23.50
C THR P 32 47.16 -20.05 23.09
N PHE P 33 48.01 -20.36 22.13
CA PHE P 33 49.10 -19.47 21.75
C PHE P 33 48.59 -18.12 21.25
N THR P 34 47.48 -18.14 20.51
CA THR P 34 46.97 -16.91 19.91
C THR P 34 46.14 -16.07 20.87
N SER P 35 45.88 -16.56 22.09
CA SER P 35 45.16 -15.77 23.08
C SER P 35 46.08 -14.85 23.87
N TYR P 36 47.39 -14.91 23.64
CA TYR P 36 48.36 -14.11 24.38
C TYR P 36 49.44 -13.64 23.43
N GLY P 37 50.18 -12.62 23.86
CA GLY P 37 51.37 -12.19 23.16
C GLY P 37 52.62 -12.83 23.75
N ILE P 38 53.73 -12.64 23.04
CA ILE P 38 55.04 -13.12 23.48
C ILE P 38 55.93 -11.90 23.59
N SER P 39 56.35 -11.57 24.80
CA SER P 39 57.28 -10.48 25.04
C SER P 39 58.68 -11.04 25.24
N TRP P 40 59.67 -10.24 24.87
CA TRP P 40 61.07 -10.60 25.04
C TRP P 40 61.74 -9.56 25.92
N VAL P 41 62.49 -10.02 26.91
CA VAL P 41 63.11 -9.16 27.90
C VAL P 41 64.61 -9.42 27.92
N LYS P 42 65.40 -8.35 27.80
CA LYS P 42 66.85 -8.45 27.83
C LYS P 42 67.35 -8.10 29.23
N GLN P 43 68.26 -8.92 29.74
CA GLN P 43 68.86 -8.70 31.06
C GLN P 43 70.37 -8.87 30.94
N ARG P 44 71.09 -7.76 30.99
CA ARG P 44 72.54 -7.82 30.96
C ARG P 44 73.08 -8.43 32.26
N THR P 45 74.35 -8.80 32.22
CA THR P 45 74.98 -9.49 33.34
C THR P 45 74.95 -8.64 34.61
N GLY P 46 74.16 -9.06 35.60
CA GLY P 46 74.06 -8.31 36.82
C GLY P 46 73.35 -6.98 36.70
N GLN P 47 72.48 -6.83 35.71
CA GLN P 47 71.72 -5.61 35.49
C GLN P 47 70.22 -5.91 35.60
N GLY P 48 69.41 -4.87 35.33
CA GLY P 48 67.98 -5.01 35.43
C GLY P 48 67.34 -5.53 34.14
N LEU P 49 66.05 -5.85 34.25
CA LEU P 49 65.29 -6.29 33.09
C LEU P 49 65.05 -5.14 32.13
N GLU P 50 64.88 -5.48 30.85
CA GLU P 50 64.63 -4.48 29.82
C GLU P 50 63.75 -5.09 28.75
N TRP P 51 62.62 -4.46 28.48
CA TRP P 51 61.67 -4.98 27.51
C TRP P 51 62.18 -4.75 26.09
N ILE P 52 62.40 -5.83 25.35
CA ILE P 52 62.80 -5.71 23.95
C ILE P 52 61.60 -5.39 23.07
N GLY P 53 60.59 -6.24 23.12
CA GLY P 53 59.43 -6.09 22.27
C GLY P 53 58.45 -7.21 22.54
N GLU P 54 57.27 -7.06 21.95
CA GLU P 54 56.21 -8.05 22.09
C GLU P 54 55.63 -8.35 20.71
N ILE P 55 55.26 -9.60 20.50
CA ILE P 55 54.55 -10.01 19.28
C ILE P 55 53.28 -10.74 19.70
N TYR P 56 52.18 -10.42 19.03
CA TYR P 56 50.93 -11.13 19.27
C TYR P 56 50.71 -12.10 18.12
N PRO P 57 50.87 -13.40 18.35
CA PRO P 57 50.76 -14.36 17.23
C PRO P 57 49.41 -14.37 16.55
N ARG P 58 48.35 -13.96 17.24
CA ARG P 58 47.02 -13.96 16.62
C ARG P 58 46.98 -13.08 15.39
N SER P 59 47.58 -11.89 15.48
CA SER P 59 47.65 -10.97 14.35
C SER P 59 49.04 -10.87 13.74
N GLY P 60 50.07 -11.38 14.40
CA GLY P 60 51.42 -11.20 13.95
C GLY P 60 51.97 -9.81 14.19
N ASN P 61 51.22 -8.96 14.89
CA ASN P 61 51.67 -7.59 15.13
C ASN P 61 52.83 -7.58 16.11
N THR P 62 53.82 -6.74 15.83
CA THR P 62 55.01 -6.61 16.66
C THR P 62 55.11 -5.19 17.19
N TYR P 63 55.45 -5.08 18.47
CA TYR P 63 55.70 -3.79 19.10
C TYR P 63 57.09 -3.85 19.70
N TYR P 64 57.95 -2.92 19.30
CA TYR P 64 59.36 -2.95 19.67
C TYR P 64 59.69 -1.75 20.56
N ASN P 65 60.52 -1.98 21.56
CA ASN P 65 61.21 -0.89 22.22
C ASN P 65 62.12 -0.21 21.22
N GLU P 66 62.12 1.12 21.22
CA GLU P 66 62.91 1.86 20.23
C GLU P 66 64.39 1.54 20.34
N LYS P 67 64.86 1.17 21.54
CA LYS P 67 66.25 0.77 21.70
C LYS P 67 66.57 -0.51 20.95
N PHE P 68 65.56 -1.34 20.64
CA PHE P 68 65.74 -2.57 19.87
C PHE P 68 64.76 -2.52 18.69
N LYS P 69 65.18 -1.87 17.62
CA LYS P 69 64.37 -1.77 16.40
C LYS P 69 65.31 -2.02 15.23
N GLY P 70 65.09 -3.12 14.53
CA GLY P 70 66.03 -3.62 13.53
C GLY P 70 67.07 -4.51 14.19
N LYS P 71 67.50 -4.14 15.40
CA LYS P 71 68.39 -5.00 16.17
C LYS P 71 67.71 -6.33 16.51
N ALA P 72 66.44 -6.27 16.90
CA ALA P 72 65.67 -7.47 17.21
C ALA P 72 64.46 -7.55 16.30
N THR P 73 64.19 -8.75 15.78
CA THR P 73 63.04 -9.01 14.92
C THR P 73 62.20 -10.11 15.54
N LEU P 74 60.91 -9.84 15.73
CA LEU P 74 60.00 -10.77 16.37
C LEU P 74 59.14 -11.46 15.31
N THR P 75 59.15 -12.78 15.33
CA THR P 75 58.28 -13.60 14.49
C THR P 75 57.67 -14.70 15.34
N ALA P 76 56.55 -15.23 14.88
CA ALA P 76 55.85 -16.29 15.60
C ALA P 76 55.35 -17.33 14.61
N ASP P 77 55.23 -18.57 15.08
CA ASP P 77 54.71 -19.68 14.30
C ASP P 77 53.51 -20.25 15.04
N LYS P 78 52.31 -19.97 14.53
CA LYS P 78 51.10 -20.44 15.19
C LYS P 78 50.98 -21.97 15.11
N SER P 79 51.46 -22.56 14.01
CA SER P 79 51.37 -24.01 13.86
C SER P 79 52.17 -24.73 14.93
N SER P 80 53.40 -24.28 15.19
CA SER P 80 54.24 -24.88 16.22
C SER P 80 54.12 -24.18 17.57
N SER P 81 53.31 -23.12 17.66
CA SER P 81 53.08 -22.40 18.92
C SER P 81 54.39 -21.92 19.54
N THR P 82 55.28 -21.39 18.70
CA THR P 82 56.57 -20.90 19.13
C THR P 82 56.83 -19.51 18.59
N ALA P 83 57.69 -18.77 19.28
CA ALA P 83 58.03 -17.41 18.90
C ALA P 83 59.55 -17.29 18.78
N TYR P 84 59.99 -16.41 17.90
CA TYR P 84 61.40 -16.22 17.63
C TYR P 84 61.82 -14.77 17.82
N MET P 85 62.98 -14.58 18.43
CA MET P 85 63.68 -13.30 18.42
C MET P 85 64.93 -13.44 17.56
N GLU P 86 65.08 -12.55 16.59
CA GLU P 86 66.25 -12.55 15.72
C GLU P 86 67.07 -11.31 16.03
N LEU P 87 68.25 -11.52 16.62
CA LEU P 87 69.19 -10.44 16.88
C LEU P 87 70.13 -10.29 15.70
N ARG P 88 70.32 -9.05 15.25
CA ARG P 88 71.19 -8.75 14.12
C ARG P 88 72.31 -7.81 14.55
N SER P 89 73.42 -7.89 13.84
CA SER P 89 74.61 -7.06 14.11
C SER P 89 75.02 -7.18 15.58
N LEU P 90 75.25 -8.43 15.99
CA LEU P 90 75.56 -8.71 17.39
C LEU P 90 76.82 -7.96 17.83
N THR P 91 76.79 -7.45 19.06
CA THR P 91 77.93 -6.76 19.63
C THR P 91 78.16 -7.22 21.06
N SER P 92 79.09 -6.56 21.77
CA SER P 92 79.29 -6.87 23.18
C SER P 92 78.11 -6.40 24.02
N GLU P 93 77.42 -5.33 23.58
CA GLU P 93 76.26 -4.85 24.30
C GLU P 93 75.09 -5.85 24.26
N ASP P 94 75.05 -6.72 23.25
CA ASP P 94 74.00 -7.72 23.15
C ASP P 94 74.25 -8.95 24.01
N SER P 95 75.40 -9.03 24.67
CA SER P 95 75.70 -10.13 25.58
C SER P 95 74.78 -9.99 26.79
N ALA P 96 73.79 -10.87 26.89
CA ALA P 96 72.81 -10.79 27.96
C ALA P 96 72.02 -12.09 27.98
N VAL P 97 71.13 -12.19 28.98
CA VAL P 97 70.17 -13.28 29.07
C VAL P 97 68.84 -12.75 28.56
N TYR P 98 68.26 -13.45 27.58
CA TYR P 98 67.02 -13.02 26.94
C TYR P 98 65.88 -13.94 27.37
N PHE P 99 64.85 -13.37 27.96
CA PHE P 99 63.68 -14.12 28.38
C PHE P 99 62.55 -13.96 27.37
N CYS P 100 61.72 -14.99 27.27
CA CYS P 100 60.44 -14.90 26.61
C CYS P 100 59.34 -15.03 27.66
N ALA P 101 58.33 -14.18 27.55
CA ALA P 101 57.28 -14.13 28.56
C ALA P 101 55.92 -14.04 27.88
N ARG P 102 54.96 -14.78 28.41
CA ARG P 102 53.59 -14.70 27.92
C ARG P 102 53.01 -13.34 28.25
N GLN P 103 52.51 -12.65 27.23
CA GLN P 103 52.03 -11.28 27.38
C GLN P 103 50.52 -11.25 27.17
N GLY P 104 49.81 -10.66 28.14
CA GLY P 104 48.38 -10.48 28.01
C GLY P 104 48.06 -9.33 27.08
N TYR P 105 46.78 -9.23 26.71
CA TYR P 105 46.41 -8.33 25.61
C TYR P 105 46.24 -6.88 26.05
N TYR P 106 45.21 -6.60 26.85
CA TYR P 106 44.79 -5.21 27.01
C TYR P 106 44.87 -4.70 28.44
N ALA P 107 44.13 -5.29 29.38
CA ALA P 107 44.26 -4.95 30.78
C ALA P 107 45.05 -5.99 31.53
N ASN P 108 45.16 -7.19 30.97
CA ASN P 108 46.00 -8.26 31.49
C ASN P 108 47.40 -8.22 30.89
N SER P 109 47.86 -7.04 30.48
CA SER P 109 49.15 -6.90 29.82
C SER P 109 50.26 -7.16 30.82
N GLN P 110 50.43 -8.41 31.19
CA GLN P 110 51.40 -8.82 32.19
C GLN P 110 52.22 -9.97 31.65
N PHE P 111 53.50 -9.98 32.00
CA PHE P 111 54.38 -11.12 31.68
C PHE P 111 54.11 -12.20 32.72
N THR P 112 52.98 -12.89 32.54
CA THR P 112 52.48 -13.81 33.54
C THR P 112 53.44 -14.99 33.76
N TYR P 113 53.96 -15.55 32.68
CA TYR P 113 54.85 -16.70 32.76
C TYR P 113 56.06 -16.45 31.87
N TRP P 114 57.25 -16.72 32.40
CA TRP P 114 58.49 -16.43 31.72
C TRP P 114 59.16 -17.72 31.27
N GLY P 115 60.09 -17.60 30.32
CA GLY P 115 60.92 -18.72 29.95
C GLY P 115 62.09 -18.85 30.91
N GLN P 116 62.86 -19.93 30.78
CA GLN P 116 64.01 -20.11 31.67
C GLN P 116 65.08 -19.05 31.41
N GLY P 117 65.08 -18.44 30.24
CA GLY P 117 66.06 -17.42 29.91
C GLY P 117 67.20 -17.96 29.07
N THR P 118 67.35 -17.44 27.86
CA THR P 118 68.41 -17.87 26.95
C THR P 118 69.57 -16.88 27.05
N LEU P 119 70.74 -17.38 27.46
CA LEU P 119 71.94 -16.55 27.54
C LEU P 119 72.59 -16.46 26.17
N VAL P 120 72.97 -15.25 25.77
CA VAL P 120 73.62 -14.99 24.50
C VAL P 120 74.95 -14.29 24.79
N THR P 121 76.04 -14.83 24.26
CA THR P 121 77.35 -14.24 24.44
C THR P 121 77.85 -13.63 23.14
N VAL P 122 78.43 -12.43 23.26
CA VAL P 122 78.90 -11.59 22.15
C VAL P 122 78.14 -11.81 20.85
N SER P 144 60.50 10.14 26.30
CA SER P 144 59.09 10.07 26.64
C SER P 144 58.77 8.80 27.40
N ASP P 145 59.73 7.87 27.42
CA ASP P 145 59.53 6.61 28.12
C ASP P 145 59.37 6.84 29.63
N ILE P 146 58.54 6.04 30.25
CA ILE P 146 58.32 6.13 31.70
C ILE P 146 59.49 5.47 32.41
N GLN P 147 60.26 6.26 33.14
CA GLN P 147 61.42 5.75 33.88
C GLN P 147 60.94 5.18 35.21
N MET P 148 61.21 3.91 35.43
CA MET P 148 60.77 3.22 36.64
C MET P 148 61.96 3.14 37.59
N THR P 149 61.90 3.90 38.68
CA THR P 149 63.03 4.05 39.59
C THR P 149 62.77 3.25 40.87
N GLN P 150 63.67 2.33 41.18
CA GLN P 150 63.68 1.62 42.46
C GLN P 150 64.83 2.18 43.27
N THR P 151 64.51 3.03 44.25
CA THR P 151 65.53 3.83 44.93
C THR P 151 66.52 2.96 45.67
N THR P 152 66.04 1.96 46.41
CA THR P 152 66.90 1.06 47.15
C THR P 152 67.20 -0.16 46.28
N SER P 153 68.43 -0.23 45.77
CA SER P 153 68.81 -1.31 44.86
C SER P 153 69.17 -2.59 45.58
N SER P 154 69.35 -2.57 46.90
CA SER P 154 69.67 -3.76 47.66
C SER P 154 69.13 -3.61 49.07
N LEU P 155 68.40 -4.64 49.53
CA LEU P 155 67.82 -4.65 50.86
C LEU P 155 68.17 -5.95 51.57
N SER P 156 68.52 -5.84 52.84
CA SER P 156 68.84 -7.00 53.67
C SER P 156 67.85 -7.09 54.82
N ALA P 157 67.40 -8.30 55.13
CA ALA P 157 66.41 -8.52 56.17
C ALA P 157 66.63 -9.89 56.79
N SER P 158 65.72 -10.28 57.68
CA SER P 158 65.75 -11.55 58.36
C SER P 158 64.42 -12.28 58.17
N LEU P 159 64.43 -13.57 58.50
CA LEU P 159 63.21 -14.36 58.42
C LEU P 159 62.12 -13.78 59.31
N GLY P 160 60.91 -13.70 58.76
CA GLY P 160 59.78 -13.18 59.49
C GLY P 160 59.66 -11.67 59.51
N ASP P 161 60.61 -10.96 58.92
CA ASP P 161 60.52 -9.51 58.83
C ASP P 161 59.48 -9.12 57.79
N ARG P 162 58.98 -7.89 57.92
CA ARG P 162 58.05 -7.30 56.96
C ARG P 162 58.83 -6.25 56.17
N VAL P 163 59.27 -6.63 54.98
CA VAL P 163 60.08 -5.76 54.14
C VAL P 163 59.17 -5.07 53.13
N THR P 164 59.54 -3.84 52.76
CA THR P 164 58.77 -3.04 51.81
C THR P 164 59.67 -2.64 50.66
N ILE P 165 59.21 -2.92 49.44
CA ILE P 165 59.95 -2.60 48.22
C ILE P 165 59.14 -1.55 47.47
N SER P 166 59.67 -0.33 47.39
CA SER P 166 58.95 0.79 46.82
C SER P 166 59.66 1.28 45.57
N CYS P 167 58.87 1.64 44.55
CA CYS P 167 59.41 2.20 43.32
C CYS P 167 58.53 3.33 42.83
N SER P 168 59.12 4.23 42.07
CA SER P 168 58.46 5.44 41.60
C SER P 168 58.46 5.48 40.08
N ALA P 169 57.40 6.06 39.52
CA ALA P 169 57.27 6.23 38.08
C ALA P 169 57.57 7.68 37.71
N SER P 170 58.22 7.87 36.56
CA SER P 170 58.57 9.22 36.13
C SER P 170 57.33 10.08 35.91
N GLN P 171 56.30 9.51 35.29
CA GLN P 171 55.01 10.16 35.13
C GLN P 171 53.94 9.31 35.80
N GLY P 172 52.79 9.93 36.04
CA GLY P 172 51.68 9.24 36.67
C GLY P 172 51.17 8.08 35.86
N ILE P 173 51.18 6.89 36.44
CA ILE P 173 50.57 5.73 35.84
C ILE P 173 49.28 5.45 36.59
N SER P 174 48.48 4.51 36.07
CA SER P 174 47.11 4.34 36.53
C SER P 174 46.94 3.00 37.22
N ASN P 175 47.86 2.67 38.14
CA ASN P 175 47.93 1.42 38.86
C ASN P 175 48.37 0.28 37.95
N TYR P 176 48.75 0.57 36.71
CA TYR P 176 49.21 -0.44 35.77
C TYR P 176 50.67 -0.77 36.09
N LEU P 177 50.84 -1.48 37.21
CA LEU P 177 52.15 -1.89 37.68
C LEU P 177 52.17 -3.38 37.97
N ASN P 178 53.22 -4.04 37.50
CA ASN P 178 53.46 -5.44 37.80
C ASN P 178 54.73 -5.57 38.63
N TRP P 179 54.72 -6.53 39.56
CA TRP P 179 55.93 -6.82 40.36
C TRP P 179 56.46 -8.20 39.94
N TYR P 180 57.78 -8.35 39.80
CA TYR P 180 58.34 -9.63 39.29
C TYR P 180 59.40 -10.17 40.25
N GLN P 181 59.31 -11.45 40.60
CA GLN P 181 60.31 -12.08 41.49
C GLN P 181 61.40 -12.75 40.64
N GLN P 182 62.62 -12.25 40.67
CA GLN P 182 63.74 -12.87 39.91
C GLN P 182 64.62 -13.65 40.88
N LYS P 183 64.53 -14.98 40.88
CA LYS P 183 65.29 -15.80 41.81
C LYS P 183 66.78 -15.70 41.50
N PRO P 184 67.64 -16.01 42.49
CA PRO P 184 69.07 -16.07 42.19
C PRO P 184 69.41 -17.08 41.12
N ASP P 185 68.60 -18.12 40.96
CA ASP P 185 68.78 -19.04 39.84
C ASP P 185 68.64 -18.33 38.50
N GLY P 186 67.88 -17.24 38.46
CA GLY P 186 67.63 -16.50 37.25
C GLY P 186 66.20 -16.54 36.75
N THR P 187 65.39 -17.45 37.26
CA THR P 187 64.00 -17.55 36.83
C THR P 187 63.20 -16.34 37.31
N VAL P 188 62.29 -15.88 36.45
CA VAL P 188 61.48 -14.70 36.72
C VAL P 188 60.02 -15.15 36.80
N LYS P 189 59.34 -14.74 37.87
CA LYS P 189 57.93 -15.04 38.05
C LYS P 189 57.16 -13.76 38.31
N LEU P 190 55.94 -13.70 37.77
CA LEU P 190 55.05 -12.58 38.07
C LEU P 190 54.49 -12.75 39.46
N LEU P 191 54.69 -11.74 40.31
CA LEU P 191 54.17 -11.78 41.68
C LEU P 191 52.82 -11.08 41.77
N ILE P 192 52.79 -9.79 41.46
CA ILE P 192 51.62 -8.94 41.63
C ILE P 192 51.40 -8.17 40.35
N TYR P 193 50.16 -8.13 39.89
CA TYR P 193 49.77 -7.35 38.73
C TYR P 193 48.68 -6.37 39.12
N TYR P 194 48.57 -5.29 38.34
CA TYR P 194 47.63 -4.21 38.61
C TYR P 194 47.82 -3.63 40.00
N THR P 195 49.07 -3.66 40.47
CA THR P 195 49.56 -3.00 41.68
C THR P 195 49.07 -3.68 42.96
N SER P 196 48.05 -4.53 42.86
CA SER P 196 47.53 -5.17 44.07
C SER P 196 47.12 -6.63 43.88
N SER P 197 46.97 -7.13 42.66
CA SER P 197 46.39 -8.45 42.43
C SER P 197 47.48 -9.51 42.45
N LEU P 198 47.28 -10.54 43.26
CA LEU P 198 48.24 -11.63 43.36
C LEU P 198 48.12 -12.56 42.16
N HIS P 199 49.26 -13.10 41.74
CA HIS P 199 49.29 -14.09 40.67
C HIS P 199 48.70 -15.41 41.17
N SER P 200 48.67 -16.40 40.29
CA SER P 200 47.97 -17.66 40.59
C SER P 200 48.60 -18.37 41.78
N GLY P 201 49.92 -18.45 41.84
CA GLY P 201 50.61 -19.17 42.88
C GLY P 201 51.30 -18.33 43.93
N VAL P 202 51.03 -17.04 44.00
CA VAL P 202 51.70 -16.16 44.96
C VAL P 202 50.97 -16.23 46.30
N PRO P 203 51.67 -16.50 47.40
CA PRO P 203 51.00 -16.52 48.71
C PRO P 203 50.61 -15.11 49.14
N SER P 204 49.70 -15.07 50.12
CA SER P 204 49.19 -13.80 50.63
C SER P 204 50.24 -12.97 51.34
N ARG P 205 51.41 -13.54 51.63
CA ARG P 205 52.47 -12.77 52.27
C ARG P 205 52.91 -11.58 51.43
N PHE P 206 52.75 -11.67 50.11
CA PHE P 206 53.07 -10.56 49.22
C PHE P 206 51.86 -9.65 49.05
N SER P 207 52.11 -8.35 49.01
CA SER P 207 51.06 -7.37 48.79
C SER P 207 51.65 -6.15 48.11
N GLY P 208 50.78 -5.40 47.42
CA GLY P 208 51.20 -4.23 46.69
C GLY P 208 50.27 -3.06 46.97
N SER P 209 50.79 -1.86 46.75
CA SER P 209 50.04 -0.64 47.00
C SER P 209 50.61 0.48 46.14
N GLY P 210 49.82 1.55 46.02
CA GLY P 210 50.20 2.71 45.22
C GLY P 210 49.08 3.08 44.29
N SER P 211 48.96 4.38 44.02
CA SER P 211 47.86 4.86 43.19
C SER P 211 48.33 5.78 42.07
N GLY P 212 49.40 6.54 42.32
CA GLY P 212 49.85 7.53 41.36
C GLY P 212 51.18 7.21 40.73
N THR P 213 52.23 7.86 41.22
CA THR P 213 53.59 7.60 40.76
C THR P 213 54.36 6.67 41.68
N ASP P 214 53.97 6.57 42.94
CA ASP P 214 54.71 5.81 43.94
C ASP P 214 53.99 4.49 44.23
N TYR P 215 54.72 3.39 44.14
CA TYR P 215 54.16 2.07 44.38
C TYR P 215 55.11 1.28 45.27
N SER P 216 54.54 0.39 46.08
CA SER P 216 55.31 -0.38 47.05
C SER P 216 54.91 -1.84 46.99
N LEU P 217 55.90 -2.72 47.13
CA LEU P 217 55.69 -4.15 47.27
C LEU P 217 56.04 -4.54 48.71
N THR P 218 55.08 -5.14 49.39
CA THR P 218 55.24 -5.51 50.79
C THR P 218 55.23 -7.03 50.93
N ILE P 219 56.28 -7.57 51.55
CA ILE P 219 56.36 -8.98 51.89
C ILE P 219 56.30 -9.09 53.41
N SER P 220 55.25 -9.71 53.92
CA SER P 220 55.06 -9.92 55.35
C SER P 220 55.45 -11.35 55.70
N ASN P 221 56.15 -11.50 56.84
CA ASN P 221 56.64 -12.79 57.31
C ASN P 221 57.56 -13.43 56.26
N LEU P 222 58.70 -12.77 56.06
CA LEU P 222 59.65 -13.18 55.04
C LEU P 222 60.10 -14.62 55.25
N GLU P 223 60.25 -15.34 54.15
CA GLU P 223 60.69 -16.73 54.12
C GLU P 223 61.92 -16.84 53.21
N PRO P 224 62.73 -17.89 53.41
CA PRO P 224 63.93 -18.04 52.56
C PRO P 224 63.63 -18.16 51.08
N GLU P 225 62.42 -18.59 50.71
CA GLU P 225 62.04 -18.65 49.30
C GLU P 225 61.84 -17.26 48.69
N ASP P 226 61.81 -16.21 49.51
CA ASP P 226 61.62 -14.85 49.03
C ASP P 226 62.94 -14.14 48.74
N ILE P 227 64.07 -14.82 48.88
CA ILE P 227 65.37 -14.25 48.53
C ILE P 227 65.43 -14.17 47.02
N ALA P 228 65.29 -12.97 46.47
CA ALA P 228 65.21 -12.78 45.03
C ALA P 228 65.36 -11.30 44.72
N THR P 229 65.46 -10.99 43.43
CA THR P 229 65.45 -9.61 42.95
C THR P 229 64.06 -9.26 42.46
N TYR P 230 63.54 -8.14 42.94
CA TYR P 230 62.15 -7.76 42.68
C TYR P 230 62.11 -6.55 41.76
N TYR P 231 61.37 -6.68 40.67
CA TYR P 231 61.25 -5.64 39.65
C TYR P 231 59.81 -5.17 39.57
N CYS P 232 59.61 -3.85 39.56
CA CYS P 232 58.31 -3.29 39.24
C CYS P 232 58.32 -2.87 37.78
N GLN P 233 57.23 -3.20 37.08
CA GLN P 233 57.12 -2.92 35.65
C GLN P 233 55.81 -2.19 35.40
N GLN P 234 55.91 -0.99 34.84
CA GLN P 234 54.72 -0.27 34.42
C GLN P 234 54.27 -0.79 33.05
N TYR P 235 52.96 -0.93 32.89
CA TYR P 235 52.37 -1.19 31.58
C TYR P 235 51.31 -0.13 31.26
N SER P 236 51.52 1.09 31.75
CA SER P 236 50.63 2.19 31.42
C SER P 236 50.82 2.62 29.96
N LYS P 237 52.06 2.79 29.54
CA LYS P 237 52.38 3.31 28.21
C LYS P 237 53.56 2.55 27.62
N LEU P 238 53.47 2.27 26.33
CA LEU P 238 54.59 1.69 25.61
C LEU P 238 55.71 2.73 25.49
N PRO P 239 56.97 2.28 25.52
CA PRO P 239 57.44 0.90 25.70
C PRO P 239 57.34 0.45 27.16
N TRP P 240 57.07 -0.83 27.42
CA TRP P 240 57.07 -1.30 28.80
C TRP P 240 58.45 -1.14 29.40
N THR P 241 58.51 -0.63 30.63
CA THR P 241 59.78 -0.37 31.29
C THR P 241 59.77 -1.01 32.67
N PHE P 242 60.90 -1.58 33.05
CA PHE P 242 61.11 -2.17 34.37
C PHE P 242 61.84 -1.18 35.26
N GLY P 243 61.78 -1.44 36.56
CA GLY P 243 62.64 -0.74 37.48
C GLY P 243 64.04 -1.29 37.49
N GLY P 244 64.93 -0.58 38.18
CA GLY P 244 66.31 -1.04 38.28
C GLY P 244 66.44 -2.37 38.99
N GLY P 245 65.52 -2.67 39.89
CA GLY P 245 65.54 -3.91 40.63
C GLY P 245 66.12 -3.74 42.01
N THR P 246 65.52 -4.43 42.98
CA THR P 246 66.00 -4.45 44.36
C THR P 246 66.33 -5.88 44.74
N ASN P 247 67.58 -6.12 45.11
CA ASN P 247 68.02 -7.44 45.54
C ASN P 247 67.71 -7.60 47.03
N LEU P 248 67.00 -8.65 47.38
CA LEU P 248 66.63 -8.94 48.76
C LEU P 248 67.41 -10.15 49.24
N GLU P 249 68.24 -9.95 50.26
CA GLU P 249 69.07 -11.02 50.81
C GLU P 249 68.82 -11.13 52.30
N ILE P 250 68.99 -12.35 52.81
CA ILE P 250 68.84 -12.61 54.24
C ILE P 250 70.11 -13.24 54.78
N GLU Q 5 -39.26 -49.69 20.89
CA GLU Q 5 -39.52 -48.26 20.83
C GLU Q 5 -39.07 -47.59 22.13
N VAL Q 6 -39.70 -46.45 22.45
CA VAL Q 6 -39.45 -45.75 23.70
C VAL Q 6 -40.18 -46.48 24.82
N GLN Q 7 -39.43 -46.86 25.86
CA GLN Q 7 -39.96 -47.69 26.93
C GLN Q 7 -40.11 -46.93 28.25
N LEU Q 8 -39.03 -46.32 28.74
CA LEU Q 8 -39.03 -45.58 30.01
C LEU Q 8 -39.44 -46.49 31.17
N GLN Q 9 -38.62 -47.50 31.42
CA GLN Q 9 -38.89 -48.43 32.51
C GLN Q 9 -38.64 -47.75 33.87
N GLN Q 10 -39.60 -47.88 34.78
CA GLN Q 10 -39.52 -47.28 36.10
C GLN Q 10 -39.22 -48.34 37.16
N SER Q 11 -38.82 -47.86 38.33
CA SER Q 11 -38.58 -48.76 39.45
C SER Q 11 -39.90 -49.25 40.04
N GLY Q 12 -39.81 -50.33 40.82
CA GLY Q 12 -40.99 -50.91 41.41
C GLY Q 12 -41.55 -50.10 42.56
N ALA Q 13 -42.77 -50.46 42.96
CA ALA Q 13 -43.40 -49.79 44.08
C ALA Q 13 -42.56 -49.94 45.35
N GLU Q 14 -42.45 -48.86 46.11
CA GLU Q 14 -41.61 -48.83 47.29
C GLU Q 14 -42.42 -48.37 48.50
N LEU Q 15 -42.22 -49.07 49.62
CA LEU Q 15 -42.91 -48.78 50.86
C LEU Q 15 -42.03 -47.92 51.75
N ALA Q 16 -42.59 -46.85 52.30
CA ALA Q 16 -41.82 -45.94 53.14
C ALA Q 16 -42.70 -45.47 54.29
N ARG Q 17 -42.05 -44.87 55.29
CA ARG Q 17 -42.68 -44.33 56.47
C ARG Q 17 -42.51 -42.82 56.49
N PRO Q 18 -43.35 -42.09 57.23
CA PRO Q 18 -43.22 -40.63 57.26
C PRO Q 18 -41.83 -40.18 57.69
N GLY Q 19 -41.34 -39.15 57.02
CA GLY Q 19 -40.01 -38.62 57.28
C GLY Q 19 -38.89 -39.29 56.52
N ALA Q 20 -39.17 -40.34 55.77
CA ALA Q 20 -38.14 -41.06 55.03
C ALA Q 20 -37.98 -40.49 53.62
N SER Q 21 -36.95 -40.96 52.94
CA SER Q 21 -36.64 -40.53 51.57
C SER Q 21 -36.72 -41.73 50.64
N VAL Q 22 -37.28 -41.52 49.45
CA VAL Q 22 -37.42 -42.57 48.45
C VAL Q 22 -36.86 -42.05 47.12
N LYS Q 23 -36.00 -42.85 46.51
CA LYS Q 23 -35.35 -42.50 45.24
C LYS Q 23 -36.01 -43.31 44.12
N LEU Q 24 -36.90 -42.67 43.37
CA LEU Q 24 -37.52 -43.33 42.22
C LEU Q 24 -36.63 -43.17 41.00
N SER Q 25 -36.46 -44.27 40.26
CA SER Q 25 -35.64 -44.28 39.07
C SER Q 25 -36.50 -44.48 37.83
N CYS Q 26 -35.95 -44.09 36.69
CA CYS Q 26 -36.65 -44.20 35.41
C CYS Q 26 -35.61 -44.51 34.34
N LYS Q 27 -35.48 -45.79 33.99
CA LYS Q 27 -34.54 -46.20 32.97
C LYS Q 27 -35.14 -45.95 31.58
N ALA Q 28 -34.41 -45.24 30.74
CA ALA Q 28 -34.88 -44.84 29.42
C ALA Q 28 -34.16 -45.62 28.34
N SER Q 29 -34.91 -46.04 27.32
CA SER Q 29 -34.35 -46.81 26.22
C SER Q 29 -35.11 -46.50 24.94
N GLY Q 30 -34.46 -46.78 23.82
CA GLY Q 30 -35.05 -46.56 22.51
C GLY Q 30 -34.86 -45.18 21.92
N TYR Q 31 -34.13 -44.31 22.58
CA TYR Q 31 -33.91 -42.95 22.08
C TYR Q 31 -32.66 -42.39 22.73
N THR Q 32 -32.16 -41.29 22.16
CA THR Q 32 -31.03 -40.58 22.74
C THR Q 32 -31.47 -39.86 24.00
N PHE Q 33 -30.90 -40.24 25.14
CA PHE Q 33 -31.38 -39.75 26.42
C PHE Q 33 -31.22 -38.23 26.53
N THR Q 34 -30.12 -37.69 26.01
CA THR Q 34 -29.84 -36.27 26.12
C THR Q 34 -30.61 -35.43 25.11
N SER Q 35 -31.34 -36.04 24.19
CA SER Q 35 -32.16 -35.31 23.23
C SER Q 35 -33.54 -34.97 23.78
N TYR Q 36 -33.87 -35.44 24.97
CA TYR Q 36 -35.18 -35.20 25.58
C TYR Q 36 -34.99 -34.95 27.06
N GLY Q 37 -36.02 -34.37 27.68
CA GLY Q 37 -36.09 -34.24 29.11
C GLY Q 37 -36.87 -35.40 29.73
N ILE Q 38 -36.84 -35.45 31.06
CA ILE Q 38 -37.60 -36.43 31.81
C ILE Q 38 -38.48 -35.68 32.80
N SER Q 39 -39.79 -35.77 32.62
CA SER Q 39 -40.75 -35.15 33.52
C SER Q 39 -41.29 -36.20 34.48
N TRP Q 40 -41.65 -35.74 35.68
CA TRP Q 40 -42.25 -36.58 36.71
C TRP Q 40 -43.64 -36.07 37.02
N VAL Q 41 -44.61 -36.97 37.04
CA VAL Q 41 -46.01 -36.62 37.23
C VAL Q 41 -46.53 -37.41 38.43
N LYS Q 42 -47.19 -36.71 39.36
CA LYS Q 42 -47.76 -37.33 40.54
C LYS Q 42 -49.27 -37.48 40.36
N GLN Q 43 -49.78 -38.66 40.69
CA GLN Q 43 -51.21 -38.93 40.60
C GLN Q 43 -51.63 -39.69 41.86
N ARG Q 44 -52.35 -39.02 42.75
CA ARG Q 44 -52.94 -39.69 43.89
C ARG Q 44 -54.10 -40.58 43.43
N THR Q 45 -54.41 -41.58 44.24
CA THR Q 45 -55.48 -42.51 43.90
C THR Q 45 -56.81 -41.77 43.82
N GLY Q 46 -57.50 -41.94 42.70
CA GLY Q 46 -58.75 -41.24 42.48
C GLY Q 46 -58.61 -39.77 42.19
N GLN Q 47 -57.42 -39.31 41.81
CA GLN Q 47 -57.18 -37.91 41.48
C GLN Q 47 -56.54 -37.83 40.10
N GLY Q 48 -56.30 -36.60 39.64
CA GLY Q 48 -55.74 -36.37 38.33
C GLY Q 48 -54.22 -36.28 38.33
N LEU Q 49 -53.68 -36.14 37.13
CA LEU Q 49 -52.24 -35.99 36.96
C LEU Q 49 -51.77 -34.63 37.49
N GLU Q 50 -50.52 -34.59 37.93
CA GLU Q 50 -49.94 -33.36 38.46
C GLU Q 50 -48.46 -33.35 38.16
N TRP Q 51 -47.99 -32.30 37.47
CA TRP Q 51 -46.59 -32.22 37.10
C TRP Q 51 -45.73 -31.87 38.32
N ILE Q 52 -44.76 -32.71 38.61
CA ILE Q 52 -43.81 -32.44 39.68
C ILE Q 52 -42.67 -31.56 39.20
N GLY Q 53 -42.04 -31.98 38.12
CA GLY Q 53 -40.86 -31.30 37.63
C GLY Q 53 -40.24 -32.10 36.50
N GLU Q 54 -39.37 -31.44 35.77
CA GLU Q 54 -38.68 -32.05 34.65
C GLU Q 54 -37.19 -31.76 34.73
N ILE Q 55 -36.40 -32.70 34.24
CA ILE Q 55 -34.95 -32.56 34.18
C ILE Q 55 -34.51 -32.86 32.76
N TYR Q 56 -33.57 -32.06 32.25
CA TYR Q 56 -32.98 -32.32 30.96
C TYR Q 56 -31.58 -32.86 31.16
N PRO Q 57 -31.35 -34.17 30.95
CA PRO Q 57 -30.03 -34.74 31.24
C PRO Q 57 -28.90 -34.14 30.44
N ARG Q 58 -29.19 -33.55 29.27
CA ARG Q 58 -28.13 -32.95 28.47
C ARG Q 58 -27.44 -31.83 29.23
N SER Q 59 -28.23 -30.99 29.91
CA SER Q 59 -27.68 -29.90 30.71
C SER Q 59 -27.79 -30.15 32.20
N GLY Q 60 -28.53 -31.17 32.63
CA GLY Q 60 -28.79 -31.36 34.04
C GLY Q 60 -29.71 -30.33 34.64
N ASN Q 61 -30.31 -29.48 33.82
CA ASN Q 61 -31.17 -28.41 34.34
C ASN Q 61 -32.48 -28.99 34.83
N THR Q 62 -32.91 -28.55 36.01
CA THR Q 62 -34.13 -29.02 36.62
C THR Q 62 -35.14 -27.88 36.72
N TYR Q 63 -36.39 -28.18 36.39
CA TYR Q 63 -37.49 -27.24 36.54
C TYR Q 63 -38.55 -27.93 37.37
N TYR Q 64 -38.92 -27.33 38.50
CA TYR Q 64 -39.84 -27.94 39.44
C TYR Q 64 -41.14 -27.15 39.49
N ASN Q 65 -42.24 -27.87 39.65
CA ASN Q 65 -43.46 -27.22 40.13
C ASN Q 65 -43.21 -26.66 41.52
N GLU Q 66 -43.63 -25.41 41.74
CA GLU Q 66 -43.37 -24.76 43.01
C GLU Q 66 -43.99 -25.52 44.18
N LYS Q 67 -45.06 -26.27 43.92
CA LYS Q 67 -45.65 -27.10 44.96
C LYS Q 67 -44.69 -28.19 45.43
N PHE Q 68 -43.92 -28.78 44.51
CA PHE Q 68 -42.99 -29.85 44.82
C PHE Q 68 -41.57 -29.36 45.03
N LYS Q 69 -41.33 -28.06 45.00
CA LYS Q 69 -40.00 -27.54 45.24
C LYS Q 69 -39.59 -27.78 46.69
N GLY Q 70 -38.35 -28.24 46.87
CA GLY Q 70 -37.87 -28.59 48.18
C GLY Q 70 -38.36 -29.91 48.71
N LYS Q 71 -39.23 -30.59 47.98
CA LYS Q 71 -39.77 -31.89 48.36
C LYS Q 71 -39.32 -33.00 47.42
N ALA Q 72 -39.25 -32.73 46.12
CA ALA Q 72 -38.75 -33.67 45.13
C ALA Q 72 -37.43 -33.14 44.55
N THR Q 73 -36.48 -34.03 44.37
CA THR Q 73 -35.18 -33.70 43.79
C THR Q 73 -34.96 -34.56 42.55
N LEU Q 74 -34.68 -33.90 41.42
CA LEU Q 74 -34.52 -34.58 40.15
C LEU Q 74 -33.04 -34.67 39.80
N THR Q 75 -32.60 -35.88 39.46
CA THR Q 75 -31.24 -36.12 39.02
C THR Q 75 -31.28 -37.03 37.80
N ALA Q 76 -30.21 -36.98 37.00
CA ALA Q 76 -30.13 -37.79 35.80
C ALA Q 76 -28.75 -38.39 35.69
N ASP Q 77 -28.68 -39.59 35.13
CA ASP Q 77 -27.43 -40.29 34.87
C ASP Q 77 -27.33 -40.54 33.37
N LYS Q 78 -26.49 -39.76 32.70
CA LYS Q 78 -26.33 -39.91 31.24
C LYS Q 78 -25.66 -41.23 30.89
N SER Q 79 -24.75 -41.72 31.74
CA SER Q 79 -24.06 -42.97 31.43
C SER Q 79 -25.04 -44.14 31.40
N SER Q 80 -25.93 -44.21 32.38
CA SER Q 80 -26.92 -45.28 32.45
C SER Q 80 -28.24 -44.93 31.77
N SER Q 81 -28.36 -43.71 31.24
CA SER Q 81 -29.59 -43.24 30.60
C SER Q 81 -30.78 -43.38 31.56
N THR Q 82 -30.55 -43.04 32.82
CA THR Q 82 -31.55 -43.20 33.87
C THR Q 82 -31.77 -41.87 34.58
N ALA Q 83 -33.03 -41.58 34.87
CA ALA Q 83 -33.41 -40.38 35.61
C ALA Q 83 -33.92 -40.79 36.99
N TYR Q 84 -33.50 -40.06 38.01
CA TYR Q 84 -33.85 -40.36 39.39
C TYR Q 84 -34.60 -39.20 40.00
N MET Q 85 -35.64 -39.50 40.76
CA MET Q 85 -36.38 -38.52 41.53
C MET Q 85 -36.36 -38.91 43.00
N GLU Q 86 -35.93 -37.97 43.84
CA GLU Q 86 -35.80 -38.19 45.28
C GLU Q 86 -36.89 -37.41 46.00
N LEU Q 87 -37.81 -38.14 46.64
CA LEU Q 87 -38.83 -37.52 47.48
C LEU Q 87 -38.32 -37.49 48.91
N ARG Q 88 -38.44 -36.35 49.56
CA ARG Q 88 -37.92 -36.13 50.90
C ARG Q 88 -39.02 -35.70 51.84
N SER Q 89 -38.85 -36.01 53.13
CA SER Q 89 -39.83 -35.71 54.18
C SER Q 89 -41.20 -36.26 53.80
N LEU Q 90 -41.22 -37.56 53.51
CA LEU Q 90 -42.42 -38.19 53.00
C LEU Q 90 -43.56 -38.10 54.01
N THR Q 91 -44.77 -37.91 53.49
CA THR Q 91 -45.97 -37.82 54.30
C THR Q 91 -47.09 -38.57 53.59
N SER Q 92 -48.23 -38.71 54.28
CA SER Q 92 -49.39 -39.36 53.67
C SER Q 92 -49.88 -38.62 52.44
N GLU Q 93 -49.57 -37.32 52.32
CA GLU Q 93 -49.91 -36.58 51.11
C GLU Q 93 -49.14 -37.10 49.90
N ASP Q 94 -47.92 -37.59 50.12
CA ASP Q 94 -47.07 -38.07 49.04
C ASP Q 94 -47.45 -39.48 48.57
N SER Q 95 -48.38 -40.14 49.26
CA SER Q 95 -48.83 -41.46 48.82
C SER Q 95 -49.58 -41.33 47.51
N ALA Q 96 -48.96 -41.76 46.42
CA ALA Q 96 -49.50 -41.59 45.08
C ALA Q 96 -48.74 -42.49 44.12
N VAL Q 97 -49.13 -42.44 42.86
CA VAL Q 97 -48.41 -43.11 41.78
C VAL Q 97 -47.64 -42.05 41.01
N TYR Q 98 -46.35 -42.28 40.82
CA TYR Q 98 -45.47 -41.33 40.16
C TYR Q 98 -45.03 -41.87 38.81
N PHE Q 99 -45.27 -41.11 37.76
CA PHE Q 99 -44.87 -41.47 36.41
C PHE Q 99 -43.64 -40.68 36.00
N CYS Q 100 -42.79 -41.32 35.21
CA CYS Q 100 -41.72 -40.64 34.49
C CYS Q 100 -42.12 -40.58 33.03
N ALA Q 101 -41.99 -39.39 32.43
CA ALA Q 101 -42.42 -39.19 31.05
C ALA Q 101 -41.31 -38.50 30.27
N ARG Q 102 -41.10 -38.94 29.04
CA ARG Q 102 -40.14 -38.30 28.17
C ARG Q 102 -40.65 -36.93 27.76
N GLN Q 103 -39.84 -35.91 27.97
CA GLN Q 103 -40.24 -34.52 27.77
C GLN Q 103 -39.46 -33.93 26.60
N GLY Q 104 -40.18 -33.32 25.66
CA GLY Q 104 -39.55 -32.63 24.56
C GLY Q 104 -39.03 -31.27 24.99
N TYR Q 105 -38.22 -30.67 24.12
CA TYR Q 105 -37.45 -29.50 24.55
C TYR Q 105 -38.25 -28.20 24.49
N TYR Q 106 -38.60 -27.74 23.29
CA TYR Q 106 -39.04 -26.36 23.13
C TYR Q 106 -40.46 -26.22 22.61
N ALA Q 107 -40.75 -26.73 21.41
CA ALA Q 107 -42.11 -26.74 20.89
C ALA Q 107 -42.72 -28.13 20.93
N ASN Q 108 -41.88 -29.16 21.06
CA ASN Q 108 -42.32 -30.53 21.27
C ASN Q 108 -42.37 -30.87 22.76
N SER Q 109 -42.64 -29.88 23.62
CA SER Q 109 -42.65 -30.11 25.06
C SER Q 109 -43.88 -30.93 25.41
N GLN Q 110 -43.84 -32.20 25.05
CA GLN Q 110 -44.94 -33.13 25.26
C GLN Q 110 -44.42 -34.37 25.95
N PHE Q 111 -45.22 -34.88 26.89
CA PHE Q 111 -44.90 -36.15 27.55
C PHE Q 111 -45.27 -37.27 26.58
N THR Q 112 -44.38 -37.46 25.60
CA THR Q 112 -44.67 -38.36 24.47
C THR Q 112 -44.82 -39.79 24.93
N TYR Q 113 -43.94 -40.25 25.83
CA TYR Q 113 -43.97 -41.62 26.32
C TYR Q 113 -43.80 -41.61 27.83
N TRP Q 114 -44.57 -42.45 28.50
CA TRP Q 114 -44.64 -42.49 29.96
C TRP Q 114 -44.11 -43.83 30.45
N GLY Q 115 -43.75 -43.86 31.73
CA GLY Q 115 -43.40 -45.09 32.41
C GLY Q 115 -44.65 -45.79 32.92
N GLN Q 116 -44.43 -46.99 33.47
CA GLN Q 116 -45.54 -47.76 34.01
C GLN Q 116 -46.16 -47.07 35.22
N GLY Q 117 -45.38 -46.24 35.92
CA GLY Q 117 -45.89 -45.56 37.10
C GLY Q 117 -45.48 -46.25 38.39
N THR Q 118 -44.62 -45.60 39.17
CA THR Q 118 -44.16 -46.17 40.43
C THR Q 118 -45.07 -45.72 41.56
N LEU Q 119 -45.73 -46.68 42.21
CA LEU Q 119 -46.60 -46.37 43.34
C LEU Q 119 -45.77 -46.26 44.62
N VAL Q 120 -45.94 -45.15 45.34
CA VAL Q 120 -45.27 -44.91 46.60
C VAL Q 120 -46.34 -44.65 47.64
N THR Q 121 -46.36 -45.45 48.70
CA THR Q 121 -47.29 -45.27 49.82
C THR Q 121 -46.50 -44.98 51.08
N VAL Q 122 -46.88 -43.92 51.78
CA VAL Q 122 -46.20 -43.52 53.00
C VAL Q 122 -47.04 -43.87 54.22
N SER Q 144 -50.01 -17.61 38.83
CA SER Q 144 -48.70 -17.96 38.28
C SER Q 144 -48.79 -19.20 37.40
N ASP Q 145 -49.82 -20.01 37.61
CA ASP Q 145 -50.01 -21.24 36.85
C ASP Q 145 -51.41 -21.25 36.24
N ILE Q 146 -51.50 -21.78 35.03
CA ILE Q 146 -52.77 -21.86 34.31
C ILE Q 146 -53.57 -23.03 34.87
N GLN Q 147 -54.79 -22.74 35.34
CA GLN Q 147 -55.67 -23.78 35.85
C GLN Q 147 -56.38 -24.46 34.69
N MET Q 148 -56.12 -25.74 34.50
CA MET Q 148 -56.69 -26.51 33.40
C MET Q 148 -57.96 -27.16 33.93
N THR Q 149 -59.12 -26.65 33.50
CA THR Q 149 -60.41 -27.08 34.05
C THR Q 149 -61.11 -27.97 33.04
N GLN Q 150 -61.46 -29.18 33.47
CA GLN Q 150 -62.29 -30.09 32.71
C GLN Q 150 -63.64 -30.15 33.42
N THR Q 151 -64.62 -29.41 32.88
CA THR Q 151 -65.91 -29.28 33.55
C THR Q 151 -66.66 -30.61 33.66
N THR Q 152 -66.36 -31.56 32.78
CA THR Q 152 -66.97 -32.89 32.83
C THR Q 152 -65.95 -33.83 33.47
N SER Q 153 -66.10 -34.06 34.78
CA SER Q 153 -65.19 -34.96 35.47
C SER Q 153 -65.36 -36.40 34.98
N SER Q 154 -66.59 -36.82 34.72
CA SER Q 154 -66.86 -38.14 34.19
C SER Q 154 -68.03 -38.05 33.22
N LEU Q 155 -67.92 -38.77 32.10
CA LEU Q 155 -68.97 -38.81 31.10
C LEU Q 155 -69.15 -40.24 30.62
N SER Q 156 -70.40 -40.69 30.56
CA SER Q 156 -70.74 -42.01 30.07
C SER Q 156 -71.24 -41.93 28.63
N ALA Q 157 -70.93 -42.96 27.86
CA ALA Q 157 -71.30 -42.99 26.44
C ALA Q 157 -71.55 -44.45 26.05
N SER Q 158 -71.75 -44.67 24.76
CA SER Q 158 -71.97 -46.01 24.21
C SER Q 158 -71.02 -46.22 23.04
N LEU Q 159 -70.75 -47.50 22.76
CA LEU Q 159 -69.79 -47.85 21.73
C LEU Q 159 -70.25 -47.31 20.37
N GLY Q 160 -69.32 -46.67 19.66
CA GLY Q 160 -69.60 -46.09 18.37
C GLY Q 160 -70.10 -44.66 18.39
N ASP Q 161 -70.37 -44.09 19.56
CA ASP Q 161 -70.81 -42.71 19.65
C ASP Q 161 -69.65 -41.75 19.41
N ARG Q 162 -69.99 -40.48 19.18
CA ARG Q 162 -69.03 -39.41 19.05
C ARG Q 162 -69.01 -38.64 20.37
N VAL Q 163 -67.89 -38.71 21.08
CA VAL Q 163 -67.73 -38.11 22.40
C VAL Q 163 -66.76 -36.94 22.29
N THR Q 164 -67.13 -35.81 22.87
CA THR Q 164 -66.29 -34.62 22.89
C THR Q 164 -65.90 -34.30 24.33
N ILE Q 165 -64.61 -34.37 24.62
CA ILE Q 165 -64.08 -34.01 25.92
C ILE Q 165 -63.48 -32.62 25.81
N SER Q 166 -64.05 -31.66 26.52
CA SER Q 166 -63.67 -30.26 26.42
C SER Q 166 -63.05 -29.79 27.73
N CYS Q 167 -62.02 -28.96 27.62
CA CYS Q 167 -61.41 -28.35 28.79
C CYS Q 167 -61.09 -26.90 28.49
N SER Q 168 -61.04 -26.09 29.54
CA SER Q 168 -60.79 -24.66 29.44
C SER Q 168 -59.56 -24.29 30.25
N ALA Q 169 -58.77 -23.35 29.72
CA ALA Q 169 -57.59 -22.84 30.39
C ALA Q 169 -57.90 -21.51 31.04
N SER Q 170 -57.29 -21.26 32.21
CA SER Q 170 -57.52 -20.01 32.91
C SER Q 170 -57.03 -18.82 32.10
N GLN Q 171 -55.86 -18.94 31.48
CA GLN Q 171 -55.32 -17.93 30.59
C GLN Q 171 -55.34 -18.44 29.16
N GLY Q 172 -55.12 -17.52 28.21
CA GLY Q 172 -55.02 -17.90 26.82
C GLY Q 172 -53.74 -18.65 26.53
N ILE Q 173 -53.86 -19.94 26.23
CA ILE Q 173 -52.73 -20.77 25.84
C ILE Q 173 -52.75 -20.90 24.33
N SER Q 174 -51.61 -20.64 23.69
CA SER Q 174 -51.54 -20.52 22.22
C SER Q 174 -51.48 -21.92 21.61
N ASN Q 175 -52.59 -22.65 21.75
CA ASN Q 175 -52.77 -24.00 21.25
C ASN Q 175 -51.76 -24.98 21.84
N TYR Q 176 -51.02 -24.58 22.87
CA TYR Q 176 -50.04 -25.45 23.51
C TYR Q 176 -50.76 -26.34 24.52
N LEU Q 177 -51.53 -27.28 23.98
CA LEU Q 177 -52.36 -28.18 24.76
C LEU Q 177 -52.13 -29.61 24.31
N ASN Q 178 -51.92 -30.50 25.27
CA ASN Q 178 -51.77 -31.92 25.00
C ASN Q 178 -52.94 -32.69 25.61
N TRP Q 179 -53.32 -33.77 24.95
CA TRP Q 179 -54.34 -34.69 25.46
C TRP Q 179 -53.67 -36.01 25.79
N TYR Q 180 -53.82 -36.45 27.04
CA TYR Q 180 -53.23 -37.69 27.53
C TYR Q 180 -54.34 -38.64 27.92
N GLN Q 181 -54.25 -39.88 27.49
CA GLN Q 181 -55.22 -40.92 27.79
C GLN Q 181 -54.62 -41.87 28.82
N GLN Q 182 -55.27 -42.00 29.96
CA GLN Q 182 -54.86 -42.91 31.01
C GLN Q 182 -55.82 -44.10 31.03
N LYS Q 183 -55.30 -45.27 30.69
CA LYS Q 183 -56.10 -46.49 30.69
C LYS Q 183 -56.50 -46.85 32.12
N PRO Q 184 -57.57 -47.65 32.28
CA PRO Q 184 -57.99 -48.03 33.64
C PRO Q 184 -56.90 -48.73 34.44
N ASP Q 185 -56.00 -49.47 33.78
CA ASP Q 185 -54.89 -50.08 34.49
C ASP Q 185 -53.84 -49.06 34.95
N GLY Q 186 -53.93 -47.82 34.48
CA GLY Q 186 -53.02 -46.76 34.89
C GLY Q 186 -52.03 -46.33 33.84
N THR Q 187 -51.98 -46.99 32.68
CA THR Q 187 -51.03 -46.64 31.65
C THR Q 187 -51.45 -45.32 30.98
N VAL Q 188 -50.51 -44.39 30.87
CA VAL Q 188 -50.76 -43.07 30.32
C VAL Q 188 -50.08 -42.98 28.95
N LYS Q 189 -50.84 -42.55 27.94
CA LYS Q 189 -50.32 -42.36 26.60
C LYS Q 189 -50.71 -40.98 26.10
N LEU Q 190 -49.83 -40.39 25.30
CA LEU Q 190 -50.12 -39.12 24.65
C LEU Q 190 -50.94 -39.37 23.39
N LEU Q 191 -52.09 -38.70 23.29
CA LEU Q 191 -52.94 -38.80 22.11
C LEU Q 191 -52.78 -37.61 21.18
N ILE Q 192 -53.05 -36.41 21.68
CA ILE Q 192 -53.08 -35.19 20.88
C ILE Q 192 -52.05 -34.24 21.47
N TYR Q 193 -51.20 -33.69 20.60
CA TYR Q 193 -50.27 -32.64 20.99
C TYR Q 193 -50.45 -31.45 20.06
N TYR Q 194 -50.12 -30.26 20.57
CA TYR Q 194 -50.35 -29.00 19.87
C TYR Q 194 -51.82 -28.84 19.47
N THR Q 195 -52.70 -29.40 20.29
CA THR Q 195 -54.15 -29.21 20.27
C THR Q 195 -54.82 -29.92 19.09
N SER Q 196 -54.05 -30.33 18.08
CA SER Q 196 -54.65 -31.03 16.95
C SER Q 196 -53.82 -32.18 16.39
N SER Q 197 -52.54 -32.30 16.73
CA SER Q 197 -51.66 -33.25 16.07
C SER Q 197 -51.76 -34.62 16.72
N LEU Q 198 -51.85 -35.65 15.90
CA LEU Q 198 -51.94 -37.01 16.37
C LEU Q 198 -50.56 -37.54 16.75
N HIS Q 199 -50.52 -38.36 17.80
CA HIS Q 199 -49.28 -39.03 18.19
C HIS Q 199 -48.96 -40.14 17.19
N SER Q 200 -47.87 -40.85 17.45
CA SER Q 200 -47.35 -41.81 16.49
C SER Q 200 -48.33 -42.94 16.20
N GLY Q 201 -48.96 -43.48 17.24
CA GLY Q 201 -49.83 -44.63 17.05
C GLY Q 201 -51.28 -44.37 17.41
N VAL Q 202 -51.72 -43.12 17.32
CA VAL Q 202 -53.09 -42.78 17.66
C VAL Q 202 -53.96 -42.92 16.41
N PRO Q 203 -55.11 -43.60 16.50
CA PRO Q 203 -55.98 -43.72 15.32
C PRO Q 203 -56.57 -42.38 14.94
N SER Q 204 -56.98 -42.29 13.67
CA SER Q 204 -57.57 -41.06 13.15
C SER Q 204 -58.90 -40.72 13.81
N ARG Q 205 -59.50 -41.66 14.55
CA ARG Q 205 -60.77 -41.39 15.22
C ARG Q 205 -60.62 -40.30 16.27
N PHE Q 206 -59.43 -40.14 16.84
CA PHE Q 206 -59.17 -39.08 17.80
C PHE Q 206 -58.85 -37.78 17.08
N SER Q 207 -59.31 -36.67 17.65
CA SER Q 207 -59.02 -35.36 17.08
C SER Q 207 -59.16 -34.31 18.16
N GLY Q 208 -58.53 -33.15 17.92
CA GLY Q 208 -58.58 -32.07 18.86
C GLY Q 208 -58.86 -30.75 18.16
N SER Q 209 -59.34 -29.78 18.95
CA SER Q 209 -59.68 -28.47 18.43
C SER Q 209 -59.60 -27.46 19.56
N GLY Q 210 -59.59 -26.19 19.18
CA GLY Q 210 -59.48 -25.09 20.12
C GLY Q 210 -58.37 -24.15 19.69
N SER Q 211 -58.55 -22.87 19.98
CA SER Q 211 -57.58 -21.87 19.54
C SER Q 211 -57.19 -20.92 20.67
N GLY Q 212 -58.10 -20.71 21.62
CA GLY Q 212 -57.85 -19.74 22.67
C GLY Q 212 -57.71 -20.36 24.04
N THR Q 213 -58.77 -20.26 24.85
CA THR Q 213 -58.79 -20.86 26.17
C THR Q 213 -59.57 -22.17 26.23
N ASP Q 214 -60.41 -22.46 25.23
CA ASP Q 214 -61.26 -23.63 25.24
C ASP Q 214 -60.77 -24.64 24.21
N TYR Q 215 -60.59 -25.88 24.63
CA TYR Q 215 -60.11 -26.94 23.76
C TYR Q 215 -60.94 -28.19 23.97
N SER Q 216 -61.13 -28.95 22.90
CA SER Q 216 -61.99 -30.13 22.91
C SER Q 216 -61.25 -31.32 22.31
N LEU Q 217 -61.44 -32.47 22.93
CA LEU Q 217 -60.95 -33.74 22.41
C LEU Q 217 -62.14 -34.53 21.89
N THR Q 218 -62.14 -34.86 20.60
CA THR Q 218 -63.24 -35.54 19.96
C THR Q 218 -62.81 -36.95 19.58
N ILE Q 219 -63.57 -37.94 20.03
CA ILE Q 219 -63.38 -39.33 19.65
C ILE Q 219 -64.61 -39.77 18.85
N SER Q 220 -64.39 -40.20 17.62
CA SER Q 220 -65.46 -40.69 16.76
C SER Q 220 -65.38 -42.21 16.70
N ASN Q 221 -66.55 -42.85 16.65
CA ASN Q 221 -66.67 -44.31 16.56
C ASN Q 221 -65.95 -44.98 17.73
N LEU Q 222 -66.52 -44.76 18.92
CA LEU Q 222 -65.96 -45.26 20.15
C LEU Q 222 -65.75 -46.76 20.11
N GLU Q 223 -64.62 -47.21 20.66
CA GLU Q 223 -64.23 -48.60 20.74
C GLU Q 223 -63.90 -48.93 22.19
N PRO Q 224 -63.97 -50.20 22.57
CA PRO Q 224 -63.63 -50.57 23.95
C PRO Q 224 -62.22 -50.17 24.35
N GLU Q 225 -61.29 -50.09 23.40
CA GLU Q 225 -59.94 -49.64 23.70
C GLU Q 225 -59.88 -48.15 24.05
N ASP Q 226 -60.95 -47.40 23.83
CA ASP Q 226 -60.99 -45.99 24.17
C ASP Q 226 -61.58 -45.73 25.56
N ILE Q 227 -61.90 -46.78 26.31
CA ILE Q 227 -62.40 -46.63 27.67
C ILE Q 227 -61.20 -46.25 28.54
N ALA Q 228 -61.12 -44.99 28.94
CA ALA Q 228 -59.97 -44.48 29.68
C ALA Q 228 -60.32 -43.10 30.21
N THR Q 229 -59.40 -42.52 30.97
CA THR Q 229 -59.54 -41.17 31.50
C THR Q 229 -58.62 -40.24 30.71
N TYR Q 230 -59.17 -39.14 30.23
CA TYR Q 230 -58.47 -38.22 29.35
C TYR Q 230 -58.17 -36.91 30.07
N TYR Q 231 -56.90 -36.53 30.09
CA TYR Q 231 -56.46 -35.27 30.67
C TYR Q 231 -55.93 -34.36 29.58
N CYS Q 232 -56.30 -33.08 29.66
CA CYS Q 232 -55.69 -32.06 28.83
C CYS Q 232 -54.60 -31.35 29.63
N GLN Q 233 -53.46 -31.12 28.99
CA GLN Q 233 -52.32 -30.51 29.64
C GLN Q 233 -51.82 -29.34 28.81
N GLN Q 234 -51.71 -28.18 29.45
CA GLN Q 234 -51.14 -27.02 28.79
C GLN Q 234 -49.63 -27.02 28.97
N TYR Q 235 -48.91 -26.67 27.91
CA TYR Q 235 -47.48 -26.41 27.98
C TYR Q 235 -47.17 -25.01 27.48
N SER Q 236 -48.06 -24.07 27.79
CA SER Q 236 -47.82 -22.67 27.45
C SER Q 236 -46.86 -22.01 28.43
N LYS Q 237 -47.12 -22.17 29.73
CA LYS Q 237 -46.32 -21.54 30.77
C LYS Q 237 -46.02 -22.53 31.87
N LEU Q 238 -44.81 -22.48 32.38
CA LEU Q 238 -44.47 -23.26 33.55
C LEU Q 238 -45.19 -22.73 34.78
N PRO Q 239 -45.59 -23.61 35.71
CA PRO Q 239 -45.45 -25.07 35.67
C PRO Q 239 -46.46 -25.72 34.73
N TRP Q 240 -46.14 -26.87 34.15
CA TRP Q 240 -47.14 -27.59 33.37
C TRP Q 240 -48.28 -28.05 34.27
N THR Q 241 -49.51 -27.86 33.81
CA THR Q 241 -50.68 -28.21 34.58
C THR Q 241 -51.60 -29.08 33.75
N PHE Q 242 -52.17 -30.10 34.40
CA PHE Q 242 -53.13 -31.00 33.78
C PHE Q 242 -54.55 -30.58 34.14
N GLY Q 243 -55.50 -31.07 33.35
CA GLY Q 243 -56.89 -30.94 33.71
C GLY Q 243 -57.25 -31.93 34.80
N GLY Q 244 -58.45 -31.72 35.38
CA GLY Q 244 -58.92 -32.61 36.41
C GLY Q 244 -59.13 -34.04 35.93
N GLY Q 245 -59.29 -34.24 34.64
CA GLY Q 245 -59.50 -35.56 34.08
C GLY Q 245 -60.94 -35.82 33.74
N THR Q 246 -61.18 -36.50 32.61
CA THR Q 246 -62.53 -36.88 32.20
C THR Q 246 -62.54 -38.39 32.01
N ASN Q 247 -63.23 -39.08 32.91
CA ASN Q 247 -63.35 -40.53 32.81
C ASN Q 247 -64.39 -40.89 31.76
N LEU Q 248 -64.00 -41.73 30.81
CA LEU Q 248 -64.89 -42.19 29.75
C LEU Q 248 -65.18 -43.66 29.97
N GLU Q 249 -66.46 -43.98 30.15
CA GLU Q 249 -66.90 -45.36 30.37
C GLU Q 249 -68.10 -45.67 29.49
N ILE Q 250 -68.22 -46.93 29.09
CA ILE Q 250 -69.34 -47.38 28.29
C ILE Q 250 -70.33 -48.12 29.17
N GLU R 5 17.03 43.76 -46.12
CA GLU R 5 17.61 42.47 -46.49
C GLU R 5 18.99 42.29 -45.88
N VAL R 6 19.65 41.20 -46.24
CA VAL R 6 21.00 40.90 -45.76
C VAL R 6 21.99 41.70 -46.58
N GLN R 7 22.84 42.47 -45.90
CA GLN R 7 23.79 43.35 -46.57
C GLN R 7 25.24 43.02 -46.24
N LEU R 8 25.58 42.85 -44.97
CA LEU R 8 26.94 42.50 -44.54
C LEU R 8 27.95 43.56 -45.00
N GLN R 9 27.77 44.76 -44.46
CA GLN R 9 28.69 45.85 -44.77
C GLN R 9 30.05 45.59 -44.13
N GLN R 10 31.11 45.75 -44.91
CA GLN R 10 32.48 45.51 -44.47
C GLN R 10 33.21 46.84 -44.28
N SER R 11 34.34 46.75 -43.58
CA SER R 11 35.17 47.92 -43.38
C SER R 11 35.88 48.30 -44.69
N GLY R 12 36.41 49.53 -44.71
CA GLY R 12 37.06 50.04 -45.90
C GLY R 12 38.43 49.42 -46.11
N ALA R 13 39.01 49.76 -47.27
CA ALA R 13 40.33 49.27 -47.61
C ALA R 13 41.34 49.67 -46.55
N GLU R 14 42.18 48.73 -46.15
CA GLU R 14 43.19 48.95 -45.11
C GLU R 14 44.56 48.66 -45.70
N LEU R 15 45.44 49.66 -45.63
CA LEU R 15 46.81 49.53 -46.11
C LEU R 15 47.76 49.40 -44.92
N ALA R 16 48.59 48.36 -44.94
CA ALA R 16 49.53 48.11 -43.87
C ALA R 16 50.87 47.72 -44.47
N ARG R 17 51.85 47.53 -43.60
CA ARG R 17 53.19 47.13 -43.98
C ARG R 17 53.49 45.73 -43.47
N PRO R 18 54.48 45.04 -44.05
CA PRO R 18 54.80 43.69 -43.59
C PRO R 18 55.12 43.66 -42.10
N GLY R 19 54.63 42.62 -41.43
CA GLY R 19 54.78 42.47 -40.01
C GLY R 19 53.69 43.11 -39.17
N ALA R 20 52.81 43.89 -39.79
CA ALA R 20 51.72 44.54 -39.06
C ALA R 20 50.49 43.64 -39.03
N SER R 21 49.44 44.14 -38.39
CA SER R 21 48.18 43.41 -38.26
C SER R 21 47.02 44.33 -38.61
N VAL R 22 46.00 43.76 -39.24
CA VAL R 22 44.79 44.50 -39.61
C VAL R 22 43.60 43.84 -38.95
N LYS R 23 42.58 44.64 -38.66
CA LYS R 23 41.34 44.19 -38.05
C LYS R 23 40.20 44.49 -39.01
N LEU R 24 39.87 43.53 -39.87
CA LEU R 24 38.77 43.69 -40.81
C LEU R 24 37.46 43.37 -40.12
N SER R 25 36.49 44.26 -40.26
CA SER R 25 35.19 44.09 -39.63
C SER R 25 34.13 43.79 -40.68
N CYS R 26 33.00 43.26 -40.21
CA CYS R 26 31.89 42.90 -41.08
C CYS R 26 30.59 43.18 -40.32
N LYS R 27 29.98 44.32 -40.59
CA LYS R 27 28.75 44.71 -39.93
C LYS R 27 27.57 43.99 -40.59
N ALA R 28 26.80 43.26 -39.79
CA ALA R 28 25.70 42.44 -40.30
C ALA R 28 24.36 43.12 -40.01
N SER R 29 23.48 43.11 -41.00
CA SER R 29 22.17 43.73 -40.85
C SER R 29 21.15 42.94 -41.66
N GLY R 30 19.89 43.02 -41.23
CA GLY R 30 18.80 42.39 -41.93
C GLY R 30 18.47 40.98 -41.49
N TYR R 31 19.13 40.45 -40.46
CA TYR R 31 18.87 39.10 -40.00
C TYR R 31 19.37 38.97 -38.57
N THR R 32 18.93 37.90 -37.91
CA THR R 32 19.40 37.60 -36.56
C THR R 32 20.85 37.13 -36.63
N PHE R 33 21.74 37.89 -36.01
CA PHE R 33 23.18 37.63 -36.16
C PHE R 33 23.56 36.26 -35.63
N THR R 34 22.95 35.84 -34.52
CA THR R 34 23.30 34.58 -33.88
C THR R 34 22.66 33.36 -34.55
N SER R 35 21.79 33.56 -35.53
CA SER R 35 21.19 32.46 -36.27
C SER R 35 22.03 32.01 -37.45
N TYR R 36 23.15 32.68 -37.72
CA TYR R 36 24.02 32.34 -38.83
C TYR R 36 25.47 32.50 -38.39
N GLY R 37 26.36 31.87 -39.15
CA GLY R 37 27.78 32.10 -38.98
C GLY R 37 28.30 33.18 -39.91
N ILE R 38 29.56 33.56 -39.70
CA ILE R 38 30.24 34.52 -40.56
C ILE R 38 31.50 33.86 -41.07
N SER R 39 31.56 33.64 -42.37
CA SER R 39 32.75 33.08 -43.00
C SER R 39 33.55 34.19 -43.67
N TRP R 40 34.86 33.98 -43.75
CA TRP R 40 35.77 34.92 -44.38
C TRP R 40 36.45 34.22 -45.55
N VAL R 41 36.47 34.88 -46.70
CA VAL R 41 37.00 34.32 -47.93
C VAL R 41 38.08 35.24 -48.46
N LYS R 42 39.24 34.66 -48.77
CA LYS R 42 40.38 35.40 -49.32
C LYS R 42 40.45 35.20 -50.82
N GLN R 43 40.61 36.29 -51.56
CA GLN R 43 40.74 36.22 -53.02
C GLN R 43 41.87 37.16 -53.44
N ARG R 44 42.98 36.60 -53.88
CA ARG R 44 44.05 37.40 -54.45
C ARG R 44 43.65 37.88 -55.85
N THR R 45 44.28 38.98 -56.27
CA THR R 45 43.95 39.56 -57.57
C THR R 45 44.28 38.59 -58.69
N GLY R 46 43.29 38.29 -59.52
CA GLY R 46 43.45 37.32 -60.58
C GLY R 46 43.45 35.88 -60.13
N GLN R 47 43.02 35.61 -58.91
CA GLN R 47 42.95 34.25 -58.37
C GLN R 47 41.53 33.96 -57.90
N GLY R 48 41.31 32.73 -57.45
CA GLY R 48 40.00 32.28 -57.03
C GLY R 48 39.72 32.54 -55.57
N LEU R 49 38.50 32.22 -55.17
CA LEU R 49 38.09 32.35 -53.77
C LEU R 49 38.78 31.30 -52.91
N GLU R 50 39.03 31.66 -51.65
CA GLU R 50 39.67 30.74 -50.71
C GLU R 50 39.08 30.97 -49.32
N TRP R 51 38.51 29.92 -48.75
CA TRP R 51 37.87 30.03 -47.44
C TRP R 51 38.92 30.16 -46.35
N ILE R 52 38.77 31.17 -45.50
CA ILE R 52 39.70 31.40 -44.40
C ILE R 52 39.18 30.69 -43.16
N GLY R 53 37.96 30.99 -42.78
CA GLY R 53 37.39 30.44 -41.57
C GLY R 53 36.01 30.99 -41.33
N GLU R 54 35.27 30.27 -40.48
CA GLU R 54 33.93 30.67 -40.08
C GLU R 54 33.93 30.95 -38.59
N ILE R 55 33.05 31.86 -38.17
CA ILE R 55 32.76 32.07 -36.76
C ILE R 55 31.25 32.05 -36.59
N TYR R 56 30.79 31.35 -35.56
CA TYR R 56 29.37 31.34 -35.23
C TYR R 56 29.15 32.21 -34.00
N PRO R 57 28.60 33.41 -34.15
CA PRO R 57 28.50 34.33 -33.01
C PRO R 57 27.67 33.79 -31.86
N ARG R 58 26.72 32.90 -32.13
CA ARG R 58 25.88 32.35 -31.07
C ARG R 58 26.73 31.62 -30.03
N SER R 59 27.70 30.82 -30.49
CA SER R 59 28.59 30.11 -29.60
C SER R 59 29.99 30.70 -29.56
N GLY R 60 30.32 31.62 -30.46
CA GLY R 60 31.68 32.11 -30.56
C GLY R 60 32.66 31.10 -31.11
N ASN R 61 32.19 29.95 -31.58
CA ASN R 61 33.07 28.91 -32.07
C ASN R 61 33.67 29.32 -33.41
N THR R 62 34.97 29.07 -33.56
CA THR R 62 35.70 29.41 -34.76
C THR R 62 36.22 28.15 -35.41
N TYR R 63 36.11 28.08 -36.73
CA TYR R 63 36.67 26.99 -37.52
C TYR R 63 37.53 27.64 -38.60
N TYR R 64 38.80 27.28 -38.62
CA TYR R 64 39.77 27.90 -39.53
C TYR R 64 40.23 26.91 -40.58
N ASN R 65 40.44 27.40 -41.79
CA ASN R 65 41.25 26.68 -42.75
C ASN R 65 42.65 26.53 -42.18
N GLU R 66 43.20 25.31 -42.25
CA GLU R 66 44.51 25.05 -41.66
C GLU R 66 45.60 25.91 -42.28
N LYS R 67 45.40 26.34 -43.53
CA LYS R 67 46.36 27.25 -44.16
C LYS R 67 46.41 28.58 -43.45
N PHE R 68 45.26 29.10 -43.00
CA PHE R 68 45.18 30.38 -42.32
C PHE R 68 45.13 30.26 -40.80
N LYS R 69 45.28 29.05 -40.27
CA LYS R 69 45.29 28.88 -38.82
C LYS R 69 46.54 29.49 -38.22
N GLY R 70 46.37 30.27 -37.15
CA GLY R 70 47.46 30.98 -36.54
C GLY R 70 47.85 32.25 -37.26
N LYS R 71 47.19 32.59 -38.35
CA LYS R 71 47.45 33.79 -39.13
C LYS R 71 46.25 34.74 -39.15
N ALA R 72 45.05 34.20 -39.21
CA ALA R 72 43.83 34.98 -39.11
C ALA R 72 43.08 34.60 -37.83
N THR R 73 42.57 35.61 -37.14
CA THR R 73 41.81 35.41 -35.90
C THR R 73 40.40 35.96 -36.09
N LEU R 74 39.40 35.13 -35.81
CA LEU R 74 38.00 35.49 -36.00
C LEU R 74 37.37 35.79 -34.65
N THR R 75 36.71 36.95 -34.57
CA THR R 75 35.98 37.35 -33.38
C THR R 75 34.64 37.90 -33.82
N ALA R 76 33.68 37.88 -32.90
CA ALA R 76 32.33 38.37 -33.18
C ALA R 76 31.83 39.20 -32.01
N ASP R 77 31.00 40.18 -32.33
CA ASP R 77 30.37 41.06 -31.35
C ASP R 77 28.86 40.95 -31.54
N LYS R 78 28.20 40.21 -30.64
CA LYS R 78 26.75 40.04 -30.75
C LYS R 78 26.01 41.34 -30.47
N SER R 79 26.55 42.18 -29.59
CA SER R 79 25.88 43.45 -29.26
C SER R 79 25.80 44.35 -30.49
N SER R 80 26.89 44.47 -31.24
CA SER R 80 26.94 45.29 -32.43
C SER R 80 26.63 44.51 -33.70
N SER R 81 26.39 43.20 -33.58
CA SER R 81 26.12 42.34 -34.75
C SER R 81 27.23 42.46 -35.78
N THR R 82 28.48 42.49 -35.31
CA THR R 82 29.64 42.70 -36.15
C THR R 82 30.64 41.57 -35.94
N ALA R 83 31.22 41.10 -37.04
CA ALA R 83 32.26 40.08 -37.00
C ALA R 83 33.58 40.70 -37.42
N TYR R 84 34.64 40.38 -36.68
CA TYR R 84 35.97 40.93 -36.92
C TYR R 84 36.94 39.80 -37.26
N MET R 85 37.77 40.04 -38.26
CA MET R 85 38.86 39.13 -38.61
C MET R 85 40.18 39.87 -38.45
N GLU R 86 41.09 39.28 -37.69
CA GLU R 86 42.38 39.88 -37.39
C GLU R 86 43.47 39.10 -38.12
N LEU R 87 44.01 39.68 -39.19
CA LEU R 87 45.15 39.12 -39.88
C LEU R 87 46.42 39.53 -39.14
N ARG R 88 47.36 38.61 -39.00
CA ARG R 88 48.55 38.82 -38.20
C ARG R 88 49.79 38.47 -39.02
N SER R 89 50.90 39.16 -38.73
CA SER R 89 52.16 38.99 -39.43
C SER R 89 51.97 39.14 -40.93
N LEU R 90 51.41 40.29 -41.32
CA LEU R 90 51.04 40.52 -42.70
C LEU R 90 52.26 40.43 -43.62
N THR R 91 52.05 39.83 -44.78
CA THR R 91 53.09 39.70 -45.79
C THR R 91 52.49 39.98 -47.16
N SER R 92 53.35 40.02 -48.18
CA SER R 92 52.88 40.24 -49.54
C SER R 92 51.93 39.15 -50.00
N GLU R 93 52.01 37.95 -49.40
CA GLU R 93 51.05 36.90 -49.70
C GLU R 93 49.65 37.28 -49.24
N ASP R 94 49.55 38.12 -48.23
CA ASP R 94 48.25 38.51 -47.67
C ASP R 94 47.56 39.60 -48.46
N SER R 95 48.21 40.15 -49.49
CA SER R 95 47.60 41.18 -50.33
C SER R 95 46.51 40.54 -51.16
N ALA R 96 45.26 40.68 -50.71
CA ALA R 96 44.14 40.02 -51.35
C ALA R 96 42.85 40.64 -50.82
N VAL R 97 41.81 40.57 -51.64
CA VAL R 97 40.49 41.04 -51.22
C VAL R 97 39.87 40.00 -50.30
N TYR R 98 39.38 40.46 -49.14
CA TYR R 98 38.79 39.59 -48.14
C TYR R 98 37.31 39.86 -48.04
N PHE R 99 36.51 38.82 -48.23
CA PHE R 99 35.06 38.92 -48.13
C PHE R 99 34.58 38.33 -46.81
N CYS R 100 33.51 38.91 -46.28
CA CYS R 100 32.74 38.31 -45.20
C CYS R 100 31.42 37.82 -45.78
N ALA R 101 31.04 36.59 -45.43
CA ALA R 101 29.85 35.98 -45.98
C ALA R 101 29.03 35.36 -44.85
N ARG R 102 27.72 35.49 -44.95
CA ARG R 102 26.82 34.87 -43.99
C ARG R 102 26.81 33.36 -44.19
N GLN R 103 27.06 32.61 -43.13
CA GLN R 103 27.22 31.17 -43.20
C GLN R 103 26.07 30.49 -42.48
N GLY R 104 25.42 29.54 -43.14
CA GLY R 104 24.40 28.74 -42.51
C GLY R 104 25.00 27.68 -41.62
N TYR R 105 24.15 27.06 -40.81
CA TYR R 105 24.66 26.23 -39.72
C TYR R 105 25.03 24.81 -40.17
N TYR R 106 24.05 24.01 -40.58
CA TYR R 106 24.28 22.58 -40.69
C TYR R 106 24.09 22.05 -42.11
N ALA R 107 22.88 22.16 -42.67
CA ALA R 107 22.64 21.76 -44.05
C ALA R 107 22.51 22.95 -44.97
N ASN R 108 22.25 24.13 -44.39
CA ASN R 108 22.26 25.39 -45.11
C ASN R 108 23.62 26.08 -45.05
N SER R 109 24.70 25.30 -44.94
CA SER R 109 26.04 25.85 -44.81
C SER R 109 26.46 26.47 -46.13
N GLN R 110 25.83 27.59 -46.47
CA GLN R 110 26.07 28.28 -47.72
C GLN R 110 26.38 29.73 -47.43
N PHE R 111 27.32 30.29 -48.18
CA PHE R 111 27.62 31.71 -48.12
C PHE R 111 26.51 32.45 -48.87
N THR R 112 25.37 32.58 -48.19
CA THR R 112 24.16 33.09 -48.85
C THR R 112 24.33 34.53 -49.28
N TYR R 113 24.93 35.37 -48.45
CA TYR R 113 25.13 36.77 -48.77
C TYR R 113 26.55 37.17 -48.39
N TRP R 114 27.17 37.99 -49.23
CA TRP R 114 28.56 38.36 -49.08
C TRP R 114 28.70 39.85 -48.82
N GLY R 115 29.85 40.24 -48.31
CA GLY R 115 30.18 41.64 -48.17
C GLY R 115 30.78 42.19 -49.44
N GLN R 116 30.99 43.50 -49.50
CA GLN R 116 31.58 44.10 -50.70
C GLN R 116 33.02 43.63 -50.88
N GLY R 117 33.70 43.31 -49.78
CA GLY R 117 35.08 42.80 -49.85
C GLY R 117 36.09 43.86 -49.45
N THR R 118 36.78 43.65 -48.31
CA THR R 118 37.83 44.58 -47.88
C THR R 118 39.02 44.45 -48.81
N LEU R 119 39.54 45.56 -49.33
CA LEU R 119 40.65 45.49 -50.32
C LEU R 119 41.91 44.87 -49.70
N VAL R 120 42.58 45.59 -48.78
CA VAL R 120 43.85 45.11 -48.14
C VAL R 120 45.00 45.20 -49.17
N THR R 121 46.12 45.87 -48.81
CA THR R 121 47.21 46.06 -49.79
C THR R 121 48.52 45.51 -49.28
N VAL R 122 48.79 45.61 -47.98
CA VAL R 122 50.07 45.18 -47.43
C VAL R 122 51.24 45.67 -48.28
N SER R 144 44.32 15.69 -48.52
CA SER R 144 43.56 15.95 -47.30
C SER R 144 42.24 16.64 -47.61
N ASP R 145 42.33 17.92 -47.96
CA ASP R 145 41.16 18.72 -48.30
C ASP R 145 40.60 18.28 -49.65
N ILE R 146 39.30 18.55 -49.84
CA ILE R 146 38.66 18.22 -51.11
C ILE R 146 39.07 19.29 -52.13
N GLN R 147 39.77 18.89 -53.18
CA GLN R 147 40.21 19.81 -54.22
C GLN R 147 39.10 20.02 -55.23
N MET R 148 38.60 21.24 -55.32
CA MET R 148 37.52 21.58 -56.24
C MET R 148 38.14 22.06 -57.55
N THR R 149 38.04 21.25 -58.59
CA THR R 149 38.70 21.52 -59.86
C THR R 149 37.67 21.91 -60.91
N GLN R 150 37.85 23.08 -61.51
CA GLN R 150 37.07 23.53 -62.66
C GLN R 150 37.95 23.41 -63.89
N THR R 151 37.61 22.47 -64.77
CA THR R 151 38.49 22.15 -65.90
C THR R 151 38.62 23.31 -66.89
N THR R 152 37.62 24.17 -66.98
CA THR R 152 37.66 25.33 -67.86
C THR R 152 37.78 26.58 -67.00
N SER R 153 38.96 27.22 -67.05
CA SER R 153 39.17 28.45 -66.31
C SER R 153 38.52 29.65 -66.97
N SER R 154 38.41 29.64 -68.30
CA SER R 154 37.81 30.73 -69.06
C SER R 154 36.84 30.16 -70.08
N LEU R 155 35.64 30.71 -70.13
CA LEU R 155 34.62 30.29 -71.09
C LEU R 155 34.15 31.50 -71.87
N SER R 156 34.13 31.38 -73.20
CA SER R 156 33.66 32.43 -74.09
C SER R 156 32.39 31.97 -74.78
N ALA R 157 31.40 32.84 -74.88
CA ALA R 157 30.13 32.51 -75.49
C ALA R 157 29.49 33.78 -76.03
N SER R 158 28.23 33.65 -76.44
CA SER R 158 27.44 34.76 -76.94
C SER R 158 26.13 34.83 -76.18
N LEU R 159 25.58 36.04 -76.06
CA LEU R 159 24.36 36.22 -75.29
C LEU R 159 23.21 35.42 -75.90
N GLY R 160 22.43 34.77 -75.04
CA GLY R 160 21.37 33.90 -75.46
C GLY R 160 21.77 32.44 -75.63
N ASP R 161 23.05 32.12 -75.53
CA ASP R 161 23.51 30.74 -75.65
C ASP R 161 23.23 29.98 -74.35
N ARG R 162 23.43 28.67 -74.41
CA ARG R 162 23.30 27.78 -73.26
C ARG R 162 24.69 27.28 -72.91
N VAL R 163 25.33 27.92 -71.94
CA VAL R 163 26.67 27.55 -71.52
C VAL R 163 26.58 26.70 -70.27
N THR R 164 27.61 25.89 -70.05
CA THR R 164 27.65 24.96 -68.92
C THR R 164 29.02 25.02 -68.28
N ILE R 165 29.07 25.34 -66.99
CA ILE R 165 30.29 25.37 -66.21
C ILE R 165 30.31 24.14 -65.33
N SER R 166 31.28 23.27 -65.55
CA SER R 166 31.38 22.00 -64.83
C SER R 166 32.64 21.99 -63.98
N CYS R 167 32.52 21.48 -62.76
CA CYS R 167 33.66 21.31 -61.87
C CYS R 167 33.57 19.95 -61.20
N SER R 168 34.73 19.43 -60.80
CA SER R 168 34.83 18.11 -60.21
C SER R 168 35.46 18.19 -58.82
N ALA R 169 34.99 17.32 -57.94
CA ALA R 169 35.53 17.22 -56.58
C ALA R 169 36.54 16.08 -56.52
N SER R 170 37.60 16.29 -55.74
CA SER R 170 38.64 15.27 -55.63
C SER R 170 38.10 13.97 -55.05
N GLN R 171 37.27 14.06 -54.02
CA GLN R 171 36.61 12.91 -53.43
C GLN R 171 35.10 13.07 -53.59
N GLY R 172 34.39 11.99 -53.27
CA GLY R 172 32.95 12.00 -53.39
C GLY R 172 32.25 12.89 -52.37
N ILE R 173 31.62 13.96 -52.86
CA ILE R 173 30.78 14.78 -52.03
C ILE R 173 29.33 14.38 -52.30
N SER R 174 28.42 14.86 -51.46
CA SER R 174 27.06 14.35 -51.43
C SER R 174 26.06 15.40 -51.89
N ASN R 175 26.36 16.04 -53.01
CA ASN R 175 25.62 17.16 -53.58
C ASN R 175 25.75 18.42 -52.73
N TYR R 176 26.64 18.41 -51.73
CA TYR R 176 26.91 19.58 -50.92
C TYR R 176 27.84 20.50 -51.71
N LEU R 177 27.28 21.09 -52.76
CA LEU R 177 28.01 21.94 -53.68
C LEU R 177 27.24 23.23 -53.89
N ASN R 178 27.94 24.36 -53.78
CA ASN R 178 27.35 25.67 -54.02
C ASN R 178 28.00 26.30 -55.24
N TRP R 179 27.22 27.09 -55.97
CA TRP R 179 27.71 27.86 -57.10
C TRP R 179 27.64 29.34 -56.74
N TYR R 180 28.77 30.02 -56.81
CA TYR R 180 28.88 31.43 -56.48
C TYR R 180 29.29 32.20 -57.73
N GLN R 181 28.62 33.31 -57.98
CA GLN R 181 28.91 34.16 -59.14
C GLN R 181 29.55 35.45 -58.66
N GLN R 182 30.72 35.75 -59.19
CA GLN R 182 31.44 36.99 -58.88
C GLN R 182 31.40 37.90 -60.09
N LYS R 183 30.71 39.03 -59.95
CA LYS R 183 30.61 40.00 -61.02
C LYS R 183 31.97 40.65 -61.28
N PRO R 184 32.16 41.25 -62.46
CA PRO R 184 33.46 41.88 -62.75
C PRO R 184 33.86 42.94 -61.73
N ASP R 185 32.90 43.66 -61.14
CA ASP R 185 33.24 44.62 -60.10
C ASP R 185 33.78 43.95 -58.84
N GLY R 186 33.49 42.67 -58.65
CA GLY R 186 34.00 41.92 -57.52
C GLY R 186 32.94 41.40 -56.56
N THR R 187 31.68 41.81 -56.70
CA THR R 187 30.65 41.34 -55.78
C THR R 187 30.34 39.87 -56.03
N VAL R 188 30.19 39.12 -54.94
CA VAL R 188 29.95 37.68 -54.99
C VAL R 188 28.54 37.41 -54.51
N LYS R 189 27.80 36.62 -55.29
CA LYS R 189 26.45 36.22 -54.94
C LYS R 189 26.32 34.70 -55.04
N LEU R 190 25.53 34.12 -54.14
CA LEU R 190 25.22 32.70 -54.20
C LEU R 190 24.16 32.46 -55.26
N LEU R 191 24.45 31.59 -56.23
CA LEU R 191 23.50 31.24 -57.27
C LEU R 191 22.73 29.96 -56.94
N ILE R 192 23.45 28.85 -56.81
CA ILE R 192 22.86 27.54 -56.62
C ILE R 192 23.46 26.93 -55.37
N TYR R 193 22.62 26.41 -54.49
CA TYR R 193 23.06 25.68 -53.31
C TYR R 193 22.47 24.28 -53.34
N TYR R 194 23.17 23.35 -52.66
CA TYR R 194 22.80 21.93 -52.66
C TYR R 194 22.72 21.39 -54.09
N THR R 195 23.55 21.93 -54.97
CA THR R 195 23.82 21.45 -56.32
C THR R 195 22.66 21.71 -57.28
N SER R 196 21.47 22.01 -56.77
CA SER R 196 20.34 22.27 -57.67
C SER R 196 19.42 23.40 -57.23
N SER R 197 19.49 23.89 -56.00
CA SER R 197 18.49 24.81 -55.48
C SER R 197 18.89 26.24 -55.78
N LEU R 198 17.99 26.99 -56.40
CA LEU R 198 18.23 28.39 -56.69
C LEU R 198 18.19 29.22 -55.42
N HIS R 199 18.99 30.29 -55.40
CA HIS R 199 18.95 31.24 -54.30
C HIS R 199 17.66 32.07 -54.38
N SER R 200 17.54 33.03 -53.46
CA SER R 200 16.29 33.76 -53.32
C SER R 200 15.95 34.56 -54.59
N GLY R 201 16.95 35.21 -55.19
CA GLY R 201 16.69 36.05 -56.34
C GLY R 201 17.47 35.65 -57.58
N VAL R 202 17.60 34.36 -57.80
CA VAL R 202 18.33 33.82 -58.96
C VAL R 202 17.31 33.46 -60.04
N PRO R 203 17.48 33.93 -61.28
CA PRO R 203 16.53 33.58 -62.33
C PRO R 203 16.55 32.10 -62.64
N SER R 204 15.41 31.61 -63.15
CA SER R 204 15.28 30.19 -63.49
C SER R 204 16.23 29.76 -64.60
N ARG R 205 16.84 30.70 -65.32
CA ARG R 205 17.81 30.36 -66.36
C ARG R 205 19.01 29.62 -65.80
N PHE R 206 19.35 29.83 -64.53
CA PHE R 206 20.44 29.12 -63.89
C PHE R 206 19.95 27.78 -63.35
N SER R 207 20.82 26.77 -63.45
CA SER R 207 20.49 25.44 -62.93
C SER R 207 21.79 24.70 -62.65
N GLY R 208 21.68 23.67 -61.81
CA GLY R 208 22.83 22.86 -61.46
C GLY R 208 22.47 21.39 -61.49
N SER R 209 23.51 20.57 -61.59
CA SER R 209 23.34 19.12 -61.65
C SER R 209 24.61 18.46 -61.18
N GLY R 210 24.49 17.17 -60.86
CA GLY R 210 25.61 16.38 -60.36
C GLY R 210 25.17 15.61 -59.12
N SER R 211 25.75 14.43 -58.94
CA SER R 211 25.36 13.58 -57.82
C SER R 211 26.56 13.07 -57.04
N GLY R 212 27.69 12.88 -57.72
CA GLY R 212 28.85 12.29 -57.08
C GLY R 212 30.00 13.26 -56.91
N THR R 213 30.99 13.17 -57.79
CA THR R 213 32.12 14.08 -57.80
C THR R 213 32.05 15.13 -58.90
N ASP R 214 31.21 14.92 -59.91
CA ASP R 214 31.13 15.82 -61.05
C ASP R 214 29.85 16.65 -60.95
N TYR R 215 30.01 17.97 -61.04
CA TYR R 215 28.88 18.88 -60.95
C TYR R 215 29.01 19.94 -62.04
N SER R 216 27.86 20.39 -62.54
CA SER R 216 27.83 21.35 -63.64
C SER R 216 26.84 22.46 -63.32
N LEU R 217 27.19 23.69 -63.72
CA LEU R 217 26.32 24.84 -63.63
C LEU R 217 25.88 25.21 -65.04
N THR R 218 24.57 25.19 -65.29
CA THR R 218 24.01 25.45 -66.60
C THR R 218 23.29 26.78 -66.60
N ILE R 219 23.67 27.66 -67.52
CA ILE R 219 22.97 28.93 -67.74
C ILE R 219 22.34 28.85 -69.13
N SER R 220 21.02 28.79 -69.17
CA SER R 220 20.28 28.81 -70.42
C SER R 220 19.87 30.23 -70.77
N ASN R 221 19.96 30.57 -72.05
CA ASN R 221 19.63 31.90 -72.54
C ASN R 221 20.50 32.97 -71.86
N LEU R 222 21.79 32.89 -72.16
CA LEU R 222 22.77 33.78 -71.55
C LEU R 222 22.40 35.24 -71.75
N GLU R 223 22.60 36.04 -70.71
CA GLU R 223 22.26 37.45 -70.68
C GLU R 223 23.49 38.25 -70.27
N PRO R 224 23.54 39.54 -70.61
CA PRO R 224 24.67 40.37 -70.17
C PRO R 224 24.81 40.44 -68.66
N GLU R 225 23.73 40.26 -67.91
CA GLU R 225 23.82 40.19 -66.46
C GLU R 225 24.58 38.96 -65.98
N ASP R 226 24.78 37.97 -66.84
CA ASP R 226 25.47 36.73 -66.46
C ASP R 226 26.96 36.77 -66.74
N ILE R 227 27.49 37.91 -67.20
CA ILE R 227 28.92 38.04 -67.41
C ILE R 227 29.59 38.14 -66.04
N ALA R 228 30.24 37.06 -65.61
CA ALA R 228 30.82 36.98 -64.28
C ALA R 228 31.70 35.74 -64.22
N THR R 229 32.38 35.58 -63.09
CA THR R 229 33.20 34.39 -62.83
C THR R 229 32.46 33.52 -61.83
N TYR R 230 32.32 32.24 -62.16
CA TYR R 230 31.51 31.31 -61.38
C TYR R 230 32.41 30.33 -60.66
N TYR R 231 32.25 30.24 -59.35
CA TYR R 231 32.99 29.30 -58.52
C TYR R 231 32.05 28.25 -57.94
N CYS R 232 32.48 27.00 -57.97
CA CYS R 232 31.80 25.94 -57.25
C CYS R 232 32.49 25.72 -55.90
N GLN R 233 31.70 25.55 -54.86
CA GLN R 233 32.23 25.36 -53.51
C GLN R 233 31.57 24.15 -52.87
N GLN R 234 32.39 23.23 -52.39
CA GLN R 234 31.89 22.08 -51.64
C GLN R 234 31.78 22.44 -50.17
N TYR R 235 30.69 21.99 -49.54
CA TYR R 235 30.55 22.06 -48.09
C TYR R 235 30.30 20.68 -47.53
N SER R 236 30.94 19.67 -48.13
CA SER R 236 30.87 18.31 -47.61
C SER R 236 31.76 18.13 -46.39
N LYS R 237 33.02 18.56 -46.48
CA LYS R 237 33.97 18.37 -45.40
C LYS R 237 34.77 19.65 -45.21
N LEU R 238 35.03 19.99 -43.95
CA LEU R 238 35.93 21.08 -43.66
C LEU R 238 37.36 20.70 -44.07
N PRO R 239 38.16 21.65 -44.56
CA PRO R 239 37.84 23.06 -44.81
C PRO R 239 36.97 23.25 -46.04
N TRP R 240 36.12 24.28 -46.07
CA TRP R 240 35.40 24.57 -47.30
C TRP R 240 36.39 24.98 -48.39
N THR R 241 36.21 24.45 -49.59
CA THR R 241 37.11 24.72 -50.69
C THR R 241 36.31 25.17 -51.91
N PHE R 242 36.86 26.15 -52.63
CA PHE R 242 36.28 26.65 -53.86
C PHE R 242 36.97 26.03 -55.07
N GLY R 243 36.30 26.09 -56.20
CA GLY R 243 36.95 25.79 -57.45
C GLY R 243 37.84 26.92 -57.91
N GLY R 244 38.67 26.63 -58.91
CA GLY R 244 39.55 27.65 -59.46
C GLY R 244 38.80 28.83 -60.07
N GLY R 245 37.57 28.63 -60.47
CA GLY R 245 36.76 29.67 -61.08
C GLY R 245 36.68 29.51 -62.57
N THR R 246 35.55 29.96 -63.14
CA THR R 246 35.35 29.93 -64.59
C THR R 246 34.81 31.29 -65.00
N ASN R 247 35.67 32.11 -65.59
CA ASN R 247 35.27 33.41 -66.09
C ASN R 247 34.43 33.24 -67.34
N LEU R 248 33.33 33.99 -67.43
CA LEU R 248 32.42 33.93 -68.55
C LEU R 248 32.35 35.29 -69.23
N GLU R 249 32.56 35.31 -70.54
CA GLU R 249 32.52 36.54 -71.32
C GLU R 249 31.62 36.35 -72.54
N ILE R 250 31.01 37.44 -72.98
CA ILE R 250 30.22 37.44 -74.19
C ILE R 250 31.02 38.11 -75.31
#